data_8SG2
#
_entry.id   8SG2
#
_cell.length_a   1.000
_cell.length_b   1.000
_cell.length_c   1.000
_cell.angle_alpha   90.00
_cell.angle_beta   90.00
_cell.angle_gamma   90.00
#
_symmetry.space_group_name_H-M   'P 1'
#
loop_
_entity.id
_entity.type
_entity.pdbx_description
1 polymer 'Peptidyl-prolyl cis-trans isomerase NIMA-interacting 1'
2 polymer 'Protein kinase C beta type'
#
loop_
_entity_poly.entity_id
_entity_poly.type
_entity_poly.pdbx_seq_one_letter_code
_entity_poly.pdbx_strand_id
1 'polypeptide(L)'
;MADEEKLPPGWEKRMSRSSGRVYYFNHITNASQWERPSGNSSSGGKNGQGEPARVRCSHLLVKHSQSRRPSSWRQEKITR
TKEEALELINGYIQKIKSGEEDFESLASQFSDCSSAKARGDLGAFSRGQMQKPFEDASFALRTGEMSGPVFTDSGIHIIL
RTE
;
A
2 'polypeptide(L)' (ACE)VL(TPO)PPDQEVIRNIDQSEFEGF(SEP)F(NH2) B
#
loop_
_chem_comp.id
_chem_comp.type
_chem_comp.name
_chem_comp.formula
ACE non-polymer 'ACETYL GROUP' 'C2 H4 O'
NH2 non-polymer 'AMINO GROUP' 'H2 N'
#
# COMPACT_ATOMS: atom_id res chain seq x y z
N MET A 1 -34.22 -9.99 -10.80
CA MET A 1 -32.77 -9.80 -10.84
C MET A 1 -32.37 -8.55 -10.06
N ALA A 2 -31.41 -8.71 -9.17
CA ALA A 2 -30.92 -7.59 -8.38
C ALA A 2 -30.07 -6.68 -9.25
N ASP A 3 -30.38 -5.40 -9.22
CA ASP A 3 -29.64 -4.42 -10.00
C ASP A 3 -28.58 -3.75 -9.15
N GLU A 4 -28.69 -3.95 -7.84
CA GLU A 4 -27.76 -3.34 -6.90
C GLU A 4 -26.40 -4.02 -6.90
N GLU A 5 -26.30 -5.14 -7.63
CA GLU A 5 -25.04 -5.85 -7.74
C GLU A 5 -24.19 -5.24 -8.85
N LYS A 6 -24.76 -4.24 -9.49
CA LYS A 6 -24.07 -3.48 -10.51
C LYS A 6 -23.32 -2.34 -9.87
N LEU A 7 -22.50 -1.68 -10.65
CA LEU A 7 -21.72 -0.58 -10.15
C LEU A 7 -22.09 0.70 -10.89
N PRO A 8 -21.92 1.87 -10.23
CA PRO A 8 -22.17 3.16 -10.85
C PRO A 8 -21.23 3.39 -12.04
N PRO A 9 -21.63 4.23 -13.00
CA PRO A 9 -20.84 4.53 -14.19
C PRO A 9 -19.40 4.89 -13.82
N GLY A 10 -18.45 4.25 -14.48
CA GLY A 10 -17.06 4.48 -14.18
C GLY A 10 -16.44 3.32 -13.45
N TRP A 11 -17.26 2.62 -12.70
CA TRP A 11 -16.83 1.46 -11.96
C TRP A 11 -17.13 0.21 -12.77
N GLU A 12 -16.15 -0.64 -12.89
CA GLU A 12 -16.28 -1.84 -13.66
C GLU A 12 -16.04 -3.03 -12.76
N LYS A 13 -16.97 -3.94 -12.77
CA LYS A 13 -16.87 -5.14 -11.99
C LYS A 13 -15.97 -6.12 -12.71
N ARG A 14 -14.74 -6.16 -12.28
CA ARG A 14 -13.71 -6.93 -12.95
C ARG A 14 -13.39 -8.20 -12.18
N MET A 15 -12.52 -9.01 -12.75
CA MET A 15 -12.16 -10.26 -12.15
C MET A 15 -10.65 -10.45 -12.21
N SER A 16 -10.11 -11.09 -11.20
CA SER A 16 -8.70 -11.39 -11.11
C SER A 16 -8.28 -12.36 -12.22
N ARG A 17 -7.14 -12.05 -12.84
CA ARG A 17 -6.63 -12.82 -13.98
C ARG A 17 -6.37 -14.28 -13.61
N SER A 18 -7.14 -15.17 -14.25
CA SER A 18 -6.98 -16.61 -14.08
C SER A 18 -7.24 -17.06 -12.64
N SER A 19 -7.93 -16.24 -11.86
CA SER A 19 -8.22 -16.57 -10.49
C SER A 19 -9.72 -16.74 -10.24
N GLY A 20 -10.53 -15.87 -10.85
CA GLY A 20 -11.97 -15.99 -10.70
C GLY A 20 -12.53 -15.09 -9.62
N ARG A 21 -11.66 -14.34 -8.97
CA ARG A 21 -12.08 -13.42 -7.91
C ARG A 21 -12.65 -12.15 -8.51
N VAL A 22 -13.78 -11.71 -8.02
CA VAL A 22 -14.43 -10.52 -8.54
C VAL A 22 -14.15 -9.30 -7.66
N TYR A 23 -13.73 -8.21 -8.27
CA TYR A 23 -13.45 -6.98 -7.55
C TYR A 23 -13.95 -5.77 -8.35
N TYR A 24 -13.82 -4.59 -7.79
CA TYR A 24 -14.31 -3.38 -8.45
C TYR A 24 -13.16 -2.53 -8.95
N PHE A 25 -13.19 -2.21 -10.23
CA PHE A 25 -12.15 -1.40 -10.86
C PHE A 25 -12.75 -0.15 -11.45
N ASN A 26 -12.29 1.00 -11.01
CA ASN A 26 -12.77 2.26 -11.53
C ASN A 26 -11.81 2.73 -12.60
N HIS A 27 -12.27 2.72 -13.83
CA HIS A 27 -11.40 3.09 -14.95
C HIS A 27 -11.39 4.60 -15.17
N ILE A 28 -12.10 5.33 -14.34
CA ILE A 28 -12.15 6.78 -14.45
C ILE A 28 -10.92 7.40 -13.80
N THR A 29 -10.70 7.06 -12.54
CA THR A 29 -9.56 7.57 -11.82
C THR A 29 -8.47 6.49 -11.67
N ASN A 30 -8.83 5.24 -12.04
CA ASN A 30 -7.94 4.06 -11.98
C ASN A 30 -7.85 3.50 -10.54
N ALA A 31 -8.93 3.66 -9.79
CA ALA A 31 -8.98 3.15 -8.42
C ALA A 31 -9.51 1.73 -8.42
N SER A 32 -9.27 0.98 -7.35
CA SER A 32 -9.71 -0.39 -7.27
C SER A 32 -9.92 -0.81 -5.83
N GLN A 33 -10.96 -1.58 -5.58
CA GLN A 33 -11.26 -2.05 -4.25
C GLN A 33 -12.23 -3.22 -4.31
N TRP A 34 -12.41 -3.89 -3.21
CA TRP A 34 -13.28 -5.05 -3.15
C TRP A 34 -14.58 -4.72 -2.43
N GLU A 35 -14.59 -3.61 -1.70
CA GLU A 35 -15.76 -3.19 -0.97
C GLU A 35 -16.66 -2.34 -1.85
N ARG A 36 -17.97 -2.51 -1.69
CA ARG A 36 -18.95 -1.75 -2.46
C ARG A 36 -18.86 -0.27 -2.10
N PRO A 37 -18.74 0.61 -3.12
CA PRO A 37 -18.61 2.07 -2.92
C PRO A 37 -19.72 2.65 -2.04
N SER A 38 -20.90 2.08 -2.14
CA SER A 38 -22.05 2.55 -1.38
C SER A 38 -22.31 1.65 -0.16
N GLY A 39 -21.34 0.81 0.18
CA GLY A 39 -21.47 -0.06 1.32
C GLY A 39 -21.09 0.63 2.61
N ASN A 40 -21.81 1.69 2.93
CA ASN A 40 -21.53 2.50 4.11
C ASN A 40 -22.13 1.89 5.36
N SER A 41 -22.62 0.67 5.25
CA SER A 41 -23.22 -0.03 6.36
C SER A 41 -22.19 -0.34 7.45
N SER A 42 -20.97 -0.64 7.02
CA SER A 42 -19.90 -0.93 7.96
C SER A 42 -18.55 -0.55 7.36
N SER A 43 -17.95 0.49 7.91
CA SER A 43 -16.67 0.98 7.43
C SER A 43 -15.53 0.49 8.32
N GLY A 44 -14.39 0.18 7.72
CA GLY A 44 -13.25 -0.27 8.46
C GLY A 44 -12.44 0.88 9.02
N GLY A 45 -12.20 0.85 10.32
CA GLY A 45 -11.45 1.89 10.95
C GLY A 45 -10.96 1.48 12.32
N LYS A 46 -9.65 1.47 12.50
CA LYS A 46 -9.06 1.09 13.76
C LYS A 46 -8.87 2.32 14.63
N ASN A 47 -8.73 2.11 15.94
CA ASN A 47 -8.57 3.22 16.86
C ASN A 47 -7.09 3.57 17.05
N GLY A 48 -6.75 4.81 16.77
CA GLY A 48 -5.39 5.26 16.92
C GLY A 48 -5.30 6.48 17.83
N GLN A 49 -4.39 6.42 18.79
CA GLN A 49 -4.21 7.51 19.73
C GLN A 49 -3.34 8.60 19.13
N GLY A 50 -3.87 9.81 19.09
CA GLY A 50 -3.15 10.92 18.55
C GLY A 50 -3.74 11.40 17.24
N GLU A 51 -3.87 12.72 17.12
CA GLU A 51 -4.41 13.33 15.92
C GLU A 51 -3.40 13.23 14.78
N PRO A 52 -3.85 13.48 13.51
CA PRO A 52 -2.96 13.46 12.32
C PRO A 52 -1.85 14.53 12.34
N ALA A 53 -1.26 14.76 13.50
CA ALA A 53 -0.11 15.65 13.64
C ALA A 53 1.14 14.79 13.61
N ARG A 54 0.94 13.51 13.88
CA ARG A 54 1.96 12.50 13.84
C ARG A 54 1.31 11.16 13.58
N VAL A 55 1.99 10.28 12.89
CA VAL A 55 1.42 8.98 12.56
C VAL A 55 2.47 7.88 12.65
N ARG A 56 2.02 6.64 12.54
CA ARG A 56 2.92 5.49 12.55
C ARG A 56 2.37 4.40 11.64
N CYS A 57 3.13 4.04 10.64
CA CYS A 57 2.70 3.02 9.72
C CYS A 57 3.81 2.01 9.45
N SER A 58 3.49 1.03 8.64
CA SER A 58 4.43 0.02 8.24
C SER A 58 4.42 -0.07 6.71
N HIS A 59 5.54 -0.42 6.12
CA HIS A 59 5.64 -0.47 4.67
C HIS A 59 6.52 -1.64 4.23
N LEU A 60 6.29 -2.10 3.02
CA LEU A 60 7.10 -3.13 2.42
C LEU A 60 7.73 -2.56 1.16
N LEU A 61 9.04 -2.39 1.18
CA LEU A 61 9.75 -1.81 0.04
C LEU A 61 10.48 -2.88 -0.75
N VAL A 62 10.29 -2.85 -2.05
CA VAL A 62 10.96 -3.76 -2.96
C VAL A 62 11.78 -2.96 -3.96
N LYS A 63 13.05 -3.31 -4.10
CA LYS A 63 13.92 -2.62 -5.04
C LYS A 63 14.02 -3.37 -6.33
N HIS A 64 14.23 -2.64 -7.41
CA HIS A 64 14.34 -3.23 -8.74
C HIS A 64 15.73 -2.99 -9.32
N SER A 65 15.96 -3.44 -10.52
CA SER A 65 17.26 -3.30 -11.17
C SER A 65 17.68 -1.82 -11.30
N GLN A 66 16.84 -1.03 -11.97
CA GLN A 66 17.14 0.39 -12.21
C GLN A 66 16.82 1.29 -11.00
N SER A 67 17.17 0.85 -9.81
CA SER A 67 16.92 1.64 -8.61
C SER A 67 18.13 2.53 -8.29
N ARG A 68 17.92 3.48 -7.37
CA ARG A 68 19.00 4.35 -6.88
C ARG A 68 20.15 3.49 -6.38
N ARG A 69 19.79 2.40 -5.74
CA ARG A 69 20.74 1.46 -5.18
C ARG A 69 20.35 0.03 -5.56
N PRO A 70 21.19 -0.66 -6.32
CA PRO A 70 20.94 -2.04 -6.74
C PRO A 70 21.43 -3.05 -5.71
N SER A 71 21.71 -2.59 -4.52
CA SER A 71 22.21 -3.45 -3.48
C SER A 71 21.45 -3.23 -2.17
N SER A 72 21.36 -4.28 -1.38
CA SER A 72 20.69 -4.25 -0.10
C SER A 72 21.43 -5.16 0.88
N TRP A 73 20.98 -5.17 2.12
CA TRP A 73 21.60 -5.97 3.16
C TRP A 73 21.40 -7.46 2.90
N ARG A 74 20.27 -7.82 2.32
CA ARG A 74 19.97 -9.21 2.05
C ARG A 74 20.41 -9.63 0.64
N GLN A 75 20.35 -8.70 -0.30
CA GLN A 75 20.75 -8.98 -1.68
C GLN A 75 21.51 -7.80 -2.23
N GLU A 76 22.76 -8.02 -2.57
CA GLU A 76 23.60 -6.95 -3.09
C GLU A 76 23.62 -6.93 -4.61
N LYS A 77 22.99 -7.93 -5.21
CA LYS A 77 22.97 -8.06 -6.66
C LYS A 77 21.54 -7.96 -7.20
N ILE A 78 20.71 -7.18 -6.53
CA ILE A 78 19.29 -7.02 -6.88
C ILE A 78 19.09 -6.72 -8.36
N THR A 79 18.63 -7.72 -9.08
CA THR A 79 18.36 -7.59 -10.48
C THR A 79 16.99 -8.17 -10.79
N ARG A 80 15.95 -7.45 -10.41
CA ARG A 80 14.59 -7.86 -10.67
C ARG A 80 13.89 -6.80 -11.50
N THR A 81 13.14 -7.23 -12.49
CA THR A 81 12.46 -6.32 -13.38
C THR A 81 11.24 -5.71 -12.68
N LYS A 82 10.78 -4.57 -13.21
CA LYS A 82 9.65 -3.86 -12.63
C LYS A 82 8.37 -4.72 -12.63
N GLU A 83 8.17 -5.52 -13.67
CA GLU A 83 7.00 -6.40 -13.74
C GLU A 83 7.02 -7.42 -12.60
N GLU A 84 8.22 -7.90 -12.28
CA GLU A 84 8.39 -8.88 -11.24
C GLU A 84 8.06 -8.28 -9.89
N ALA A 85 8.63 -7.12 -9.61
CA ALA A 85 8.42 -6.42 -8.34
C ALA A 85 6.93 -6.18 -8.10
N LEU A 86 6.22 -5.76 -9.14
CA LEU A 86 4.79 -5.50 -9.03
C LEU A 86 4.01 -6.77 -8.73
N GLU A 87 4.30 -7.82 -9.46
CA GLU A 87 3.56 -9.06 -9.31
C GLU A 87 3.82 -9.71 -7.94
N LEU A 88 5.04 -9.60 -7.45
CA LEU A 88 5.38 -10.20 -6.17
C LEU A 88 4.75 -9.40 -5.01
N ILE A 89 4.78 -8.07 -5.11
CA ILE A 89 4.25 -7.23 -4.05
C ILE A 89 2.72 -7.32 -3.99
N ASN A 90 2.09 -7.42 -5.16
CA ASN A 90 0.65 -7.56 -5.23
C ASN A 90 0.23 -8.93 -4.75
N GLY A 91 1.12 -9.90 -4.98
CA GLY A 91 0.88 -11.25 -4.53
C GLY A 91 0.90 -11.33 -3.02
N TYR A 92 1.77 -10.55 -2.41
CA TYR A 92 1.87 -10.50 -0.95
C TYR A 92 0.57 -9.98 -0.37
N ILE A 93 0.08 -8.86 -0.93
CA ILE A 93 -1.18 -8.27 -0.47
C ILE A 93 -2.32 -9.30 -0.51
N GLN A 94 -2.37 -10.06 -1.59
CA GLN A 94 -3.43 -11.04 -1.78
C GLN A 94 -3.44 -12.12 -0.71
N LYS A 95 -2.28 -12.54 -0.25
CA LYS A 95 -2.25 -13.56 0.79
C LYS A 95 -2.56 -12.92 2.15
N ILE A 96 -2.15 -11.66 2.31
CA ILE A 96 -2.44 -10.89 3.53
C ILE A 96 -3.96 -10.74 3.72
N LYS A 97 -4.64 -10.24 2.69
CA LYS A 97 -6.10 -10.04 2.76
C LYS A 97 -6.84 -11.35 2.89
N SER A 98 -6.17 -12.43 2.53
CA SER A 98 -6.73 -13.76 2.65
C SER A 98 -6.53 -14.34 4.05
N GLY A 99 -5.75 -13.63 4.87
CA GLY A 99 -5.50 -14.07 6.23
C GLY A 99 -4.47 -15.18 6.31
N GLU A 100 -3.60 -15.24 5.31
CA GLU A 100 -2.57 -16.25 5.26
C GLU A 100 -1.31 -15.77 5.97
N GLU A 101 -0.90 -14.56 5.68
CA GLU A 101 0.22 -13.95 6.34
C GLU A 101 -0.11 -12.52 6.69
N ASP A 102 0.14 -12.16 7.94
CA ASP A 102 -0.13 -10.81 8.40
C ASP A 102 0.87 -9.86 7.82
N PHE A 103 0.46 -8.61 7.63
CA PHE A 103 1.35 -7.60 7.05
C PHE A 103 2.64 -7.49 7.84
N GLU A 104 2.53 -7.46 9.15
CA GLU A 104 3.70 -7.36 10.01
C GLU A 104 4.63 -8.55 9.82
N SER A 105 4.10 -9.75 9.97
CA SER A 105 4.86 -10.98 9.83
C SER A 105 5.45 -11.12 8.42
N LEU A 106 4.70 -10.69 7.43
CA LEU A 106 5.11 -10.80 6.05
C LEU A 106 6.14 -9.73 5.69
N ALA A 107 5.93 -8.50 6.16
CA ALA A 107 6.84 -7.40 5.88
C ALA A 107 8.22 -7.69 6.43
N SER A 108 8.28 -8.16 7.68
CA SER A 108 9.55 -8.49 8.32
C SER A 108 10.28 -9.59 7.53
N GLN A 109 9.51 -10.32 6.74
CA GLN A 109 10.00 -11.43 5.98
C GLN A 109 10.49 -11.01 4.59
N PHE A 110 9.63 -10.34 3.82
CA PHE A 110 9.95 -10.01 2.43
C PHE A 110 10.44 -8.58 2.20
N SER A 111 10.67 -7.81 3.26
CA SER A 111 11.17 -6.45 3.07
C SER A 111 12.56 -6.45 2.47
N ASP A 112 12.69 -5.79 1.33
CA ASP A 112 13.96 -5.65 0.64
C ASP A 112 14.73 -4.48 1.26
N CYS A 113 14.01 -3.58 1.91
CA CYS A 113 14.60 -2.42 2.56
C CYS A 113 15.13 -2.78 3.96
N SER A 114 15.69 -1.78 4.62
CA SER A 114 16.25 -1.96 5.96
C SER A 114 15.16 -1.96 7.04
N SER A 115 13.91 -1.81 6.62
CA SER A 115 12.79 -1.81 7.55
C SER A 115 12.37 -3.24 7.92
N ALA A 116 13.07 -4.22 7.36
CA ALA A 116 12.77 -5.63 7.57
C ALA A 116 12.83 -6.02 9.04
N LYS A 117 13.87 -5.55 9.72
CA LYS A 117 14.06 -5.86 11.14
C LYS A 117 12.92 -5.29 11.99
N ALA A 118 12.38 -4.16 11.56
CA ALA A 118 11.30 -3.51 12.29
C ALA A 118 9.93 -3.90 11.75
N ARG A 119 9.90 -4.98 10.96
CA ARG A 119 8.64 -5.53 10.41
C ARG A 119 7.95 -4.54 9.49
N GLY A 120 8.72 -3.65 8.89
CA GLY A 120 8.16 -2.67 7.99
C GLY A 120 7.77 -1.39 8.69
N ASP A 121 7.69 -1.44 10.02
CA ASP A 121 7.32 -0.28 10.83
C ASP A 121 8.38 0.80 10.71
N LEU A 122 7.93 2.00 10.36
CA LEU A 122 8.85 3.12 10.22
C LEU A 122 8.97 3.87 11.53
N GLY A 123 7.96 3.71 12.38
CA GLY A 123 7.96 4.39 13.65
C GLY A 123 6.99 5.55 13.68
N ALA A 124 6.80 6.13 14.85
CA ALA A 124 5.91 7.27 14.99
C ALA A 124 6.68 8.55 14.92
N PHE A 125 6.38 9.37 13.94
CA PHE A 125 7.06 10.64 13.76
C PHE A 125 6.08 11.78 13.54
N SER A 126 6.52 12.97 13.87
CA SER A 126 5.70 14.16 13.75
C SER A 126 6.15 15.00 12.56
N ARG A 127 5.22 15.83 12.05
CA ARG A 127 5.49 16.69 10.90
C ARG A 127 6.73 17.55 11.10
N GLY A 128 7.37 17.91 10.00
CA GLY A 128 8.56 18.72 10.05
C GLY A 128 9.75 18.02 9.44
N GLN A 129 9.91 16.75 9.74
CA GLN A 129 11.05 15.98 9.25
C GLN A 129 10.75 15.30 7.93
N MET A 130 9.61 15.61 7.34
CA MET A 130 9.21 15.02 6.07
C MET A 130 9.56 15.96 4.92
N GLN A 131 9.65 15.41 3.70
CA GLN A 131 9.83 16.25 2.53
C GLN A 131 8.57 17.08 2.32
N LYS A 132 8.71 18.23 1.69
CA LYS A 132 7.57 19.14 1.50
C LYS A 132 6.29 18.45 0.95
N PRO A 133 6.36 17.71 -0.18
CA PRO A 133 5.19 17.03 -0.75
C PRO A 133 4.72 15.84 0.10
N PHE A 134 5.65 15.25 0.84
CA PHE A 134 5.35 14.05 1.62
C PHE A 134 4.88 14.37 3.04
N GLU A 135 5.16 15.56 3.51
CA GLU A 135 4.79 15.97 4.86
C GLU A 135 3.29 15.88 5.07
N ASP A 136 2.54 16.47 4.15
CA ASP A 136 1.08 16.46 4.26
C ASP A 136 0.55 15.08 3.85
N ALA A 137 1.37 14.34 3.13
CA ALA A 137 1.01 13.03 2.65
C ALA A 137 0.88 12.03 3.80
N SER A 138 1.87 12.01 4.69
CA SER A 138 1.90 11.09 5.85
C SER A 138 0.57 11.01 6.60
N PHE A 139 -0.10 12.13 6.69
CA PHE A 139 -1.32 12.24 7.49
C PHE A 139 -2.61 11.92 6.72
N ALA A 140 -2.51 11.55 5.45
CA ALA A 140 -3.72 11.31 4.62
C ALA A 140 -4.41 9.97 4.95
N LEU A 141 -3.64 8.91 5.14
CA LEU A 141 -4.22 7.58 5.43
C LEU A 141 -4.52 7.43 6.92
N ARG A 142 -5.62 6.75 7.22
CA ARG A 142 -6.00 6.53 8.60
C ARG A 142 -5.64 5.13 9.07
N THR A 143 -5.94 4.86 10.32
CA THR A 143 -5.66 3.58 10.91
C THR A 143 -6.60 2.50 10.39
N GLY A 144 -6.07 1.59 9.60
CA GLY A 144 -6.89 0.53 9.05
C GLY A 144 -6.94 0.55 7.54
N GLU A 145 -6.19 1.48 6.93
CA GLU A 145 -6.17 1.58 5.49
C GLU A 145 -4.84 1.11 4.94
N MET A 146 -4.90 0.25 3.93
CA MET A 146 -3.72 -0.29 3.28
C MET A 146 -3.78 0.01 1.79
N SER A 147 -2.76 0.63 1.27
CA SER A 147 -2.72 0.99 -0.14
C SER A 147 -1.88 -0.04 -0.90
N GLY A 148 -2.00 -0.04 -2.21
CA GLY A 148 -1.28 -0.99 -3.02
C GLY A 148 0.11 -0.49 -3.38
N PRO A 149 0.62 -0.88 -4.56
CA PRO A 149 1.95 -0.49 -5.00
C PRO A 149 2.03 0.99 -5.36
N VAL A 150 2.63 1.77 -4.48
CA VAL A 150 2.80 3.20 -4.73
C VAL A 150 4.15 3.45 -5.41
N PHE A 151 4.15 4.32 -6.42
CA PHE A 151 5.35 4.60 -7.18
C PHE A 151 6.01 5.91 -6.78
N THR A 152 6.98 5.83 -5.90
CA THR A 152 7.78 6.98 -5.50
C THR A 152 9.21 6.81 -6.03
N ASP A 153 10.10 7.74 -5.67
CA ASP A 153 11.47 7.67 -6.16
C ASP A 153 12.17 6.37 -5.73
N SER A 154 12.03 6.01 -4.46
CA SER A 154 12.71 4.84 -3.92
C SER A 154 12.33 3.55 -4.65
N GLY A 155 11.09 3.45 -5.09
CA GLY A 155 10.67 2.28 -5.82
C GLY A 155 9.26 1.86 -5.52
N ILE A 156 8.97 0.58 -5.73
CA ILE A 156 7.65 0.03 -5.53
C ILE A 156 7.50 -0.42 -4.09
N HIS A 157 6.45 0.02 -3.43
CA HIS A 157 6.23 -0.30 -2.03
C HIS A 157 4.78 -0.10 -1.62
N ILE A 158 4.34 -0.92 -0.66
CA ILE A 158 2.98 -0.86 -0.12
C ILE A 158 3.01 -0.26 1.29
N ILE A 159 1.83 0.09 1.82
CA ILE A 159 1.75 0.77 3.13
C ILE A 159 0.50 0.38 3.91
N LEU A 160 0.65 0.37 5.24
CA LEU A 160 -0.44 0.07 6.15
C LEU A 160 -0.23 0.85 7.46
N ARG A 161 -1.19 1.68 7.84
CA ARG A 161 -1.08 2.48 9.07
C ARG A 161 -1.62 1.72 10.28
N THR A 162 -0.88 1.78 11.39
CA THR A 162 -1.27 1.09 12.59
C THR A 162 -1.67 2.09 13.71
N GLU A 163 -1.16 3.32 13.62
CA GLU A 163 -1.48 4.35 14.59
C GLU A 163 -1.34 5.71 13.95
C ACE B 1 -6.34 -3.12 -15.37
O ACE B 1 -6.06 -2.04 -15.90
CH3 ACE B 1 -7.79 -3.52 -15.19
H1 ACE B 1 -8.09 -3.30 -14.17
H2 ACE B 1 -7.91 -4.58 -15.36
H3 ACE B 1 -8.39 -2.99 -15.91
N VAL B 2 -5.41 -3.98 -14.94
CA VAL B 2 -5.68 -4.95 -13.88
C VAL B 2 -4.53 -4.97 -12.86
N LEU B 3 -4.87 -4.95 -11.60
CA LEU B 3 -3.89 -5.00 -10.54
C LEU B 3 -4.31 -6.03 -9.52
N TPO B 4 -5.60 -5.95 -9.10
CA TPO B 4 -6.27 -6.89 -8.16
CB TPO B 4 -5.73 -8.33 -8.26
CG2 TPO B 4 -6.58 -9.32 -7.50
OG1 TPO B 4 -5.69 -8.74 -9.61
P TPO B 4 -4.61 -9.83 -10.06
O1P TPO B 4 -5.53 -10.93 -10.78
O2P TPO B 4 -3.70 -10.32 -9.00
O3P TPO B 4 -3.90 -9.10 -11.31
C TPO B 4 -6.37 -6.37 -6.70
O TPO B 4 -7.48 -6.19 -6.20
H TPO B 4 -6.13 -5.22 -9.45
HA TPO B 4 -7.30 -6.91 -8.52
HB TPO B 4 -4.73 -8.35 -7.86
HG21 TPO B 4 -6.53 -9.09 -6.44
HG22 TPO B 4 -6.19 -10.32 -7.67
HG23 TPO B 4 -7.59 -9.26 -7.84
N PRO B 5 -5.24 -6.12 -5.96
CA PRO B 5 -5.30 -5.61 -4.58
C PRO B 5 -5.97 -4.23 -4.50
N PRO B 6 -6.57 -3.90 -3.33
CA PRO B 6 -7.23 -2.61 -3.12
C PRO B 6 -6.21 -1.47 -3.12
N ASP B 7 -6.40 -0.54 -4.01
CA ASP B 7 -5.52 0.61 -4.11
C ASP B 7 -6.33 1.85 -4.40
N GLN B 8 -6.34 2.76 -3.45
CA GLN B 8 -7.13 3.98 -3.55
C GLN B 8 -6.30 5.09 -4.19
N GLU B 9 -6.76 5.54 -5.37
CA GLU B 9 -6.07 6.59 -6.13
C GLU B 9 -6.01 7.89 -5.35
N VAL B 10 -7.07 8.19 -4.63
CA VAL B 10 -7.13 9.42 -3.88
C VAL B 10 -6.42 9.29 -2.53
N ILE B 11 -6.92 8.42 -1.68
CA ILE B 11 -6.33 8.27 -0.37
C ILE B 11 -5.32 7.13 -0.35
N ARG B 12 -4.06 7.46 -0.63
CA ARG B 12 -2.99 6.48 -0.62
C ARG B 12 -1.73 7.11 -0.05
N ASN B 13 -1.87 8.30 0.47
CA ASN B 13 -0.73 9.05 0.96
C ASN B 13 -0.48 8.77 2.43
N ILE B 14 0.78 8.58 2.76
CA ILE B 14 1.20 8.33 4.14
C ILE B 14 2.74 8.36 4.18
N ASP B 15 3.35 7.87 5.27
CA ASP B 15 4.81 7.79 5.38
C ASP B 15 5.35 6.73 4.43
N GLN B 16 5.21 6.99 3.15
CA GLN B 16 5.63 6.05 2.14
C GLN B 16 7.13 6.14 1.88
N SER B 17 7.91 5.73 2.88
CA SER B 17 9.38 5.69 2.81
C SER B 17 10.01 7.10 2.74
N GLU B 18 9.75 7.82 1.66
CA GLU B 18 10.28 9.16 1.47
C GLU B 18 9.56 10.20 2.33
N PHE B 19 9.16 9.80 3.52
CA PHE B 19 8.57 10.72 4.47
C PHE B 19 9.69 11.25 5.36
N GLU B 20 10.89 10.75 5.11
CA GLU B 20 12.05 11.10 5.89
C GLU B 20 13.28 10.93 4.99
N GLY B 21 14.46 11.12 5.55
CA GLY B 21 15.69 10.96 4.79
C GLY B 21 16.00 9.50 4.52
N PHE B 22 15.16 8.61 5.05
CA PHE B 22 15.30 7.18 4.85
C PHE B 22 15.28 6.83 3.36
N SEP B 23 16.39 6.23 2.90
CA SEP B 23 16.59 5.85 1.50
CB SEP B 23 15.49 4.90 0.99
OG SEP B 23 15.70 3.57 1.47
C SEP B 23 16.75 7.08 0.59
O SEP B 23 17.79 7.27 -0.02
P SEP B 23 16.96 2.73 0.91
O1P SEP B 23 17.96 2.32 1.89
O2P SEP B 23 16.25 1.53 0.09
O3P SEP B 23 17.50 3.64 -0.29
H SEP B 23 17.10 6.04 3.54
HA SEP B 23 17.52 5.32 1.47
HB2 SEP B 23 15.48 4.89 -0.09
HB3 SEP B 23 14.53 5.25 1.36
N PHE B 24 15.71 7.90 0.49
CA PHE B 24 15.79 9.10 -0.33
C PHE B 24 15.01 10.24 0.33
N NH2 B 25 15.54 10.74 1.42
HN1 NH2 B 25 16.37 10.35 1.76
HN2 NH2 B 25 15.07 11.48 1.86
N MET A 1 -32.45 -9.77 -4.17
CA MET A 1 -32.64 -9.79 -5.63
C MET A 1 -33.08 -8.41 -6.14
N ALA A 2 -32.63 -7.37 -5.46
CA ALA A 2 -32.92 -6.01 -5.85
C ALA A 2 -31.68 -5.37 -6.48
N ASP A 3 -31.71 -4.05 -6.63
CA ASP A 3 -30.57 -3.30 -7.21
C ASP A 3 -29.43 -3.18 -6.19
N GLU A 4 -29.58 -3.90 -5.10
CA GLU A 4 -28.62 -3.92 -4.00
C GLU A 4 -27.20 -4.27 -4.47
N GLU A 5 -27.11 -5.14 -5.47
CA GLU A 5 -25.83 -5.60 -5.98
C GLU A 5 -25.31 -4.74 -7.13
N LYS A 6 -26.06 -3.71 -7.49
CA LYS A 6 -25.67 -2.84 -8.60
C LYS A 6 -24.51 -1.95 -8.21
N LEU A 7 -23.97 -1.29 -9.20
CA LEU A 7 -22.82 -0.41 -9.02
C LEU A 7 -23.02 0.91 -9.74
N PRO A 8 -22.40 1.99 -9.23
CA PRO A 8 -22.48 3.31 -9.85
C PRO A 8 -21.75 3.35 -11.21
N PRO A 9 -22.27 4.15 -12.17
CA PRO A 9 -21.66 4.28 -13.50
C PRO A 9 -20.18 4.61 -13.42
N GLY A 10 -19.38 3.84 -14.13
CA GLY A 10 -17.94 4.02 -14.10
C GLY A 10 -17.27 2.87 -13.39
N TRP A 11 -17.98 2.27 -12.46
CA TRP A 11 -17.48 1.13 -11.70
C TRP A 11 -18.07 -0.15 -12.25
N GLU A 12 -17.23 -1.16 -12.37
CA GLU A 12 -17.65 -2.42 -12.90
C GLU A 12 -17.12 -3.54 -12.02
N LYS A 13 -17.95 -4.53 -11.77
CA LYS A 13 -17.58 -5.64 -10.94
C LYS A 13 -16.58 -6.54 -11.67
N ARG A 14 -15.34 -6.54 -11.18
CA ARG A 14 -14.26 -7.28 -11.84
C ARG A 14 -13.71 -8.35 -10.91
N MET A 15 -13.25 -9.44 -11.48
CA MET A 15 -12.68 -10.53 -10.71
C MET A 15 -11.18 -10.65 -10.99
N SER A 16 -10.41 -10.92 -9.94
CA SER A 16 -8.98 -11.10 -10.03
C SER A 16 -8.65 -12.23 -11.02
N ARG A 17 -7.49 -12.10 -11.70
CA ARG A 17 -7.05 -13.07 -12.73
C ARG A 17 -7.14 -14.51 -12.26
N SER A 18 -8.28 -15.16 -12.54
CA SER A 18 -8.56 -16.55 -12.14
C SER A 18 -8.28 -16.83 -10.66
N SER A 19 -8.29 -15.78 -9.85
CA SER A 19 -8.02 -15.93 -8.42
C SER A 19 -9.31 -16.13 -7.63
N GLY A 20 -10.44 -15.88 -8.29
CA GLY A 20 -11.73 -16.12 -7.66
C GLY A 20 -12.20 -14.98 -6.82
N ARG A 21 -11.32 -14.04 -6.56
CA ARG A 21 -11.64 -12.90 -5.73
C ARG A 21 -12.24 -11.79 -6.56
N VAL A 22 -13.38 -11.29 -6.12
CA VAL A 22 -14.10 -10.26 -6.84
C VAL A 22 -13.94 -8.89 -6.17
N TYR A 23 -13.81 -7.85 -6.98
CA TYR A 23 -13.66 -6.50 -6.48
C TYR A 23 -14.39 -5.52 -7.41
N TYR A 24 -14.34 -4.24 -7.10
CA TYR A 24 -14.98 -3.24 -7.91
C TYR A 24 -13.92 -2.45 -8.67
N PHE A 25 -14.03 -2.44 -9.98
CA PHE A 25 -13.04 -1.80 -10.84
C PHE A 25 -13.60 -0.55 -11.49
N ASN A 26 -12.85 0.52 -11.42
CA ASN A 26 -13.23 1.77 -12.04
C ASN A 26 -12.50 1.88 -13.36
N HIS A 27 -13.20 1.70 -14.45
CA HIS A 27 -12.58 1.73 -15.77
C HIS A 27 -12.44 3.15 -16.30
N ILE A 28 -12.74 4.12 -15.46
CA ILE A 28 -12.62 5.52 -15.85
C ILE A 28 -11.17 5.98 -15.67
N THR A 29 -10.60 5.71 -14.51
CA THR A 29 -9.22 6.07 -14.24
C THR A 29 -8.40 4.82 -13.89
N ASN A 30 -9.01 3.66 -14.12
CA ASN A 30 -8.37 2.36 -13.86
C ASN A 30 -8.12 2.18 -12.35
N ALA A 31 -9.06 2.65 -11.53
CA ALA A 31 -8.96 2.51 -10.08
C ALA A 31 -9.72 1.26 -9.64
N SER A 32 -9.69 0.96 -8.36
CA SER A 32 -10.36 -0.22 -7.83
C SER A 32 -10.55 -0.10 -6.34
N GLN A 33 -11.41 -0.93 -5.79
CA GLN A 33 -11.63 -0.97 -4.37
C GLN A 33 -12.21 -2.30 -3.96
N TRP A 34 -11.85 -2.75 -2.79
CA TRP A 34 -12.33 -4.00 -2.26
C TRP A 34 -13.36 -3.74 -1.18
N GLU A 35 -13.62 -2.47 -0.96
CA GLU A 35 -14.61 -2.03 0.00
C GLU A 35 -15.90 -1.67 -0.75
N ARG A 36 -17.00 -1.55 -0.04
CA ARG A 36 -18.29 -1.27 -0.68
C ARG A 36 -18.42 0.22 -0.99
N PRO A 37 -18.84 0.57 -2.22
CA PRO A 37 -19.06 1.96 -2.62
C PRO A 37 -20.13 2.62 -1.77
N SER A 38 -21.06 1.82 -1.28
CA SER A 38 -22.11 2.30 -0.42
C SER A 38 -21.74 2.03 1.03
N GLY A 39 -21.37 3.09 1.73
CA GLY A 39 -20.95 2.94 3.10
C GLY A 39 -22.11 2.93 4.07
N ASN A 40 -22.80 1.81 4.15
CA ASN A 40 -23.94 1.68 5.07
C ASN A 40 -23.45 1.66 6.51
N SER A 41 -22.26 1.10 6.71
CA SER A 41 -21.64 1.07 8.02
C SER A 41 -21.30 2.49 8.46
N SER A 42 -20.75 3.27 7.50
CA SER A 42 -20.39 4.66 7.72
C SER A 42 -19.20 4.81 8.69
N SER A 43 -18.45 5.88 8.53
CA SER A 43 -17.34 6.15 9.40
C SER A 43 -17.84 6.91 10.62
N GLY A 44 -17.30 6.60 11.79
CA GLY A 44 -17.74 7.28 12.98
C GLY A 44 -17.24 6.62 14.25
N GLY A 45 -16.26 7.25 14.87
CA GLY A 45 -15.72 6.75 16.11
C GLY A 45 -15.45 7.88 17.06
N LYS A 46 -14.26 7.92 17.61
CA LYS A 46 -13.86 9.00 18.48
C LYS A 46 -13.05 10.03 17.71
N ASN A 47 -13.75 10.80 16.90
CA ASN A 47 -13.11 11.80 16.06
C ASN A 47 -13.25 13.17 16.68
N GLY A 48 -12.66 14.17 16.04
CA GLY A 48 -12.72 15.51 16.53
C GLY A 48 -11.35 16.13 16.63
N GLN A 49 -11.23 17.17 17.45
CA GLN A 49 -9.96 17.82 17.65
C GLN A 49 -9.03 16.95 18.48
N GLY A 50 -7.74 17.23 18.42
CA GLY A 50 -6.79 16.45 19.18
C GLY A 50 -6.01 15.49 18.31
N GLU A 51 -6.10 15.70 16.99
CA GLU A 51 -5.37 14.87 16.03
C GLU A 51 -3.87 15.02 16.24
N PRO A 52 -3.17 13.89 16.35
CA PRO A 52 -1.73 13.87 16.61
C PRO A 52 -0.90 14.39 15.43
N ALA A 53 0.33 14.78 15.72
CA ALA A 53 1.24 15.26 14.71
C ALA A 53 2.18 14.14 14.30
N ARG A 54 1.85 12.92 14.70
CA ARG A 54 2.62 11.75 14.39
C ARG A 54 1.72 10.54 14.16
N VAL A 55 2.04 9.77 13.13
CA VAL A 55 1.28 8.56 12.82
C VAL A 55 2.21 7.39 12.66
N ARG A 56 1.66 6.20 12.67
CA ARG A 56 2.46 5.01 12.54
C ARG A 56 1.99 4.19 11.35
N CYS A 57 2.91 3.89 10.47
CA CYS A 57 2.59 3.13 9.29
C CYS A 57 3.64 2.06 9.04
N SER A 58 3.36 1.22 8.09
CA SER A 58 4.26 0.15 7.70
C SER A 58 4.32 0.08 6.17
N HIS A 59 5.42 -0.43 5.63
CA HIS A 59 5.55 -0.55 4.19
C HIS A 59 6.51 -1.65 3.80
N LEU A 60 6.20 -2.34 2.72
CA LEU A 60 7.08 -3.34 2.17
C LEU A 60 7.84 -2.72 1.03
N LEU A 61 9.14 -2.58 1.18
CA LEU A 61 9.96 -1.93 0.18
C LEU A 61 10.70 -2.95 -0.68
N VAL A 62 10.37 -2.97 -1.95
CA VAL A 62 11.01 -3.84 -2.91
C VAL A 62 11.89 -3.01 -3.84
N LYS A 63 13.15 -3.36 -3.91
CA LYS A 63 14.07 -2.64 -4.76
C LYS A 63 14.29 -3.37 -6.06
N HIS A 64 14.95 -2.70 -6.97
CA HIS A 64 15.23 -3.26 -8.27
C HIS A 64 16.66 -2.93 -8.66
N SER A 65 17.13 -3.50 -9.76
CA SER A 65 18.51 -3.31 -10.20
C SER A 65 18.82 -1.82 -10.43
N GLN A 66 17.86 -1.09 -10.97
CA GLN A 66 18.05 0.34 -11.24
C GLN A 66 17.65 1.21 -10.03
N SER A 67 17.79 0.65 -8.82
CA SER A 67 17.53 1.41 -7.60
C SER A 67 18.80 2.11 -7.13
N ARG A 68 18.66 3.02 -6.17
CA ARG A 68 19.80 3.73 -5.61
C ARG A 68 20.76 2.76 -4.94
N ARG A 69 20.19 1.84 -4.17
CA ARG A 69 20.99 0.86 -3.45
C ARG A 69 20.74 -0.54 -4.02
N PRO A 70 21.57 -1.00 -4.98
CA PRO A 70 21.46 -2.35 -5.53
C PRO A 70 22.07 -3.37 -4.57
N SER A 71 22.79 -2.85 -3.59
CA SER A 71 23.41 -3.65 -2.58
C SER A 71 23.09 -3.08 -1.19
N SER A 72 22.20 -3.75 -0.49
CA SER A 72 21.79 -3.27 0.82
C SER A 72 22.01 -4.36 1.87
N TRP A 73 21.73 -4.01 3.13
CA TRP A 73 21.91 -4.92 4.27
C TRP A 73 21.11 -6.21 4.14
N ARG A 74 20.11 -6.21 3.27
CA ARG A 74 19.32 -7.39 3.03
C ARG A 74 19.86 -8.18 1.84
N GLN A 75 19.90 -7.55 0.68
CA GLN A 75 20.45 -8.19 -0.51
C GLN A 75 21.52 -7.34 -1.14
N GLU A 76 22.70 -7.91 -1.32
CA GLU A 76 23.83 -7.20 -1.90
C GLU A 76 23.84 -7.32 -3.43
N LYS A 77 22.91 -8.08 -3.96
CA LYS A 77 22.88 -8.33 -5.39
C LYS A 77 21.48 -8.15 -5.95
N ILE A 78 20.72 -7.20 -5.39
CA ILE A 78 19.35 -6.91 -5.83
C ILE A 78 19.32 -6.70 -7.35
N THR A 79 18.88 -7.71 -8.08
CA THR A 79 18.83 -7.64 -9.52
C THR A 79 17.44 -8.04 -10.03
N ARG A 80 16.47 -7.19 -9.76
CA ARG A 80 15.12 -7.40 -10.22
C ARG A 80 14.69 -6.23 -11.07
N THR A 81 13.74 -6.44 -11.94
CA THR A 81 13.22 -5.38 -12.75
C THR A 81 11.95 -4.82 -12.10
N LYS A 82 11.41 -3.73 -12.63
CA LYS A 82 10.25 -3.10 -12.02
C LYS A 82 8.99 -3.96 -12.18
N GLU A 83 8.85 -4.59 -13.34
CA GLU A 83 7.71 -5.46 -13.60
C GLU A 83 7.80 -6.72 -12.73
N GLU A 84 9.03 -7.17 -12.49
CA GLU A 84 9.23 -8.31 -11.62
C GLU A 84 8.77 -7.96 -10.22
N ALA A 85 9.14 -6.77 -9.77
CA ALA A 85 8.75 -6.28 -8.46
C ALA A 85 7.23 -6.10 -8.39
N LEU A 86 6.65 -5.53 -9.43
CA LEU A 86 5.20 -5.32 -9.49
C LEU A 86 4.46 -6.64 -9.37
N GLU A 87 4.94 -7.64 -10.08
CA GLU A 87 4.30 -8.94 -10.11
C GLU A 87 4.26 -9.56 -8.72
N LEU A 88 5.36 -9.47 -8.00
CA LEU A 88 5.46 -10.06 -6.67
C LEU A 88 4.74 -9.20 -5.62
N ILE A 89 4.86 -7.89 -5.74
CA ILE A 89 4.28 -6.99 -4.76
C ILE A 89 2.76 -6.93 -4.89
N ASN A 90 2.25 -7.03 -6.13
CA ASN A 90 0.81 -7.04 -6.35
C ASN A 90 0.24 -8.32 -5.78
N GLY A 91 1.01 -9.38 -5.86
CA GLY A 91 0.59 -10.65 -5.30
C GLY A 91 0.49 -10.56 -3.80
N TYR A 92 1.50 -9.93 -3.19
CA TYR A 92 1.55 -9.73 -1.75
C TYR A 92 0.29 -9.07 -1.22
N ILE A 93 -0.14 -8.00 -1.89
CA ILE A 93 -1.33 -7.25 -1.47
C ILE A 93 -2.56 -8.14 -1.35
N GLN A 94 -2.85 -8.88 -2.41
CA GLN A 94 -4.01 -9.76 -2.43
C GLN A 94 -3.89 -10.88 -1.42
N LYS A 95 -2.66 -11.35 -1.21
CA LYS A 95 -2.39 -12.38 -0.19
C LYS A 95 -2.80 -11.88 1.17
N ILE A 96 -2.32 -10.70 1.50
CA ILE A 96 -2.66 -10.06 2.77
C ILE A 96 -4.19 -9.94 2.90
N LYS A 97 -4.85 -9.57 1.80
CA LYS A 97 -6.30 -9.44 1.78
C LYS A 97 -6.99 -10.79 1.93
N SER A 98 -6.27 -11.85 1.61
CA SER A 98 -6.80 -13.21 1.73
C SER A 98 -6.88 -13.64 3.20
N GLY A 99 -6.15 -12.94 4.06
CA GLY A 99 -6.18 -13.24 5.48
C GLY A 99 -5.15 -14.27 5.90
N GLU A 100 -5.02 -15.33 5.11
CA GLU A 100 -4.09 -16.42 5.42
C GLU A 100 -2.65 -15.91 5.53
N GLU A 101 -2.30 -14.96 4.69
CA GLU A 101 -0.97 -14.38 4.73
C GLU A 101 -1.04 -12.97 5.27
N ASP A 102 -0.19 -12.68 6.23
CA ASP A 102 -0.21 -11.38 6.90
C ASP A 102 0.95 -10.51 6.46
N PHE A 103 0.78 -9.20 6.57
CA PHE A 103 1.79 -8.25 6.17
C PHE A 103 3.05 -8.41 7.01
N GLU A 104 2.89 -8.62 8.32
CA GLU A 104 4.03 -8.75 9.22
C GLU A 104 5.02 -9.84 8.77
N SER A 105 4.50 -11.05 8.60
CA SER A 105 5.32 -12.19 8.20
C SER A 105 5.89 -11.99 6.79
N LEU A 106 5.05 -11.50 5.90
CA LEU A 106 5.39 -11.31 4.50
C LEU A 106 6.45 -10.21 4.31
N ALA A 107 6.26 -9.09 4.98
CA ALA A 107 7.15 -7.95 4.85
C ALA A 107 8.52 -8.23 5.43
N SER A 108 8.56 -8.69 6.68
CA SER A 108 9.83 -8.95 7.38
C SER A 108 10.75 -9.89 6.60
N GLN A 109 10.16 -10.72 5.76
CA GLN A 109 10.90 -11.67 4.98
C GLN A 109 11.53 -11.05 3.72
N PHE A 110 10.75 -10.25 3.00
CA PHE A 110 11.20 -9.74 1.71
C PHE A 110 11.59 -8.24 1.73
N SER A 111 11.47 -7.58 2.88
CA SER A 111 11.83 -6.16 2.96
C SER A 111 13.34 -5.95 2.90
N ASP A 112 13.77 -5.06 2.03
CA ASP A 112 15.18 -4.72 1.90
C ASP A 112 15.52 -3.46 2.69
N CYS A 113 14.60 -2.53 2.71
CA CYS A 113 14.81 -1.23 3.35
C CYS A 113 14.80 -1.34 4.89
N SER A 114 14.94 -0.18 5.55
CA SER A 114 15.01 -0.10 7.00
C SER A 114 13.75 -0.63 7.67
N SER A 115 12.64 -0.61 6.94
CA SER A 115 11.37 -1.15 7.43
C SER A 115 11.51 -2.60 7.96
N ALA A 116 12.53 -3.31 7.48
CA ALA A 116 12.77 -4.70 7.88
C ALA A 116 13.03 -4.82 9.39
N LYS A 117 13.47 -3.72 10.01
CA LYS A 117 13.79 -3.71 11.44
C LYS A 117 12.59 -4.10 12.28
N ALA A 118 11.42 -3.60 11.90
CA ALA A 118 10.20 -3.86 12.64
C ALA A 118 9.18 -4.59 11.79
N ARG A 119 9.67 -5.46 10.90
CA ARG A 119 8.81 -6.34 10.07
C ARG A 119 7.94 -5.55 9.11
N GLY A 120 8.36 -4.36 8.78
CA GLY A 120 7.59 -3.54 7.88
C GLY A 120 7.13 -2.28 8.56
N ASP A 121 7.00 -2.35 9.88
CA ASP A 121 6.58 -1.21 10.69
C ASP A 121 7.72 -0.23 10.87
N LEU A 122 7.39 1.04 10.89
CA LEU A 122 8.38 2.09 11.05
C LEU A 122 8.23 2.78 12.38
N GLY A 123 7.07 2.64 12.97
CA GLY A 123 6.80 3.31 14.20
C GLY A 123 6.05 4.60 13.96
N ALA A 124 5.89 5.39 14.98
CA ALA A 124 5.17 6.64 14.86
C ALA A 124 6.11 7.81 14.65
N PHE A 125 6.13 8.34 13.44
CA PHE A 125 6.97 9.48 13.12
C PHE A 125 6.13 10.74 12.99
N SER A 126 6.73 11.87 13.28
CA SER A 126 6.03 13.14 13.27
C SER A 126 6.27 13.90 11.97
N ARG A 127 5.34 14.79 11.65
CA ARG A 127 5.43 15.62 10.47
C ARG A 127 6.48 16.72 10.65
N GLY A 128 7.00 17.23 9.54
CA GLY A 128 8.02 18.25 9.59
C GLY A 128 9.37 17.74 9.11
N GLN A 129 9.50 16.43 8.99
CA GLN A 129 10.75 15.82 8.57
C GLN A 129 10.61 15.15 7.20
N MET A 130 9.54 15.47 6.50
CA MET A 130 9.23 14.81 5.24
C MET A 130 8.82 15.82 4.18
N GLN A 131 8.57 15.34 2.96
CA GLN A 131 8.11 16.20 1.87
C GLN A 131 6.78 16.84 2.27
N LYS A 132 6.62 18.11 2.00
CA LYS A 132 5.42 18.85 2.40
C LYS A 132 4.11 18.19 1.92
N PRO A 133 3.99 17.81 0.61
CA PRO A 133 2.78 17.15 0.09
C PRO A 133 2.49 15.82 0.81
N PHE A 134 3.53 15.06 1.09
CA PHE A 134 3.37 13.77 1.74
C PHE A 134 3.18 13.92 3.24
N GLU A 135 3.62 15.06 3.76
CA GLU A 135 3.43 15.38 5.18
C GLU A 135 1.94 15.42 5.50
N ASP A 136 1.17 15.81 4.52
CA ASP A 136 -0.27 15.88 4.64
C ASP A 136 -0.92 14.57 4.21
N ALA A 137 -0.18 13.76 3.44
CA ALA A 137 -0.72 12.54 2.87
C ALA A 137 -0.53 11.34 3.80
N SER A 138 0.51 11.39 4.61
CA SER A 138 0.79 10.32 5.54
C SER A 138 -0.29 10.24 6.62
N PHE A 139 -0.85 11.37 6.92
CA PHE A 139 -1.90 11.49 7.92
C PHE A 139 -3.29 11.31 7.30
N ALA A 140 -3.34 11.04 6.00
CA ALA A 140 -4.61 10.93 5.28
C ALA A 140 -5.28 9.55 5.47
N LEU A 141 -4.50 8.48 5.47
CA LEU A 141 -5.07 7.13 5.60
C LEU A 141 -5.47 6.82 7.04
N ARG A 142 -6.43 5.93 7.19
CA ARG A 142 -6.95 5.54 8.47
C ARG A 142 -6.44 4.18 8.90
N THR A 143 -6.89 3.75 10.06
CA THR A 143 -6.48 2.51 10.66
C THR A 143 -6.95 1.30 9.85
N GLY A 144 -6.01 0.47 9.42
CA GLY A 144 -6.34 -0.73 8.71
C GLY A 144 -6.50 -0.52 7.22
N GLU A 145 -5.86 0.50 6.69
CA GLU A 145 -5.93 0.76 5.25
C GLU A 145 -4.61 0.48 4.59
N MET A 146 -4.67 -0.12 3.41
CA MET A 146 -3.48 -0.50 2.69
C MET A 146 -3.57 -0.07 1.23
N SER A 147 -2.60 0.68 0.79
CA SER A 147 -2.53 1.17 -0.58
C SER A 147 -1.79 0.15 -1.46
N GLY A 148 -1.47 0.56 -2.67
CA GLY A 148 -0.81 -0.33 -3.60
C GLY A 148 0.65 0.04 -3.84
N PRO A 149 1.30 -0.58 -4.84
CA PRO A 149 2.70 -0.30 -5.18
C PRO A 149 2.90 1.08 -5.80
N VAL A 150 3.78 1.86 -5.20
CA VAL A 150 4.10 3.20 -5.70
C VAL A 150 5.55 3.25 -6.19
N PHE A 151 5.77 3.88 -7.34
CA PHE A 151 7.11 4.00 -7.93
C PHE A 151 7.89 5.16 -7.31
N THR A 152 8.76 4.84 -6.38
CA THR A 152 9.56 5.87 -5.71
C THR A 152 11.04 5.75 -6.05
N ASP A 153 11.83 6.64 -5.45
CA ASP A 153 13.28 6.67 -5.65
C ASP A 153 13.94 5.36 -5.25
N SER A 154 13.69 4.92 -4.02
CA SER A 154 14.26 3.69 -3.49
C SER A 154 13.80 2.48 -4.31
N GLY A 155 12.55 2.50 -4.72
CA GLY A 155 12.00 1.41 -5.48
C GLY A 155 10.50 1.40 -5.44
N ILE A 156 9.93 0.23 -5.33
CA ILE A 156 8.48 0.08 -5.30
C ILE A 156 8.04 -0.39 -3.92
N HIS A 157 6.96 0.17 -3.42
CA HIS A 157 6.50 -0.19 -2.08
C HIS A 157 4.99 -0.07 -1.94
N ILE A 158 4.46 -0.80 -0.98
CA ILE A 158 3.04 -0.72 -0.65
C ILE A 158 2.89 -0.05 0.71
N ILE A 159 1.74 0.54 0.97
CA ILE A 159 1.54 1.29 2.21
C ILE A 159 0.47 0.67 3.09
N LEU A 160 0.83 0.37 4.33
CA LEU A 160 -0.10 -0.19 5.30
C LEU A 160 -0.15 0.71 6.53
N ARG A 161 -1.27 1.39 6.73
CA ARG A 161 -1.44 2.32 7.85
C ARG A 161 -2.01 1.58 9.05
N THR A 162 -1.35 1.69 10.20
CA THR A 162 -1.77 0.94 11.37
C THR A 162 -2.37 1.82 12.49
N GLU A 163 -1.80 2.99 12.74
CA GLU A 163 -2.31 3.87 13.81
C GLU A 163 -1.78 5.28 13.67
C ACE B 1 -7.69 -3.09 -17.36
O ACE B 1 -8.92 -2.97 -17.30
CH3 ACE B 1 -7.02 -3.45 -18.67
H1 ACE B 1 -6.71 -4.48 -18.62
H2 ACE B 1 -6.16 -2.83 -18.82
H3 ACE B 1 -7.72 -3.27 -19.47
N VAL B 2 -6.90 -2.93 -16.30
CA VAL B 2 -7.00 -3.79 -15.13
C VAL B 2 -5.82 -3.50 -14.19
N LEU B 3 -5.88 -4.05 -12.98
CA LEU B 3 -4.79 -3.92 -12.03
C LEU B 3 -5.02 -4.90 -10.89
N TPO B 4 -6.18 -4.75 -10.22
CA TPO B 4 -6.61 -5.56 -9.06
CB TPO B 4 -6.30 -7.07 -9.24
CG2 TPO B 4 -6.67 -7.91 -8.05
OG1 TPO B 4 -7.05 -7.55 -10.36
P TPO B 4 -6.52 -8.75 -11.26
O1P TPO B 4 -7.76 -8.99 -12.26
O2P TPO B 4 -6.06 -9.97 -10.55
O3P TPO B 4 -5.46 -8.06 -12.23
C TPO B 4 -6.22 -4.94 -7.67
O TPO B 4 -7.12 -4.63 -6.87
H TPO B 4 -6.78 -4.04 -10.51
HA TPO B 4 -7.69 -5.46 -9.10
HB TPO B 4 -5.25 -7.19 -9.46
HG21 TPO B 4 -6.16 -7.54 -7.17
HG22 TPO B 4 -6.37 -8.94 -8.23
HG23 TPO B 4 -7.73 -7.87 -7.89
N PRO B 5 -4.91 -4.73 -7.34
CA PRO B 5 -4.54 -3.98 -6.14
C PRO B 5 -4.65 -2.48 -6.40
N PRO B 6 -5.47 -1.76 -5.63
CA PRO B 6 -5.69 -0.32 -5.84
C PRO B 6 -4.44 0.52 -5.62
N ASP B 7 -3.76 0.86 -6.71
CA ASP B 7 -2.59 1.73 -6.66
C ASP B 7 -2.86 3.02 -7.43
N GLN B 8 -3.55 2.89 -8.56
CA GLN B 8 -3.87 4.02 -9.40
C GLN B 8 -4.92 4.90 -8.73
N GLU B 9 -4.90 6.20 -9.06
CA GLU B 9 -5.82 7.20 -8.50
C GLU B 9 -5.46 7.53 -7.05
N VAL B 10 -5.33 6.52 -6.22
CA VAL B 10 -5.01 6.70 -4.82
C VAL B 10 -3.48 6.83 -4.61
N ILE B 11 -2.81 7.45 -5.57
CA ILE B 11 -1.36 7.61 -5.54
C ILE B 11 -0.94 8.77 -4.58
N ARG B 12 -1.82 9.10 -3.65
CA ARG B 12 -1.54 10.15 -2.68
C ARG B 12 -1.78 9.65 -1.26
N ASN B 13 -0.87 8.84 -0.78
CA ASN B 13 -0.95 8.29 0.56
C ASN B 13 0.34 8.53 1.31
N ILE B 14 0.59 7.77 2.38
CA ILE B 14 1.81 7.90 3.18
C ILE B 14 3.04 7.77 2.31
N ASP B 15 3.00 6.79 1.40
CA ASP B 15 4.13 6.43 0.53
C ASP B 15 5.25 5.80 1.34
N GLN B 16 5.79 6.58 2.27
CA GLN B 16 6.78 6.13 3.22
C GLN B 16 8.18 6.04 2.64
N SER B 17 8.65 7.16 2.13
CA SER B 17 10.03 7.29 1.68
C SER B 17 10.67 8.45 2.42
N GLU B 18 9.93 9.53 2.47
CA GLU B 18 10.32 10.75 3.12
C GLU B 18 9.78 10.79 4.54
N PHE B 19 8.60 10.16 4.73
CA PHE B 19 7.96 10.11 6.05
C PHE B 19 8.95 9.59 7.13
N GLU B 20 9.82 8.66 6.74
CA GLU B 20 10.86 8.17 7.65
C GLU B 20 12.12 9.00 7.49
N GLY B 21 12.59 9.09 6.25
CA GLY B 21 13.78 9.83 5.96
C GLY B 21 14.91 8.95 5.47
N PHE B 22 14.65 8.17 4.44
CA PHE B 22 15.67 7.31 3.86
C PHE B 22 15.75 7.51 2.37
N SEP B 23 16.95 7.30 1.82
CA SEP B 23 17.21 7.47 0.38
CB SEP B 23 16.30 6.57 -0.47
OG SEP B 23 16.38 5.20 -0.06
C SEP B 23 17.07 8.95 -0.03
O SEP B 23 18.07 9.64 -0.27
P SEP B 23 17.71 4.35 -0.36
O1P SEP B 23 18.97 4.85 0.25
O2P SEP B 23 17.28 2.86 0.05
O3P SEP B 23 17.71 4.26 -1.96
H SEP B 23 17.69 7.03 2.39
HA SEP B 23 18.24 7.18 0.22
HB2 SEP B 23 16.58 6.65 -1.51
HB3 SEP B 23 15.28 6.89 -0.35
N PHE B 24 15.84 9.43 -0.07
CA PHE B 24 15.56 10.80 -0.45
C PHE B 24 15.84 11.75 0.72
N NH2 B 25 17.05 12.27 0.78
HN1 NH2 B 25 17.67 12.05 0.07
HN2 NH2 B 25 17.25 12.87 1.53
N MET A 1 -34.77 -8.82 -7.19
CA MET A 1 -33.39 -8.81 -7.71
C MET A 1 -32.81 -7.40 -7.67
N ALA A 2 -31.84 -7.20 -6.80
CA ALA A 2 -31.22 -5.91 -6.63
C ALA A 2 -30.14 -5.68 -7.69
N ASP A 3 -29.88 -4.43 -7.97
CA ASP A 3 -28.88 -4.03 -8.96
C ASP A 3 -27.54 -3.79 -8.30
N GLU A 4 -27.44 -4.18 -7.04
CA GLU A 4 -26.22 -3.99 -6.25
C GLU A 4 -25.06 -4.81 -6.79
N GLU A 5 -25.35 -5.77 -7.66
CA GLU A 5 -24.29 -6.57 -8.27
C GLU A 5 -23.61 -5.74 -9.35
N LYS A 6 -24.32 -4.73 -9.83
CA LYS A 6 -23.81 -3.84 -10.85
C LYS A 6 -23.22 -2.61 -10.20
N LEU A 7 -22.56 -1.80 -10.98
CA LEU A 7 -21.89 -0.63 -10.45
C LEU A 7 -22.31 0.63 -11.18
N PRO A 8 -22.30 1.78 -10.49
CA PRO A 8 -22.63 3.08 -11.09
C PRO A 8 -21.64 3.48 -12.19
N PRO A 9 -22.04 4.41 -13.08
CA PRO A 9 -21.20 4.88 -14.18
C PRO A 9 -19.80 5.30 -13.70
N GLY A 10 -18.79 4.71 -14.29
CA GLY A 10 -17.43 4.98 -13.90
C GLY A 10 -16.80 3.78 -13.23
N TRP A 11 -17.64 2.95 -12.61
CA TRP A 11 -17.19 1.75 -11.95
C TRP A 11 -17.54 0.53 -12.78
N GLU A 12 -16.60 -0.38 -12.87
CA GLU A 12 -16.79 -1.60 -13.61
C GLU A 12 -16.23 -2.75 -12.82
N LYS A 13 -16.94 -3.85 -12.83
CA LYS A 13 -16.54 -5.01 -12.06
C LYS A 13 -15.59 -5.87 -12.86
N ARG A 14 -14.44 -6.16 -12.27
CA ARG A 14 -13.43 -6.94 -12.95
C ARG A 14 -13.06 -8.16 -12.12
N MET A 15 -12.22 -9.03 -12.66
CA MET A 15 -11.83 -10.24 -12.00
C MET A 15 -10.33 -10.45 -12.14
N SER A 16 -9.73 -10.99 -11.10
CA SER A 16 -8.32 -11.27 -11.06
C SER A 16 -7.91 -12.21 -12.20
N ARG A 17 -6.88 -11.80 -12.92
CA ARG A 17 -6.39 -12.52 -14.10
C ARG A 17 -6.02 -13.97 -13.78
N SER A 18 -6.81 -14.89 -14.32
CA SER A 18 -6.59 -16.33 -14.17
C SER A 18 -6.60 -16.75 -12.68
N SER A 19 -7.29 -15.98 -11.86
CA SER A 19 -7.41 -16.29 -10.45
C SER A 19 -8.87 -16.52 -10.07
N GLY A 20 -9.75 -15.70 -10.62
CA GLY A 20 -11.17 -15.88 -10.36
C GLY A 20 -11.69 -15.09 -9.18
N ARG A 21 -10.96 -14.06 -8.81
CA ARG A 21 -11.39 -13.20 -7.71
C ARG A 21 -12.04 -11.94 -8.25
N VAL A 22 -13.18 -11.59 -7.72
CA VAL A 22 -13.93 -10.45 -8.24
C VAL A 22 -13.67 -9.18 -7.40
N TYR A 23 -13.40 -8.08 -8.09
CA TYR A 23 -13.18 -6.80 -7.44
C TYR A 23 -13.69 -5.66 -8.32
N TYR A 24 -13.78 -4.47 -7.75
CA TYR A 24 -14.33 -3.33 -8.47
C TYR A 24 -13.23 -2.42 -8.98
N PHE A 25 -13.40 -1.93 -10.20
CA PHE A 25 -12.44 -1.08 -10.83
C PHE A 25 -13.10 0.22 -11.29
N ASN A 26 -12.45 1.33 -11.05
CA ASN A 26 -12.96 2.62 -11.46
C ASN A 26 -12.12 3.15 -12.60
N HIS A 27 -12.73 3.30 -13.76
CA HIS A 27 -12.00 3.76 -14.94
C HIS A 27 -12.03 5.29 -15.08
N ILE A 28 -12.52 5.96 -14.05
CA ILE A 28 -12.55 7.41 -14.06
C ILE A 28 -11.21 7.98 -13.60
N THR A 29 -10.74 7.48 -12.47
CA THR A 29 -9.45 7.89 -11.94
C THR A 29 -8.50 6.70 -11.87
N ASN A 30 -8.98 5.57 -12.40
CA ASN A 30 -8.23 4.31 -12.41
C ASN A 30 -7.94 3.82 -10.98
N ALA A 31 -9.00 3.58 -10.23
CA ALA A 31 -8.88 3.09 -8.86
C ALA A 31 -9.49 1.70 -8.76
N SER A 32 -9.36 1.06 -7.61
CA SER A 32 -9.89 -0.29 -7.44
C SER A 32 -10.12 -0.60 -5.97
N GLN A 33 -11.04 -1.50 -5.71
CA GLN A 33 -11.34 -1.94 -4.35
C GLN A 33 -12.21 -3.17 -4.37
N TRP A 34 -12.21 -3.92 -3.28
CA TRP A 34 -12.97 -5.16 -3.20
C TRP A 34 -14.31 -4.95 -2.52
N GLU A 35 -14.42 -3.87 -1.79
CA GLU A 35 -15.65 -3.55 -1.09
C GLU A 35 -16.47 -2.57 -1.91
N ARG A 36 -17.78 -2.67 -1.84
CA ARG A 36 -18.66 -1.77 -2.57
C ARG A 36 -18.48 -0.34 -2.08
N PRO A 37 -18.26 0.61 -3.00
CA PRO A 37 -18.07 2.04 -2.64
C PRO A 37 -19.29 2.62 -1.95
N SER A 38 -20.43 2.00 -2.14
CA SER A 38 -21.67 2.44 -1.53
C SER A 38 -21.94 1.66 -0.24
N GLY A 39 -21.00 0.80 0.14
CA GLY A 39 -21.14 0.01 1.34
C GLY A 39 -20.55 0.71 2.54
N ASN A 40 -21.15 1.83 2.91
CA ASN A 40 -20.69 2.61 4.04
C ASN A 40 -21.42 2.22 5.32
N SER A 41 -22.07 1.06 5.28
CA SER A 41 -22.80 0.55 6.42
C SER A 41 -21.85 0.25 7.57
N SER A 42 -20.79 -0.50 7.28
CA SER A 42 -19.79 -0.81 8.26
C SER A 42 -18.44 -0.23 7.82
N SER A 43 -18.02 0.81 8.50
CA SER A 43 -16.76 1.47 8.20
C SER A 43 -15.67 1.02 9.17
N GLY A 44 -14.42 1.29 8.82
CA GLY A 44 -13.32 0.93 9.68
C GLY A 44 -13.36 1.68 11.00
N GLY A 45 -13.01 1.01 12.08
CA GLY A 45 -13.07 1.64 13.39
C GLY A 45 -11.73 1.70 14.06
N LYS A 46 -10.74 2.22 13.35
CA LYS A 46 -9.41 2.37 13.89
C LYS A 46 -8.97 3.82 13.77
N ASN A 47 -8.38 4.35 14.83
CA ASN A 47 -7.94 5.74 14.83
C ASN A 47 -6.67 5.89 15.66
N GLY A 48 -5.78 6.77 15.23
CA GLY A 48 -4.56 7.00 15.95
C GLY A 48 -4.77 7.80 17.22
N GLN A 49 -3.86 7.65 18.16
CA GLN A 49 -3.96 8.36 19.42
C GLN A 49 -3.24 9.68 19.35
N GLY A 50 -3.72 10.65 20.12
CA GLY A 50 -3.15 11.97 20.12
C GLY A 50 -3.61 12.79 18.93
N GLU A 51 -2.94 13.89 18.68
CA GLU A 51 -3.27 14.73 17.55
C GLU A 51 -2.54 14.24 16.30
N PRO A 52 -3.09 14.54 15.09
CA PRO A 52 -2.51 14.12 13.80
C PRO A 52 -1.21 14.89 13.47
N ALA A 53 -0.40 15.15 14.47
CA ALA A 53 0.87 15.81 14.28
C ALA A 53 1.93 14.78 13.92
N ARG A 54 1.61 13.52 14.21
CA ARG A 54 2.48 12.40 13.90
C ARG A 54 1.64 11.18 13.58
N VAL A 55 2.20 10.26 12.83
CA VAL A 55 1.53 9.01 12.50
C VAL A 55 2.51 7.86 12.53
N ARG A 56 2.00 6.66 12.39
CA ARG A 56 2.83 5.49 12.38
C ARG A 56 2.25 4.42 11.45
N CYS A 57 3.04 3.96 10.52
CA CYS A 57 2.58 2.97 9.57
C CYS A 57 3.63 1.89 9.35
N SER A 58 3.24 0.87 8.63
CA SER A 58 4.11 -0.23 8.28
C SER A 58 4.24 -0.27 6.75
N HIS A 59 5.40 -0.61 6.26
CA HIS A 59 5.62 -0.64 4.81
C HIS A 59 6.49 -1.82 4.41
N LEU A 60 6.35 -2.24 3.18
CA LEU A 60 7.19 -3.30 2.65
C LEU A 60 7.97 -2.73 1.47
N LEU A 61 9.25 -2.50 1.69
CA LEU A 61 10.12 -1.89 0.68
C LEU A 61 10.64 -2.96 -0.27
N VAL A 62 10.40 -2.78 -1.56
CA VAL A 62 10.90 -3.67 -2.58
C VAL A 62 11.73 -2.89 -3.60
N LYS A 63 12.99 -3.28 -3.76
CA LYS A 63 13.86 -2.64 -4.73
C LYS A 63 13.93 -3.45 -6.01
N HIS A 64 14.47 -2.85 -7.06
CA HIS A 64 14.60 -3.50 -8.36
C HIS A 64 15.84 -3.02 -9.08
N SER A 65 16.15 -3.64 -10.20
CA SER A 65 17.36 -3.34 -10.97
C SER A 65 17.57 -1.84 -11.25
N GLN A 66 16.61 -1.22 -11.92
CA GLN A 66 16.74 0.19 -12.29
C GLN A 66 16.21 1.16 -11.22
N SER A 67 16.30 0.77 -9.96
CA SER A 67 15.90 1.67 -8.89
C SER A 67 17.10 2.50 -8.45
N ARG A 68 16.93 3.34 -7.42
CA ARG A 68 18.04 4.14 -6.90
C ARG A 68 19.24 3.26 -6.58
N ARG A 69 18.99 2.17 -5.89
CA ARG A 69 20.02 1.25 -5.46
C ARG A 69 19.60 -0.19 -5.73
N PRO A 70 20.31 -0.90 -6.60
CA PRO A 70 20.02 -2.29 -6.91
C PRO A 70 20.76 -3.24 -5.97
N SER A 71 21.16 -2.73 -4.82
CA SER A 71 21.86 -3.51 -3.84
C SER A 71 21.20 -3.36 -2.48
N SER A 72 20.92 -4.49 -1.85
CA SER A 72 20.29 -4.51 -0.56
C SER A 72 21.15 -5.31 0.42
N TRP A 73 20.75 -5.32 1.68
CA TRP A 73 21.49 -6.03 2.70
C TRP A 73 21.39 -7.54 2.48
N ARG A 74 20.27 -7.97 1.91
CA ARG A 74 20.05 -9.39 1.68
C ARG A 74 20.30 -9.78 0.23
N GLN A 75 20.50 -8.78 -0.62
CA GLN A 75 20.79 -9.02 -2.03
C GLN A 75 21.47 -7.84 -2.65
N GLU A 76 22.77 -7.91 -2.77
CA GLU A 76 23.55 -6.81 -3.33
C GLU A 76 23.48 -6.83 -4.86
N LYS A 77 22.77 -7.80 -5.41
CA LYS A 77 22.71 -7.96 -6.85
C LYS A 77 21.28 -7.92 -7.39
N ILE A 78 20.42 -7.14 -6.74
CA ILE A 78 19.02 -7.03 -7.15
C ILE A 78 18.91 -6.68 -8.64
N THR A 79 18.53 -7.67 -9.42
CA THR A 79 18.41 -7.51 -10.85
C THR A 79 16.96 -7.78 -11.30
N ARG A 80 16.06 -7.85 -10.32
CA ARG A 80 14.66 -8.11 -10.60
C ARG A 80 14.04 -6.96 -11.39
N THR A 81 13.14 -7.30 -12.28
CA THR A 81 12.46 -6.32 -13.09
C THR A 81 11.29 -5.70 -12.32
N LYS A 82 10.72 -4.63 -12.87
CA LYS A 82 9.62 -3.96 -12.23
C LYS A 82 8.34 -4.79 -12.31
N GLU A 83 8.23 -5.63 -13.32
CA GLU A 83 7.06 -6.49 -13.47
C GLU A 83 7.06 -7.56 -12.38
N GLU A 84 8.25 -7.96 -11.95
CA GLU A 84 8.40 -8.91 -10.88
C GLU A 84 8.00 -8.25 -9.58
N ALA A 85 8.62 -7.10 -9.30
CA ALA A 85 8.34 -6.32 -8.09
C ALA A 85 6.83 -6.11 -7.91
N LEU A 86 6.16 -5.71 -8.98
CA LEU A 86 4.71 -5.51 -8.94
C LEU A 86 3.98 -6.79 -8.64
N GLU A 87 4.31 -7.84 -9.36
CA GLU A 87 3.59 -9.10 -9.24
C GLU A 87 3.79 -9.73 -7.87
N LEU A 88 5.02 -9.68 -7.36
CA LEU A 88 5.29 -10.26 -6.05
C LEU A 88 4.65 -9.44 -4.94
N ILE A 89 4.59 -8.12 -5.12
CA ILE A 89 4.02 -7.25 -4.11
C ILE A 89 2.50 -7.30 -4.14
N ASN A 90 1.93 -7.46 -5.33
CA ASN A 90 0.49 -7.61 -5.48
C ASN A 90 0.04 -8.91 -4.85
N GLY A 91 0.92 -9.92 -4.95
CA GLY A 91 0.65 -11.20 -4.34
C GLY A 91 0.64 -11.08 -2.83
N TYR A 92 1.59 -10.33 -2.28
CA TYR A 92 1.66 -10.05 -0.86
C TYR A 92 0.33 -9.52 -0.35
N ILE A 93 -0.14 -8.43 -0.97
CA ILE A 93 -1.42 -7.82 -0.58
C ILE A 93 -2.54 -8.84 -0.60
N GLN A 94 -2.58 -9.62 -1.68
CA GLN A 94 -3.61 -10.61 -1.85
C GLN A 94 -3.64 -11.60 -0.69
N LYS A 95 -2.49 -12.10 -0.32
CA LYS A 95 -2.42 -13.09 0.75
C LYS A 95 -2.68 -12.45 2.11
N ILE A 96 -2.25 -11.20 2.28
CA ILE A 96 -2.48 -10.47 3.53
C ILE A 96 -3.98 -10.35 3.84
N LYS A 97 -4.73 -9.73 2.93
CA LYS A 97 -6.16 -9.49 3.16
C LYS A 97 -6.97 -10.78 3.19
N SER A 98 -6.42 -11.83 2.62
CA SER A 98 -7.09 -13.13 2.61
C SER A 98 -6.84 -13.88 3.92
N GLY A 99 -5.96 -13.34 4.74
CA GLY A 99 -5.67 -13.96 6.02
C GLY A 99 -4.67 -15.09 5.93
N GLU A 100 -3.86 -15.09 4.88
CA GLU A 100 -2.88 -16.14 4.69
C GLU A 100 -1.59 -15.80 5.44
N GLU A 101 -1.18 -14.55 5.33
CA GLU A 101 -0.01 -14.07 6.05
C GLU A 101 -0.27 -12.66 6.56
N ASP A 102 0.29 -12.34 7.70
CA ASP A 102 0.13 -11.02 8.29
C ASP A 102 1.04 -10.05 7.59
N PHE A 103 0.63 -8.78 7.49
CA PHE A 103 1.47 -7.77 6.88
C PHE A 103 2.78 -7.69 7.65
N GLU A 104 2.66 -7.71 8.96
CA GLU A 104 3.78 -7.65 9.88
C GLU A 104 4.77 -8.80 9.61
N SER A 105 4.26 -10.02 9.60
CA SER A 105 5.08 -11.19 9.37
C SER A 105 5.66 -11.22 7.96
N LEU A 106 4.81 -10.98 6.97
CA LEU A 106 5.21 -10.99 5.59
C LEU A 106 6.27 -9.91 5.31
N ALA A 107 6.09 -8.74 5.93
CA ALA A 107 7.04 -7.65 5.80
C ALA A 107 8.39 -8.04 6.37
N SER A 108 8.40 -8.54 7.60
CA SER A 108 9.65 -9.01 8.24
C SER A 108 10.34 -10.06 7.36
N GLN A 109 9.56 -10.99 6.87
CA GLN A 109 10.02 -12.10 6.07
C GLN A 109 10.73 -11.63 4.78
N PHE A 110 10.03 -10.85 3.96
CA PHE A 110 10.58 -10.41 2.68
C PHE A 110 11.08 -8.98 2.73
N SER A 111 11.37 -8.48 3.93
CA SER A 111 11.84 -7.12 4.10
C SER A 111 13.15 -6.89 3.36
N ASP A 112 13.10 -6.01 2.39
CA ASP A 112 14.28 -5.65 1.62
C ASP A 112 14.87 -4.35 2.17
N CYS A 113 14.17 -3.76 3.12
CA CYS A 113 14.59 -2.53 3.76
C CYS A 113 15.22 -2.81 5.12
N SER A 114 15.68 -1.76 5.77
CA SER A 114 16.25 -1.84 7.11
C SER A 114 15.15 -1.97 8.15
N SER A 115 13.89 -1.77 7.70
CA SER A 115 12.72 -1.85 8.57
C SER A 115 12.46 -3.29 9.03
N ALA A 116 13.32 -4.21 8.59
CA ALA A 116 13.22 -5.62 8.94
C ALA A 116 13.28 -5.81 10.46
N LYS A 117 13.95 -4.90 11.14
CA LYS A 117 14.11 -4.96 12.59
C LYS A 117 12.79 -4.71 13.32
N ALA A 118 11.91 -3.95 12.69
CA ALA A 118 10.64 -3.60 13.31
C ALA A 118 9.46 -4.15 12.54
N ARG A 119 9.73 -5.18 11.73
CA ARG A 119 8.68 -5.89 10.99
C ARG A 119 7.98 -5.02 9.96
N GLY A 120 8.69 -4.02 9.46
CA GLY A 120 8.11 -3.15 8.46
C GLY A 120 7.68 -1.82 9.04
N ASP A 121 7.59 -1.77 10.36
CA ASP A 121 7.23 -0.54 11.06
C ASP A 121 8.39 0.44 11.01
N LEU A 122 8.13 1.64 10.54
CA LEU A 122 9.16 2.65 10.43
C LEU A 122 9.28 3.41 11.74
N GLY A 123 8.21 3.43 12.49
CA GLY A 123 8.18 4.15 13.73
C GLY A 123 7.20 5.29 13.69
N ALA A 124 7.20 6.10 14.71
CA ALA A 124 6.31 7.23 14.78
C ALA A 124 7.08 8.51 14.51
N PHE A 125 6.71 9.20 13.44
CA PHE A 125 7.37 10.43 13.07
C PHE A 125 6.38 11.57 12.98
N SER A 126 6.85 12.76 13.27
CA SER A 126 6.00 13.93 13.26
C SER A 126 6.35 14.83 12.08
N ARG A 127 5.44 15.72 11.74
CA ARG A 127 5.66 16.64 10.64
C ARG A 127 6.73 17.67 10.98
N GLY A 128 7.21 18.36 9.96
CA GLY A 128 8.25 19.34 10.15
C GLY A 128 9.57 18.85 9.60
N GLN A 129 9.63 17.55 9.30
CA GLN A 129 10.85 16.94 8.77
C GLN A 129 10.60 16.29 7.41
N MET A 130 9.39 16.44 6.89
CA MET A 130 9.01 15.77 5.64
C MET A 130 8.79 16.78 4.53
N GLN A 131 8.91 16.35 3.27
CA GLN A 131 8.58 17.21 2.14
C GLN A 131 7.11 17.52 2.24
N LYS A 132 6.72 18.77 1.99
CA LYS A 132 5.32 19.17 2.11
C LYS A 132 4.31 18.18 1.44
N PRO A 133 4.55 17.75 0.17
CA PRO A 133 3.69 16.76 -0.49
C PRO A 133 3.51 15.48 0.35
N PHE A 134 4.60 15.00 0.96
CA PHE A 134 4.56 13.79 1.78
C PHE A 134 4.11 14.09 3.20
N GLU A 135 4.44 15.28 3.67
CA GLU A 135 4.09 15.71 5.02
C GLU A 135 2.57 15.76 5.18
N ASP A 136 1.88 16.05 4.10
CA ASP A 136 0.43 16.08 4.12
C ASP A 136 -0.12 14.70 3.77
N ALA A 137 0.74 13.89 3.15
CA ALA A 137 0.37 12.55 2.71
C ALA A 137 0.35 11.56 3.87
N SER A 138 1.35 11.63 4.74
CA SER A 138 1.44 10.76 5.92
C SER A 138 0.15 10.79 6.73
N PHE A 139 -0.42 11.96 6.80
CA PHE A 139 -1.66 12.16 7.54
C PHE A 139 -2.93 11.91 6.69
N ALA A 140 -2.75 11.52 5.43
CA ALA A 140 -3.89 11.33 4.53
C ALA A 140 -4.62 10.01 4.75
N LEU A 141 -3.89 8.93 4.97
CA LEU A 141 -4.49 7.61 5.19
C LEU A 141 -4.85 7.43 6.66
N ARG A 142 -5.96 6.77 6.91
CA ARG A 142 -6.42 6.51 8.28
C ARG A 142 -5.77 5.25 8.82
N THR A 143 -5.98 5.00 10.10
CA THR A 143 -5.47 3.82 10.74
C THR A 143 -6.21 2.59 10.24
N GLY A 144 -5.49 1.65 9.65
CA GLY A 144 -6.11 0.46 9.15
C GLY A 144 -6.33 0.49 7.65
N GLU A 145 -5.65 1.41 6.96
CA GLU A 145 -5.77 1.50 5.52
C GLU A 145 -4.53 0.99 4.82
N MET A 146 -4.75 0.09 3.88
CA MET A 146 -3.69 -0.49 3.08
C MET A 146 -4.09 -0.42 1.63
N SER A 147 -3.42 0.43 0.87
CA SER A 147 -3.78 0.62 -0.54
C SER A 147 -3.12 -0.43 -1.44
N GLY A 148 -1.91 -0.17 -1.88
CA GLY A 148 -1.24 -1.09 -2.76
C GLY A 148 0.15 -0.65 -3.12
N PRO A 149 0.64 -1.02 -4.31
CA PRO A 149 1.99 -0.65 -4.77
C PRO A 149 2.09 0.82 -5.12
N VAL A 150 2.67 1.58 -4.22
CA VAL A 150 2.84 3.01 -4.42
C VAL A 150 4.16 3.29 -5.10
N PHE A 151 4.12 4.07 -6.16
CA PHE A 151 5.32 4.40 -6.92
C PHE A 151 5.92 5.72 -6.44
N THR A 152 6.91 5.62 -5.57
CA THR A 152 7.64 6.80 -5.11
C THR A 152 9.06 6.72 -5.67
N ASP A 153 9.91 7.67 -5.35
CA ASP A 153 11.27 7.71 -5.91
C ASP A 153 12.04 6.42 -5.61
N SER A 154 11.88 5.87 -4.40
CA SER A 154 12.61 4.67 -4.00
C SER A 154 12.14 3.40 -4.74
N GLY A 155 10.99 3.45 -5.40
CA GLY A 155 10.54 2.31 -6.17
C GLY A 155 9.11 1.90 -5.91
N ILE A 156 8.87 0.59 -5.93
CA ILE A 156 7.55 0.03 -5.75
C ILE A 156 7.43 -0.57 -4.35
N HIS A 157 6.41 -0.13 -3.60
CA HIS A 157 6.23 -0.61 -2.22
C HIS A 157 4.82 -0.36 -1.72
N ILE A 158 4.39 -1.18 -0.76
CA ILE A 158 3.05 -1.07 -0.19
C ILE A 158 3.09 -0.36 1.16
N ILE A 159 1.90 -0.01 1.67
CA ILE A 159 1.77 0.70 2.95
C ILE A 159 0.51 0.32 3.70
N LEU A 160 0.60 0.36 5.01
CA LEU A 160 -0.52 0.07 5.89
C LEU A 160 -0.33 0.87 7.20
N ARG A 161 -1.19 1.86 7.43
CA ARG A 161 -1.10 2.64 8.66
C ARG A 161 -1.55 1.81 9.84
N THR A 162 -0.68 1.70 10.84
CA THR A 162 -0.95 0.87 11.99
C THR A 162 -1.38 1.70 13.21
N GLU A 163 -1.08 2.99 13.19
CA GLU A 163 -1.47 3.87 14.29
C GLU A 163 -1.55 5.31 13.79
C ACE B 1 -7.49 -3.84 -15.69
O ACE B 1 -8.24 -3.00 -15.20
CH3 ACE B 1 -7.84 -4.53 -16.99
H1 ACE B 1 -8.02 -3.76 -17.74
H2 ACE B 1 -8.73 -5.11 -16.88
H3 ACE B 1 -7.03 -5.18 -17.27
N VAL B 2 -6.33 -4.20 -15.13
CA VAL B 2 -6.27 -5.21 -14.10
C VAL B 2 -5.01 -5.03 -13.26
N LEU B 3 -5.13 -5.24 -11.96
CA LEU B 3 -4.00 -5.16 -11.06
C LEU B 3 -4.22 -6.11 -9.89
N TPO B 4 -5.50 -6.16 -9.45
CA TPO B 4 -6.01 -7.02 -8.36
CB TPO B 4 -5.32 -8.40 -8.30
CG2 TPO B 4 -6.07 -9.38 -7.45
OG1 TPO B 4 -5.23 -8.96 -9.60
P TPO B 4 -4.18 -10.14 -9.91
O1P TPO B 4 -5.08 -11.18 -10.74
O2P TPO B 4 -3.46 -10.72 -8.76
O3P TPO B 4 -3.26 -9.51 -11.07
C TPO B 4 -6.14 -6.31 -6.96
O TPO B 4 -7.25 -6.25 -6.42
H TPO B 4 -6.15 -5.57 -9.87
HA TPO B 4 -7.04 -7.20 -8.65
HB TPO B 4 -4.32 -8.28 -7.89
HG21 TPO B 4 -6.13 -9.02 -6.43
HG22 TPO B 4 -5.58 -10.34 -7.47
HG23 TPO B 4 -7.08 -9.49 -7.84
N PRO B 5 -5.04 -5.77 -6.35
CA PRO B 5 -5.14 -5.06 -5.05
C PRO B 5 -6.01 -3.80 -5.12
N PRO B 6 -6.53 -3.34 -3.97
CA PRO B 6 -7.38 -2.15 -3.90
C PRO B 6 -6.58 -0.85 -3.91
N ASP B 7 -6.05 -0.50 -5.07
CA ASP B 7 -5.26 0.72 -5.20
C ASP B 7 -6.16 1.96 -5.22
N GLN B 8 -6.01 2.79 -4.22
CA GLN B 8 -6.76 4.02 -4.13
C GLN B 8 -5.96 5.16 -4.75
N GLU B 9 -6.11 5.31 -6.06
CA GLU B 9 -5.37 6.33 -6.85
C GLU B 9 -5.41 7.72 -6.21
N VAL B 10 -6.51 8.05 -5.55
CA VAL B 10 -6.62 9.35 -4.92
C VAL B 10 -5.89 9.38 -3.58
N ILE B 11 -6.20 8.44 -2.71
CA ILE B 11 -5.56 8.40 -1.40
C ILE B 11 -4.78 7.11 -1.20
N ARG B 12 -3.50 7.14 -1.58
CA ARG B 12 -2.62 5.99 -1.40
C ARG B 12 -1.25 6.49 -0.99
N ASN B 13 -1.24 7.64 -0.38
CA ASN B 13 -0.02 8.31 0.01
C ASN B 13 0.08 8.35 1.53
N ILE B 14 1.30 8.22 2.05
CA ILE B 14 1.54 8.24 3.49
C ILE B 14 3.08 8.24 3.72
N ASP B 15 3.53 7.77 4.89
CA ASP B 15 4.97 7.69 5.21
C ASP B 15 5.67 6.64 4.36
N GLN B 16 5.56 6.77 3.07
CA GLN B 16 6.13 5.79 2.18
C GLN B 16 7.59 6.10 1.86
N SER B 17 8.46 5.74 2.80
CA SER B 17 9.92 5.84 2.65
C SER B 17 10.44 7.30 2.55
N GLU B 18 10.11 7.98 1.45
CA GLU B 18 10.60 9.34 1.20
C GLU B 18 10.05 10.37 2.19
N PHE B 19 9.20 9.93 3.10
CA PHE B 19 8.64 10.82 4.12
C PHE B 19 9.77 11.22 5.10
N GLU B 20 10.85 10.45 5.08
CA GLU B 20 11.99 10.66 5.95
C GLU B 20 13.26 10.67 5.08
N GLY B 21 14.42 10.95 5.69
CA GLY B 21 15.68 10.92 4.96
C GLY B 21 16.09 9.49 4.61
N PHE B 22 15.42 8.54 5.24
CA PHE B 22 15.63 7.12 4.98
C PHE B 22 15.44 6.82 3.48
N SEP B 23 16.44 6.16 2.90
CA SEP B 23 16.47 5.82 1.47
CB SEP B 23 15.25 4.98 1.03
OG SEP B 23 15.32 3.66 1.57
C SEP B 23 16.64 7.06 0.58
O SEP B 23 17.61 7.15 -0.18
P SEP B 23 16.62 2.76 1.29
O1P SEP B 23 17.55 2.59 2.42
O2P SEP B 23 15.98 1.40 0.68
O3P SEP B 23 17.26 3.42 -0.02
H SEP B 23 17.21 5.89 3.45
HA SEP B 23 17.36 5.21 1.33
HB2 SEP B 23 15.22 4.93 -0.04
HB3 SEP B 23 14.35 5.45 1.40
N PHE B 24 15.72 8.01 0.69
CA PHE B 24 15.82 9.23 -0.10
C PHE B 24 15.01 10.35 0.56
N NH2 B 25 15.63 11.03 1.51
HN1 NH2 B 25 16.55 10.79 1.72
HN2 NH2 B 25 15.14 11.77 1.94
N MET A 1 -34.17 -11.11 -8.65
CA MET A 1 -32.93 -10.51 -9.16
C MET A 1 -32.75 -9.10 -8.61
N ALA A 2 -31.59 -8.82 -8.06
CA ALA A 2 -31.31 -7.52 -7.49
C ALA A 2 -30.28 -6.78 -8.34
N ASP A 3 -30.16 -5.49 -8.12
CA ASP A 3 -29.21 -4.67 -8.86
C ASP A 3 -27.99 -4.38 -7.99
N GLU A 4 -27.85 -5.20 -6.96
CA GLU A 4 -26.75 -5.10 -6.01
C GLU A 4 -25.39 -5.32 -6.68
N GLU A 5 -25.42 -5.99 -7.83
CA GLU A 5 -24.22 -6.30 -8.55
C GLU A 5 -23.86 -5.22 -9.56
N LYS A 6 -24.77 -4.26 -9.73
CA LYS A 6 -24.53 -3.17 -10.63
C LYS A 6 -23.85 -2.02 -9.92
N LEU A 7 -22.88 -1.44 -10.56
CA LEU A 7 -22.10 -0.38 -9.97
C LEU A 7 -22.33 0.93 -10.70
N PRO A 8 -22.15 2.07 -9.99
CA PRO A 8 -22.31 3.40 -10.60
C PRO A 8 -21.33 3.61 -11.76
N PRO A 9 -21.71 4.46 -12.74
CA PRO A 9 -20.89 4.75 -13.91
C PRO A 9 -19.45 5.08 -13.53
N GLY A 10 -18.51 4.37 -14.14
CA GLY A 10 -17.12 4.58 -13.86
C GLY A 10 -16.53 3.41 -13.12
N TRP A 11 -17.32 2.81 -12.25
CA TRP A 11 -16.90 1.65 -11.50
C TRP A 11 -17.44 0.39 -12.16
N GLU A 12 -16.55 -0.47 -12.56
CA GLU A 12 -16.95 -1.70 -13.20
C GLU A 12 -16.39 -2.88 -12.44
N LYS A 13 -17.14 -3.96 -12.43
CA LYS A 13 -16.75 -5.15 -11.73
C LYS A 13 -15.79 -5.97 -12.58
N ARG A 14 -14.65 -6.31 -12.02
CA ARG A 14 -13.65 -7.08 -12.74
C ARG A 14 -13.20 -8.26 -11.89
N MET A 15 -12.29 -9.07 -12.41
CA MET A 15 -11.86 -10.26 -11.72
C MET A 15 -10.34 -10.43 -11.82
N SER A 16 -9.73 -10.90 -10.75
CA SER A 16 -8.31 -11.15 -10.70
C SER A 16 -7.91 -12.22 -11.72
N ARG A 17 -6.80 -12.00 -12.40
CA ARG A 17 -6.34 -12.87 -13.48
C ARG A 17 -5.95 -14.26 -12.96
N SER A 18 -6.58 -15.29 -13.54
CA SER A 18 -6.33 -16.70 -13.21
C SER A 18 -6.60 -17.00 -11.72
N SER A 19 -7.29 -16.10 -11.07
CA SER A 19 -7.57 -16.26 -9.66
C SER A 19 -9.06 -16.51 -9.42
N GLY A 20 -9.91 -15.77 -10.09
CA GLY A 20 -11.34 -15.96 -9.92
C GLY A 20 -11.92 -15.03 -8.88
N ARG A 21 -11.04 -14.26 -8.24
CA ARG A 21 -11.47 -13.30 -7.23
C ARG A 21 -12.08 -12.07 -7.90
N VAL A 22 -13.16 -11.58 -7.34
CA VAL A 22 -13.86 -10.46 -7.92
C VAL A 22 -13.56 -9.16 -7.17
N TYR A 23 -13.28 -8.10 -7.90
CA TYR A 23 -13.01 -6.79 -7.31
C TYR A 23 -13.64 -5.69 -8.16
N TYR A 24 -13.58 -4.45 -7.69
CA TYR A 24 -14.17 -3.34 -8.40
C TYR A 24 -13.10 -2.42 -8.95
N PHE A 25 -13.23 -2.04 -10.21
CA PHE A 25 -12.24 -1.21 -10.88
C PHE A 25 -12.87 0.07 -11.42
N ASN A 26 -12.23 1.18 -11.16
CA ASN A 26 -12.68 2.48 -11.67
C ASN A 26 -11.81 2.89 -12.82
N HIS A 27 -12.38 2.94 -14.00
CA HIS A 27 -11.62 3.29 -15.20
C HIS A 27 -11.64 4.79 -15.46
N ILE A 28 -12.13 5.54 -14.50
CA ILE A 28 -12.19 7.00 -14.64
C ILE A 28 -10.88 7.62 -14.17
N THR A 29 -10.46 7.22 -12.98
CA THR A 29 -9.21 7.71 -12.43
C THR A 29 -8.23 6.56 -12.24
N ASN A 30 -8.63 5.38 -12.71
CA ASN A 30 -7.84 4.15 -12.60
C ASN A 30 -7.63 3.76 -11.14
N ALA A 31 -8.73 3.49 -10.46
CA ALA A 31 -8.70 3.10 -9.06
C ALA A 31 -9.28 1.70 -8.93
N SER A 32 -9.15 1.11 -7.75
CA SER A 32 -9.64 -0.24 -7.52
C SER A 32 -9.87 -0.48 -6.04
N GLN A 33 -10.82 -1.33 -5.73
CA GLN A 33 -11.13 -1.67 -4.36
C GLN A 33 -11.92 -2.97 -4.31
N TRP A 34 -11.99 -3.57 -3.14
CA TRP A 34 -12.68 -4.85 -2.98
C TRP A 34 -14.02 -4.66 -2.27
N GLU A 35 -14.26 -3.45 -1.82
CA GLU A 35 -15.51 -3.10 -1.20
C GLU A 35 -16.32 -2.25 -2.18
N ARG A 36 -17.64 -2.30 -2.05
CA ARG A 36 -18.49 -1.50 -2.92
C ARG A 36 -18.32 -0.02 -2.64
N PRO A 37 -18.39 0.83 -3.68
CA PRO A 37 -18.29 2.29 -3.51
C PRO A 37 -19.42 2.82 -2.63
N SER A 38 -20.44 2.00 -2.47
CA SER A 38 -21.58 2.32 -1.63
C SER A 38 -21.70 1.26 -0.52
N GLY A 39 -20.59 0.59 -0.24
CA GLY A 39 -20.58 -0.47 0.75
C GLY A 39 -20.52 0.07 2.16
N ASN A 40 -21.64 0.59 2.63
CA ASN A 40 -21.73 1.13 3.97
C ASN A 40 -22.42 0.12 4.89
N SER A 41 -22.40 -1.14 4.47
CA SER A 41 -23.02 -2.20 5.22
C SER A 41 -22.39 -2.32 6.61
N SER A 42 -21.08 -2.12 6.67
CA SER A 42 -20.36 -2.16 7.93
C SER A 42 -19.12 -1.26 7.87
N SER A 43 -19.16 -0.16 8.59
CA SER A 43 -18.04 0.76 8.62
C SER A 43 -17.22 0.54 9.90
N GLY A 44 -15.99 0.98 9.88
CA GLY A 44 -15.15 0.84 11.06
C GLY A 44 -13.76 0.37 10.72
N GLY A 45 -12.88 0.44 11.71
CA GLY A 45 -11.52 0.04 11.53
C GLY A 45 -10.73 0.24 12.79
N LYS A 46 -9.52 0.74 12.66
CA LYS A 46 -8.71 1.03 13.81
C LYS A 46 -8.71 2.52 14.08
N ASN A 47 -8.32 2.91 15.26
CA ASN A 47 -8.33 4.32 15.62
C ASN A 47 -7.07 4.68 16.40
N GLY A 48 -6.23 5.52 15.80
CA GLY A 48 -5.03 5.97 16.45
C GLY A 48 -5.34 6.77 17.70
N GLN A 49 -4.53 6.59 18.72
CA GLN A 49 -4.75 7.28 19.99
C GLN A 49 -4.09 8.65 19.98
N GLY A 50 -4.88 9.67 20.20
CA GLY A 50 -4.38 11.03 20.22
C GLY A 50 -4.85 11.84 19.04
N GLU A 51 -4.02 12.75 18.57
CA GLU A 51 -4.34 13.59 17.44
C GLU A 51 -3.50 13.22 16.22
N PRO A 52 -3.94 13.61 14.99
CA PRO A 52 -3.22 13.31 13.74
C PRO A 52 -1.96 14.18 13.56
N ALA A 53 -1.26 14.46 14.65
CA ALA A 53 -0.03 15.24 14.59
C ALA A 53 1.15 14.32 14.29
N ARG A 54 0.94 13.04 14.57
CA ARG A 54 1.95 12.02 14.32
C ARG A 54 1.26 10.67 14.14
N VAL A 55 1.79 9.86 13.25
CA VAL A 55 1.21 8.55 12.97
C VAL A 55 2.29 7.48 12.95
N ARG A 56 1.87 6.24 12.82
CA ARG A 56 2.80 5.13 12.74
C ARG A 56 2.30 4.09 11.75
N CYS A 57 3.12 3.78 10.77
CA CYS A 57 2.74 2.83 9.75
C CYS A 57 3.86 1.83 9.47
N SER A 58 3.54 0.84 8.66
CA SER A 58 4.48 -0.16 8.23
C SER A 58 4.48 -0.22 6.71
N HIS A 59 5.61 -0.57 6.12
CA HIS A 59 5.72 -0.61 4.67
C HIS A 59 6.57 -1.79 4.21
N LEU A 60 6.30 -2.25 3.01
CA LEU A 60 7.10 -3.30 2.42
C LEU A 60 7.77 -2.72 1.18
N LEU A 61 9.07 -2.53 1.25
CA LEU A 61 9.82 -1.95 0.16
C LEU A 61 10.52 -3.02 -0.66
N VAL A 62 10.35 -2.96 -1.97
CA VAL A 62 10.99 -3.88 -2.89
C VAL A 62 11.82 -3.09 -3.90
N LYS A 63 13.08 -3.44 -4.03
CA LYS A 63 13.94 -2.73 -4.97
C LYS A 63 14.09 -3.51 -6.26
N HIS A 64 14.57 -2.83 -7.27
CA HIS A 64 14.77 -3.44 -8.58
C HIS A 64 16.12 -3.02 -9.15
N SER A 65 16.54 -3.68 -10.20
CA SER A 65 17.86 -3.47 -10.83
C SER A 65 18.15 -1.99 -11.10
N GLN A 66 17.33 -1.38 -11.93
CA GLN A 66 17.55 0.01 -12.35
C GLN A 66 17.02 1.06 -11.36
N SER A 67 17.10 0.77 -10.08
CA SER A 67 16.72 1.76 -9.08
C SER A 67 17.97 2.55 -8.66
N ARG A 68 17.85 3.39 -7.62
CA ARG A 68 19.00 4.12 -7.08
C ARG A 68 20.11 3.16 -6.70
N ARG A 69 19.71 2.10 -6.01
CA ARG A 69 20.64 1.12 -5.48
C ARG A 69 20.17 -0.30 -5.77
N PRO A 70 20.94 -1.06 -6.56
CA PRO A 70 20.62 -2.45 -6.87
C PRO A 70 21.19 -3.40 -5.81
N SER A 71 21.57 -2.84 -4.68
CA SER A 71 22.14 -3.60 -3.61
C SER A 71 21.36 -3.43 -2.30
N SER A 72 21.08 -4.55 -1.66
CA SER A 72 20.36 -4.56 -0.41
C SER A 72 21.14 -5.37 0.63
N TRP A 73 20.67 -5.36 1.87
CA TRP A 73 21.31 -6.11 2.93
C TRP A 73 21.10 -7.61 2.71
N ARG A 74 20.00 -7.96 2.06
CA ARG A 74 19.66 -9.35 1.81
C ARG A 74 20.31 -9.86 0.53
N GLN A 75 20.42 -8.99 -0.46
CA GLN A 75 21.03 -9.35 -1.74
C GLN A 75 21.63 -8.13 -2.41
N GLU A 76 22.86 -8.26 -2.85
CA GLU A 76 23.54 -7.17 -3.53
C GLU A 76 23.50 -7.38 -5.04
N LYS A 77 22.84 -8.46 -5.45
CA LYS A 77 22.74 -8.80 -6.86
C LYS A 77 21.32 -8.62 -7.39
N ILE A 78 20.60 -7.65 -6.82
CA ILE A 78 19.21 -7.40 -7.21
C ILE A 78 19.12 -7.07 -8.71
N THR A 79 18.69 -8.04 -9.49
CA THR A 79 18.57 -7.87 -10.92
C THR A 79 17.12 -8.04 -11.34
N ARG A 80 16.22 -8.06 -10.36
CA ARG A 80 14.80 -8.21 -10.63
C ARG A 80 14.26 -6.99 -11.38
N THR A 81 13.39 -7.23 -12.32
CA THR A 81 12.80 -6.19 -13.11
C THR A 81 11.68 -5.48 -12.35
N LYS A 82 11.17 -4.42 -12.94
CA LYS A 82 10.11 -3.64 -12.31
C LYS A 82 8.78 -4.41 -12.34
N GLU A 83 8.66 -5.36 -13.26
CA GLU A 83 7.43 -6.13 -13.37
C GLU A 83 7.38 -7.24 -12.32
N GLU A 84 8.52 -7.83 -12.03
CA GLU A 84 8.62 -8.89 -11.03
C GLU A 84 8.23 -8.34 -9.67
N ALA A 85 8.84 -7.21 -9.31
CA ALA A 85 8.55 -6.54 -8.05
C ALA A 85 7.05 -6.25 -7.90
N LEU A 86 6.40 -5.90 -9.00
CA LEU A 86 4.96 -5.63 -8.98
C LEU A 86 4.16 -6.90 -8.73
N GLU A 87 4.51 -7.94 -9.45
CA GLU A 87 3.76 -9.18 -9.37
C GLU A 87 3.87 -9.81 -7.99
N LEU A 88 5.05 -9.76 -7.40
CA LEU A 88 5.25 -10.33 -6.09
C LEU A 88 4.54 -9.49 -5.01
N ILE A 89 4.62 -8.16 -5.12
CA ILE A 89 4.04 -7.29 -4.12
C ILE A 89 2.51 -7.31 -4.16
N ASN A 90 1.95 -7.42 -5.37
CA ASN A 90 0.51 -7.50 -5.55
C ASN A 90 0.00 -8.82 -5.03
N GLY A 91 0.81 -9.85 -5.19
CA GLY A 91 0.46 -11.16 -4.71
C GLY A 91 0.49 -11.23 -3.20
N TYR A 92 1.40 -10.47 -2.59
CA TYR A 92 1.51 -10.44 -1.14
C TYR A 92 0.26 -9.83 -0.52
N ILE A 93 -0.20 -8.71 -1.07
CA ILE A 93 -1.41 -8.07 -0.57
C ILE A 93 -2.60 -9.03 -0.63
N GLN A 94 -2.63 -9.86 -1.65
CA GLN A 94 -3.70 -10.81 -1.84
C GLN A 94 -3.88 -11.71 -0.62
N LYS A 95 -2.79 -12.26 -0.10
CA LYS A 95 -2.90 -13.15 1.04
C LYS A 95 -3.10 -12.38 2.35
N ILE A 96 -2.77 -11.10 2.36
CA ILE A 96 -2.98 -10.28 3.55
C ILE A 96 -4.46 -9.98 3.72
N LYS A 97 -5.09 -9.47 2.66
CA LYS A 97 -6.50 -9.09 2.71
C LYS A 97 -7.42 -10.31 2.84
N SER A 98 -6.90 -11.46 2.45
CA SER A 98 -7.66 -12.71 2.53
C SER A 98 -7.48 -13.38 3.90
N GLY A 99 -6.76 -12.71 4.80
CA GLY A 99 -6.54 -13.24 6.14
C GLY A 99 -5.71 -14.51 6.13
N GLU A 100 -4.70 -14.54 5.29
CA GLU A 100 -3.83 -15.71 5.20
C GLU A 100 -2.48 -15.43 5.87
N GLU A 101 -1.97 -14.23 5.67
CA GLU A 101 -0.71 -13.83 6.27
C GLU A 101 -0.83 -12.45 6.87
N ASP A 102 0.12 -12.10 7.71
CA ASP A 102 0.13 -10.80 8.34
C ASP A 102 1.06 -9.87 7.60
N PHE A 103 0.65 -8.62 7.45
CA PHE A 103 1.48 -7.63 6.79
C PHE A 103 2.80 -7.48 7.55
N GLU A 104 2.70 -7.49 8.86
CA GLU A 104 3.86 -7.37 9.74
C GLU A 104 4.90 -8.46 9.44
N SER A 105 4.48 -9.70 9.55
CA SER A 105 5.36 -10.84 9.32
C SER A 105 5.87 -10.86 7.89
N LEU A 106 4.97 -10.60 6.95
CA LEU A 106 5.31 -10.58 5.55
C LEU A 106 6.38 -9.53 5.26
N ALA A 107 6.14 -8.32 5.76
CA ALA A 107 7.08 -7.22 5.57
C ALA A 107 8.42 -7.54 6.19
N SER A 108 8.41 -8.06 7.41
CA SER A 108 9.64 -8.41 8.11
C SER A 108 10.47 -9.39 7.29
N GLN A 109 9.79 -10.25 6.56
CA GLN A 109 10.43 -11.29 5.78
C GLN A 109 10.85 -10.80 4.38
N PHE A 110 9.95 -10.12 3.69
CA PHE A 110 10.20 -9.72 2.30
C PHE A 110 10.68 -8.27 2.13
N SER A 111 10.95 -7.57 3.22
CA SER A 111 11.46 -6.21 3.10
C SER A 111 12.84 -6.18 2.48
N ASP A 112 12.95 -5.48 1.38
CA ASP A 112 14.21 -5.31 0.71
C ASP A 112 14.96 -4.14 1.36
N CYS A 113 14.24 -3.41 2.19
CA CYS A 113 14.79 -2.29 2.93
C CYS A 113 15.19 -2.73 4.34
N SER A 114 15.85 -1.85 5.08
CA SER A 114 16.31 -2.15 6.43
C SER A 114 15.17 -2.08 7.47
N SER A 115 13.95 -1.80 7.01
CA SER A 115 12.79 -1.75 7.90
C SER A 115 12.35 -3.16 8.30
N ALA A 116 13.06 -4.16 7.77
CA ALA A 116 12.76 -5.56 8.03
C ALA A 116 12.86 -5.90 9.53
N LYS A 117 13.74 -5.18 10.22
CA LYS A 117 13.97 -5.42 11.64
C LYS A 117 12.74 -5.11 12.47
N ALA A 118 12.07 -4.02 12.14
CA ALA A 118 10.87 -3.62 12.86
C ALA A 118 9.63 -4.13 12.17
N ARG A 119 9.83 -5.10 11.27
CA ARG A 119 8.74 -5.77 10.58
C ARG A 119 7.96 -4.81 9.68
N GLY A 120 8.68 -3.88 9.07
CA GLY A 120 8.06 -2.96 8.15
C GLY A 120 7.73 -1.62 8.80
N ASP A 121 7.65 -1.62 10.12
CA ASP A 121 7.34 -0.41 10.88
C ASP A 121 8.39 0.67 10.65
N LEU A 122 7.94 1.84 10.20
CA LEU A 122 8.83 2.95 9.99
C LEU A 122 9.04 3.72 11.27
N GLY A 123 8.01 3.73 12.11
CA GLY A 123 8.07 4.42 13.36
C GLY A 123 6.99 5.46 13.50
N ALA A 124 6.93 6.12 14.65
CA ALA A 124 5.95 7.15 14.89
C ALA A 124 6.60 8.52 14.82
N PHE A 125 6.45 9.19 13.70
CA PHE A 125 7.08 10.49 13.50
C PHE A 125 6.04 11.58 13.27
N SER A 126 6.47 12.81 13.46
CA SER A 126 5.60 13.95 13.26
C SER A 126 6.06 14.72 12.02
N ARG A 127 5.25 15.68 11.57
CA ARG A 127 5.60 16.47 10.42
C ARG A 127 6.72 17.46 10.75
N GLY A 128 7.26 18.09 9.73
CA GLY A 128 8.35 19.00 9.92
C GLY A 128 9.65 18.40 9.44
N GLN A 129 9.69 17.08 9.40
CA GLN A 129 10.87 16.35 8.97
C GLN A 129 10.53 15.51 7.73
N MET A 130 9.51 15.94 7.02
CA MET A 130 9.03 15.23 5.86
C MET A 130 9.13 16.11 4.63
N GLN A 131 9.22 15.50 3.44
CA GLN A 131 9.15 16.28 2.21
C GLN A 131 7.72 16.78 2.09
N LYS A 132 7.54 18.04 1.72
CA LYS A 132 6.20 18.66 1.65
C LYS A 132 5.11 17.76 1.02
N PRO A 133 5.35 17.15 -0.18
CA PRO A 133 4.38 16.23 -0.81
C PRO A 133 4.01 15.05 0.11
N PHE A 134 5.00 14.57 0.88
CA PHE A 134 4.79 13.44 1.78
C PHE A 134 4.34 13.88 3.17
N GLU A 135 4.66 15.13 3.51
CA GLU A 135 4.28 15.70 4.81
C GLU A 135 2.76 15.83 4.90
N ASP A 136 2.15 15.97 3.75
CA ASP A 136 0.69 16.04 3.66
C ASP A 136 0.13 14.64 3.49
N ALA A 137 1.00 13.74 3.07
CA ALA A 137 0.65 12.36 2.80
C ALA A 137 0.47 11.54 4.08
N SER A 138 1.48 11.54 4.93
CA SER A 138 1.49 10.73 6.18
C SER A 138 0.15 10.76 6.93
N PHE A 139 -0.46 11.91 6.98
CA PHE A 139 -1.71 12.09 7.73
C PHE A 139 -2.97 11.83 6.90
N ALA A 140 -2.82 11.45 5.65
CA ALA A 140 -3.99 11.26 4.77
C ALA A 140 -4.74 9.94 5.04
N LEU A 141 -4.01 8.86 5.26
CA LEU A 141 -4.65 7.56 5.53
C LEU A 141 -5.02 7.42 7.01
N ARG A 142 -6.09 6.70 7.26
CA ARG A 142 -6.55 6.48 8.61
C ARG A 142 -5.91 5.23 9.20
N THR A 143 -6.19 4.96 10.45
CA THR A 143 -5.63 3.82 11.14
C THR A 143 -6.25 2.51 10.65
N GLY A 144 -5.43 1.64 10.09
CA GLY A 144 -5.92 0.37 9.61
C GLY A 144 -6.16 0.35 8.11
N GLU A 145 -5.53 1.26 7.40
CA GLU A 145 -5.68 1.31 5.94
C GLU A 145 -4.41 0.85 5.25
N MET A 146 -4.59 0.07 4.20
CA MET A 146 -3.49 -0.46 3.42
C MET A 146 -3.68 -0.11 1.95
N SER A 147 -2.66 0.51 1.36
CA SER A 147 -2.72 0.90 -0.04
C SER A 147 -1.90 -0.06 -0.89
N GLY A 148 -2.03 0.06 -2.20
CA GLY A 148 -1.31 -0.81 -3.11
C GLY A 148 0.10 -0.35 -3.40
N PRO A 149 0.72 -0.87 -4.48
CA PRO A 149 2.09 -0.53 -4.84
C PRO A 149 2.20 0.89 -5.41
N VAL A 150 2.69 1.79 -4.59
CA VAL A 150 2.85 3.17 -5.00
C VAL A 150 4.24 3.40 -5.60
N PHE A 151 4.30 4.06 -6.74
CA PHE A 151 5.56 4.30 -7.42
C PHE A 151 6.17 5.64 -7.02
N THR A 152 7.11 5.59 -6.10
CA THR A 152 7.84 6.78 -5.68
C THR A 152 9.30 6.65 -6.13
N ASP A 153 10.13 7.63 -5.76
CA ASP A 153 11.54 7.62 -6.15
C ASP A 153 12.26 6.35 -5.70
N SER A 154 12.02 5.92 -4.46
CA SER A 154 12.69 4.75 -3.91
C SER A 154 12.36 3.47 -4.69
N GLY A 155 11.12 3.37 -5.16
CA GLY A 155 10.73 2.21 -5.94
C GLY A 155 9.32 1.75 -5.63
N ILE A 156 9.12 0.45 -5.75
CA ILE A 156 7.82 -0.16 -5.53
C ILE A 156 7.67 -0.58 -4.08
N HIS A 157 6.60 -0.13 -3.44
CA HIS A 157 6.37 -0.43 -2.04
C HIS A 157 4.90 -0.23 -1.65
N ILE A 158 4.46 -1.02 -0.69
CA ILE A 158 3.10 -0.94 -0.19
C ILE A 158 3.10 -0.38 1.23
N ILE A 159 1.93 0.04 1.70
CA ILE A 159 1.82 0.71 3.00
C ILE A 159 0.60 0.25 3.80
N LEU A 160 0.77 0.18 5.11
CA LEU A 160 -0.30 -0.18 6.02
C LEU A 160 -0.11 0.57 7.34
N ARG A 161 -1.08 1.41 7.70
CA ARG A 161 -0.98 2.18 8.93
C ARG A 161 -1.40 1.33 10.14
N THR A 162 -0.53 1.25 11.13
CA THR A 162 -0.80 0.46 12.31
C THR A 162 -1.35 1.32 13.45
N GLU A 163 -1.05 2.61 13.41
CA GLU A 163 -1.52 3.52 14.44
C GLU A 163 -1.69 4.92 13.86
C ACE B 1 -6.33 -3.11 -14.91
O ACE B 1 -5.99 -2.11 -15.52
CH3 ACE B 1 -7.72 -3.23 -14.34
H1 ACE B 1 -7.70 -2.93 -13.29
H2 ACE B 1 -8.08 -4.24 -14.41
H3 ACE B 1 -8.39 -2.59 -14.92
N VAL B 2 -5.52 -4.16 -14.71
CA VAL B 2 -5.69 -5.08 -13.60
C VAL B 2 -4.42 -5.16 -12.74
N LEU B 3 -4.44 -4.45 -11.63
CA LEU B 3 -3.33 -4.50 -10.70
C LEU B 3 -3.63 -5.54 -9.63
N TPO B 4 -4.96 -5.65 -9.32
CA TPO B 4 -5.55 -6.57 -8.33
CB TPO B 4 -4.86 -7.94 -8.29
CG2 TPO B 4 -5.70 -8.97 -7.60
OG1 TPO B 4 -4.60 -8.41 -9.62
P TPO B 4 -3.77 -9.76 -9.86
O1P TPO B 4 -4.85 -10.68 -10.63
O2P TPO B 4 -3.14 -10.36 -8.67
O3P TPO B 4 -2.76 -9.34 -11.06
C TPO B 4 -5.80 -5.94 -6.92
O TPO B 4 -6.95 -5.85 -6.50
H TPO B 4 -5.57 -5.06 -9.80
HA TPO B 4 -6.55 -6.74 -8.73
HB TPO B 4 -3.92 -7.85 -7.76
HG21 TPO B 4 -5.89 -8.68 -6.58
HG22 TPO B 4 -5.19 -9.93 -7.61
HG23 TPO B 4 -6.65 -9.07 -8.12
N PRO B 5 -4.75 -5.50 -6.15
CA PRO B 5 -4.95 -4.85 -4.83
C PRO B 5 -5.66 -3.49 -4.94
N PRO B 6 -6.23 -3.00 -3.82
CA PRO B 6 -6.91 -1.71 -3.78
C PRO B 6 -5.97 -0.52 -3.97
N ASP B 7 -6.36 0.37 -4.85
CA ASP B 7 -5.60 1.57 -5.12
C ASP B 7 -6.54 2.74 -5.31
N GLN B 8 -6.38 3.73 -4.48
CA GLN B 8 -7.21 4.92 -4.55
C GLN B 8 -6.37 6.16 -4.81
N GLU B 9 -6.44 6.69 -6.03
CA GLU B 9 -5.69 7.88 -6.44
C GLU B 9 -6.00 9.11 -5.58
N VAL B 10 -7.10 9.05 -4.85
CA VAL B 10 -7.48 10.16 -4.00
C VAL B 10 -6.87 10.00 -2.61
N ILE B 11 -7.30 8.98 -1.89
CA ILE B 11 -6.82 8.76 -0.54
C ILE B 11 -5.98 7.49 -0.45
N ARG B 12 -4.67 7.64 -0.57
CA ARG B 12 -3.74 6.51 -0.46
C ARG B 12 -2.39 7.02 0.03
N ASN B 13 -2.39 8.24 0.53
CA ASN B 13 -1.18 8.89 0.93
C ASN B 13 -0.86 8.61 2.39
N ILE B 14 0.42 8.42 2.68
CA ILE B 14 0.90 8.18 4.04
C ILE B 14 2.44 8.23 4.03
N ASP B 15 3.10 7.79 5.11
CA ASP B 15 4.57 7.73 5.17
C ASP B 15 5.08 6.69 4.19
N GLN B 16 5.04 7.02 2.91
CA GLN B 16 5.46 6.10 1.88
C GLN B 16 6.97 6.13 1.71
N SER B 17 7.68 5.73 2.77
CA SER B 17 9.15 5.63 2.79
C SER B 17 9.83 7.00 2.71
N GLU B 18 9.62 7.73 1.61
CA GLU B 18 10.23 9.05 1.43
C GLU B 18 9.54 10.12 2.27
N PHE B 19 8.98 9.73 3.39
CA PHE B 19 8.39 10.68 4.31
C PHE B 19 9.53 11.28 5.17
N GLU B 20 10.69 10.64 5.09
CA GLU B 20 11.85 11.04 5.87
C GLU B 20 13.09 10.95 4.98
N GLY B 21 14.28 11.18 5.55
CA GLY B 21 15.52 11.07 4.79
C GLY B 21 15.92 9.63 4.53
N PHE B 22 15.10 8.71 4.98
CA PHE B 22 15.31 7.28 4.79
C PHE B 22 15.29 6.93 3.29
N SEP B 23 16.36 6.26 2.83
CA SEP B 23 16.55 5.87 1.42
CB SEP B 23 15.38 5.04 0.89
OG SEP B 23 15.46 3.69 1.36
C SEP B 23 16.83 7.09 0.52
O SEP B 23 17.81 7.10 -0.24
P SEP B 23 16.71 2.78 0.92
O1P SEP B 23 17.66 2.43 1.98
O2P SEP B 23 16.00 1.54 0.18
O3P SEP B 23 17.32 3.57 -0.32
H SEP B 23 17.06 6.03 3.46
HA SEP B 23 17.44 5.26 1.40
HB2 SEP B 23 15.40 5.04 -0.19
HB3 SEP B 23 14.44 5.46 1.23
N PHE B 24 15.99 8.10 0.60
CA PHE B 24 16.19 9.30 -0.18
C PHE B 24 16.78 10.39 0.69
N NH2 B 25 18.09 10.44 0.79
HN1 NH2 B 25 18.60 9.77 0.28
HN2 NH2 B 25 18.49 11.12 1.36
N MET A 1 -35.66 -8.00 -10.14
CA MET A 1 -34.21 -8.18 -10.22
C MET A 1 -33.51 -6.84 -10.23
N ALA A 2 -32.98 -6.45 -9.08
CA ALA A 2 -32.29 -5.18 -8.96
C ALA A 2 -30.91 -5.25 -9.62
N ASP A 3 -30.42 -4.12 -10.07
CA ASP A 3 -29.11 -4.05 -10.73
C ASP A 3 -28.01 -3.91 -9.68
N GLU A 4 -28.25 -4.48 -8.52
CA GLU A 4 -27.34 -4.41 -7.37
C GLU A 4 -25.99 -5.08 -7.64
N GLU A 5 -25.97 -6.06 -8.55
CA GLU A 5 -24.73 -6.76 -8.86
C GLU A 5 -23.87 -5.92 -9.80
N LYS A 6 -24.49 -4.91 -10.37
CA LYS A 6 -23.81 -4.03 -11.31
C LYS A 6 -23.23 -2.85 -10.58
N LEU A 7 -22.43 -2.07 -11.28
CA LEU A 7 -21.76 -0.94 -10.69
C LEU A 7 -22.19 0.37 -11.34
N PRO A 8 -21.94 1.50 -10.66
CA PRO A 8 -22.23 2.84 -11.20
C PRO A 8 -21.31 3.16 -12.38
N PRO A 9 -21.60 4.24 -13.13
CA PRO A 9 -20.80 4.65 -14.29
C PRO A 9 -19.32 4.88 -13.93
N GLY A 10 -18.43 4.33 -14.74
CA GLY A 10 -17.01 4.51 -14.51
C GLY A 10 -16.39 3.38 -13.69
N TRP A 11 -17.24 2.60 -13.06
CA TRP A 11 -16.80 1.48 -12.24
C TRP A 11 -16.84 0.19 -13.03
N GLU A 12 -15.76 -0.55 -12.95
CA GLU A 12 -15.62 -1.81 -13.65
C GLU A 12 -15.43 -2.94 -12.68
N LYS A 13 -16.22 -3.95 -12.84
CA LYS A 13 -16.12 -5.12 -12.01
C LYS A 13 -15.16 -6.10 -12.67
N ARG A 14 -13.99 -6.22 -12.11
CA ARG A 14 -12.96 -7.06 -12.70
C ARG A 14 -12.50 -8.13 -11.72
N MET A 15 -12.04 -9.23 -12.24
CA MET A 15 -11.58 -10.33 -11.43
C MET A 15 -10.06 -10.37 -11.43
N SER A 16 -9.51 -11.04 -10.44
CA SER A 16 -8.08 -11.23 -10.34
C SER A 16 -7.58 -12.16 -11.46
N ARG A 17 -6.27 -12.36 -11.55
CA ARG A 17 -5.69 -13.19 -12.59
C ARG A 17 -6.01 -14.68 -12.38
N SER A 18 -7.20 -15.09 -12.84
CA SER A 18 -7.65 -16.48 -12.74
C SER A 18 -7.71 -16.96 -11.27
N SER A 19 -7.83 -16.01 -10.34
CA SER A 19 -7.88 -16.35 -8.92
C SER A 19 -9.34 -16.57 -8.48
N GLY A 20 -10.28 -15.99 -9.21
CA GLY A 20 -11.69 -16.16 -8.89
C GLY A 20 -12.21 -15.05 -8.01
N ARG A 21 -11.31 -14.23 -7.54
CA ARG A 21 -11.65 -13.11 -6.69
C ARG A 21 -12.03 -11.90 -7.53
N VAL A 22 -13.19 -11.33 -7.25
CA VAL A 22 -13.67 -10.20 -8.02
C VAL A 22 -13.60 -8.92 -7.20
N TYR A 23 -13.07 -7.86 -7.79
CA TYR A 23 -12.94 -6.58 -7.12
C TYR A 23 -13.53 -5.47 -7.99
N TYR A 24 -13.48 -4.25 -7.50
CA TYR A 24 -14.05 -3.11 -8.21
C TYR A 24 -12.96 -2.14 -8.62
N PHE A 25 -12.98 -1.74 -9.88
CA PHE A 25 -11.98 -0.82 -10.41
C PHE A 25 -12.64 0.35 -11.11
N ASN A 26 -12.35 1.54 -10.65
CA ASN A 26 -12.87 2.74 -11.26
C ASN A 26 -11.80 3.33 -12.17
N HIS A 27 -12.05 3.33 -13.45
CA HIS A 27 -11.05 3.80 -14.42
C HIS A 27 -11.14 5.31 -14.64
N ILE A 28 -12.04 5.96 -13.93
CA ILE A 28 -12.21 7.40 -14.05
C ILE A 28 -11.11 8.12 -13.28
N THR A 29 -10.89 7.70 -12.06
CA THR A 29 -9.85 8.28 -11.24
C THR A 29 -8.85 7.21 -10.80
N ASN A 30 -8.99 6.01 -11.38
CA ASN A 30 -8.14 4.86 -11.07
C ASN A 30 -8.22 4.50 -9.59
N ALA A 31 -9.41 4.12 -9.16
CA ALA A 31 -9.64 3.73 -7.78
C ALA A 31 -10.15 2.30 -7.73
N SER A 32 -9.41 1.45 -7.08
CA SER A 32 -9.76 0.04 -7.01
C SER A 32 -9.94 -0.37 -5.57
N GLN A 33 -10.88 -1.24 -5.31
CA GLN A 33 -11.15 -1.70 -3.96
C GLN A 33 -12.01 -2.95 -3.95
N TRP A 34 -12.06 -3.60 -2.80
CA TRP A 34 -12.84 -4.81 -2.64
C TRP A 34 -14.18 -4.52 -1.98
N GLU A 35 -14.28 -3.32 -1.41
CA GLU A 35 -15.50 -2.88 -0.79
C GLU A 35 -16.33 -2.11 -1.80
N ARG A 36 -17.63 -2.14 -1.65
CA ARG A 36 -18.51 -1.45 -2.58
C ARG A 36 -18.69 0.00 -2.16
N PRO A 37 -18.67 0.93 -3.13
CA PRO A 37 -18.86 2.35 -2.85
C PRO A 37 -20.21 2.63 -2.21
N SER A 38 -21.19 1.80 -2.55
CA SER A 38 -22.53 1.92 -2.01
C SER A 38 -22.71 1.04 -0.76
N GLY A 39 -21.61 0.44 -0.31
CA GLY A 39 -21.66 -0.41 0.86
C GLY A 39 -21.10 0.29 2.08
N ASN A 40 -21.96 0.92 2.85
CA ASN A 40 -21.55 1.66 4.02
C ASN A 40 -21.81 0.86 5.29
N SER A 41 -22.03 -0.44 5.12
CA SER A 41 -22.33 -1.32 6.24
C SER A 41 -21.25 -1.29 7.31
N SER A 42 -20.04 -1.65 6.95
CA SER A 42 -18.95 -1.68 7.90
C SER A 42 -18.02 -0.49 7.71
N SER A 43 -18.07 0.43 8.64
CA SER A 43 -17.21 1.58 8.61
C SER A 43 -16.07 1.40 9.60
N GLY A 44 -14.84 1.68 9.16
CA GLY A 44 -13.68 1.56 10.02
C GLY A 44 -13.73 2.55 11.16
N GLY A 45 -13.41 2.08 12.37
CA GLY A 45 -13.46 2.95 13.53
C GLY A 45 -12.20 2.88 14.35
N LYS A 46 -11.07 2.74 13.69
CA LYS A 46 -9.79 2.71 14.38
C LYS A 46 -9.15 4.09 14.34
N ASN A 47 -8.41 4.41 15.38
CA ASN A 47 -7.76 5.70 15.49
C ASN A 47 -6.44 5.56 16.23
N GLY A 48 -5.56 6.53 16.08
CA GLY A 48 -4.30 6.51 16.75
C GLY A 48 -4.39 7.15 18.12
N GLN A 49 -3.33 7.03 18.90
CA GLN A 49 -3.32 7.61 20.23
C GLN A 49 -2.92 9.08 20.16
N GLY A 50 -3.86 9.95 20.48
CA GLY A 50 -3.61 11.37 20.45
C GLY A 50 -4.12 12.02 19.18
N GLU A 51 -3.54 13.14 18.82
CA GLU A 51 -3.94 13.86 17.62
C GLU A 51 -3.03 13.48 16.45
N PRO A 52 -3.52 13.61 15.21
CA PRO A 52 -2.78 13.25 13.99
C PRO A 52 -1.63 14.22 13.65
N ALA A 53 -0.90 14.64 14.66
CA ALA A 53 0.27 15.50 14.46
C ALA A 53 1.47 14.61 14.14
N ARG A 54 1.34 13.36 14.54
CA ARG A 54 2.35 12.33 14.33
C ARG A 54 1.68 10.99 14.20
N VAL A 55 2.03 10.24 13.15
CA VAL A 55 1.44 8.94 12.94
C VAL A 55 2.51 7.86 12.83
N ARG A 56 2.09 6.62 12.67
CA ARG A 56 3.02 5.51 12.59
C ARG A 56 2.60 4.52 11.51
N CYS A 57 3.51 4.19 10.61
CA CYS A 57 3.20 3.28 9.53
C CYS A 57 4.27 2.20 9.41
N SER A 58 3.92 1.16 8.69
CA SER A 58 4.82 0.08 8.39
C SER A 58 4.92 -0.02 6.87
N HIS A 59 6.07 -0.38 6.36
CA HIS A 59 6.26 -0.40 4.93
C HIS A 59 7.09 -1.59 4.46
N LEU A 60 6.87 -1.99 3.22
CA LEU A 60 7.64 -3.04 2.61
C LEU A 60 8.23 -2.48 1.32
N LEU A 61 9.49 -2.10 1.37
CA LEU A 61 10.14 -1.50 0.21
C LEU A 61 10.87 -2.54 -0.60
N VAL A 62 10.56 -2.58 -1.88
CA VAL A 62 11.18 -3.50 -2.80
C VAL A 62 11.99 -2.72 -3.85
N LYS A 63 13.23 -3.11 -4.03
CA LYS A 63 14.10 -2.44 -4.99
C LYS A 63 14.13 -3.21 -6.30
N HIS A 64 14.61 -2.56 -7.34
CA HIS A 64 14.67 -3.17 -8.66
C HIS A 64 15.98 -2.84 -9.35
N SER A 65 16.24 -3.51 -10.46
CA SER A 65 17.50 -3.36 -11.20
C SER A 65 17.83 -1.89 -11.52
N GLN A 66 16.95 -1.24 -12.24
CA GLN A 66 17.17 0.16 -12.66
C GLN A 66 16.73 1.17 -11.59
N SER A 67 16.80 0.81 -10.32
CA SER A 67 16.44 1.74 -9.26
C SER A 67 17.67 2.51 -8.80
N ARG A 68 17.50 3.36 -7.78
CA ARG A 68 18.61 4.13 -7.21
C ARG A 68 19.77 3.20 -6.86
N ARG A 69 19.45 2.12 -6.18
CA ARG A 69 20.44 1.15 -5.75
C ARG A 69 19.96 -0.27 -6.05
N PRO A 70 20.75 -1.07 -6.76
CA PRO A 70 20.41 -2.45 -7.09
C PRO A 70 20.92 -3.42 -6.02
N SER A 71 21.30 -2.88 -4.87
CA SER A 71 21.86 -3.69 -3.81
C SER A 71 21.02 -3.56 -2.53
N SER A 72 21.05 -4.64 -1.76
CA SER A 72 20.37 -4.71 -0.49
C SER A 72 21.25 -5.48 0.49
N TRP A 73 20.86 -5.50 1.76
CA TRP A 73 21.61 -6.20 2.78
C TRP A 73 21.48 -7.71 2.60
N ARG A 74 20.42 -8.14 1.93
CA ARG A 74 20.18 -9.56 1.71
C ARG A 74 20.42 -9.96 0.26
N GLN A 75 20.42 -8.97 -0.63
CA GLN A 75 20.65 -9.21 -2.07
C GLN A 75 21.50 -8.09 -2.65
N GLU A 76 22.77 -8.35 -2.86
CA GLU A 76 23.70 -7.35 -3.37
C GLU A 76 23.67 -7.30 -4.90
N LYS A 77 22.80 -8.07 -5.50
CA LYS A 77 22.74 -8.17 -6.95
C LYS A 77 21.30 -8.24 -7.47
N ILE A 78 20.40 -7.52 -6.79
CA ILE A 78 18.97 -7.50 -7.14
C ILE A 78 18.75 -7.28 -8.63
N THR A 79 18.25 -8.29 -9.31
CA THR A 79 18.00 -8.22 -10.72
C THR A 79 16.52 -8.52 -11.02
N ARG A 80 15.65 -7.62 -10.59
CA ARG A 80 14.24 -7.77 -10.85
C ARG A 80 13.72 -6.56 -11.60
N THR A 81 12.85 -6.79 -12.55
CA THR A 81 12.28 -5.71 -13.34
C THR A 81 11.06 -5.10 -12.63
N LYS A 82 10.55 -4.01 -13.19
CA LYS A 82 9.41 -3.30 -12.60
C LYS A 82 8.15 -4.17 -12.55
N GLU A 83 7.93 -4.97 -13.58
CA GLU A 83 6.74 -5.81 -13.64
C GLU A 83 6.80 -6.93 -12.59
N GLU A 84 8.00 -7.34 -12.25
CA GLU A 84 8.19 -8.37 -11.24
C GLU A 84 7.90 -7.82 -9.87
N ALA A 85 8.40 -6.61 -9.60
CA ALA A 85 8.17 -5.94 -8.33
C ALA A 85 6.67 -5.76 -8.10
N LEU A 86 5.95 -5.45 -9.17
CA LEU A 86 4.51 -5.31 -9.10
C LEU A 86 3.85 -6.62 -8.73
N GLU A 87 4.23 -7.68 -9.41
CA GLU A 87 3.62 -8.98 -9.21
C GLU A 87 3.79 -9.48 -7.78
N LEU A 88 5.00 -9.40 -7.26
CA LEU A 88 5.26 -9.86 -5.91
C LEU A 88 4.50 -9.02 -4.89
N ILE A 89 4.39 -7.72 -5.15
CA ILE A 89 3.65 -6.81 -4.28
C ILE A 89 2.15 -7.10 -4.33
N ASN A 90 1.64 -7.30 -5.54
CA ASN A 90 0.23 -7.62 -5.73
C ASN A 90 -0.12 -8.91 -5.01
N GLY A 91 0.80 -9.88 -5.10
CA GLY A 91 0.62 -11.15 -4.43
C GLY A 91 0.65 -11.02 -2.92
N TYR A 92 1.52 -10.14 -2.42
CA TYR A 92 1.62 -9.89 -0.98
C TYR A 92 0.27 -9.48 -0.41
N ILE A 93 -0.30 -8.42 -0.97
CA ILE A 93 -1.60 -7.92 -0.51
C ILE A 93 -2.68 -8.99 -0.63
N GLN A 94 -2.62 -9.76 -1.71
CA GLN A 94 -3.59 -10.80 -1.93
C GLN A 94 -3.59 -11.81 -0.80
N LYS A 95 -2.42 -12.22 -0.36
CA LYS A 95 -2.32 -13.21 0.69
C LYS A 95 -2.65 -12.59 2.05
N ILE A 96 -2.28 -11.32 2.22
CA ILE A 96 -2.57 -10.60 3.48
C ILE A 96 -4.07 -10.58 3.79
N LYS A 97 -4.87 -10.04 2.87
CA LYS A 97 -6.32 -9.93 3.10
C LYS A 97 -7.02 -11.28 3.12
N SER A 98 -6.34 -12.29 2.60
CA SER A 98 -6.88 -13.64 2.62
C SER A 98 -6.64 -14.30 3.97
N GLY A 99 -5.68 -13.77 4.72
CA GLY A 99 -5.38 -14.30 6.03
C GLY A 99 -4.28 -15.34 6.00
N GLU A 100 -3.42 -15.25 5.00
CA GLU A 100 -2.30 -16.17 4.88
C GLU A 100 -1.12 -15.67 5.69
N GLU A 101 -0.72 -14.44 5.42
CA GLU A 101 0.36 -13.80 6.15
C GLU A 101 0.01 -12.37 6.46
N ASP A 102 0.25 -11.95 7.69
CA ASP A 102 -0.04 -10.58 8.09
C ASP A 102 1.08 -9.68 7.63
N PHE A 103 0.77 -8.40 7.45
CA PHE A 103 1.75 -7.43 6.96
C PHE A 103 3.03 -7.43 7.79
N GLU A 104 2.91 -7.54 9.10
CA GLU A 104 4.08 -7.52 9.98
C GLU A 104 4.98 -8.72 9.74
N SER A 105 4.41 -9.93 9.78
CA SER A 105 5.18 -11.15 9.56
C SER A 105 5.69 -11.22 8.12
N LEU A 106 4.88 -10.71 7.20
CA LEU A 106 5.22 -10.69 5.80
C LEU A 106 6.38 -9.74 5.53
N ALA A 107 6.27 -8.52 6.05
CA ALA A 107 7.30 -7.52 5.85
C ALA A 107 8.62 -7.95 6.46
N SER A 108 8.58 -8.39 7.71
CA SER A 108 9.79 -8.85 8.41
C SER A 108 10.48 -9.98 7.63
N GLN A 109 9.69 -10.75 6.92
CA GLN A 109 10.18 -11.90 6.17
C GLN A 109 10.70 -11.48 4.78
N PHE A 110 9.85 -10.82 4.00
CA PHE A 110 10.18 -10.47 2.63
C PHE A 110 10.77 -9.06 2.49
N SER A 111 11.30 -8.52 3.59
CA SER A 111 11.92 -7.20 3.55
C SER A 111 13.10 -7.15 2.61
N ASP A 112 12.91 -6.53 1.46
CA ASP A 112 13.99 -6.29 0.52
C ASP A 112 14.76 -5.07 1.00
N CYS A 113 14.12 -4.34 1.88
CA CYS A 113 14.68 -3.17 2.49
C CYS A 113 15.34 -3.51 3.83
N SER A 114 16.09 -2.57 4.36
CA SER A 114 16.78 -2.74 5.63
C SER A 114 15.83 -2.58 6.83
N SER A 115 14.56 -2.32 6.54
CA SER A 115 13.54 -2.14 7.57
C SER A 115 13.16 -3.46 8.24
N ALA A 116 13.80 -4.55 7.81
CA ALA A 116 13.54 -5.89 8.34
C ALA A 116 13.77 -5.95 9.85
N LYS A 117 14.66 -5.10 10.34
CA LYS A 117 15.02 -5.06 11.76
C LYS A 117 13.81 -4.69 12.63
N ALA A 118 12.89 -3.92 12.07
CA ALA A 118 11.73 -3.48 12.82
C ALA A 118 10.45 -4.00 12.19
N ARG A 119 10.57 -5.10 11.44
CA ARG A 119 9.41 -5.76 10.79
C ARG A 119 8.73 -4.84 9.78
N GLY A 120 9.42 -3.80 9.34
CA GLY A 120 8.84 -2.87 8.39
C GLY A 120 8.33 -1.59 9.04
N ASP A 121 8.22 -1.60 10.36
CA ASP A 121 7.75 -0.43 11.10
C ASP A 121 8.87 0.58 11.26
N LEU A 122 8.56 1.86 11.08
CA LEU A 122 9.57 2.91 11.21
C LEU A 122 9.42 3.66 12.52
N GLY A 123 8.24 3.58 13.10
CA GLY A 123 7.97 4.30 14.32
C GLY A 123 7.10 5.52 14.04
N ALA A 124 6.66 6.19 15.09
CA ALA A 124 5.82 7.36 14.94
C ALA A 124 6.67 8.61 14.74
N PHE A 125 6.31 9.42 13.76
CA PHE A 125 7.03 10.65 13.48
C PHE A 125 6.07 11.81 13.25
N SER A 126 6.53 13.02 13.52
CA SER A 126 5.69 14.20 13.41
C SER A 126 5.95 14.95 12.10
N ARG A 127 4.94 15.69 11.65
CA ARG A 127 5.05 16.48 10.43
C ARG A 127 6.14 17.54 10.53
N GLY A 128 6.85 17.73 9.44
CA GLY A 128 7.92 18.70 9.42
C GLY A 128 9.23 18.09 8.96
N GLN A 129 9.28 16.77 8.96
CA GLN A 129 10.48 16.05 8.54
C GLN A 129 10.25 15.34 7.21
N MET A 130 9.08 15.54 6.64
CA MET A 130 8.73 14.92 5.39
C MET A 130 8.93 15.89 4.24
N GLN A 131 8.84 15.38 3.02
CA GLN A 131 8.89 16.25 1.85
C GLN A 131 7.57 16.99 1.73
N LYS A 132 7.53 18.01 0.89
CA LYS A 132 6.33 18.83 0.72
C LYS A 132 5.07 17.97 0.43
N PRO A 133 5.08 17.12 -0.64
CA PRO A 133 3.93 16.26 -0.94
C PRO A 133 3.70 15.20 0.14
N PHE A 134 4.79 14.76 0.77
CA PHE A 134 4.72 13.71 1.79
C PHE A 134 4.07 14.19 3.08
N GLU A 135 4.38 15.42 3.50
CA GLU A 135 3.83 15.97 4.74
C GLU A 135 2.31 16.10 4.64
N ASP A 136 1.83 16.22 3.42
CA ASP A 136 0.41 16.32 3.16
C ASP A 136 -0.19 14.93 2.96
N ALA A 137 0.67 13.99 2.62
CA ALA A 137 0.25 12.63 2.33
C ALA A 137 0.08 11.80 3.58
N SER A 138 1.09 11.83 4.45
CA SER A 138 1.14 11.03 5.68
C SER A 138 -0.21 10.91 6.39
N PHE A 139 -0.72 12.03 6.77
CA PHE A 139 -1.94 12.11 7.57
C PHE A 139 -3.25 11.94 6.77
N ALA A 140 -3.15 11.69 5.47
CA ALA A 140 -4.35 11.57 4.63
C ALA A 140 -5.15 10.27 4.89
N LEU A 141 -4.46 9.14 5.07
CA LEU A 141 -5.14 7.86 5.33
C LEU A 141 -5.64 7.76 6.77
N ARG A 142 -6.39 6.71 7.05
CA ARG A 142 -6.88 6.46 8.40
C ARG A 142 -6.19 5.23 8.99
N THR A 143 -6.40 5.02 10.27
CA THR A 143 -5.81 3.90 10.97
C THR A 143 -6.51 2.60 10.57
N GLY A 144 -5.75 1.68 9.99
CA GLY A 144 -6.33 0.41 9.58
C GLY A 144 -6.52 0.30 8.09
N GLU A 145 -5.97 1.25 7.34
CA GLU A 145 -6.08 1.21 5.90
C GLU A 145 -4.74 0.88 5.26
N MET A 146 -4.80 0.20 4.13
CA MET A 146 -3.61 -0.23 3.41
C MET A 146 -3.79 0.02 1.91
N SER A 147 -2.87 0.76 1.33
CA SER A 147 -2.94 1.08 -0.10
C SER A 147 -2.19 0.03 -0.92
N GLY A 148 -2.15 0.24 -2.24
CA GLY A 148 -1.52 -0.70 -3.13
C GLY A 148 -0.09 -0.31 -3.49
N PRO A 149 0.41 -0.80 -4.64
CA PRO A 149 1.78 -0.51 -5.09
C PRO A 149 1.97 0.94 -5.53
N VAL A 150 2.79 1.66 -4.78
CA VAL A 150 3.06 3.05 -5.08
C VAL A 150 4.48 3.21 -5.64
N PHE A 151 4.62 4.02 -6.68
CA PHE A 151 5.91 4.24 -7.35
C PHE A 151 6.58 5.52 -6.85
N THR A 152 7.50 5.38 -5.91
CA THR A 152 8.27 6.51 -5.42
C THR A 152 9.75 6.37 -5.81
N ASP A 153 10.58 7.32 -5.36
CA ASP A 153 12.01 7.31 -5.67
C ASP A 153 12.71 6.07 -5.15
N SER A 154 12.23 5.51 -4.06
CA SER A 154 12.82 4.32 -3.50
C SER A 154 12.46 3.08 -4.34
N GLY A 155 11.31 3.14 -4.99
CA GLY A 155 10.89 2.05 -5.82
C GLY A 155 9.41 1.77 -5.67
N ILE A 156 9.01 0.56 -6.02
CA ILE A 156 7.63 0.15 -5.90
C ILE A 156 7.45 -0.50 -4.54
N HIS A 157 6.45 -0.07 -3.81
CA HIS A 157 6.24 -0.59 -2.45
C HIS A 157 4.84 -0.34 -1.93
N ILE A 158 4.49 -1.05 -0.86
CA ILE A 158 3.17 -0.93 -0.24
C ILE A 158 3.26 -0.22 1.10
N ILE A 159 2.10 0.14 1.64
CA ILE A 159 2.02 0.92 2.87
C ILE A 159 0.89 0.45 3.77
N LEU A 160 1.19 0.28 5.05
CA LEU A 160 0.21 -0.14 6.03
C LEU A 160 0.26 0.79 7.22
N ARG A 161 -0.89 1.36 7.60
CA ARG A 161 -0.93 2.30 8.71
C ARG A 161 -1.41 1.62 9.98
N THR A 162 -0.54 1.56 10.98
CA THR A 162 -0.88 0.95 12.24
C THR A 162 -1.42 1.99 13.21
N GLU A 163 -1.13 3.25 12.94
CA GLU A 163 -1.61 4.35 13.76
C GLU A 163 -1.80 5.58 12.90
C ACE B 1 -6.56 -3.57 -14.86
O ACE B 1 -6.09 -2.72 -15.63
CH3 ACE B 1 -7.55 -3.17 -13.78
H1 ACE B 1 -8.41 -3.82 -13.85
H2 ACE B 1 -7.86 -2.16 -13.93
H3 ACE B 1 -7.06 -3.25 -12.82
N VAL B 2 -6.25 -4.87 -14.94
CA VAL B 2 -6.26 -5.75 -13.79
C VAL B 2 -4.98 -5.59 -12.97
N LEU B 3 -5.15 -5.24 -11.72
CA LEU B 3 -4.03 -5.10 -10.82
C LEU B 3 -4.21 -6.02 -9.64
N TPO B 4 -5.48 -6.13 -9.19
CA TPO B 4 -5.96 -6.96 -8.07
CB TPO B 4 -5.25 -8.32 -7.97
CG2 TPO B 4 -6.07 -9.32 -7.22
OG1 TPO B 4 -5.01 -8.88 -9.26
P TPO B 4 -3.90 -10.03 -9.41
O1P TPO B 4 -4.79 -11.36 -9.51
O2P TPO B 4 -2.83 -10.05 -8.40
O3P TPO B 4 -3.41 -9.84 -10.94
C TPO B 4 -6.06 -6.21 -6.70
O TPO B 4 -7.16 -6.02 -6.20
H TPO B 4 -6.16 -5.61 -9.66
HA TPO B 4 -6.99 -7.16 -8.34
HB TPO B 4 -4.31 -8.20 -7.46
HG21 TPO B 4 -6.25 -8.97 -6.22
HG22 TPO B 4 -5.56 -10.27 -7.18
HG23 TPO B 4 -7.02 -9.46 -7.72
N PRO B 5 -4.93 -5.76 -6.06
CA PRO B 5 -4.98 -5.01 -4.79
C PRO B 5 -5.71 -3.66 -4.93
N PRO B 6 -6.15 -3.08 -3.79
CA PRO B 6 -6.88 -1.83 -3.78
C PRO B 6 -5.98 -0.60 -3.92
N ASP B 7 -5.82 -0.13 -5.14
CA ASP B 7 -5.07 1.10 -5.39
C ASP B 7 -6.04 2.25 -5.58
N GLN B 8 -5.97 3.22 -4.73
CA GLN B 8 -6.87 4.35 -4.78
C GLN B 8 -6.11 5.62 -5.08
N GLU B 9 -6.10 6.05 -6.34
CA GLU B 9 -5.43 7.29 -6.72
C GLU B 9 -6.03 8.49 -6.01
N VAL B 10 -7.24 8.34 -5.51
CA VAL B 10 -7.89 9.41 -4.76
C VAL B 10 -7.29 9.49 -3.37
N ILE B 11 -7.21 8.34 -2.69
CA ILE B 11 -6.68 8.30 -1.34
C ILE B 11 -5.70 7.12 -1.18
N ARG B 12 -4.43 7.39 -1.42
CA ARG B 12 -3.37 6.41 -1.22
C ARG B 12 -2.17 7.12 -0.65
N ASN B 13 -2.46 8.27 -0.08
CA ASN B 13 -1.47 9.15 0.45
C ASN B 13 -1.21 8.86 1.90
N ILE B 14 0.05 8.71 2.25
CA ILE B 14 0.46 8.45 3.62
C ILE B 14 1.98 8.50 3.66
N ASP B 15 2.55 8.24 4.83
CA ASP B 15 3.98 8.15 5.02
C ASP B 15 4.55 7.03 4.15
N GLN B 16 4.79 7.35 2.89
CA GLN B 16 5.27 6.38 1.95
C GLN B 16 6.79 6.25 2.02
N SER B 17 7.26 5.69 3.13
CA SER B 17 8.66 5.37 3.35
C SER B 17 9.59 6.62 3.43
N GLU B 18 9.72 7.36 2.32
CA GLU B 18 10.59 8.54 2.27
C GLU B 18 10.05 9.71 3.10
N PHE B 19 9.04 9.43 3.91
CA PHE B 19 8.48 10.43 4.81
C PHE B 19 9.49 10.69 5.96
N GLU B 20 10.40 9.75 6.13
CA GLU B 20 11.41 9.82 7.16
C GLU B 20 12.77 10.09 6.49
N GLY B 21 13.86 9.86 7.21
CA GLY B 21 15.18 10.06 6.66
C GLY B 21 15.73 8.79 6.04
N PHE B 22 14.82 7.89 5.70
CA PHE B 22 15.17 6.62 5.11
C PHE B 22 15.32 6.77 3.60
N SEP B 23 16.42 6.22 3.07
CA SEP B 23 16.72 6.23 1.63
CB SEP B 23 15.60 5.53 0.84
OG SEP B 23 16.11 4.51 -0.01
C SEP B 23 16.96 7.65 1.09
O SEP B 23 18.07 7.99 0.69
P SEP B 23 16.74 3.18 0.63
O1P SEP B 23 16.97 3.16 2.08
O2P SEP B 23 15.78 2.04 0.05
O3P SEP B 23 18.05 2.98 -0.27
H SEP B 23 17.07 5.81 3.67
HA SEP B 23 17.62 5.66 1.49
HB2 SEP B 23 15.08 6.26 0.23
HB3 SEP B 23 14.89 5.07 1.53
N PHE B 24 15.92 8.47 1.09
CA PHE B 24 16.01 9.83 0.61
C PHE B 24 15.94 10.80 1.79
N NH2 B 25 17.08 11.24 2.26
HN1 NH2 B 25 17.91 10.93 1.82
HN2 NH2 B 25 17.07 11.85 3.02
N MET A 1 -34.08 -10.33 -8.97
CA MET A 1 -32.62 -10.56 -9.07
C MET A 1 -31.86 -9.47 -8.35
N ALA A 2 -30.67 -9.82 -7.84
CA ALA A 2 -29.84 -8.87 -7.12
C ALA A 2 -29.33 -7.77 -8.05
N ASP A 3 -29.65 -6.53 -7.70
CA ASP A 3 -29.23 -5.37 -8.49
C ASP A 3 -27.91 -4.81 -7.95
N GLU A 4 -27.54 -5.27 -6.76
CA GLU A 4 -26.33 -4.81 -6.09
C GLU A 4 -25.07 -5.29 -6.81
N GLU A 5 -25.24 -6.14 -7.81
CA GLU A 5 -24.12 -6.62 -8.59
C GLU A 5 -23.73 -5.59 -9.64
N LYS A 6 -24.60 -4.62 -9.84
CA LYS A 6 -24.34 -3.55 -10.78
C LYS A 6 -23.66 -2.39 -10.10
N LEU A 7 -22.78 -1.75 -10.81
CA LEU A 7 -21.99 -0.67 -10.27
C LEU A 7 -22.33 0.65 -10.98
N PRO A 8 -22.13 1.79 -10.29
CA PRO A 8 -22.36 3.12 -10.87
C PRO A 8 -21.42 3.40 -12.04
N PRO A 9 -21.79 4.35 -12.93
CA PRO A 9 -20.98 4.72 -14.08
C PRO A 9 -19.52 4.99 -13.71
N GLY A 10 -18.62 4.27 -14.35
CA GLY A 10 -17.22 4.43 -14.08
C GLY A 10 -16.65 3.24 -13.36
N TRP A 11 -17.52 2.50 -12.70
CA TRP A 11 -17.12 1.30 -11.99
C TRP A 11 -17.39 0.07 -12.82
N GLU A 12 -16.38 -0.72 -13.01
CA GLU A 12 -16.47 -1.94 -13.78
C GLU A 12 -16.05 -3.10 -12.94
N LYS A 13 -16.84 -4.14 -12.97
CA LYS A 13 -16.55 -5.33 -12.22
C LYS A 13 -15.56 -6.20 -12.98
N ARG A 14 -14.37 -6.34 -12.43
CA ARG A 14 -13.30 -7.07 -13.08
C ARG A 14 -12.91 -8.28 -12.23
N MET A 15 -12.12 -9.17 -12.79
CA MET A 15 -11.73 -10.39 -12.11
C MET A 15 -10.22 -10.58 -12.21
N SER A 16 -9.66 -11.20 -11.19
CA SER A 16 -8.23 -11.50 -11.16
C SER A 16 -7.90 -12.51 -12.26
N ARG A 17 -6.72 -12.36 -12.84
CA ARG A 17 -6.30 -13.18 -13.98
C ARG A 17 -6.22 -14.67 -13.65
N SER A 18 -7.21 -15.41 -14.13
CA SER A 18 -7.29 -16.86 -13.99
C SER A 18 -7.41 -17.32 -12.52
N SER A 19 -7.64 -16.38 -11.63
CA SER A 19 -7.79 -16.71 -10.22
C SER A 19 -9.27 -16.89 -9.87
N GLY A 20 -10.12 -16.05 -10.46
CA GLY A 20 -11.55 -16.16 -10.21
C GLY A 20 -12.05 -15.11 -9.25
N ARG A 21 -11.13 -14.44 -8.57
CA ARG A 21 -11.47 -13.41 -7.60
C ARG A 21 -12.06 -12.20 -8.31
N VAL A 22 -13.21 -11.75 -7.85
CA VAL A 22 -13.91 -10.64 -8.48
C VAL A 22 -13.76 -9.35 -7.65
N TYR A 23 -13.38 -8.26 -8.30
CA TYR A 23 -13.21 -6.98 -7.64
C TYR A 23 -13.81 -5.85 -8.47
N TYR A 24 -13.77 -4.64 -7.94
CA TYR A 24 -14.35 -3.49 -8.62
C TYR A 24 -13.27 -2.50 -9.03
N PHE A 25 -13.30 -2.07 -10.28
CA PHE A 25 -12.33 -1.12 -10.79
C PHE A 25 -13.02 0.14 -11.30
N ASN A 26 -12.51 1.28 -10.90
CA ASN A 26 -13.04 2.55 -11.33
C ASN A 26 -12.09 3.20 -12.31
N HIS A 27 -12.53 3.40 -13.53
CA HIS A 27 -11.68 3.98 -14.56
C HIS A 27 -11.78 5.50 -14.60
N ILE A 28 -12.64 6.06 -13.77
CA ILE A 28 -12.83 7.50 -13.72
C ILE A 28 -11.63 8.16 -13.04
N THR A 29 -11.39 7.77 -11.81
CA THR A 29 -10.28 8.32 -11.04
C THR A 29 -9.21 7.25 -10.82
N ASN A 30 -9.37 6.13 -11.51
CA ASN A 30 -8.43 4.99 -11.41
C ASN A 30 -8.37 4.46 -9.98
N ALA A 31 -9.50 3.97 -9.50
CA ALA A 31 -9.58 3.40 -8.16
C ALA A 31 -9.94 1.93 -8.27
N SER A 32 -9.77 1.20 -7.18
CA SER A 32 -10.08 -0.22 -7.16
C SER A 32 -10.34 -0.67 -5.74
N GLN A 33 -11.22 -1.64 -5.59
CA GLN A 33 -11.54 -2.16 -4.27
C GLN A 33 -12.33 -3.46 -4.37
N TRP A 34 -12.47 -4.15 -3.27
CA TRP A 34 -13.17 -5.43 -3.24
C TRP A 34 -14.54 -5.28 -2.62
N GLU A 35 -14.77 -4.18 -1.93
CA GLU A 35 -16.04 -3.91 -1.30
C GLU A 35 -16.79 -2.85 -2.10
N ARG A 36 -18.09 -2.85 -2.01
CA ARG A 36 -18.91 -1.89 -2.72
C ARG A 36 -18.73 -0.49 -2.12
N PRO A 37 -18.60 0.54 -2.96
CA PRO A 37 -18.40 1.93 -2.51
C PRO A 37 -19.52 2.39 -1.57
N SER A 38 -20.73 1.95 -1.85
CA SER A 38 -21.88 2.30 -1.03
C SER A 38 -22.10 1.28 0.09
N GLY A 39 -21.19 0.32 0.18
CA GLY A 39 -21.28 -0.70 1.21
C GLY A 39 -20.66 -0.23 2.50
N ASN A 40 -21.29 0.75 3.12
CA ASN A 40 -20.81 1.33 4.36
C ASN A 40 -21.37 0.60 5.56
N SER A 41 -21.62 -0.70 5.38
CA SER A 41 -22.16 -1.55 6.41
C SER A 41 -21.28 -1.47 7.67
N SER A 42 -19.98 -1.55 7.47
CA SER A 42 -19.03 -1.46 8.56
C SER A 42 -17.77 -0.75 8.09
N SER A 43 -17.55 0.45 8.59
CA SER A 43 -16.38 1.23 8.23
C SER A 43 -15.14 0.70 8.92
N GLY A 44 -14.00 0.79 8.24
CA GLY A 44 -12.77 0.31 8.80
C GLY A 44 -11.90 1.43 9.33
N GLY A 45 -12.30 2.01 10.44
CA GLY A 45 -11.54 3.07 11.04
C GLY A 45 -11.15 2.75 12.46
N LYS A 46 -9.86 2.76 12.74
CA LYS A 46 -9.37 2.50 14.08
C LYS A 46 -9.07 3.81 14.79
N ASN A 47 -8.72 3.71 16.06
CA ASN A 47 -8.43 4.89 16.85
C ASN A 47 -6.98 4.88 17.31
N GLY A 48 -6.44 6.06 17.59
CA GLY A 48 -5.07 6.17 18.04
C GLY A 48 -4.93 7.21 19.11
N GLN A 49 -3.90 7.08 19.93
CA GLN A 49 -3.66 8.02 21.01
C GLN A 49 -2.90 9.22 20.49
N GLY A 50 -3.49 10.38 20.63
CA GLY A 50 -2.86 11.59 20.17
C GLY A 50 -3.54 12.18 18.97
N GLU A 51 -3.20 13.41 18.66
CA GLU A 51 -3.75 14.12 17.53
C GLU A 51 -2.95 13.82 16.26
N PRO A 52 -3.53 14.11 15.06
CA PRO A 52 -2.88 13.87 13.76
C PRO A 52 -1.67 14.79 13.49
N ALA A 53 -0.80 14.93 14.48
CA ALA A 53 0.42 15.70 14.32
C ALA A 53 1.57 14.75 14.02
N ARG A 54 1.36 13.48 14.39
CA ARG A 54 2.32 12.43 14.16
C ARG A 54 1.60 11.14 13.83
N VAL A 55 2.21 10.31 13.03
CA VAL A 55 1.62 9.03 12.67
C VAL A 55 2.65 7.92 12.75
N ARG A 56 2.18 6.69 12.78
CA ARG A 56 3.05 5.53 12.80
C ARG A 56 2.49 4.44 11.92
N CYS A 57 3.24 4.03 10.93
CA CYS A 57 2.80 3.03 10.01
C CYS A 57 3.86 1.98 9.76
N SER A 58 3.49 0.95 9.04
CA SER A 58 4.37 -0.10 8.66
C SER A 58 4.44 -0.12 7.14
N HIS A 59 5.61 -0.33 6.59
CA HIS A 59 5.76 -0.31 5.15
C HIS A 59 6.64 -1.44 4.67
N LEU A 60 6.55 -1.71 3.39
CA LEU A 60 7.38 -2.69 2.74
C LEU A 60 8.25 -1.94 1.73
N LEU A 61 9.31 -2.54 1.27
CA LEU A 61 10.19 -1.92 0.29
C LEU A 61 10.76 -2.98 -0.62
N VAL A 62 10.73 -2.72 -1.92
CA VAL A 62 11.26 -3.63 -2.92
C VAL A 62 12.14 -2.87 -3.91
N LYS A 63 13.40 -3.29 -4.04
CA LYS A 63 14.30 -2.65 -4.98
C LYS A 63 14.39 -3.44 -6.28
N HIS A 64 15.02 -2.83 -7.27
CA HIS A 64 15.16 -3.45 -8.58
C HIS A 64 16.41 -2.94 -9.30
N SER A 65 16.68 -3.46 -10.47
CA SER A 65 17.89 -3.15 -11.24
C SER A 65 18.11 -1.64 -11.44
N GLN A 66 17.17 -0.99 -12.11
CA GLN A 66 17.30 0.43 -12.43
C GLN A 66 16.85 1.36 -11.30
N SER A 67 16.91 0.90 -10.06
CA SER A 67 16.57 1.77 -8.95
C SER A 67 17.83 2.47 -8.44
N ARG A 68 17.67 3.38 -7.47
CA ARG A 68 18.81 4.13 -6.89
C ARG A 68 19.96 3.19 -6.52
N ARG A 69 19.63 2.11 -5.86
CA ARG A 69 20.59 1.13 -5.44
C ARG A 69 20.08 -0.27 -5.76
N PRO A 70 20.84 -1.04 -6.54
CA PRO A 70 20.47 -2.41 -6.89
C PRO A 70 20.96 -3.41 -5.83
N SER A 71 21.47 -2.89 -4.74
CA SER A 71 21.99 -3.71 -3.68
C SER A 71 21.18 -3.56 -2.40
N SER A 72 20.85 -4.69 -1.80
CA SER A 72 20.11 -4.72 -0.56
C SER A 72 20.98 -5.31 0.55
N TRP A 73 20.52 -5.20 1.79
CA TRP A 73 21.27 -5.72 2.92
C TRP A 73 21.29 -7.25 2.89
N ARG A 74 20.27 -7.82 2.27
CA ARG A 74 20.15 -9.26 2.18
C ARG A 74 20.73 -9.80 0.87
N GLN A 75 20.55 -9.05 -0.22
CA GLN A 75 21.08 -9.45 -1.52
C GLN A 75 21.55 -8.24 -2.30
N GLU A 76 22.80 -8.25 -2.72
CA GLU A 76 23.37 -7.14 -3.46
C GLU A 76 23.29 -7.36 -4.97
N LYS A 77 22.92 -8.58 -5.36
CA LYS A 77 22.84 -8.95 -6.78
C LYS A 77 21.40 -8.83 -7.31
N ILE A 78 20.64 -7.90 -6.74
CA ILE A 78 19.24 -7.74 -7.14
C ILE A 78 19.11 -7.21 -8.56
N THR A 79 18.70 -8.08 -9.47
CA THR A 79 18.46 -7.71 -10.83
C THR A 79 17.07 -8.14 -11.26
N ARG A 80 16.08 -7.38 -10.82
CA ARG A 80 14.70 -7.65 -11.17
C ARG A 80 14.11 -6.44 -11.86
N THR A 81 13.14 -6.68 -12.72
CA THR A 81 12.47 -5.61 -13.42
C THR A 81 11.40 -4.97 -12.55
N LYS A 82 10.82 -3.88 -13.01
CA LYS A 82 9.81 -3.17 -12.22
C LYS A 82 8.46 -3.90 -12.24
N GLU A 83 8.18 -4.63 -13.31
CA GLU A 83 6.94 -5.38 -13.40
C GLU A 83 6.96 -6.59 -12.46
N GLU A 84 8.15 -7.15 -12.24
CA GLU A 84 8.30 -8.26 -11.31
C GLU A 84 7.97 -7.81 -9.91
N ALA A 85 8.50 -6.65 -9.53
CA ALA A 85 8.25 -6.07 -8.22
C ALA A 85 6.76 -5.92 -7.97
N LEU A 86 6.05 -5.48 -9.01
CA LEU A 86 4.60 -5.32 -8.92
C LEU A 86 3.92 -6.66 -8.74
N GLU A 87 4.30 -7.63 -9.56
CA GLU A 87 3.67 -8.94 -9.53
C GLU A 87 3.84 -9.62 -8.17
N LEU A 88 5.02 -9.50 -7.59
CA LEU A 88 5.28 -10.14 -6.32
C LEU A 88 4.59 -9.40 -5.17
N ILE A 89 4.51 -8.08 -5.28
CA ILE A 89 3.94 -7.28 -4.22
C ILE A 89 2.40 -7.29 -4.27
N ASN A 90 1.84 -7.31 -5.48
CA ASN A 90 0.39 -7.39 -5.64
C ASN A 90 -0.11 -8.70 -5.11
N GLY A 91 0.72 -9.73 -5.25
CA GLY A 91 0.39 -11.04 -4.76
C GLY A 91 0.35 -11.06 -3.24
N TYR A 92 1.21 -10.26 -2.62
CA TYR A 92 1.25 -10.17 -1.17
C TYR A 92 -0.05 -9.57 -0.66
N ILE A 93 -0.49 -8.47 -1.26
CA ILE A 93 -1.75 -7.85 -0.89
C ILE A 93 -2.89 -8.86 -0.99
N GLN A 94 -2.86 -9.65 -2.06
CA GLN A 94 -3.87 -10.65 -2.31
C GLN A 94 -3.98 -11.65 -1.17
N LYS A 95 -2.85 -12.07 -0.65
CA LYS A 95 -2.85 -13.05 0.42
C LYS A 95 -3.20 -12.40 1.76
N ILE A 96 -2.76 -11.17 1.94
CA ILE A 96 -3.04 -10.43 3.18
C ILE A 96 -4.55 -10.22 3.38
N LYS A 97 -5.23 -9.63 2.39
CA LYS A 97 -6.65 -9.33 2.53
C LYS A 97 -7.51 -10.60 2.56
N SER A 98 -6.94 -11.70 2.10
CA SER A 98 -7.64 -12.98 2.09
C SER A 98 -7.45 -13.73 3.42
N GLY A 99 -6.60 -13.19 4.28
CA GLY A 99 -6.38 -13.80 5.58
C GLY A 99 -5.37 -14.92 5.55
N GLU A 100 -4.42 -14.85 4.62
CA GLU A 100 -3.38 -15.86 4.53
C GLU A 100 -2.22 -15.49 5.43
N GLU A 101 -1.76 -14.24 5.31
CA GLU A 101 -0.68 -13.72 6.15
C GLU A 101 -0.95 -12.28 6.51
N ASP A 102 -0.39 -11.85 7.63
CA ASP A 102 -0.56 -10.48 8.10
C ASP A 102 0.47 -9.58 7.46
N PHE A 103 0.15 -8.31 7.29
CA PHE A 103 1.07 -7.35 6.69
C PHE A 103 2.37 -7.29 7.48
N GLU A 104 2.25 -7.14 8.80
CA GLU A 104 3.40 -7.07 9.69
C GLU A 104 4.29 -8.30 9.54
N SER A 105 3.69 -9.47 9.65
CA SER A 105 4.41 -10.73 9.59
C SER A 105 5.05 -10.92 8.21
N LEU A 106 4.35 -10.50 7.18
CA LEU A 106 4.80 -10.65 5.82
C LEU A 106 5.93 -9.65 5.50
N ALA A 107 5.74 -8.39 5.90
CA ALA A 107 6.73 -7.36 5.66
C ALA A 107 8.03 -7.66 6.38
N SER A 108 7.94 -8.17 7.61
CA SER A 108 9.12 -8.52 8.38
C SER A 108 9.95 -9.60 7.66
N GLN A 109 9.29 -10.37 6.82
CA GLN A 109 9.93 -11.45 6.10
C GLN A 109 10.50 -10.99 4.75
N PHE A 110 9.67 -10.31 3.96
CA PHE A 110 10.06 -9.91 2.61
C PHE A 110 10.57 -8.47 2.55
N SER A 111 10.90 -7.91 3.69
CA SER A 111 11.40 -6.54 3.73
C SER A 111 12.78 -6.47 3.08
N ASP A 112 12.86 -5.73 2.01
CA ASP A 112 14.10 -5.52 1.30
C ASP A 112 14.84 -4.30 1.88
N CYS A 113 14.15 -3.60 2.78
CA CYS A 113 14.72 -2.45 3.46
C CYS A 113 15.18 -2.82 4.87
N SER A 114 15.76 -1.86 5.57
CA SER A 114 16.25 -2.09 6.93
C SER A 114 15.10 -2.19 7.94
N SER A 115 13.89 -1.87 7.49
CA SER A 115 12.70 -1.92 8.34
C SER A 115 12.32 -3.36 8.69
N ALA A 116 13.06 -4.33 8.13
CA ALA A 116 12.83 -5.75 8.34
C ALA A 116 12.82 -6.11 9.83
N LYS A 117 13.78 -5.56 10.55
CA LYS A 117 13.95 -5.83 11.97
C LYS A 117 12.78 -5.29 12.79
N ALA A 118 12.05 -4.36 12.22
CA ALA A 118 10.91 -3.76 12.91
C ALA A 118 9.60 -4.15 12.24
N ARG A 119 9.68 -5.16 11.35
CA ARG A 119 8.50 -5.72 10.67
C ARG A 119 7.85 -4.70 9.74
N GLY A 120 8.61 -3.69 9.35
CA GLY A 120 8.08 -2.68 8.47
C GLY A 120 7.79 -1.38 9.19
N ASP A 121 7.73 -1.44 10.51
CA ASP A 121 7.47 -0.26 11.33
C ASP A 121 8.64 0.72 11.26
N LEU A 122 8.33 1.98 11.10
CA LEU A 122 9.37 3.01 11.03
C LEU A 122 9.39 3.83 12.31
N GLY A 123 8.32 3.72 13.09
CA GLY A 123 8.21 4.49 14.30
C GLY A 123 7.22 5.61 14.16
N ALA A 124 7.05 6.39 15.21
CA ALA A 124 6.13 7.51 15.19
C ALA A 124 6.87 8.81 14.94
N PHE A 125 6.53 9.48 13.87
CA PHE A 125 7.19 10.73 13.52
C PHE A 125 6.18 11.84 13.25
N SER A 126 6.60 13.07 13.50
CA SER A 126 5.77 14.23 13.30
C SER A 126 6.22 15.00 12.07
N ARG A 127 5.32 15.82 11.53
CA ARG A 127 5.61 16.60 10.32
C ARG A 127 6.79 17.55 10.53
N GLY A 128 7.30 18.10 9.44
CA GLY A 128 8.43 18.99 9.50
C GLY A 128 9.69 18.35 8.96
N GLN A 129 9.72 17.03 8.96
CA GLN A 129 10.89 16.28 8.50
C GLN A 129 10.64 15.62 7.15
N MET A 130 9.40 15.65 6.69
CA MET A 130 9.04 15.02 5.43
C MET A 130 9.20 15.99 4.28
N GLN A 131 9.33 15.45 3.07
CA GLN A 131 9.34 16.29 1.88
C GLN A 131 7.95 16.90 1.73
N LYS A 132 7.87 18.07 1.13
CA LYS A 132 6.59 18.79 1.01
C LYS A 132 5.41 17.90 0.54
N PRO A 133 5.55 17.13 -0.58
CA PRO A 133 4.48 16.26 -1.07
C PRO A 133 4.16 15.12 -0.08
N PHE A 134 5.17 14.68 0.66
CA PHE A 134 5.02 13.57 1.59
C PHE A 134 4.61 14.02 2.99
N GLU A 135 4.84 15.28 3.30
CA GLU A 135 4.47 15.81 4.61
C GLU A 135 2.96 15.82 4.77
N ASP A 136 2.27 15.95 3.66
CA ASP A 136 0.82 15.89 3.65
C ASP A 136 0.37 14.45 3.45
N ALA A 137 1.28 13.63 2.93
CA ALA A 137 1.02 12.24 2.65
C ALA A 137 0.89 11.41 3.91
N SER A 138 1.84 11.57 4.84
CA SER A 138 1.85 10.82 6.10
C SER A 138 0.48 10.85 6.79
N PHE A 139 -0.18 11.96 6.71
CA PHE A 139 -1.48 12.14 7.37
C PHE A 139 -2.67 11.76 6.47
N ALA A 140 -2.40 11.33 5.24
CA ALA A 140 -3.48 11.00 4.30
C ALA A 140 -4.19 9.70 4.66
N LEU A 141 -3.43 8.69 5.06
CA LEU A 141 -4.01 7.42 5.46
C LEU A 141 -4.27 7.43 6.95
N ARG A 142 -5.37 6.83 7.37
CA ARG A 142 -5.73 6.80 8.77
C ARG A 142 -5.41 5.45 9.41
N THR A 143 -5.65 5.36 10.70
CA THR A 143 -5.34 4.17 11.48
C THR A 143 -6.14 2.96 11.01
N GLY A 144 -5.45 1.94 10.53
CA GLY A 144 -6.09 0.71 10.10
C GLY A 144 -6.31 0.65 8.61
N GLU A 145 -5.67 1.53 7.85
CA GLU A 145 -5.85 1.53 6.42
C GLU A 145 -4.61 1.05 5.68
N MET A 146 -4.83 0.13 4.75
CA MET A 146 -3.77 -0.41 3.93
C MET A 146 -4.02 0.00 2.49
N SER A 147 -3.00 0.53 1.85
CA SER A 147 -3.12 0.94 0.48
C SER A 147 -2.43 -0.07 -0.45
N GLY A 148 -2.42 0.23 -1.74
CA GLY A 148 -1.84 -0.67 -2.71
C GLY A 148 -0.39 -0.35 -3.04
N PRO A 149 0.08 -0.72 -4.24
CA PRO A 149 1.46 -0.49 -4.67
C PRO A 149 1.70 0.97 -5.04
N VAL A 150 2.51 1.63 -4.23
CA VAL A 150 2.83 3.03 -4.45
C VAL A 150 4.20 3.16 -5.11
N PHE A 151 4.29 4.04 -6.09
CA PHE A 151 5.53 4.28 -6.82
C PHE A 151 6.22 5.53 -6.30
N THR A 152 7.19 5.37 -5.43
CA THR A 152 7.95 6.49 -4.93
C THR A 152 9.36 6.43 -5.46
N ASP A 153 10.20 7.37 -5.08
CA ASP A 153 11.56 7.42 -5.58
C ASP A 153 12.35 6.22 -5.08
N SER A 154 12.07 5.82 -3.85
CA SER A 154 12.76 4.67 -3.25
C SER A 154 12.43 3.35 -3.97
N GLY A 155 11.29 3.29 -4.65
CA GLY A 155 10.93 2.09 -5.38
C GLY A 155 9.45 1.77 -5.33
N ILE A 156 9.10 0.55 -5.70
CA ILE A 156 7.71 0.09 -5.70
C ILE A 156 7.42 -0.63 -4.40
N HIS A 157 6.43 -0.15 -3.66
CA HIS A 157 6.10 -0.75 -2.37
C HIS A 157 4.71 -0.37 -1.86
N ILE A 158 4.22 -1.18 -0.92
CA ILE A 158 2.89 -0.99 -0.32
C ILE A 158 3.00 -0.36 1.08
N ILE A 159 1.85 -0.06 1.71
CA ILE A 159 1.82 0.60 3.02
C ILE A 159 0.59 0.22 3.85
N LEU A 160 0.76 0.31 5.17
CA LEU A 160 -0.31 0.02 6.13
C LEU A 160 -0.10 0.86 7.39
N ARG A 161 -1.05 1.72 7.72
CA ARG A 161 -0.95 2.52 8.93
C ARG A 161 -1.57 1.79 10.10
N THR A 162 -0.79 1.57 11.13
CA THR A 162 -1.25 0.83 12.29
C THR A 162 -1.62 1.76 13.44
N GLU A 163 -1.06 2.98 13.44
CA GLU A 163 -1.34 3.93 14.49
C GLU A 163 -1.40 5.34 13.92
C ACE B 1 -7.20 -5.57 -16.84
O ACE B 1 -8.12 -4.75 -16.77
CH3 ACE B 1 -7.17 -6.61 -17.94
H1 ACE B 1 -6.16 -6.68 -18.32
H2 ACE B 1 -7.82 -6.31 -18.74
H3 ACE B 1 -7.52 -7.56 -17.54
N VAL B 2 -6.18 -5.60 -15.97
CA VAL B 2 -6.31 -6.26 -14.67
C VAL B 2 -5.12 -5.86 -13.77
N LEU B 3 -5.43 -5.38 -12.58
CA LEU B 3 -4.40 -5.05 -11.63
C LEU B 3 -4.48 -5.99 -10.44
N TPO B 4 -5.73 -6.17 -9.94
CA TPO B 4 -6.10 -7.04 -8.81
CB TPO B 4 -5.31 -8.36 -8.80
CG2 TPO B 4 -5.89 -9.38 -7.87
OG1 TPO B 4 -5.33 -8.94 -10.11
P TPO B 4 -4.16 -9.95 -10.54
O1P TPO B 4 -4.97 -11.29 -10.87
O2P TPO B 4 -3.01 -10.09 -9.61
O3P TPO B 4 -3.79 -9.43 -12.01
C TPO B 4 -6.17 -6.33 -7.41
O TPO B 4 -7.25 -6.23 -6.85
H TPO B 4 -6.45 -5.67 -10.36
HA TPO B 4 -7.13 -7.29 -9.03
HB TPO B 4 -4.29 -8.16 -8.52
HG21 TPO B 4 -5.87 -8.99 -6.86
HG22 TPO B 4 -5.32 -10.28 -7.92
HG23 TPO B 4 -6.92 -9.58 -8.15
N PRO B 5 -5.04 -5.82 -6.83
CA PRO B 5 -5.08 -5.10 -5.54
C PRO B 5 -5.82 -3.75 -5.64
N PRO B 6 -6.26 -3.20 -4.50
CA PRO B 6 -6.99 -1.94 -4.47
C PRO B 6 -6.08 -0.71 -4.57
N ASP B 7 -5.93 -0.20 -5.79
CA ASP B 7 -5.14 1.00 -6.01
C ASP B 7 -6.06 2.21 -6.10
N GLN B 8 -5.84 3.16 -5.24
CA GLN B 8 -6.66 4.36 -5.23
C GLN B 8 -5.81 5.60 -5.45
N GLU B 9 -5.93 6.19 -6.64
CA GLU B 9 -5.20 7.41 -6.99
C GLU B 9 -5.56 8.58 -6.08
N VAL B 10 -6.69 8.49 -5.40
CA VAL B 10 -7.12 9.56 -4.52
C VAL B 10 -6.32 9.54 -3.22
N ILE B 11 -6.46 8.47 -2.45
CA ILE B 11 -5.75 8.36 -1.19
C ILE B 11 -4.91 7.09 -1.14
N ARG B 12 -3.63 7.25 -1.35
CA ARG B 12 -2.66 6.15 -1.27
C ARG B 12 -1.34 6.71 -0.77
N ASN B 13 -1.43 7.79 -0.04
CA ASN B 13 -0.27 8.53 0.41
C ASN B 13 -0.05 8.32 1.91
N ILE B 14 1.22 8.27 2.32
CA ILE B 14 1.59 8.13 3.74
C ILE B 14 3.14 8.18 3.87
N ASP B 15 3.68 7.73 5.01
CA ASP B 15 5.12 7.70 5.26
C ASP B 15 5.81 6.63 4.40
N GLN B 16 5.64 6.73 3.11
CA GLN B 16 6.21 5.75 2.21
C GLN B 16 7.67 6.07 1.90
N SER B 17 8.54 5.82 2.88
CA SER B 17 10.00 6.01 2.76
C SER B 17 10.41 7.50 2.67
N GLU B 18 9.90 8.19 1.66
CA GLU B 18 10.26 9.59 1.42
C GLU B 18 9.61 10.55 2.44
N PHE B 19 9.30 10.03 3.60
CA PHE B 19 8.76 10.84 4.69
C PHE B 19 9.91 11.27 5.61
N GLU B 20 11.10 10.78 5.30
CA GLU B 20 12.29 11.08 6.07
C GLU B 20 13.49 11.09 5.14
N GLY B 21 14.70 11.15 5.70
CA GLY B 21 15.90 11.10 4.89
C GLY B 21 16.31 9.67 4.61
N PHE B 22 15.48 8.74 5.09
CA PHE B 22 15.69 7.33 4.89
C PHE B 22 15.60 6.97 3.41
N SEP B 23 16.62 6.26 2.92
CA SEP B 23 16.74 5.89 1.51
CB SEP B 23 15.55 5.02 1.04
OG SEP B 23 15.63 3.70 1.57
C SEP B 23 16.93 7.12 0.60
O SEP B 23 18.05 7.42 0.19
P SEP B 23 16.87 2.77 1.19
O1P SEP B 23 17.89 2.56 2.23
O2P SEP B 23 16.17 1.44 0.61
O3P SEP B 23 17.41 3.45 -0.15
H SEP B 23 17.33 5.99 3.53
HA SEP B 23 17.64 5.30 1.42
HB2 SEP B 23 15.55 4.96 -0.04
HB3 SEP B 23 14.63 5.48 1.38
N PHE B 24 15.85 7.83 0.34
CA PHE B 24 15.93 9.01 -0.50
C PHE B 24 15.17 10.16 0.15
N NH2 B 25 13.89 9.96 0.37
HN1 NH2 B 25 13.49 9.10 0.12
HN2 NH2 B 25 13.38 10.68 0.80
N MET A 1 -33.95 -10.68 -9.09
CA MET A 1 -32.56 -10.25 -8.93
C MET A 1 -32.46 -8.74 -8.86
N ALA A 2 -31.54 -8.24 -8.05
CA ALA A 2 -31.33 -6.81 -7.90
C ALA A 2 -30.27 -6.33 -8.87
N ASP A 3 -30.12 -5.01 -8.96
CA ASP A 3 -29.17 -4.39 -9.88
C ASP A 3 -27.79 -4.30 -9.24
N GLU A 4 -27.67 -4.83 -8.04
CA GLU A 4 -26.41 -4.78 -7.28
C GLU A 4 -25.30 -5.58 -7.96
N GLU A 5 -25.69 -6.46 -8.89
CA GLU A 5 -24.70 -7.25 -9.62
C GLU A 5 -23.92 -6.35 -10.57
N LYS A 6 -24.51 -5.21 -10.89
CA LYS A 6 -23.87 -4.23 -11.74
C LYS A 6 -23.26 -3.13 -10.90
N LEU A 7 -22.47 -2.29 -11.52
CA LEU A 7 -21.80 -1.23 -10.81
C LEU A 7 -22.14 0.12 -11.41
N PRO A 8 -22.00 1.20 -10.61
CA PRO A 8 -22.22 2.56 -11.09
C PRO A 8 -21.27 2.92 -12.24
N PRO A 9 -21.68 3.88 -13.10
CA PRO A 9 -20.87 4.30 -14.24
C PRO A 9 -19.46 4.69 -13.84
N GLY A 10 -18.48 4.05 -14.43
CA GLY A 10 -17.11 4.32 -14.10
C GLY A 10 -16.46 3.15 -13.39
N TRP A 11 -17.29 2.29 -12.82
CA TRP A 11 -16.80 1.12 -12.10
C TRP A 11 -17.02 -0.14 -12.93
N GLU A 12 -15.98 -0.93 -13.03
CA GLU A 12 -16.01 -2.17 -13.78
C GLU A 12 -15.69 -3.32 -12.88
N LYS A 13 -16.43 -4.38 -13.02
CA LYS A 13 -16.22 -5.56 -12.21
C LYS A 13 -15.23 -6.47 -12.92
N ARG A 14 -14.06 -6.61 -12.33
CA ARG A 14 -13.00 -7.39 -12.94
C ARG A 14 -12.59 -8.54 -12.02
N MET A 15 -12.07 -9.60 -12.59
CA MET A 15 -11.68 -10.76 -11.84
C MET A 15 -10.17 -10.96 -11.90
N SER A 16 -9.62 -11.43 -10.82
CA SER A 16 -8.22 -11.72 -10.72
C SER A 16 -7.85 -12.84 -11.70
N ARG A 17 -6.81 -12.61 -12.48
CA ARG A 17 -6.38 -13.52 -13.53
C ARG A 17 -6.19 -14.96 -13.05
N SER A 18 -7.12 -15.83 -13.45
CA SER A 18 -7.09 -17.26 -13.14
C SER A 18 -7.15 -17.54 -11.63
N SER A 19 -7.49 -16.54 -10.84
CA SER A 19 -7.55 -16.72 -9.41
C SER A 19 -9.01 -16.94 -8.96
N GLY A 20 -9.95 -16.31 -9.67
CA GLY A 20 -11.36 -16.49 -9.36
C GLY A 20 -11.90 -15.41 -8.46
N ARG A 21 -11.01 -14.61 -7.92
CA ARG A 21 -11.37 -13.52 -7.04
C ARG A 21 -11.94 -12.36 -7.86
N VAL A 22 -13.04 -11.77 -7.41
CA VAL A 22 -13.67 -10.70 -8.15
C VAL A 22 -13.59 -9.37 -7.39
N TYR A 23 -13.06 -8.34 -8.04
CA TYR A 23 -12.92 -7.04 -7.41
C TYR A 23 -13.50 -5.94 -8.31
N TYR A 24 -13.50 -4.72 -7.81
CA TYR A 24 -14.06 -3.60 -8.55
C TYR A 24 -12.98 -2.62 -8.95
N PHE A 25 -12.99 -2.24 -10.21
CA PHE A 25 -12.01 -1.31 -10.75
C PHE A 25 -12.69 -0.06 -11.27
N ASN A 26 -12.15 1.08 -10.94
CA ASN A 26 -12.69 2.34 -11.39
C ASN A 26 -11.80 2.90 -12.50
N HIS A 27 -12.36 3.03 -13.69
CA HIS A 27 -11.58 3.51 -14.83
C HIS A 27 -11.57 5.03 -14.91
N ILE A 28 -12.31 5.66 -14.01
CA ILE A 28 -12.39 7.12 -13.99
C ILE A 28 -11.09 7.71 -13.45
N THR A 29 -10.73 7.32 -12.23
CA THR A 29 -9.53 7.84 -11.60
C THR A 29 -8.53 6.71 -11.34
N ASN A 30 -8.83 5.51 -11.85
CA ASN A 30 -7.98 4.32 -11.69
C ASN A 30 -7.90 3.90 -10.22
N ALA A 31 -9.04 3.56 -9.65
CA ALA A 31 -9.10 3.08 -8.28
C ALA A 31 -9.54 1.62 -8.29
N SER A 32 -9.39 0.94 -7.17
CA SER A 32 -9.77 -0.47 -7.10
C SER A 32 -10.03 -0.87 -5.66
N GLN A 33 -10.90 -1.85 -5.47
CA GLN A 33 -11.23 -2.33 -4.14
C GLN A 33 -12.04 -3.62 -4.22
N TRP A 34 -12.16 -4.29 -3.09
CA TRP A 34 -12.89 -5.56 -3.03
C TRP A 34 -14.28 -5.36 -2.42
N GLU A 35 -14.48 -4.18 -1.87
CA GLU A 35 -15.75 -3.81 -1.28
C GLU A 35 -16.46 -2.87 -2.24
N ARG A 36 -17.77 -2.85 -2.20
CA ARG A 36 -18.53 -1.95 -3.06
C ARG A 36 -18.33 -0.51 -2.64
N PRO A 37 -18.31 0.43 -3.61
CA PRO A 37 -18.16 1.89 -3.31
C PRO A 37 -19.39 2.47 -2.60
N SER A 38 -20.18 1.59 -2.03
CA SER A 38 -21.37 1.93 -1.30
C SER A 38 -21.60 0.87 -0.22
N GLY A 39 -20.51 0.20 0.16
CA GLY A 39 -20.59 -0.85 1.15
C GLY A 39 -20.68 -0.31 2.54
N ASN A 40 -21.86 -0.38 3.11
CA ASN A 40 -22.10 0.15 4.44
C ASN A 40 -22.33 -0.97 5.44
N SER A 41 -21.86 -2.16 5.13
CA SER A 41 -22.05 -3.30 6.00
C SER A 41 -20.90 -3.42 7.00
N SER A 42 -19.72 -2.97 6.61
CA SER A 42 -18.56 -3.04 7.48
C SER A 42 -17.71 -1.78 7.36
N SER A 43 -17.55 -1.08 8.46
CA SER A 43 -16.70 0.10 8.50
C SER A 43 -15.36 -0.23 9.13
N GLY A 44 -14.29 -0.08 8.38
CA GLY A 44 -12.97 -0.40 8.89
C GLY A 44 -12.22 0.83 9.37
N GLY A 45 -11.77 0.81 10.60
CA GLY A 45 -11.03 1.94 11.12
C GLY A 45 -10.60 1.75 12.56
N LYS A 46 -9.54 2.44 12.92
CA LYS A 46 -9.02 2.44 14.28
C LYS A 46 -8.87 3.88 14.75
N ASN A 47 -8.54 4.06 16.00
CA ASN A 47 -8.34 5.40 16.54
C ASN A 47 -6.90 5.58 17.01
N GLY A 48 -6.20 6.54 16.41
CA GLY A 48 -4.84 6.81 16.80
C GLY A 48 -4.78 7.72 18.01
N GLN A 49 -3.71 7.62 18.77
CA GLN A 49 -3.54 8.44 19.96
C GLN A 49 -2.97 9.81 19.62
N GLY A 50 -3.80 10.83 19.75
CA GLY A 50 -3.36 12.17 19.48
C GLY A 50 -3.93 12.71 18.18
N GLU A 51 -3.50 13.89 17.80
CA GLU A 51 -3.93 14.52 16.57
C GLU A 51 -3.00 14.15 15.42
N PRO A 52 -3.40 14.44 14.16
CA PRO A 52 -2.56 14.17 12.97
C PRO A 52 -1.32 15.05 12.89
N ALA A 53 -0.55 15.08 13.97
CA ALA A 53 0.70 15.81 14.03
C ALA A 53 1.84 14.82 13.93
N ARG A 54 1.51 13.56 14.22
CA ARG A 54 2.43 12.46 14.14
C ARG A 54 1.66 11.17 13.95
N VAL A 55 2.15 10.31 13.09
CA VAL A 55 1.49 9.04 12.82
C VAL A 55 2.49 7.90 12.82
N ARG A 56 2.00 6.68 12.77
CA ARG A 56 2.86 5.52 12.72
C ARG A 56 2.29 4.48 11.77
N CYS A 57 3.10 4.03 10.84
CA CYS A 57 2.66 3.05 9.88
C CYS A 57 3.75 2.03 9.58
N SER A 58 3.38 1.04 8.81
CA SER A 58 4.29 0.00 8.37
C SER A 58 4.30 -0.02 6.85
N HIS A 59 5.40 -0.41 6.26
CA HIS A 59 5.49 -0.41 4.81
C HIS A 59 6.36 -1.56 4.31
N LEU A 60 6.22 -1.88 3.05
CA LEU A 60 7.03 -2.89 2.42
C LEU A 60 7.66 -2.28 1.17
N LEU A 61 8.97 -2.08 1.20
CA LEU A 61 9.67 -1.48 0.09
C LEU A 61 10.42 -2.52 -0.71
N VAL A 62 10.24 -2.48 -2.02
CA VAL A 62 10.89 -3.38 -2.93
C VAL A 62 11.69 -2.57 -3.96
N LYS A 63 12.96 -2.88 -4.12
CA LYS A 63 13.79 -2.17 -5.07
C LYS A 63 13.92 -2.93 -6.37
N HIS A 64 14.19 -2.21 -7.44
CA HIS A 64 14.31 -2.83 -8.76
C HIS A 64 15.72 -2.63 -9.31
N SER A 65 16.02 -3.34 -10.39
CA SER A 65 17.34 -3.33 -11.01
C SER A 65 17.82 -1.91 -11.37
N GLN A 66 17.05 -1.23 -12.21
CA GLN A 66 17.42 0.11 -12.67
C GLN A 66 17.09 1.21 -11.65
N SER A 67 17.17 0.89 -10.38
CA SER A 67 16.91 1.88 -9.35
C SER A 67 18.22 2.56 -8.95
N ARG A 68 18.14 3.42 -7.92
CA ARG A 68 19.31 4.10 -7.39
C ARG A 68 20.38 3.08 -6.96
N ARG A 69 19.95 2.03 -6.27
CA ARG A 69 20.84 0.99 -5.77
C ARG A 69 20.27 -0.39 -6.10
N PRO A 70 20.94 -1.15 -6.97
CA PRO A 70 20.50 -2.50 -7.33
C PRO A 70 20.95 -3.54 -6.29
N SER A 71 21.22 -3.08 -5.09
CA SER A 71 21.68 -3.94 -4.03
C SER A 71 21.05 -3.54 -2.69
N SER A 72 20.74 -4.54 -1.88
CA SER A 72 20.19 -4.31 -0.57
C SER A 72 20.87 -5.22 0.43
N TRP A 73 20.40 -5.21 1.67
CA TRP A 73 21.00 -6.01 2.74
C TRP A 73 20.82 -7.51 2.50
N ARG A 74 19.80 -7.87 1.74
CA ARG A 74 19.49 -9.28 1.51
C ARG A 74 19.95 -9.77 0.14
N GLN A 75 20.29 -8.85 -0.75
CA GLN A 75 20.75 -9.21 -2.08
C GLN A 75 21.57 -8.10 -2.68
N GLU A 76 22.80 -8.41 -3.01
CA GLU A 76 23.71 -7.42 -3.56
C GLU A 76 23.65 -7.41 -5.09
N LYS A 77 22.71 -8.15 -5.65
CA LYS A 77 22.60 -8.27 -7.10
C LYS A 77 21.14 -8.25 -7.57
N ILE A 78 20.30 -7.51 -6.84
CA ILE A 78 18.87 -7.40 -7.13
C ILE A 78 18.62 -7.06 -8.61
N THR A 79 18.18 -8.05 -9.36
CA THR A 79 17.88 -7.87 -10.75
C THR A 79 16.42 -8.20 -11.04
N ARG A 80 15.53 -7.35 -10.57
CA ARG A 80 14.12 -7.51 -10.82
C ARG A 80 13.58 -6.28 -11.53
N THR A 81 12.73 -6.49 -12.51
CA THR A 81 12.16 -5.39 -13.26
C THR A 81 10.97 -4.77 -12.53
N LYS A 82 10.49 -3.66 -13.06
CA LYS A 82 9.36 -2.94 -12.46
C LYS A 82 8.08 -3.79 -12.51
N GLU A 83 7.94 -4.60 -13.55
CA GLU A 83 6.77 -5.47 -13.67
C GLU A 83 6.81 -6.59 -12.63
N GLU A 84 8.02 -7.11 -12.40
CA GLU A 84 8.21 -8.17 -11.42
C GLU A 84 7.96 -7.66 -10.03
N ALA A 85 8.53 -6.50 -9.71
CA ALA A 85 8.34 -5.85 -8.42
C ALA A 85 6.85 -5.69 -8.11
N LEU A 86 6.08 -5.31 -9.12
CA LEU A 86 4.64 -5.17 -8.97
C LEU A 86 3.98 -6.51 -8.72
N GLU A 87 4.32 -7.49 -9.52
CA GLU A 87 3.69 -8.80 -9.42
C GLU A 87 3.92 -9.44 -8.06
N LEU A 88 5.13 -9.32 -7.54
CA LEU A 88 5.44 -9.89 -6.24
C LEU A 88 4.78 -9.11 -5.10
N ILE A 89 4.71 -7.79 -5.25
CA ILE A 89 4.14 -6.94 -4.22
C ILE A 89 2.61 -7.05 -4.21
N ASN A 90 2.02 -7.21 -5.39
CA ASN A 90 0.58 -7.40 -5.51
C ASN A 90 0.18 -8.72 -4.90
N GLY A 91 1.07 -9.71 -5.05
CA GLY A 91 0.83 -11.01 -4.47
C GLY A 91 0.81 -10.96 -2.97
N TYR A 92 1.65 -10.10 -2.39
CA TYR A 92 1.69 -9.92 -0.95
C TYR A 92 0.36 -9.39 -0.45
N ILE A 93 -0.10 -8.29 -1.06
CA ILE A 93 -1.37 -7.69 -0.68
C ILE A 93 -2.50 -8.70 -0.79
N GLN A 94 -2.49 -9.48 -1.87
CA GLN A 94 -3.52 -10.48 -2.10
C GLN A 94 -3.65 -11.42 -0.92
N LYS A 95 -2.54 -11.88 -0.43
CA LYS A 95 -2.52 -12.79 0.68
C LYS A 95 -2.93 -12.09 1.98
N ILE A 96 -2.43 -10.87 2.17
CA ILE A 96 -2.70 -10.09 3.37
C ILE A 96 -4.19 -9.74 3.50
N LYS A 97 -4.76 -9.15 2.44
CA LYS A 97 -6.16 -8.69 2.49
C LYS A 97 -7.14 -9.85 2.59
N SER A 98 -6.69 -11.04 2.22
CA SER A 98 -7.52 -12.23 2.30
C SER A 98 -7.46 -12.86 3.69
N GLY A 99 -6.56 -12.34 4.52
CA GLY A 99 -6.42 -12.86 5.87
C GLY A 99 -5.58 -14.12 5.91
N GLU A 100 -4.84 -14.38 4.85
CA GLU A 100 -3.99 -15.56 4.78
C GLU A 100 -2.78 -15.37 5.68
N GLU A 101 -2.12 -14.23 5.54
CA GLU A 101 -0.97 -13.89 6.36
C GLU A 101 -1.02 -12.42 6.72
N ASP A 102 -0.52 -12.10 7.90
CA ASP A 102 -0.56 -10.73 8.41
C ASP A 102 0.45 -9.85 7.73
N PHE A 103 0.14 -8.57 7.60
CA PHE A 103 1.03 -7.61 6.97
C PHE A 103 2.37 -7.60 7.68
N GLU A 104 2.33 -7.47 9.00
CA GLU A 104 3.56 -7.40 9.80
C GLU A 104 4.42 -8.66 9.61
N SER A 105 3.81 -9.81 9.78
CA SER A 105 4.52 -11.08 9.67
C SER A 105 5.08 -11.29 8.25
N LEU A 106 4.30 -10.94 7.24
CA LEU A 106 4.71 -11.10 5.88
C LEU A 106 5.81 -10.09 5.52
N ALA A 107 5.62 -8.83 5.91
CA ALA A 107 6.60 -7.79 5.64
C ALA A 107 7.92 -8.09 6.32
N SER A 108 7.86 -8.53 7.58
CA SER A 108 9.06 -8.86 8.36
C SER A 108 9.95 -9.84 7.60
N GLN A 109 9.34 -10.69 6.80
CA GLN A 109 10.08 -11.69 6.04
C GLN A 109 10.49 -11.17 4.66
N PHE A 110 9.54 -10.61 3.92
CA PHE A 110 9.79 -10.22 2.54
C PHE A 110 10.22 -8.76 2.36
N SER A 111 10.64 -8.11 3.43
CA SER A 111 11.11 -6.73 3.33
C SER A 111 12.43 -6.65 2.58
N ASP A 112 12.44 -5.93 1.47
CA ASP A 112 13.65 -5.69 0.71
C ASP A 112 14.43 -4.56 1.38
N CYS A 113 13.70 -3.62 1.96
CA CYS A 113 14.28 -2.49 2.67
C CYS A 113 14.80 -2.91 4.03
N SER A 114 15.53 -2.01 4.68
CA SER A 114 16.12 -2.28 5.99
C SER A 114 15.05 -2.27 7.10
N SER A 115 13.81 -1.93 6.74
CA SER A 115 12.69 -1.88 7.68
C SER A 115 12.31 -3.29 8.15
N ALA A 116 13.02 -4.30 7.66
CA ALA A 116 12.77 -5.69 7.99
C ALA A 116 12.91 -5.97 9.48
N LYS A 117 13.80 -5.24 10.15
CA LYS A 117 14.03 -5.47 11.57
C LYS A 117 12.85 -5.03 12.41
N ALA A 118 12.12 -4.03 11.92
CA ALA A 118 10.93 -3.54 12.62
C ALA A 118 9.67 -4.06 11.95
N ARG A 119 9.84 -5.07 11.08
CA ARG A 119 8.71 -5.76 10.43
C ARG A 119 7.94 -4.84 9.50
N GLY A 120 8.60 -3.79 9.03
CA GLY A 120 7.96 -2.87 8.13
C GLY A 120 7.62 -1.55 8.80
N ASP A 121 7.51 -1.58 10.12
CA ASP A 121 7.19 -0.37 10.89
C ASP A 121 8.30 0.67 10.75
N LEU A 122 7.92 1.87 10.37
CA LEU A 122 8.89 2.94 10.21
C LEU A 122 9.05 3.68 11.53
N GLY A 123 7.99 3.67 12.33
CA GLY A 123 8.01 4.35 13.59
C GLY A 123 7.03 5.51 13.62
N ALA A 124 6.91 6.14 14.77
CA ALA A 124 6.03 7.28 14.92
C ALA A 124 6.81 8.57 14.83
N PHE A 125 6.55 9.34 13.81
CA PHE A 125 7.27 10.59 13.61
C PHE A 125 6.33 11.75 13.39
N SER A 126 6.80 12.95 13.70
CA SER A 126 6.00 14.15 13.57
C SER A 126 6.45 14.94 12.34
N ARG A 127 5.62 15.89 11.93
CA ARG A 127 5.97 16.74 10.81
C ARG A 127 7.10 17.67 11.17
N GLY A 128 7.95 17.95 10.20
CA GLY A 128 9.10 18.79 10.43
C GLY A 128 10.34 18.17 9.86
N GLN A 129 10.36 16.84 9.81
CA GLN A 129 11.51 16.11 9.30
C GLN A 129 11.14 15.31 8.04
N MET A 130 10.07 15.70 7.39
CA MET A 130 9.58 14.99 6.21
C MET A 130 9.81 15.82 4.95
N GLN A 131 9.76 15.17 3.79
CA GLN A 131 9.86 15.90 2.52
C GLN A 131 8.58 16.72 2.34
N LYS A 132 8.70 17.90 1.73
CA LYS A 132 7.57 18.83 1.57
C LYS A 132 6.23 18.12 1.16
N PRO A 133 6.19 17.41 0.01
CA PRO A 133 4.96 16.74 -0.44
C PRO A 133 4.57 15.56 0.44
N PHE A 134 5.57 14.85 0.97
CA PHE A 134 5.32 13.66 1.78
C PHE A 134 4.90 14.01 3.20
N GLU A 135 5.32 15.18 3.67
CA GLU A 135 4.96 15.65 5.01
C GLU A 135 3.46 15.89 5.09
N ASP A 136 2.86 16.12 3.94
CA ASP A 136 1.42 16.30 3.83
C ASP A 136 0.76 14.95 3.57
N ALA A 137 1.54 13.99 3.09
CA ALA A 137 1.04 12.67 2.73
C ALA A 137 0.92 11.76 3.95
N SER A 138 1.90 11.83 4.86
CA SER A 138 1.90 11.00 6.08
C SER A 138 0.57 11.08 6.83
N PHE A 139 -0.02 12.24 6.80
CA PHE A 139 -1.28 12.46 7.52
C PHE A 139 -2.53 12.16 6.67
N ALA A 140 -2.35 11.70 5.44
CA ALA A 140 -3.48 11.47 4.54
C ALA A 140 -4.20 10.16 4.84
N LEU A 141 -3.45 9.11 5.15
CA LEU A 141 -4.04 7.81 5.45
C LEU A 141 -4.67 7.78 6.82
N ARG A 142 -5.72 7.00 6.96
CA ARG A 142 -6.42 6.89 8.22
C ARG A 142 -6.11 5.54 8.85
N THR A 143 -6.11 5.49 10.17
CA THR A 143 -5.81 4.28 10.89
C THR A 143 -6.86 3.20 10.58
N GLY A 144 -6.40 2.09 10.00
CA GLY A 144 -7.31 1.01 9.67
C GLY A 144 -7.38 0.73 8.19
N GLU A 145 -6.74 1.58 7.40
CA GLU A 145 -6.75 1.39 5.94
C GLU A 145 -5.40 0.94 5.43
N MET A 146 -5.43 0.11 4.41
CA MET A 146 -4.22 -0.38 3.78
C MET A 146 -4.09 0.21 2.39
N SER A 147 -2.88 0.59 2.06
CA SER A 147 -2.58 1.20 0.78
C SER A 147 -2.21 0.14 -0.26
N GLY A 148 -1.92 0.61 -1.46
CA GLY A 148 -1.53 -0.28 -2.53
C GLY A 148 -0.13 0.05 -3.02
N PRO A 149 0.20 -0.31 -4.27
CA PRO A 149 1.53 -0.05 -4.84
C PRO A 149 1.73 1.44 -5.15
N VAL A 150 2.65 2.06 -4.43
CA VAL A 150 2.97 3.47 -4.65
C VAL A 150 4.29 3.59 -5.41
N PHE A 151 4.34 4.51 -6.38
CA PHE A 151 5.54 4.70 -7.20
C PHE A 151 6.25 6.01 -6.88
N THR A 152 7.26 5.94 -6.03
CA THR A 152 8.07 7.12 -5.68
C THR A 152 9.48 6.93 -6.24
N ASP A 153 10.39 7.87 -5.95
CA ASP A 153 11.75 7.78 -6.49
C ASP A 153 12.47 6.53 -5.98
N SER A 154 12.30 6.24 -4.69
CA SER A 154 12.95 5.08 -4.07
C SER A 154 12.57 3.78 -4.79
N GLY A 155 11.30 3.63 -5.14
CA GLY A 155 10.85 2.45 -5.83
C GLY A 155 9.41 2.13 -5.57
N ILE A 156 9.03 0.88 -5.81
CA ILE A 156 7.66 0.42 -5.61
C ILE A 156 7.50 -0.07 -4.18
N HIS A 157 6.46 0.40 -3.52
CA HIS A 157 6.26 0.05 -2.12
C HIS A 157 4.82 0.27 -1.66
N ILE A 158 4.38 -0.57 -0.73
CA ILE A 158 3.03 -0.50 -0.17
C ILE A 158 3.08 0.00 1.28
N ILE A 159 1.94 0.43 1.81
CA ILE A 159 1.88 0.99 3.17
C ILE A 159 0.62 0.57 3.92
N LEU A 160 0.72 0.56 5.25
CA LEU A 160 -0.39 0.20 6.13
C LEU A 160 -0.26 0.97 7.44
N ARG A 161 -1.27 1.78 7.76
CA ARG A 161 -1.23 2.58 8.99
C ARG A 161 -1.77 1.78 10.17
N THR A 162 -1.00 1.72 11.23
CA THR A 162 -1.40 0.97 12.41
C THR A 162 -1.76 1.89 13.57
N GLU A 163 -1.33 3.15 13.48
CA GLU A 163 -1.62 4.12 14.52
C GLU A 163 -1.70 5.52 13.93
C ACE B 1 -6.44 -5.67 -16.29
O ACE B 1 -7.08 -4.62 -16.36
CH3 ACE B 1 -6.72 -6.82 -17.25
H1 ACE B 1 -6.46 -7.75 -16.76
H2 ACE B 1 -6.13 -6.71 -18.14
H3 ACE B 1 -7.78 -6.78 -17.52
N VAL B 2 -5.48 -5.87 -15.39
CA VAL B 2 -5.77 -6.27 -14.03
C VAL B 2 -4.57 -5.98 -13.10
N LEU B 3 -4.84 -5.29 -12.01
CA LEU B 3 -3.81 -5.05 -11.01
C LEU B 3 -4.02 -6.02 -9.86
N TPO B 4 -5.31 -6.13 -9.46
CA TPO B 4 -5.83 -7.04 -8.42
CB TPO B 4 -5.11 -8.39 -8.38
CG2 TPO B 4 -5.92 -9.45 -7.68
OG1 TPO B 4 -4.89 -8.86 -9.72
P TPO B 4 -3.99 -10.18 -9.96
O1P TPO B 4 -5.06 -11.20 -10.60
O2P TPO B 4 -3.22 -10.67 -8.82
O3P TPO B 4 -3.12 -9.75 -11.25
C TPO B 4 -6.00 -6.40 -6.99
O TPO B 4 -7.12 -6.36 -6.48
H TPO B 4 -5.97 -5.56 -9.90
HA TPO B 4 -6.84 -7.23 -8.73
HB TPO B 4 -4.16 -8.29 -7.89
HG21 TPO B 4 -6.07 -9.16 -6.65
HG22 TPO B 4 -5.39 -10.39 -7.71
HG23 TPO B 4 -6.88 -9.56 -8.18
N PRO B 5 -4.92 -5.90 -6.30
CA PRO B 5 -5.04 -5.29 -4.97
C PRO B 5 -5.92 -4.03 -4.96
N PRO B 6 -6.47 -3.66 -3.79
CA PRO B 6 -7.31 -2.49 -3.64
C PRO B 6 -6.47 -1.20 -3.59
N ASP B 7 -6.48 -0.46 -4.67
CA ASP B 7 -5.73 0.79 -4.74
C ASP B 7 -6.67 1.97 -4.58
N GLN B 8 -6.57 2.66 -3.47
CA GLN B 8 -7.38 3.83 -3.22
C GLN B 8 -6.64 5.08 -3.66
N GLU B 9 -6.79 5.41 -4.93
CA GLU B 9 -6.10 6.54 -5.57
C GLU B 9 -6.35 7.86 -4.85
N VAL B 10 -7.40 7.93 -4.07
CA VAL B 10 -7.69 9.14 -3.33
C VAL B 10 -7.03 9.12 -1.96
N ILE B 11 -7.22 8.03 -1.22
CA ILE B 11 -6.68 7.93 0.13
C ILE B 11 -5.82 6.67 0.31
N ARG B 12 -4.50 6.83 0.16
CA ARG B 12 -3.57 5.72 0.38
C ARG B 12 -2.15 6.25 0.58
N ASN B 13 -2.06 7.53 0.89
CA ASN B 13 -0.78 8.20 1.04
C ASN B 13 -0.39 8.26 2.51
N ILE B 14 0.88 8.07 2.81
CA ILE B 14 1.38 8.12 4.19
C ILE B 14 2.93 8.09 4.19
N ASP B 15 3.55 7.78 5.34
CA ASP B 15 5.00 7.69 5.46
C ASP B 15 5.53 6.57 4.59
N GLN B 16 5.75 6.87 3.34
CA GLN B 16 6.22 5.87 2.43
C GLN B 16 7.65 6.14 2.02
N SER B 17 8.57 5.76 2.90
CA SER B 17 10.02 5.89 2.68
C SER B 17 10.47 7.36 2.61
N GLU B 18 10.06 8.07 1.56
CA GLU B 18 10.43 9.47 1.36
C GLU B 18 9.75 10.42 2.36
N PHE B 19 9.22 9.88 3.45
CA PHE B 19 8.69 10.69 4.49
C PHE B 19 9.84 11.20 5.38
N GLU B 20 11.01 10.61 5.18
CA GLU B 20 12.20 10.97 5.94
C GLU B 20 13.43 10.86 5.02
N GLY B 21 14.61 10.86 5.62
CA GLY B 21 15.82 10.72 4.84
C GLY B 21 16.14 9.26 4.59
N PHE B 22 15.39 8.39 5.25
CA PHE B 22 15.52 6.95 5.09
C PHE B 22 15.47 6.58 3.62
N SEP B 23 16.55 6.00 3.14
CA SEP B 23 16.71 5.68 1.74
CB SEP B 23 15.59 4.75 1.22
OG SEP B 23 15.93 3.39 1.43
C SEP B 23 16.81 6.97 0.91
O SEP B 23 17.91 7.51 0.72
P SEP B 23 16.43 2.53 0.18
O1P SEP B 23 17.11 1.26 0.43
O2P SEP B 23 15.10 2.43 -0.71
O3P SEP B 23 17.28 3.59 -0.66
H SEP B 23 17.28 5.76 3.76
HA SEP B 23 17.66 5.18 1.64
HB2 SEP B 23 15.44 4.91 0.16
HB3 SEP B 23 14.68 4.97 1.76
N PHE B 24 15.67 7.50 0.48
CA PHE B 24 15.67 8.71 -0.31
C PHE B 24 15.09 9.87 0.48
N NH2 B 25 15.96 10.62 1.16
HN1 NH2 B 25 16.90 10.38 1.10
HN2 NH2 B 25 15.61 11.36 1.69
N MET A 1 -33.23 -10.27 -7.54
CA MET A 1 -31.93 -9.60 -7.66
C MET A 1 -32.10 -8.09 -7.65
N ALA A 2 -31.33 -7.41 -6.82
CA ALA A 2 -31.40 -5.96 -6.74
C ALA A 2 -30.54 -5.31 -7.81
N ASP A 3 -30.57 -3.98 -7.88
CA ASP A 3 -29.81 -3.24 -8.89
C ASP A 3 -28.33 -3.15 -8.56
N GLU A 4 -27.88 -4.02 -7.67
CA GLU A 4 -26.48 -4.08 -7.29
C GLU A 4 -25.66 -4.71 -8.40
N GLU A 5 -26.35 -5.35 -9.33
CA GLU A 5 -25.71 -5.94 -10.48
C GLU A 5 -25.26 -4.85 -11.44
N LYS A 6 -25.85 -3.67 -11.28
CA LYS A 6 -25.47 -2.53 -12.05
C LYS A 6 -24.45 -1.71 -11.30
N LEU A 7 -23.38 -1.44 -11.95
CA LEU A 7 -22.27 -0.76 -11.34
C LEU A 7 -22.36 0.74 -11.52
N PRO A 8 -21.98 1.51 -10.47
CA PRO A 8 -21.96 2.96 -10.54
C PRO A 8 -20.97 3.45 -11.60
N PRO A 9 -21.24 4.63 -12.20
CA PRO A 9 -20.38 5.19 -13.24
C PRO A 9 -18.91 5.24 -12.83
N GLY A 10 -18.08 4.59 -13.63
CA GLY A 10 -16.66 4.57 -13.35
C GLY A 10 -16.18 3.22 -12.86
N TRP A 11 -17.10 2.43 -12.33
CA TRP A 11 -16.76 1.12 -11.81
C TRP A 11 -17.06 0.03 -12.80
N GLU A 12 -16.16 -0.93 -12.87
CA GLU A 12 -16.28 -2.07 -13.74
C GLU A 12 -16.02 -3.33 -12.94
N LYS A 13 -16.61 -4.41 -13.36
CA LYS A 13 -16.43 -5.67 -12.69
C LYS A 13 -15.55 -6.57 -13.54
N ARG A 14 -14.35 -6.81 -13.07
CA ARG A 14 -13.39 -7.58 -13.81
C ARG A 14 -12.97 -8.82 -13.03
N MET A 15 -12.17 -9.68 -13.65
CA MET A 15 -11.74 -10.91 -13.03
C MET A 15 -10.24 -11.05 -13.10
N SER A 16 -9.67 -11.58 -12.04
CA SER A 16 -8.24 -11.80 -11.95
C SER A 16 -7.79 -12.79 -13.03
N ARG A 17 -6.65 -12.49 -13.64
CA ARG A 17 -6.11 -13.27 -14.74
C ARG A 17 -5.86 -14.73 -14.36
N SER A 18 -6.64 -15.62 -14.99
CA SER A 18 -6.50 -17.07 -14.81
C SER A 18 -6.66 -17.50 -13.34
N SER A 19 -7.22 -16.63 -12.52
CA SER A 19 -7.40 -16.94 -11.12
C SER A 19 -8.88 -17.21 -10.81
N GLY A 20 -9.77 -16.60 -11.58
CA GLY A 20 -11.20 -16.83 -11.41
C GLY A 20 -11.77 -15.99 -10.30
N ARG A 21 -11.07 -14.95 -9.93
CA ARG A 21 -11.49 -14.08 -8.86
C ARG A 21 -12.13 -12.83 -9.44
N VAL A 22 -13.32 -12.52 -8.98
CA VAL A 22 -14.05 -11.36 -9.48
C VAL A 22 -13.96 -10.20 -8.48
N TYR A 23 -13.64 -9.00 -8.99
CA TYR A 23 -13.54 -7.82 -8.13
C TYR A 23 -13.97 -6.55 -8.87
N TYR A 24 -14.00 -5.44 -8.15
CA TYR A 24 -14.43 -4.17 -8.71
C TYR A 24 -13.22 -3.30 -9.07
N PHE A 25 -13.22 -2.78 -10.28
CA PHE A 25 -12.15 -1.93 -10.77
C PHE A 25 -12.70 -0.59 -11.22
N ASN A 26 -12.03 0.47 -10.83
CA ASN A 26 -12.45 1.82 -11.20
C ASN A 26 -11.53 2.39 -12.25
N HIS A 27 -12.06 2.65 -13.42
CA HIS A 27 -11.25 3.15 -14.54
C HIS A 27 -11.15 4.68 -14.53
N ILE A 28 -11.72 5.29 -13.51
CA ILE A 28 -11.68 6.74 -13.40
C ILE A 28 -10.37 7.18 -12.76
N THR A 29 -10.04 6.60 -11.63
CA THR A 29 -8.82 6.95 -10.93
C THR A 29 -7.92 5.73 -10.69
N ASN A 30 -8.22 4.63 -11.42
CA ASN A 30 -7.44 3.39 -11.34
C ASN A 30 -7.57 2.75 -9.95
N ALA A 31 -8.68 3.02 -9.28
CA ALA A 31 -8.93 2.46 -7.95
C ALA A 31 -9.46 1.05 -8.09
N SER A 32 -9.36 0.26 -7.04
CA SER A 32 -9.82 -1.12 -7.08
C SER A 32 -10.13 -1.62 -5.69
N GLN A 33 -11.12 -2.50 -5.58
CA GLN A 33 -11.49 -3.07 -4.32
C GLN A 33 -12.36 -4.30 -4.53
N TRP A 34 -12.37 -5.18 -3.53
CA TRP A 34 -13.14 -6.41 -3.61
C TRP A 34 -14.43 -6.27 -2.83
N GLU A 35 -14.59 -5.11 -2.24
CA GLU A 35 -15.77 -4.80 -1.49
C GLU A 35 -16.64 -3.85 -2.30
N ARG A 36 -17.90 -3.80 -1.97
CA ARG A 36 -18.84 -2.93 -2.67
C ARG A 36 -18.46 -1.47 -2.43
N PRO A 37 -18.56 -0.62 -3.48
CA PRO A 37 -18.19 0.80 -3.40
C PRO A 37 -18.93 1.53 -2.29
N SER A 38 -20.08 1.02 -1.92
CA SER A 38 -20.85 1.59 -0.85
C SER A 38 -20.45 0.95 0.47
N GLY A 39 -19.54 1.60 1.19
CA GLY A 39 -19.07 1.08 2.46
C GLY A 39 -20.06 1.36 3.58
N ASN A 40 -21.26 0.84 3.44
CA ASN A 40 -22.31 1.07 4.40
C ASN A 40 -22.59 -0.16 5.26
N SER A 41 -21.92 -1.26 4.95
CA SER A 41 -22.13 -2.50 5.68
C SER A 41 -21.58 -2.39 7.10
N SER A 42 -20.29 -2.10 7.21
CA SER A 42 -19.66 -1.99 8.53
C SER A 42 -18.49 -1.02 8.49
N SER A 43 -18.50 -0.08 9.41
CA SER A 43 -17.43 0.87 9.55
C SER A 43 -16.53 0.45 10.72
N GLY A 44 -15.24 0.32 10.46
CA GLY A 44 -14.33 -0.09 11.50
C GLY A 44 -12.91 0.32 11.22
N GLY A 45 -12.14 0.54 12.28
CA GLY A 45 -10.77 0.93 12.13
C GLY A 45 -10.11 1.13 13.47
N LYS A 46 -8.90 1.66 13.46
CA LYS A 46 -8.17 1.93 14.67
C LYS A 46 -7.99 3.43 14.85
N ASN A 47 -7.47 3.84 15.99
CA ASN A 47 -7.27 5.26 16.27
C ASN A 47 -6.08 5.46 17.19
N GLY A 48 -5.42 6.60 17.07
CA GLY A 48 -4.30 6.90 17.92
C GLY A 48 -4.70 7.68 19.16
N GLN A 49 -3.84 7.70 20.15
CA GLN A 49 -4.13 8.40 21.39
C GLN A 49 -3.68 9.85 21.31
N GLY A 50 -4.57 10.75 21.68
CA GLY A 50 -4.25 12.17 21.63
C GLY A 50 -4.53 12.75 20.28
N GLU A 51 -3.78 13.76 19.90
CA GLU A 51 -3.95 14.39 18.62
C GLU A 51 -2.97 13.82 17.61
N PRO A 52 -3.45 13.48 16.39
CA PRO A 52 -2.60 12.95 15.32
C PRO A 52 -1.67 14.02 14.72
N ALA A 53 -0.84 14.62 15.58
CA ALA A 53 0.15 15.60 15.14
C ALA A 53 1.38 14.88 14.62
N ARG A 54 1.36 13.57 14.80
CA ARG A 54 2.40 12.68 14.34
C ARG A 54 1.76 11.33 14.03
N VAL A 55 2.38 10.55 13.17
CA VAL A 55 1.82 9.27 12.78
C VAL A 55 2.86 8.17 12.83
N ARG A 56 2.39 6.93 12.76
CA ARG A 56 3.26 5.77 12.76
C ARG A 56 2.69 4.68 11.87
N CYS A 57 3.43 4.28 10.86
CA CYS A 57 2.96 3.27 9.95
C CYS A 57 4.05 2.25 9.64
N SER A 58 3.63 1.17 9.00
CA SER A 58 4.54 0.13 8.58
C SER A 58 4.53 0.08 7.06
N HIS A 59 5.63 -0.32 6.47
CA HIS A 59 5.72 -0.37 5.03
C HIS A 59 6.62 -1.50 4.56
N LEU A 60 6.36 -2.00 3.37
CA LEU A 60 7.19 -3.04 2.79
C LEU A 60 7.85 -2.48 1.54
N LEU A 61 9.10 -2.12 1.66
CA LEU A 61 9.85 -1.56 0.54
C LEU A 61 10.48 -2.67 -0.28
N VAL A 62 10.28 -2.61 -1.58
CA VAL A 62 10.86 -3.54 -2.51
C VAL A 62 11.65 -2.77 -3.56
N LYS A 63 12.90 -3.16 -3.76
CA LYS A 63 13.74 -2.48 -4.73
C LYS A 63 13.76 -3.23 -6.04
N HIS A 64 14.11 -2.52 -7.09
CA HIS A 64 14.19 -3.10 -8.42
C HIS A 64 15.51 -2.75 -9.07
N SER A 65 15.80 -3.39 -10.19
CA SER A 65 17.06 -3.23 -10.89
C SER A 65 17.41 -1.75 -11.18
N GLN A 66 16.56 -1.07 -11.94
CA GLN A 66 16.83 0.32 -12.34
C GLN A 66 16.47 1.34 -11.25
N SER A 67 16.60 0.98 -9.99
CA SER A 67 16.34 1.92 -8.91
C SER A 67 17.64 2.63 -8.52
N ARG A 68 17.56 3.51 -7.51
CA ARG A 68 18.74 4.23 -7.00
C ARG A 68 19.84 3.24 -6.63
N ARG A 69 19.44 2.18 -5.94
CA ARG A 69 20.36 1.18 -5.47
C ARG A 69 19.84 -0.22 -5.79
N PRO A 70 20.49 -0.93 -6.72
CA PRO A 70 20.09 -2.30 -7.10
C PRO A 70 20.68 -3.34 -6.15
N SER A 71 20.95 -2.91 -4.93
CA SER A 71 21.54 -3.78 -3.94
C SER A 71 20.88 -3.56 -2.58
N SER A 72 20.52 -4.64 -1.93
CA SER A 72 19.92 -4.61 -0.62
C SER A 72 20.82 -5.34 0.36
N TRP A 73 20.47 -5.31 1.64
CA TRP A 73 21.23 -5.98 2.66
C TRP A 73 21.05 -7.50 2.54
N ARG A 74 19.96 -7.89 1.88
CA ARG A 74 19.64 -9.30 1.70
C ARG A 74 20.03 -9.79 0.30
N GLN A 75 20.24 -8.86 -0.61
CA GLN A 75 20.62 -9.21 -1.97
C GLN A 75 21.23 -8.03 -2.68
N GLU A 76 22.50 -8.09 -2.92
CA GLU A 76 23.19 -7.02 -3.59
C GLU A 76 23.08 -7.16 -5.11
N LYS A 77 22.41 -8.21 -5.56
CA LYS A 77 22.30 -8.49 -6.99
C LYS A 77 20.87 -8.31 -7.49
N ILE A 78 20.12 -7.40 -6.86
CA ILE A 78 18.73 -7.15 -7.24
C ILE A 78 18.61 -6.84 -8.73
N THR A 79 18.05 -7.78 -9.48
CA THR A 79 17.89 -7.63 -10.90
C THR A 79 16.41 -7.77 -11.27
N ARG A 80 15.55 -7.74 -10.26
CA ARG A 80 14.11 -7.86 -10.48
C ARG A 80 13.59 -6.60 -11.19
N THR A 81 12.76 -6.82 -12.18
CA THR A 81 12.20 -5.73 -12.93
C THR A 81 10.99 -5.12 -12.22
N LYS A 82 10.46 -4.03 -12.76
CA LYS A 82 9.33 -3.36 -12.17
C LYS A 82 8.06 -4.23 -12.20
N GLU A 83 7.92 -5.04 -13.25
CA GLU A 83 6.77 -5.94 -13.38
C GLU A 83 6.80 -7.02 -12.31
N GLU A 84 8.01 -7.51 -12.01
CA GLU A 84 8.20 -8.53 -11.00
C GLU A 84 7.88 -7.98 -9.62
N ALA A 85 8.47 -6.81 -9.32
CA ALA A 85 8.20 -6.12 -8.05
C ALA A 85 6.71 -5.93 -7.86
N LEU A 86 6.02 -5.54 -8.93
CA LEU A 86 4.57 -5.34 -8.89
C LEU A 86 3.87 -6.65 -8.58
N GLU A 87 4.23 -7.69 -9.30
CA GLU A 87 3.56 -8.97 -9.18
C GLU A 87 3.70 -9.57 -7.78
N LEU A 88 4.89 -9.44 -7.20
CA LEU A 88 5.11 -9.96 -5.86
C LEU A 88 4.35 -9.11 -4.82
N ILE A 89 4.34 -7.79 -5.04
CA ILE A 89 3.61 -6.87 -4.16
C ILE A 89 2.11 -7.15 -4.23
N ASN A 90 1.61 -7.29 -5.45
CA ASN A 90 0.20 -7.56 -5.67
C ASN A 90 -0.19 -8.88 -5.02
N GLY A 91 0.70 -9.86 -5.12
CA GLY A 91 0.47 -11.15 -4.51
C GLY A 91 0.39 -11.05 -3.00
N TYR A 92 1.23 -10.19 -2.42
CA TYR A 92 1.24 -9.98 -0.99
C TYR A 92 -0.10 -9.45 -0.51
N ILE A 93 -0.55 -8.36 -1.11
CA ILE A 93 -1.84 -7.76 -0.76
C ILE A 93 -2.95 -8.77 -0.94
N GLN A 94 -2.87 -9.53 -2.04
CA GLN A 94 -3.87 -10.53 -2.34
C GLN A 94 -4.05 -11.49 -1.19
N LYS A 95 -2.95 -11.92 -0.60
CA LYS A 95 -3.01 -12.88 0.47
C LYS A 95 -3.41 -12.21 1.79
N ILE A 96 -2.96 -10.98 2.00
CA ILE A 96 -3.30 -10.23 3.21
C ILE A 96 -4.80 -9.99 3.33
N LYS A 97 -5.40 -9.41 2.27
CA LYS A 97 -6.83 -9.08 2.31
C LYS A 97 -7.73 -10.32 2.29
N SER A 98 -7.18 -11.44 1.86
CA SER A 98 -7.93 -12.70 1.82
C SER A 98 -7.84 -13.43 3.16
N GLY A 99 -6.93 -12.98 4.01
CA GLY A 99 -6.77 -13.61 5.31
C GLY A 99 -5.84 -14.80 5.27
N GLU A 100 -4.77 -14.68 4.51
CA GLU A 100 -3.77 -15.73 4.42
C GLU A 100 -2.62 -15.45 5.38
N GLU A 101 -2.02 -14.28 5.25
CA GLU A 101 -0.93 -13.86 6.14
C GLU A 101 -1.14 -12.43 6.58
N ASP A 102 -0.41 -12.02 7.61
CA ASP A 102 -0.51 -10.67 8.13
C ASP A 102 0.59 -9.81 7.54
N PHE A 103 0.28 -8.54 7.35
CA PHE A 103 1.24 -7.58 6.80
C PHE A 103 2.53 -7.58 7.64
N GLU A 104 2.38 -7.56 8.95
CA GLU A 104 3.53 -7.54 9.86
C GLU A 104 4.46 -8.74 9.65
N SER A 105 3.89 -9.93 9.71
CA SER A 105 4.65 -11.16 9.54
C SER A 105 5.30 -11.20 8.16
N LEU A 106 4.54 -10.79 7.15
CA LEU A 106 4.99 -10.78 5.78
C LEU A 106 6.13 -9.78 5.59
N ALA A 107 5.93 -8.55 6.06
CA ALA A 107 6.91 -7.50 5.93
C ALA A 107 8.21 -7.84 6.61
N SER A 108 8.13 -8.33 7.86
CA SER A 108 9.32 -8.69 8.62
C SER A 108 10.18 -9.70 7.86
N GLN A 109 9.54 -10.50 7.02
CA GLN A 109 10.22 -11.52 6.26
C GLN A 109 10.70 -11.01 4.90
N PHE A 110 9.80 -10.39 4.14
CA PHE A 110 10.12 -9.98 2.77
C PHE A 110 10.56 -8.52 2.61
N SER A 111 10.89 -7.85 3.71
CA SER A 111 11.36 -6.46 3.61
C SER A 111 12.72 -6.38 2.91
N ASP A 112 12.73 -5.62 1.83
CA ASP A 112 13.95 -5.37 1.07
C ASP A 112 14.69 -4.19 1.70
N CYS A 113 13.97 -3.43 2.51
CA CYS A 113 14.53 -2.25 3.19
C CYS A 113 15.09 -2.62 4.56
N SER A 114 15.64 -1.61 5.22
CA SER A 114 16.23 -1.76 6.54
C SER A 114 15.15 -1.87 7.62
N SER A 115 13.91 -1.52 7.26
CA SER A 115 12.78 -1.55 8.19
C SER A 115 12.41 -3.00 8.57
N ALA A 116 13.15 -3.96 8.02
CA ALA A 116 12.92 -5.37 8.28
C ALA A 116 13.06 -5.70 9.76
N LYS A 117 13.97 -5.00 10.43
CA LYS A 117 14.26 -5.23 11.84
C LYS A 117 13.03 -4.98 12.71
N ALA A 118 12.21 -4.02 12.32
CA ALA A 118 11.02 -3.67 13.08
C ALA A 118 9.75 -4.08 12.36
N ARG A 119 9.87 -5.07 11.47
CA ARG A 119 8.72 -5.67 10.77
C ARG A 119 8.03 -4.69 9.80
N GLY A 120 8.77 -3.71 9.33
CA GLY A 120 8.20 -2.75 8.41
C GLY A 120 7.88 -1.43 9.07
N ASP A 121 7.75 -1.45 10.39
CA ASP A 121 7.46 -0.26 11.15
C ASP A 121 8.69 0.63 11.26
N LEU A 122 8.53 1.91 10.96
CA LEU A 122 9.63 2.83 11.02
C LEU A 122 9.65 3.54 12.37
N GLY A 123 8.47 3.80 12.88
CA GLY A 123 8.35 4.49 14.14
C GLY A 123 7.38 5.64 14.02
N ALA A 124 7.42 6.54 14.97
CA ALA A 124 6.53 7.69 14.97
C ALA A 124 7.27 8.91 14.49
N PHE A 125 6.70 9.60 13.52
CA PHE A 125 7.34 10.77 12.95
C PHE A 125 6.38 11.95 12.91
N SER A 126 6.93 13.12 13.17
CA SER A 126 6.16 14.35 13.14
C SER A 126 6.55 15.18 11.91
N ARG A 127 5.71 16.14 11.57
CA ARG A 127 5.96 17.00 10.42
C ARG A 127 7.13 17.94 10.69
N GLY A 128 7.74 18.46 9.64
CA GLY A 128 8.88 19.32 9.78
C GLY A 128 10.14 18.68 9.24
N GLN A 129 10.22 17.37 9.36
CA GLN A 129 11.37 16.60 8.88
C GLN A 129 10.98 15.76 7.67
N MET A 130 9.89 16.14 7.03
CA MET A 130 9.37 15.39 5.90
C MET A 130 9.56 16.15 4.60
N GLN A 131 9.42 15.46 3.47
CA GLN A 131 9.46 16.13 2.17
C GLN A 131 8.17 16.93 2.01
N LYS A 132 8.23 18.02 1.25
CA LYS A 132 7.08 18.91 1.06
C LYS A 132 5.74 18.19 0.75
N PRO A 133 5.68 17.33 -0.31
CA PRO A 133 4.44 16.65 -0.68
C PRO A 133 4.09 15.51 0.29
N PHE A 134 5.10 14.97 0.94
CA PHE A 134 4.90 13.84 1.83
C PHE A 134 4.60 14.26 3.26
N GLU A 135 4.95 15.49 3.60
CA GLU A 135 4.71 16.03 4.93
C GLU A 135 3.22 16.05 5.25
N ASP A 136 2.43 16.35 4.24
CA ASP A 136 0.99 16.37 4.38
C ASP A 136 0.41 14.99 4.08
N ALA A 137 1.21 14.18 3.39
CA ALA A 137 0.82 12.84 3.00
C ALA A 137 0.71 11.91 4.20
N SER A 138 1.69 11.98 5.10
CA SER A 138 1.70 11.15 6.31
C SER A 138 0.37 11.23 7.07
N PHE A 139 -0.23 12.41 7.05
CA PHE A 139 -1.48 12.64 7.75
C PHE A 139 -2.71 12.38 6.85
N ALA A 140 -2.48 11.99 5.59
CA ALA A 140 -3.59 11.77 4.66
C ALA A 140 -4.30 10.44 4.94
N LEU A 141 -3.52 9.41 5.23
CA LEU A 141 -4.09 8.11 5.57
C LEU A 141 -4.28 8.01 7.07
N ARG A 142 -5.40 7.47 7.49
CA ARG A 142 -5.69 7.37 8.90
C ARG A 142 -5.42 5.96 9.41
N THR A 143 -5.48 5.83 10.72
CA THR A 143 -5.20 4.58 11.39
C THR A 143 -6.15 3.46 10.91
N GLY A 144 -5.57 2.38 10.40
CA GLY A 144 -6.38 1.26 9.94
C GLY A 144 -6.50 1.21 8.42
N GLU A 145 -5.71 2.01 7.73
CA GLU A 145 -5.73 2.02 6.27
C GLU A 145 -4.47 1.41 5.70
N MET A 146 -4.64 0.65 4.63
CA MET A 146 -3.54 0.00 3.95
C MET A 146 -3.62 0.31 2.46
N SER A 147 -2.51 0.70 1.87
CA SER A 147 -2.45 1.01 0.45
C SER A 147 -1.62 -0.03 -0.29
N GLY A 148 -1.78 -0.08 -1.60
CA GLY A 148 -1.10 -1.05 -2.40
C GLY A 148 0.21 -0.54 -2.98
N PRO A 149 0.47 -0.84 -4.27
CA PRO A 149 1.73 -0.46 -4.93
C PRO A 149 1.85 1.05 -5.16
N VAL A 150 2.56 1.71 -4.26
CA VAL A 150 2.80 3.14 -4.39
C VAL A 150 4.12 3.37 -5.13
N PHE A 151 4.07 4.21 -6.16
CA PHE A 151 5.26 4.48 -6.97
C PHE A 151 5.94 5.78 -6.57
N THR A 152 6.93 5.68 -5.70
CA THR A 152 7.70 6.84 -5.29
C THR A 152 9.13 6.69 -5.84
N ASP A 153 10.02 7.64 -5.53
CA ASP A 153 11.39 7.59 -6.05
C ASP A 153 12.11 6.33 -5.61
N SER A 154 11.96 5.99 -4.33
CA SER A 154 12.63 4.83 -3.74
C SER A 154 12.20 3.51 -4.40
N GLY A 155 11.06 3.50 -5.08
CA GLY A 155 10.61 2.30 -5.76
C GLY A 155 9.16 1.99 -5.52
N ILE A 156 8.77 0.77 -5.87
CA ILE A 156 7.40 0.30 -5.68
C ILE A 156 7.28 -0.37 -4.32
N HIS A 157 6.30 0.04 -3.53
CA HIS A 157 6.16 -0.48 -2.18
C HIS A 157 4.77 -0.26 -1.60
N ILE A 158 4.41 -1.07 -0.59
CA ILE A 158 3.11 -0.98 0.07
C ILE A 158 3.20 -0.36 1.46
N ILE A 159 2.06 0.00 2.05
CA ILE A 159 2.02 0.70 3.36
C ILE A 159 0.78 0.33 4.17
N LEU A 160 0.90 0.47 5.49
CA LEU A 160 -0.20 0.21 6.42
C LEU A 160 -0.02 1.11 7.65
N ARG A 161 -0.97 2.02 7.89
CA ARG A 161 -0.87 2.88 9.07
C ARG A 161 -1.48 2.18 10.28
N THR A 162 -0.66 1.94 11.28
CA THR A 162 -1.09 1.23 12.47
C THR A 162 -1.39 2.18 13.63
N GLU A 163 -0.96 3.42 13.51
CA GLU A 163 -1.22 4.41 14.54
C GLU A 163 -1.31 5.80 13.92
C ACE B 1 -6.22 -4.44 -16.68
O ACE B 1 -7.15 -3.65 -16.49
CH3 ACE B 1 -6.08 -5.18 -17.99
H1 ACE B 1 -5.07 -5.05 -18.35
H2 ACE B 1 -6.76 -4.76 -18.71
H3 ACE B 1 -6.33 -6.22 -17.83
N VAL B 2 -5.29 -4.68 -15.76
CA VAL B 2 -5.54 -5.51 -14.59
C VAL B 2 -4.40 -5.38 -13.57
N LEU B 3 -4.76 -5.30 -12.30
CA LEU B 3 -3.77 -5.22 -11.24
C LEU B 3 -4.07 -6.29 -10.20
N TPO B 4 -5.37 -6.36 -9.80
CA TPO B 4 -5.93 -7.36 -8.86
CB TPO B 4 -5.26 -8.74 -8.96
CG2 TPO B 4 -6.11 -9.83 -8.35
OG1 TPO B 4 -5.06 -9.09 -10.33
P TPO B 4 -4.21 -10.39 -10.72
O1P TPO B 4 -5.18 -11.12 -11.78
O2P TPO B 4 -3.72 -11.25 -9.61
O3P TPO B 4 -3.05 -9.80 -11.70
C TPO B 4 -6.13 -6.88 -7.38
O TPO B 4 -7.24 -6.96 -6.86
H TPO B 4 -5.98 -5.70 -10.16
HA TPO B 4 -6.94 -7.48 -9.23
HB TPO B 4 -4.31 -8.71 -8.46
HG21 TPO B 4 -6.22 -9.64 -7.28
HG22 TPO B 4 -5.62 -10.79 -8.49
HG23 TPO B 4 -7.08 -9.84 -8.82
N PRO B 5 -5.09 -6.36 -6.66
CA PRO B 5 -5.24 -5.95 -5.26
C PRO B 5 -5.99 -4.62 -5.09
N PRO B 6 -6.65 -4.44 -3.93
CA PRO B 6 -7.37 -3.21 -3.59
C PRO B 6 -6.43 -2.10 -3.19
N ASP B 7 -6.51 -0.99 -3.89
CA ASP B 7 -5.69 0.15 -3.59
C ASP B 7 -6.46 1.44 -3.79
N GLN B 8 -6.36 2.29 -2.80
CA GLN B 8 -6.98 3.60 -2.83
C GLN B 8 -6.09 4.60 -3.57
N GLU B 9 -6.11 4.54 -4.90
CA GLU B 9 -5.26 5.40 -5.74
C GLU B 9 -5.54 6.89 -5.54
N VAL B 10 -6.64 7.22 -4.91
CA VAL B 10 -6.92 8.61 -4.63
C VAL B 10 -6.15 9.04 -3.38
N ILE B 11 -6.48 8.43 -2.25
CA ILE B 11 -5.79 8.72 -1.01
C ILE B 11 -4.98 7.50 -0.56
N ARG B 12 -3.69 7.52 -0.86
CA ARG B 12 -2.82 6.41 -0.50
C ARG B 12 -1.44 6.92 -0.14
N ASN B 13 -1.35 8.21 0.12
CA ASN B 13 -0.09 8.82 0.44
C ASN B 13 0.10 8.81 1.96
N ILE B 14 1.34 8.59 2.40
CA ILE B 14 1.66 8.53 3.84
C ILE B 14 3.20 8.48 4.00
N ASP B 15 3.69 7.97 5.13
CA ASP B 15 5.13 7.86 5.41
C ASP B 15 5.78 6.76 4.55
N GLN B 16 5.59 6.86 3.26
CA GLN B 16 6.12 5.87 2.36
C GLN B 16 7.54 6.22 1.92
N SER B 17 8.50 6.01 2.85
CA SER B 17 9.93 6.23 2.60
C SER B 17 10.30 7.72 2.41
N GLU B 18 9.76 8.34 1.38
CA GLU B 18 10.09 9.72 1.04
C GLU B 18 9.40 10.74 1.96
N PHE B 19 9.05 10.30 3.14
CA PHE B 19 8.51 11.18 4.15
C PHE B 19 9.69 11.63 5.02
N GLU B 20 10.86 11.10 4.69
CA GLU B 20 12.08 11.38 5.40
C GLU B 20 13.25 11.31 4.40
N GLY B 21 14.46 11.55 4.87
CA GLY B 21 15.63 11.46 4.01
C GLY B 21 16.06 10.03 3.77
N PHE B 22 15.40 9.10 4.44
CA PHE B 22 15.67 7.68 4.31
C PHE B 22 15.40 7.18 2.88
N SEP B 23 16.47 6.67 2.25
CA SEP B 23 16.43 6.15 0.87
CB SEP B 23 15.38 5.04 0.70
OG SEP B 23 15.70 3.88 1.47
C SEP B 23 16.23 7.27 -0.17
O SEP B 23 16.17 6.98 -1.38
P SEP B 23 17.03 3.03 1.12
O1P SEP B 23 18.01 2.85 2.21
O2P SEP B 23 16.42 1.68 0.48
O3P SEP B 23 17.61 3.76 -0.18
H SEP B 23 17.31 6.61 2.74
HA SEP B 23 17.40 5.71 0.69
HB2 SEP B 23 15.31 4.77 -0.34
HB3 SEP B 23 14.41 5.42 1.04
N PHE B 24 16.16 8.51 0.28
CA PHE B 24 16.00 9.64 -0.61
C PHE B 24 16.40 10.93 0.09
N NH2 B 25 17.65 11.33 -0.06
HN1 NH2 B 25 18.24 10.78 -0.62
HN2 NH2 B 25 17.93 12.14 0.39
N MET A 1 -34.29 -9.68 -9.98
CA MET A 1 -33.04 -9.58 -9.20
C MET A 1 -32.70 -8.12 -8.94
N ALA A 2 -32.23 -7.81 -7.74
CA ALA A 2 -31.88 -6.46 -7.35
C ALA A 2 -30.68 -5.94 -8.14
N ASP A 3 -30.51 -4.63 -8.16
CA ASP A 3 -29.42 -3.98 -8.89
C ASP A 3 -28.21 -3.78 -8.00
N GLU A 4 -28.23 -4.36 -6.80
CA GLU A 4 -27.15 -4.20 -5.83
C GLU A 4 -25.83 -4.84 -6.30
N GLU A 5 -25.93 -5.80 -7.21
CA GLU A 5 -24.73 -6.47 -7.71
C GLU A 5 -24.05 -5.64 -8.79
N LYS A 6 -24.75 -4.64 -9.28
CA LYS A 6 -24.23 -3.77 -10.31
C LYS A 6 -23.62 -2.53 -9.70
N LEU A 7 -22.73 -1.90 -10.42
CA LEU A 7 -22.02 -0.74 -9.93
C LEU A 7 -22.43 0.51 -10.70
N PRO A 8 -22.31 1.70 -10.07
CA PRO A 8 -22.62 2.97 -10.72
C PRO A 8 -21.65 3.25 -11.88
N PRO A 9 -22.10 4.04 -12.88
CA PRO A 9 -21.28 4.41 -14.04
C PRO A 9 -19.87 4.84 -13.66
N GLY A 10 -18.88 4.23 -14.28
CA GLY A 10 -17.50 4.52 -13.97
C GLY A 10 -16.82 3.38 -13.27
N TRP A 11 -17.61 2.57 -12.57
CA TRP A 11 -17.10 1.42 -11.86
C TRP A 11 -17.40 0.15 -12.61
N GLU A 12 -16.40 -0.69 -12.75
CA GLU A 12 -16.52 -1.95 -13.42
C GLU A 12 -16.12 -3.08 -12.49
N LYS A 13 -16.91 -4.11 -12.46
CA LYS A 13 -16.63 -5.25 -11.62
C LYS A 13 -15.70 -6.19 -12.35
N ARG A 14 -14.45 -6.18 -11.95
CA ARG A 14 -13.43 -6.94 -12.63
C ARG A 14 -13.07 -8.19 -11.82
N MET A 15 -12.41 -9.13 -12.46
CA MET A 15 -12.02 -10.35 -11.82
C MET A 15 -10.51 -10.55 -11.96
N SER A 16 -9.88 -10.99 -10.88
CA SER A 16 -8.45 -11.25 -10.85
C SER A 16 -8.06 -12.25 -11.94
N ARG A 17 -6.95 -11.96 -12.60
CA ARG A 17 -6.48 -12.75 -13.73
C ARG A 17 -6.29 -14.22 -13.39
N SER A 18 -7.13 -15.06 -13.99
CA SER A 18 -7.06 -16.52 -13.85
C SER A 18 -7.23 -16.98 -12.39
N SER A 19 -7.68 -16.10 -11.53
CA SER A 19 -7.84 -16.44 -10.13
C SER A 19 -9.30 -16.66 -9.76
N GLY A 20 -10.19 -15.85 -10.34
CA GLY A 20 -11.60 -16.01 -10.06
C GLY A 20 -12.10 -15.02 -9.04
N ARG A 21 -11.18 -14.29 -8.44
CA ARG A 21 -11.50 -13.29 -7.43
C ARG A 21 -12.17 -12.10 -8.08
N VAL A 22 -13.12 -11.51 -7.42
CA VAL A 22 -13.84 -10.38 -7.97
C VAL A 22 -13.57 -9.11 -7.17
N TYR A 23 -13.21 -8.03 -7.87
CA TYR A 23 -12.95 -6.76 -7.23
C TYR A 23 -13.56 -5.62 -8.04
N TYR A 24 -13.51 -4.41 -7.50
CA TYR A 24 -14.11 -3.27 -8.16
C TYR A 24 -13.04 -2.35 -8.72
N PHE A 25 -13.20 -2.00 -9.99
CA PHE A 25 -12.25 -1.16 -10.68
C PHE A 25 -12.92 0.09 -11.21
N ASN A 26 -12.28 1.22 -11.03
CA ASN A 26 -12.79 2.48 -11.53
C ASN A 26 -11.97 2.93 -12.71
N HIS A 27 -12.58 3.02 -13.87
CA HIS A 27 -11.85 3.39 -15.08
C HIS A 27 -11.87 4.89 -15.31
N ILE A 28 -12.48 5.62 -14.38
CA ILE A 28 -12.54 7.07 -14.48
C ILE A 28 -11.21 7.68 -14.07
N THR A 29 -10.77 7.36 -12.87
CA THR A 29 -9.50 7.85 -12.38
C THR A 29 -8.49 6.70 -12.23
N ASN A 30 -8.92 5.53 -12.66
CA ASN A 30 -8.10 4.31 -12.61
C ASN A 30 -7.76 3.92 -11.16
N ALA A 31 -8.81 3.65 -10.40
CA ALA A 31 -8.67 3.24 -9.01
C ALA A 31 -9.24 1.84 -8.83
N SER A 32 -9.01 1.23 -7.68
CA SER A 32 -9.49 -0.12 -7.44
C SER A 32 -9.64 -0.41 -5.95
N GLN A 33 -10.56 -1.29 -5.62
CA GLN A 33 -10.80 -1.70 -4.25
C GLN A 33 -11.68 -2.94 -4.22
N TRP A 34 -11.68 -3.64 -3.10
CA TRP A 34 -12.43 -4.89 -3.00
C TRP A 34 -13.78 -4.71 -2.31
N GLU A 35 -13.97 -3.56 -1.70
CA GLU A 35 -15.24 -3.26 -1.08
C GLU A 35 -15.99 -2.25 -1.93
N ARG A 36 -17.31 -2.34 -1.92
CA ARG A 36 -18.15 -1.44 -2.71
C ARG A 36 -17.88 0.01 -2.32
N PRO A 37 -17.75 0.91 -3.32
CA PRO A 37 -17.51 2.33 -3.08
C PRO A 37 -18.62 2.94 -2.21
N SER A 38 -19.83 2.46 -2.42
CA SER A 38 -20.99 2.87 -1.64
C SER A 38 -21.35 1.77 -0.63
N GLY A 39 -20.36 0.95 -0.31
CA GLY A 39 -20.58 -0.16 0.58
C GLY A 39 -20.57 0.25 2.03
N ASN A 40 -21.75 0.38 2.60
CA ASN A 40 -21.89 0.76 3.99
C ASN A 40 -22.36 -0.42 4.81
N SER A 41 -22.08 -1.63 4.30
CA SER A 41 -22.44 -2.86 4.98
C SER A 41 -21.83 -2.85 6.38
N SER A 42 -20.56 -2.51 6.45
CA SER A 42 -19.87 -2.38 7.70
C SER A 42 -18.74 -1.37 7.55
N SER A 43 -18.93 -0.20 8.12
CA SER A 43 -17.91 0.83 8.08
C SER A 43 -17.19 0.87 9.41
N GLY A 44 -15.89 0.80 9.38
CA GLY A 44 -15.14 0.84 10.60
C GLY A 44 -13.67 0.93 10.36
N GLY A 45 -13.00 1.64 11.22
CA GLY A 45 -11.57 1.78 11.14
C GLY A 45 -10.95 1.83 12.51
N LYS A 46 -9.65 1.81 12.57
CA LYS A 46 -8.96 1.85 13.84
C LYS A 46 -8.67 3.28 14.23
N ASN A 47 -8.48 3.52 15.51
CA ASN A 47 -8.21 4.85 16.02
C ASN A 47 -7.36 4.75 17.26
N GLY A 48 -6.55 5.76 17.51
CA GLY A 48 -5.71 5.75 18.68
C GLY A 48 -5.40 7.15 19.13
N GLN A 49 -4.62 7.27 20.18
CA GLN A 49 -4.23 8.57 20.70
C GLN A 49 -3.27 9.27 19.76
N GLY A 50 -3.37 10.57 19.70
CA GLY A 50 -2.53 11.33 18.83
C GLY A 50 -3.30 11.95 17.69
N GLU A 51 -3.14 13.26 17.55
CA GLU A 51 -3.79 14.02 16.50
C GLU A 51 -3.02 13.86 15.19
N PRO A 52 -3.60 14.30 14.03
CA PRO A 52 -2.93 14.25 12.71
C PRO A 52 -1.65 15.13 12.62
N ALA A 53 -0.91 15.19 13.71
CA ALA A 53 0.35 15.90 13.74
C ALA A 53 1.49 14.91 13.57
N ARG A 54 1.17 13.63 13.81
CA ARG A 54 2.11 12.55 13.65
C ARG A 54 1.35 11.27 13.36
N VAL A 55 1.99 10.31 12.72
CA VAL A 55 1.37 9.03 12.45
C VAL A 55 2.41 7.92 12.59
N ARG A 56 1.97 6.68 12.41
CA ARG A 56 2.85 5.54 12.47
C ARG A 56 2.34 4.42 11.58
N CYS A 57 3.17 3.98 10.66
CA CYS A 57 2.76 2.93 9.75
C CYS A 57 3.92 1.97 9.45
N SER A 58 3.59 0.92 8.74
CA SER A 58 4.55 -0.06 8.32
C SER A 58 4.59 -0.06 6.80
N HIS A 59 5.75 -0.29 6.22
CA HIS A 59 5.89 -0.26 4.79
C HIS A 59 6.73 -1.42 4.28
N LEU A 60 6.45 -1.86 3.08
CA LEU A 60 7.23 -2.90 2.45
C LEU A 60 7.91 -2.30 1.23
N LEU A 61 9.19 -2.03 1.36
CA LEU A 61 9.98 -1.41 0.32
C LEU A 61 10.62 -2.48 -0.56
N VAL A 62 10.37 -2.40 -1.86
CA VAL A 62 10.95 -3.34 -2.82
C VAL A 62 11.82 -2.58 -3.82
N LYS A 63 13.06 -3.00 -3.97
CA LYS A 63 13.96 -2.37 -4.91
C LYS A 63 14.02 -3.14 -6.21
N HIS A 64 14.75 -2.60 -7.16
CA HIS A 64 14.91 -3.24 -8.45
C HIS A 64 16.23 -2.84 -9.11
N SER A 65 16.54 -3.46 -10.23
CA SER A 65 17.82 -3.28 -10.91
C SER A 65 18.20 -1.79 -11.14
N GLN A 66 17.37 -1.08 -11.89
CA GLN A 66 17.67 0.32 -12.24
C GLN A 66 17.23 1.32 -11.17
N SER A 67 17.18 0.89 -9.92
CA SER A 67 16.78 1.81 -8.85
C SER A 67 18.02 2.53 -8.29
N ARG A 68 17.81 3.37 -7.27
CA ARG A 68 18.89 4.07 -6.60
C ARG A 68 19.99 3.10 -6.17
N ARG A 69 19.57 2.00 -5.61
CA ARG A 69 20.45 1.01 -5.06
C ARG A 69 20.05 -0.41 -5.48
N PRO A 70 20.90 -1.09 -6.25
CA PRO A 70 20.63 -2.45 -6.71
C PRO A 70 21.15 -3.50 -5.71
N SER A 71 21.22 -3.13 -4.45
CA SER A 71 21.71 -4.01 -3.43
C SER A 71 20.93 -3.85 -2.13
N SER A 72 20.73 -4.94 -1.43
CA SER A 72 20.05 -4.96 -0.16
C SER A 72 20.92 -5.71 0.85
N TRP A 73 20.52 -5.65 2.11
CA TRP A 73 21.24 -6.36 3.16
C TRP A 73 21.09 -7.86 2.97
N ARG A 74 20.04 -8.27 2.27
CA ARG A 74 19.77 -9.67 2.05
C ARG A 74 20.24 -10.13 0.67
N GLN A 75 20.37 -9.19 -0.27
CA GLN A 75 20.82 -9.53 -1.61
C GLN A 75 21.58 -8.39 -2.23
N GLU A 76 22.85 -8.60 -2.45
CA GLU A 76 23.71 -7.57 -3.04
C GLU A 76 23.67 -7.61 -4.57
N LYS A 77 22.74 -8.39 -5.14
CA LYS A 77 22.67 -8.53 -6.59
C LYS A 77 21.26 -8.32 -7.14
N ILE A 78 20.48 -7.47 -6.48
CA ILE A 78 19.09 -7.20 -6.90
C ILE A 78 19.04 -6.70 -8.34
N THR A 79 18.65 -7.59 -9.24
CA THR A 79 18.55 -7.25 -10.65
C THR A 79 17.12 -7.53 -11.15
N ARG A 80 16.17 -7.48 -10.23
CA ARG A 80 14.77 -7.71 -10.57
C ARG A 80 14.22 -6.50 -11.33
N THR A 81 13.35 -6.75 -12.28
CA THR A 81 12.74 -5.69 -13.04
C THR A 81 11.54 -5.09 -12.28
N LYS A 82 11.04 -3.95 -12.75
CA LYS A 82 9.90 -3.30 -12.11
C LYS A 82 8.63 -4.14 -12.24
N GLU A 83 8.53 -4.88 -13.33
CA GLU A 83 7.38 -5.75 -13.55
C GLU A 83 7.38 -6.93 -12.59
N GLU A 84 8.58 -7.39 -12.22
CA GLU A 84 8.73 -8.46 -11.25
C GLU A 84 8.31 -7.96 -9.88
N ALA A 85 8.85 -6.80 -9.50
CA ALA A 85 8.53 -6.18 -8.22
C ALA A 85 7.02 -6.01 -8.05
N LEU A 86 6.35 -5.60 -9.12
CA LEU A 86 4.90 -5.41 -9.08
C LEU A 86 4.18 -6.71 -8.80
N GLU A 87 4.51 -7.75 -9.53
CA GLU A 87 3.81 -9.01 -9.39
C GLU A 87 4.01 -9.60 -8.00
N LEU A 88 5.23 -9.53 -7.50
CA LEU A 88 5.54 -10.09 -6.20
C LEU A 88 4.85 -9.30 -5.09
N ILE A 89 4.81 -7.98 -5.22
CA ILE A 89 4.24 -7.13 -4.20
C ILE A 89 2.70 -7.19 -4.23
N ASN A 90 2.13 -7.27 -5.43
CA ASN A 90 0.68 -7.41 -5.57
C ASN A 90 0.24 -8.73 -5.01
N GLY A 91 1.07 -9.74 -5.22
CA GLY A 91 0.78 -11.06 -4.71
C GLY A 91 0.80 -11.10 -3.21
N TYR A 92 1.65 -10.27 -2.60
CA TYR A 92 1.73 -10.19 -1.15
C TYR A 92 0.42 -9.68 -0.58
N ILE A 93 -0.06 -8.54 -1.09
CA ILE A 93 -1.33 -7.99 -0.63
C ILE A 93 -2.45 -8.99 -0.83
N GLN A 94 -2.42 -9.68 -1.97
CA GLN A 94 -3.44 -10.64 -2.30
C GLN A 94 -3.56 -11.74 -1.26
N LYS A 95 -2.43 -12.19 -0.75
CA LYS A 95 -2.45 -13.23 0.26
C LYS A 95 -2.79 -12.65 1.63
N ILE A 96 -2.30 -11.44 1.90
CA ILE A 96 -2.57 -10.75 3.17
C ILE A 96 -4.07 -10.59 3.40
N LYS A 97 -4.77 -9.98 2.43
CA LYS A 97 -6.20 -9.73 2.58
C LYS A 97 -7.01 -11.02 2.56
N SER A 98 -6.39 -12.08 2.08
CA SER A 98 -7.03 -13.39 2.04
C SER A 98 -6.77 -14.16 3.35
N GLY A 99 -6.06 -13.52 4.28
CA GLY A 99 -5.81 -14.12 5.57
C GLY A 99 -4.67 -15.12 5.59
N GLU A 100 -3.89 -15.16 4.52
CA GLU A 100 -2.77 -16.09 4.45
C GLU A 100 -1.64 -15.66 5.38
N GLU A 101 -1.17 -14.44 5.20
CA GLU A 101 -0.11 -13.90 6.04
C GLU A 101 -0.42 -12.47 6.43
N ASP A 102 -0.07 -12.11 7.65
CA ASP A 102 -0.28 -10.76 8.15
C ASP A 102 0.73 -9.83 7.53
N PHE A 103 0.37 -8.56 7.37
CA PHE A 103 1.27 -7.58 6.79
C PHE A 103 2.53 -7.50 7.63
N GLU A 104 2.36 -7.49 8.94
CA GLU A 104 3.47 -7.42 9.89
C GLU A 104 4.47 -8.58 9.68
N SER A 105 3.95 -9.81 9.72
CA SER A 105 4.78 -10.99 9.55
C SER A 105 5.35 -11.08 8.13
N LEU A 106 4.52 -10.76 7.16
CA LEU A 106 4.93 -10.84 5.77
C LEU A 106 6.01 -9.80 5.47
N ALA A 107 5.84 -8.58 5.99
CA ALA A 107 6.83 -7.53 5.81
C ALA A 107 8.14 -7.94 6.45
N SER A 108 8.08 -8.43 7.68
CA SER A 108 9.27 -8.93 8.39
C SER A 108 10.00 -9.99 7.54
N GLN A 109 9.24 -10.82 6.86
CA GLN A 109 9.77 -11.92 6.08
C GLN A 109 10.33 -11.46 4.73
N PHE A 110 9.52 -10.78 3.94
CA PHE A 110 9.91 -10.40 2.58
C PHE A 110 10.39 -8.95 2.47
N SER A 111 10.79 -8.35 3.58
CA SER A 111 11.28 -6.98 3.54
C SER A 111 12.58 -6.90 2.75
N ASP A 112 12.54 -6.16 1.66
CA ASP A 112 13.69 -5.95 0.81
C ASP A 112 14.53 -4.81 1.37
N CYS A 113 13.93 -4.03 2.25
CA CYS A 113 14.59 -2.90 2.90
C CYS A 113 15.12 -3.30 4.27
N SER A 114 15.80 -2.37 4.94
CA SER A 114 16.38 -2.64 6.25
C SER A 114 15.33 -2.48 7.36
N SER A 115 14.12 -2.11 6.98
CA SER A 115 13.01 -1.96 7.93
C SER A 115 12.51 -3.33 8.44
N ALA A 116 13.15 -4.39 7.95
CA ALA A 116 12.78 -5.77 8.29
C ALA A 116 12.73 -6.02 9.80
N LYS A 117 13.72 -5.50 10.52
CA LYS A 117 13.82 -5.72 11.97
C LYS A 117 12.59 -5.19 12.71
N ALA A 118 12.03 -4.10 12.22
CA ALA A 118 10.88 -3.48 12.86
C ALA A 118 9.59 -3.92 12.22
N ARG A 119 9.66 -5.02 11.45
CA ARG A 119 8.47 -5.61 10.80
C ARG A 119 7.89 -4.67 9.75
N GLY A 120 8.71 -3.75 9.28
CA GLY A 120 8.25 -2.79 8.29
C GLY A 120 7.79 -1.50 8.93
N ASP A 121 7.54 -1.55 10.23
CA ASP A 121 7.11 -0.39 11.00
C ASP A 121 8.17 0.68 11.03
N LEU A 122 7.75 1.89 10.77
CA LEU A 122 8.64 3.01 10.71
C LEU A 122 8.71 3.72 12.04
N GLY A 123 7.64 3.66 12.79
CA GLY A 123 7.59 4.34 14.05
C GLY A 123 6.73 5.58 13.97
N ALA A 124 6.75 6.37 15.01
CA ALA A 124 5.96 7.58 15.05
C ALA A 124 6.75 8.76 14.52
N PHE A 125 6.25 9.37 13.45
CA PHE A 125 6.90 10.52 12.86
C PHE A 125 5.91 11.66 12.71
N SER A 126 6.38 12.86 13.02
CA SER A 126 5.56 14.05 12.94
C SER A 126 5.92 14.91 11.72
N ARG A 127 5.10 15.90 11.46
CA ARG A 127 5.29 16.83 10.33
C ARG A 127 6.56 17.65 10.51
N GLY A 128 6.96 18.36 9.44
CA GLY A 128 8.12 19.20 9.51
C GLY A 128 9.35 18.57 8.92
N GLN A 129 9.45 17.26 9.04
CA GLN A 129 10.62 16.55 8.55
C GLN A 129 10.29 15.68 7.34
N MET A 130 9.09 15.86 6.81
CA MET A 130 8.62 15.07 5.67
C MET A 130 8.72 15.90 4.39
N GLN A 131 8.90 15.24 3.24
CA GLN A 131 8.84 15.96 1.97
C GLN A 131 7.45 16.54 1.81
N LYS A 132 7.37 17.79 1.38
CA LYS A 132 6.08 18.51 1.30
C LYS A 132 4.92 17.69 0.68
N PRO A 133 5.10 17.07 -0.51
CA PRO A 133 4.05 16.24 -1.12
C PRO A 133 3.61 15.07 -0.23
N PHE A 134 4.57 14.53 0.52
CA PHE A 134 4.34 13.37 1.38
C PHE A 134 3.92 13.77 2.78
N GLU A 135 4.21 15.01 3.15
CA GLU A 135 3.87 15.51 4.48
C GLU A 135 2.36 15.49 4.71
N ASP A 136 1.61 15.64 3.65
CA ASP A 136 0.16 15.57 3.73
C ASP A 136 -0.31 14.15 3.52
N ALA A 137 0.56 13.34 2.92
CA ALA A 137 0.25 11.95 2.62
C ALA A 137 0.18 11.11 3.87
N SER A 138 1.18 11.26 4.74
CA SER A 138 1.23 10.51 6.00
C SER A 138 -0.07 10.66 6.81
N PHE A 139 -0.65 11.84 6.74
CA PHE A 139 -1.87 12.13 7.47
C PHE A 139 -3.14 11.82 6.67
N ALA A 140 -2.97 11.31 5.45
CA ALA A 140 -4.12 11.02 4.58
C ALA A 140 -4.77 9.67 4.93
N LEU A 141 -3.95 8.66 5.20
CA LEU A 141 -4.48 7.34 5.55
C LEU A 141 -4.69 7.23 7.05
N ARG A 142 -5.74 6.54 7.45
CA ARG A 142 -6.08 6.38 8.85
C ARG A 142 -5.50 5.10 9.42
N THR A 143 -5.68 4.92 10.71
CA THR A 143 -5.18 3.76 11.39
C THR A 143 -5.93 2.50 10.94
N GLY A 144 -5.19 1.52 10.46
CA GLY A 144 -5.79 0.27 10.06
C GLY A 144 -6.13 0.21 8.59
N GLU A 145 -5.57 1.12 7.80
CA GLU A 145 -5.82 1.12 6.37
C GLU A 145 -4.59 0.66 5.61
N MET A 146 -4.79 -0.26 4.70
CA MET A 146 -3.71 -0.81 3.90
C MET A 146 -3.83 -0.33 2.47
N SER A 147 -2.76 0.23 1.97
CA SER A 147 -2.73 0.74 0.62
C SER A 147 -2.06 -0.28 -0.32
N GLY A 148 -2.09 0.01 -1.61
CA GLY A 148 -1.52 -0.89 -2.58
C GLY A 148 -0.15 -0.43 -3.06
N PRO A 149 0.22 -0.77 -4.30
CA PRO A 149 1.51 -0.42 -4.86
C PRO A 149 1.60 1.05 -5.28
N VAL A 150 2.46 1.80 -4.62
CA VAL A 150 2.65 3.20 -4.93
C VAL A 150 4.01 3.39 -5.61
N PHE A 151 4.07 4.22 -6.64
CA PHE A 151 5.31 4.46 -7.38
C PHE A 151 5.92 5.81 -7.05
N THR A 152 6.83 5.83 -6.09
CA THR A 152 7.53 7.07 -5.73
C THR A 152 9.01 6.95 -6.12
N ASP A 153 9.81 7.98 -5.81
CA ASP A 153 11.22 8.00 -6.18
C ASP A 153 12.02 6.87 -5.54
N SER A 154 11.57 6.43 -4.37
CA SER A 154 12.25 5.36 -3.66
C SER A 154 11.96 3.97 -4.27
N GLY A 155 10.99 3.91 -5.18
CA GLY A 155 10.69 2.64 -5.86
C GLY A 155 9.27 2.16 -5.68
N ILE A 156 9.05 0.89 -5.95
CA ILE A 156 7.72 0.27 -5.83
C ILE A 156 7.54 -0.28 -4.44
N HIS A 157 6.45 0.09 -3.79
CA HIS A 157 6.23 -0.30 -2.41
C HIS A 157 4.77 -0.19 -1.98
N ILE A 158 4.41 -0.92 -0.93
CA ILE A 158 3.07 -0.89 -0.35
C ILE A 158 3.14 -0.34 1.07
N ILE A 159 1.99 -0.01 1.64
CA ILE A 159 1.95 0.62 2.97
C ILE A 159 0.72 0.22 3.79
N LEU A 160 0.88 0.24 5.11
CA LEU A 160 -0.19 -0.11 6.05
C LEU A 160 0.00 0.68 7.35
N ARG A 161 -0.97 1.52 7.70
CA ARG A 161 -0.86 2.31 8.93
C ARG A 161 -1.26 1.49 10.15
N THR A 162 -0.37 1.43 11.12
CA THR A 162 -0.61 0.64 12.31
C THR A 162 -1.17 1.48 13.47
N GLU A 163 -0.77 2.75 13.57
CA GLU A 163 -1.26 3.62 14.63
C GLU A 163 -1.26 5.07 14.17
C ACE B 1 -5.62 -2.88 -15.55
O ACE B 1 -5.44 -2.25 -16.60
CH3 ACE B 1 -6.86 -2.63 -14.71
H1 ACE B 1 -7.44 -3.55 -14.67
H2 ACE B 1 -7.46 -1.87 -15.16
H3 ACE B 1 -6.55 -2.30 -13.73
N VAL B 2 -4.76 -3.79 -15.10
CA VAL B 2 -5.07 -4.70 -14.00
C VAL B 2 -3.92 -4.79 -13.01
N LEU B 3 -4.24 -4.61 -11.74
CA LEU B 3 -3.23 -4.69 -10.70
C LEU B 3 -3.65 -5.70 -9.65
N TPO B 4 -4.96 -5.72 -9.37
CA TPO B 4 -5.66 -6.60 -8.41
CB TPO B 4 -5.07 -8.02 -8.32
CG2 TPO B 4 -6.05 -8.97 -7.69
OG1 TPO B 4 -4.76 -8.54 -9.62
P TPO B 4 -4.14 -10.02 -9.78
O1P TPO B 4 -5.22 -10.73 -10.75
O2P TPO B 4 -3.83 -10.75 -8.52
O3P TPO B 4 -2.89 -9.78 -10.79
C TPO B 4 -5.88 -5.95 -6.99
O TPO B 4 -7.03 -5.73 -6.61
H TPO B 4 -5.54 -5.10 -9.86
HA TPO B 4 -6.65 -6.68 -8.82
HB TPO B 4 -4.17 -8.01 -7.73
HG21 TPO B 4 -6.18 -8.71 -6.66
HG22 TPO B 4 -5.66 -9.98 -7.76
HG23 TPO B 4 -6.99 -8.92 -8.21
N PRO B 5 -4.81 -5.62 -6.19
CA PRO B 5 -4.98 -4.99 -4.87
C PRO B 5 -5.61 -3.58 -4.96
N PRO B 6 -6.12 -3.05 -3.83
CA PRO B 6 -6.75 -1.73 -3.79
C PRO B 6 -5.76 -0.60 -4.02
N ASP B 7 -6.19 0.39 -4.78
CA ASP B 7 -5.37 1.56 -5.07
C ASP B 7 -6.29 2.77 -5.19
N GLN B 8 -6.30 3.59 -4.16
CA GLN B 8 -7.15 4.77 -4.13
C GLN B 8 -6.33 6.00 -4.47
N GLU B 9 -6.43 6.42 -5.74
CA GLU B 9 -5.67 7.55 -6.30
C GLU B 9 -5.46 8.71 -5.33
N VAL B 10 -6.53 9.19 -4.72
CA VAL B 10 -6.42 10.33 -3.82
C VAL B 10 -5.86 9.90 -2.46
N ILE B 11 -6.52 8.94 -1.83
CA ILE B 11 -6.11 8.52 -0.50
C ILE B 11 -5.50 7.11 -0.50
N ARG B 12 -4.21 7.03 -0.77
CA ARG B 12 -3.48 5.77 -0.69
C ARG B 12 -2.01 6.03 -0.39
N ASN B 13 -1.73 7.24 0.02
CA ASN B 13 -0.37 7.66 0.30
C ASN B 13 -0.20 7.82 1.80
N ILE B 14 1.05 7.70 2.26
CA ILE B 14 1.38 7.83 3.68
C ILE B 14 2.91 7.81 3.84
N ASP B 15 3.41 7.54 5.06
CA ASP B 15 4.84 7.47 5.31
C ASP B 15 5.45 6.38 4.48
N GLN B 16 6.00 6.75 3.36
CA GLN B 16 6.59 5.78 2.48
C GLN B 16 8.01 6.18 2.13
N SER B 17 8.89 6.10 3.14
CA SER B 17 10.33 6.41 2.99
C SER B 17 10.58 7.91 2.77
N GLU B 18 9.91 8.47 1.77
CA GLU B 18 10.07 9.87 1.41
C GLU B 18 9.31 10.80 2.36
N PHE B 19 8.82 10.25 3.46
CA PHE B 19 8.26 11.06 4.52
C PHE B 19 9.41 11.41 5.47
N GLU B 20 10.56 10.83 5.19
CA GLU B 20 11.76 11.02 5.96
C GLU B 20 12.94 11.11 5.01
N GLY B 21 14.15 10.86 5.50
CA GLY B 21 15.32 10.94 4.66
C GLY B 21 16.12 9.66 4.62
N PHE B 22 15.44 8.52 4.50
CA PHE B 22 16.14 7.25 4.42
C PHE B 22 15.76 6.52 3.14
N SEP B 23 16.68 5.69 2.66
CA SEP B 23 16.50 4.92 1.43
CB SEP B 23 15.22 4.06 1.47
OG SEP B 23 15.38 2.86 0.73
C SEP B 23 16.51 5.85 0.21
O SEP B 23 16.14 5.46 -0.90
P SEP B 23 16.60 1.89 1.08
O1P SEP B 23 16.97 1.81 2.49
O2P SEP B 23 16.15 0.51 0.36
O3P SEP B 23 17.74 2.42 0.09
H SEP B 23 17.53 5.58 3.15
HA SEP B 23 17.36 4.26 1.33
HB2 SEP B 23 14.40 4.63 1.06
HB3 SEP B 23 15.00 3.80 2.49
N PHE B 24 16.97 7.07 0.45
CA PHE B 24 17.05 8.09 -0.57
C PHE B 24 18.00 9.20 -0.12
N NH2 B 25 19.23 9.13 -0.60
HN1 NH2 B 25 19.46 8.41 -1.22
HN2 NH2 B 25 19.88 9.81 -0.31
N MET A 1 -32.07 -10.84 -4.96
CA MET A 1 -31.41 -9.99 -5.97
C MET A 1 -32.26 -8.77 -6.26
N ALA A 2 -31.64 -7.60 -6.15
CA ALA A 2 -32.29 -6.34 -6.45
C ALA A 2 -31.32 -5.42 -7.19
N ASP A 3 -31.04 -4.27 -6.63
CA ASP A 3 -30.08 -3.35 -7.23
C ASP A 3 -28.93 -3.06 -6.25
N GLU A 4 -28.98 -3.68 -5.09
CA GLU A 4 -28.00 -3.45 -4.03
C GLU A 4 -26.71 -4.25 -4.27
N GLU A 5 -26.83 -5.45 -4.81
CA GLU A 5 -25.65 -6.27 -5.10
C GLU A 5 -25.01 -5.80 -6.40
N LYS A 6 -25.71 -4.95 -7.11
CA LYS A 6 -25.21 -4.35 -8.31
C LYS A 6 -24.43 -3.09 -7.95
N LEU A 7 -23.73 -2.53 -8.91
CA LEU A 7 -22.95 -1.34 -8.64
C LEU A 7 -23.56 -0.11 -9.30
N PRO A 8 -23.43 1.08 -8.65
CA PRO A 8 -23.95 2.34 -9.20
C PRO A 8 -23.25 2.71 -10.51
N PRO A 9 -23.91 3.55 -11.35
CA PRO A 9 -23.37 3.98 -12.65
C PRO A 9 -21.92 4.48 -12.54
N GLY A 10 -21.06 3.89 -13.35
CA GLY A 10 -19.67 4.26 -13.32
C GLY A 10 -18.81 3.15 -12.77
N TRP A 11 -19.39 2.35 -11.89
CA TRP A 11 -18.70 1.22 -11.29
C TRP A 11 -19.17 -0.09 -11.91
N GLU A 12 -18.24 -1.00 -12.09
CA GLU A 12 -18.54 -2.32 -12.60
C GLU A 12 -17.66 -3.34 -11.93
N LYS A 13 -18.14 -4.55 -11.85
CA LYS A 13 -17.41 -5.61 -11.19
C LYS A 13 -16.33 -6.19 -12.11
N ARG A 14 -15.11 -6.29 -11.61
CA ARG A 14 -14.00 -6.79 -12.39
C ARG A 14 -13.29 -7.91 -11.64
N MET A 15 -12.83 -8.90 -12.37
CA MET A 15 -12.14 -10.03 -11.78
C MET A 15 -10.63 -9.90 -12.00
N SER A 16 -9.87 -10.64 -11.20
CA SER A 16 -8.42 -10.65 -11.31
C SER A 16 -7.98 -11.50 -12.51
N ARG A 17 -6.70 -11.39 -12.84
CA ARG A 17 -6.09 -12.10 -13.96
C ARG A 17 -6.07 -13.61 -13.73
N SER A 18 -7.20 -14.27 -14.06
CA SER A 18 -7.35 -15.73 -13.93
C SER A 18 -7.03 -16.25 -12.51
N SER A 19 -7.02 -15.35 -11.54
CA SER A 19 -6.72 -15.73 -10.17
C SER A 19 -7.99 -16.05 -9.38
N GLY A 20 -9.11 -15.46 -9.80
CA GLY A 20 -10.38 -15.74 -9.14
C GLY A 20 -10.83 -14.62 -8.25
N ARG A 21 -9.88 -13.80 -7.79
CA ARG A 21 -10.20 -12.66 -6.93
C ARG A 21 -11.09 -11.66 -7.68
N VAL A 22 -12.08 -11.13 -6.99
CA VAL A 22 -13.02 -10.19 -7.60
C VAL A 22 -12.97 -8.83 -6.89
N TYR A 23 -13.03 -7.75 -7.67
CA TYR A 23 -13.00 -6.40 -7.14
C TYR A 23 -13.92 -5.48 -7.93
N TYR A 24 -13.97 -4.22 -7.54
CA TYR A 24 -14.82 -3.25 -8.22
C TYR A 24 -13.97 -2.27 -9.00
N PHE A 25 -14.39 -1.97 -10.21
CA PHE A 25 -13.67 -1.06 -11.09
C PHE A 25 -14.55 0.12 -11.47
N ASN A 26 -13.95 1.28 -11.60
CA ASN A 26 -14.67 2.47 -11.98
C ASN A 26 -14.14 2.99 -13.30
N HIS A 27 -15.00 3.05 -14.29
CA HIS A 27 -14.57 3.49 -15.62
C HIS A 27 -14.74 5.00 -15.81
N ILE A 28 -15.10 5.70 -14.74
CA ILE A 28 -15.28 7.15 -14.82
C ILE A 28 -13.94 7.86 -14.66
N THR A 29 -13.21 7.49 -13.61
CA THR A 29 -11.89 8.07 -13.39
C THR A 29 -10.84 6.96 -13.37
N ASN A 30 -11.26 5.76 -13.79
CA ASN A 30 -10.41 4.57 -13.80
C ASN A 30 -10.00 4.21 -12.37
N ALA A 31 -10.98 4.27 -11.46
CA ALA A 31 -10.76 3.95 -10.07
C ALA A 31 -10.99 2.47 -9.82
N SER A 32 -10.66 2.01 -8.63
CA SER A 32 -10.80 0.61 -8.28
C SER A 32 -10.81 0.46 -6.77
N GLN A 33 -11.47 -0.58 -6.27
CA GLN A 33 -11.52 -0.82 -4.85
C GLN A 33 -11.96 -2.25 -4.56
N TRP A 34 -11.56 -2.75 -3.41
CA TRP A 34 -11.90 -4.10 -3.01
C TRP A 34 -12.96 -4.08 -1.92
N GLU A 35 -13.33 -2.88 -1.50
CA GLU A 35 -14.32 -2.69 -0.47
C GLU A 35 -15.64 -2.23 -1.09
N ARG A 36 -16.73 -2.42 -0.39
CA ARG A 36 -18.05 -2.05 -0.87
C ARG A 36 -18.20 -0.54 -1.01
N PRO A 37 -18.64 -0.06 -2.21
CA PRO A 37 -18.87 1.37 -2.45
C PRO A 37 -19.99 1.88 -1.55
N SER A 38 -20.97 1.03 -1.32
CA SER A 38 -22.07 1.33 -0.44
C SER A 38 -21.75 0.75 0.95
N GLY A 39 -21.17 1.58 1.79
CA GLY A 39 -20.77 1.15 3.11
C GLY A 39 -21.89 1.23 4.11
N ASN A 40 -22.99 0.59 3.80
CA ASN A 40 -24.14 0.55 4.70
C ASN A 40 -24.11 -0.70 5.55
N SER A 41 -22.98 -1.39 5.50
CA SER A 41 -22.78 -2.61 6.24
C SER A 41 -22.45 -2.31 7.70
N SER A 42 -21.64 -1.29 7.93
CA SER A 42 -21.26 -0.89 9.27
C SER A 42 -20.92 0.60 9.32
N SER A 43 -21.56 1.31 10.22
CA SER A 43 -21.33 2.73 10.41
C SER A 43 -20.30 2.96 11.52
N GLY A 44 -19.61 4.08 11.45
CA GLY A 44 -18.61 4.37 12.45
C GLY A 44 -19.09 5.38 13.47
N GLY A 45 -18.72 5.16 14.72
CA GLY A 45 -19.10 6.06 15.79
C GLY A 45 -17.91 6.40 16.66
N LYS A 46 -16.76 6.51 16.05
CA LYS A 46 -15.53 6.81 16.76
C LYS A 46 -15.08 8.22 16.43
N ASN A 47 -14.98 9.06 17.46
CA ASN A 47 -14.55 10.44 17.28
C ASN A 47 -13.07 10.58 17.60
N GLY A 48 -12.31 11.06 16.64
CA GLY A 48 -10.90 11.26 16.83
C GLY A 48 -10.42 12.52 16.13
N GLN A 49 -11.24 13.57 16.18
CA GLN A 49 -10.90 14.83 15.53
C GLN A 49 -9.64 15.43 16.15
N GLY A 50 -8.89 16.16 15.34
CA GLY A 50 -7.65 16.72 15.80
C GLY A 50 -6.54 15.72 15.65
N GLU A 51 -6.07 15.56 14.44
CA GLU A 51 -5.06 14.57 14.12
C GLU A 51 -3.74 14.86 14.86
N PRO A 52 -3.02 13.79 15.27
CA PRO A 52 -1.74 13.93 15.94
C PRO A 52 -0.66 14.39 14.97
N ALA A 53 0.49 14.76 15.50
CA ALA A 53 1.59 15.22 14.69
C ALA A 53 2.39 14.07 14.10
N ARG A 54 1.91 12.85 14.32
CA ARG A 54 2.61 11.66 13.88
C ARG A 54 1.64 10.56 13.48
N VAL A 55 1.97 9.85 12.41
CA VAL A 55 1.20 8.69 11.99
C VAL A 55 2.09 7.46 11.97
N ARG A 56 1.54 6.32 12.26
CA ARG A 56 2.29 5.09 12.28
C ARG A 56 1.92 4.22 11.12
N CYS A 57 2.92 3.77 10.40
CA CYS A 57 2.72 2.94 9.26
C CYS A 57 3.82 1.90 9.16
N SER A 58 3.55 0.88 8.41
CA SER A 58 4.49 -0.18 8.18
C SER A 58 4.73 -0.29 6.68
N HIS A 59 5.94 -0.62 6.27
CA HIS A 59 6.25 -0.65 4.85
C HIS A 59 7.01 -1.89 4.43
N LEU A 60 6.74 -2.34 3.22
CA LEU A 60 7.48 -3.43 2.63
C LEU A 60 8.22 -2.87 1.42
N LEU A 61 9.50 -2.60 1.60
CA LEU A 61 10.31 -1.98 0.57
C LEU A 61 10.99 -3.03 -0.29
N VAL A 62 10.72 -2.98 -1.59
CA VAL A 62 11.30 -3.90 -2.55
C VAL A 62 12.22 -3.14 -3.51
N LYS A 63 13.47 -3.56 -3.57
CA LYS A 63 14.43 -2.94 -4.45
C LYS A 63 14.58 -3.76 -5.72
N HIS A 64 15.20 -3.18 -6.73
CA HIS A 64 15.37 -3.86 -8.00
C HIS A 64 16.65 -3.41 -8.68
N SER A 65 16.89 -3.93 -9.87
CA SER A 65 18.13 -3.67 -10.59
C SER A 65 18.35 -2.17 -10.88
N GLN A 66 17.27 -1.42 -11.10
CA GLN A 66 17.41 -0.01 -11.45
C GLN A 66 16.76 0.94 -10.42
N SER A 67 16.76 0.55 -9.16
CA SER A 67 16.27 1.44 -8.11
C SER A 67 17.44 2.33 -7.65
N ARG A 68 17.20 3.22 -6.68
CA ARG A 68 18.29 4.06 -6.18
C ARG A 68 19.42 3.19 -5.66
N ARG A 69 19.03 2.09 -5.03
CA ARG A 69 19.96 1.12 -4.53
C ARG A 69 19.61 -0.25 -5.08
N PRO A 70 20.54 -0.89 -5.79
CA PRO A 70 20.36 -2.25 -6.28
C PRO A 70 20.80 -3.25 -5.22
N SER A 71 21.15 -2.72 -4.07
CA SER A 71 21.62 -3.50 -2.96
C SER A 71 21.01 -2.98 -1.66
N SER A 72 20.98 -3.81 -0.65
CA SER A 72 20.47 -3.44 0.64
C SER A 72 21.21 -4.22 1.73
N TRP A 73 20.85 -3.99 2.99
CA TRP A 73 21.58 -4.57 4.13
C TRP A 73 21.61 -6.12 4.14
N ARG A 74 20.67 -6.75 3.46
CA ARG A 74 20.67 -8.21 3.39
C ARG A 74 21.22 -8.67 2.05
N GLN A 75 20.64 -8.16 0.99
CA GLN A 75 21.00 -8.57 -0.34
C GLN A 75 21.71 -7.46 -1.09
N GLU A 76 22.93 -7.72 -1.50
CA GLU A 76 23.72 -6.74 -2.23
C GLU A 76 23.73 -7.07 -3.72
N LYS A 77 22.97 -8.08 -4.09
CA LYS A 77 22.90 -8.54 -5.48
C LYS A 77 21.47 -8.49 -6.00
N ILE A 78 20.69 -7.51 -5.53
CA ILE A 78 19.29 -7.39 -5.91
C ILE A 78 19.14 -6.98 -7.39
N THR A 79 19.09 -7.98 -8.26
CA THR A 79 18.89 -7.72 -9.66
C THR A 79 17.50 -8.21 -10.05
N ARG A 80 16.51 -7.37 -9.80
CA ARG A 80 15.14 -7.71 -10.12
C ARG A 80 14.57 -6.69 -11.11
N THR A 81 13.63 -7.13 -11.91
CA THR A 81 13.07 -6.29 -12.96
C THR A 81 11.89 -5.45 -12.43
N LYS A 82 11.48 -4.45 -13.22
CA LYS A 82 10.41 -3.54 -12.85
C LYS A 82 9.08 -4.26 -12.57
N GLU A 83 8.62 -5.04 -13.53
CA GLU A 83 7.34 -5.73 -13.39
C GLU A 83 7.51 -7.01 -12.60
N GLU A 84 8.74 -7.49 -12.57
CA GLU A 84 9.09 -8.67 -11.78
C GLU A 84 8.86 -8.34 -10.29
N ALA A 85 9.30 -7.15 -9.90
CA ALA A 85 9.11 -6.68 -8.53
C ALA A 85 7.63 -6.40 -8.27
N LEU A 86 6.92 -5.92 -9.29
CA LEU A 86 5.49 -5.67 -9.15
C LEU A 86 4.74 -6.97 -8.92
N GLU A 87 5.14 -7.99 -9.66
CA GLU A 87 4.53 -9.30 -9.56
C GLU A 87 4.53 -9.82 -8.12
N LEU A 88 5.68 -9.71 -7.47
CA LEU A 88 5.81 -10.20 -6.12
C LEU A 88 5.11 -9.29 -5.11
N ILE A 89 5.19 -7.97 -5.31
CA ILE A 89 4.61 -7.03 -4.37
C ILE A 89 3.07 -7.02 -4.47
N ASN A 90 2.55 -7.19 -5.69
CA ASN A 90 1.11 -7.25 -5.87
C ASN A 90 0.57 -8.52 -5.27
N GLY A 91 1.39 -9.57 -5.33
CA GLY A 91 1.03 -10.82 -4.72
C GLY A 91 0.89 -10.69 -3.23
N TYR A 92 1.79 -9.89 -2.64
CA TYR A 92 1.76 -9.62 -1.21
C TYR A 92 0.44 -9.00 -0.81
N ILE A 93 0.00 -8.03 -1.59
CA ILE A 93 -1.27 -7.35 -1.34
C ILE A 93 -2.43 -8.35 -1.36
N GLN A 94 -2.42 -9.24 -2.35
CA GLN A 94 -3.47 -10.24 -2.50
C GLN A 94 -3.48 -11.22 -1.33
N LYS A 95 -2.29 -11.55 -0.82
CA LYS A 95 -2.17 -12.42 0.34
C LYS A 95 -2.84 -11.79 1.55
N ILE A 96 -2.42 -10.57 1.86
CA ILE A 96 -2.89 -9.83 3.02
C ILE A 96 -4.40 -9.60 3.00
N LYS A 97 -4.91 -9.13 1.86
CA LYS A 97 -6.33 -8.81 1.73
C LYS A 97 -7.20 -10.06 1.87
N SER A 98 -6.62 -11.22 1.66
CA SER A 98 -7.35 -12.47 1.78
C SER A 98 -7.28 -12.98 3.22
N GLY A 99 -6.24 -12.58 3.94
CA GLY A 99 -6.09 -12.99 5.32
C GLY A 99 -5.38 -14.32 5.45
N GLU A 100 -4.73 -14.75 4.38
CA GLU A 100 -4.01 -16.01 4.40
C GLU A 100 -2.62 -15.80 4.97
N GLU A 101 -2.05 -14.64 4.68
CA GLU A 101 -0.75 -14.27 5.19
C GLU A 101 -0.81 -12.86 5.75
N ASP A 102 -0.09 -12.63 6.83
CA ASP A 102 -0.11 -11.34 7.51
C ASP A 102 0.98 -10.45 6.99
N PHE A 103 0.73 -9.14 6.98
CA PHE A 103 1.72 -8.17 6.54
C PHE A 103 2.94 -8.28 7.44
N GLU A 104 2.70 -8.52 8.72
CA GLU A 104 3.74 -8.64 9.73
C GLU A 104 4.82 -9.65 9.31
N SER A 105 4.42 -10.92 9.19
CA SER A 105 5.33 -11.99 8.82
C SER A 105 5.87 -11.82 7.40
N LEU A 106 4.99 -11.40 6.50
CA LEU A 106 5.32 -11.21 5.11
C LEU A 106 6.40 -10.14 4.95
N ALA A 107 6.25 -9.04 5.67
CA ALA A 107 7.21 -7.95 5.61
C ALA A 107 8.54 -8.37 6.19
N SER A 108 8.53 -8.86 7.45
CA SER A 108 9.76 -9.32 8.13
C SER A 108 10.63 -10.19 7.21
N GLN A 109 9.98 -11.01 6.40
CA GLN A 109 10.66 -11.94 5.54
C GLN A 109 11.19 -11.29 4.26
N PHE A 110 10.34 -10.58 3.55
CA PHE A 110 10.72 -10.06 2.22
C PHE A 110 11.27 -8.64 2.22
N SER A 111 11.05 -7.87 3.27
CA SER A 111 11.55 -6.49 3.27
C SER A 111 13.06 -6.47 3.50
N ASP A 112 13.79 -5.89 2.58
CA ASP A 112 15.24 -5.79 2.70
C ASP A 112 15.62 -4.40 3.22
N CYS A 113 14.64 -3.73 3.80
CA CYS A 113 14.85 -2.40 4.33
C CYS A 113 15.20 -2.44 5.82
N SER A 114 15.55 -1.29 6.38
CA SER A 114 15.97 -1.19 7.77
C SER A 114 14.86 -1.66 8.72
N SER A 115 13.62 -1.38 8.37
CA SER A 115 12.48 -1.74 9.21
C SER A 115 12.24 -3.25 9.25
N ALA A 116 13.01 -4.03 8.50
CA ALA A 116 12.86 -5.49 8.49
C ALA A 116 13.05 -6.06 9.89
N LYS A 117 13.95 -5.42 10.64
CA LYS A 117 14.23 -5.83 12.02
C LYS A 117 13.02 -5.59 12.91
N ALA A 118 12.17 -4.68 12.48
CA ALA A 118 10.97 -4.33 13.20
C ALA A 118 9.73 -4.86 12.47
N ARG A 119 9.93 -5.92 11.67
CA ARG A 119 8.86 -6.60 10.94
C ARG A 119 8.23 -5.73 9.85
N GLY A 120 8.89 -4.66 9.47
CA GLY A 120 8.37 -3.80 8.42
C GLY A 120 7.83 -2.50 8.96
N ASP A 121 7.51 -2.49 10.24
CA ASP A 121 6.98 -1.29 10.89
C ASP A 121 8.11 -0.35 11.24
N LEU A 122 7.92 0.93 10.99
CA LEU A 122 8.95 1.91 11.29
C LEU A 122 8.54 2.82 12.45
N GLY A 123 7.32 2.63 12.92
CA GLY A 123 6.83 3.42 14.01
C GLY A 123 6.07 4.63 13.55
N ALA A 124 6.07 5.66 14.36
CA ALA A 124 5.38 6.89 14.03
C ALA A 124 6.34 8.05 13.99
N PHE A 125 6.34 8.77 12.89
CA PHE A 125 7.20 9.94 12.74
C PHE A 125 6.35 11.20 12.64
N SER A 126 6.90 12.31 13.10
CA SER A 126 6.19 13.56 13.13
C SER A 126 6.36 14.37 11.85
N ARG A 127 5.35 15.15 11.53
CA ARG A 127 5.38 16.03 10.36
C ARG A 127 6.34 17.19 10.61
N GLY A 128 6.79 17.80 9.53
CA GLY A 128 7.71 18.91 9.64
C GLY A 128 9.14 18.51 9.27
N GLN A 129 9.35 17.21 9.10
CA GLN A 129 10.69 16.70 8.77
C GLN A 129 10.69 15.97 7.44
N MET A 130 9.52 15.69 6.92
CA MET A 130 9.40 14.85 5.74
C MET A 130 9.15 15.67 4.47
N GLN A 131 9.05 14.96 3.33
CA GLN A 131 8.73 15.57 2.05
C GLN A 131 7.48 16.43 2.16
N LYS A 132 7.54 17.60 1.57
CA LYS A 132 6.43 18.55 1.64
C LYS A 132 5.12 17.96 1.07
N PRO A 133 5.12 17.41 -0.18
CA PRO A 133 3.89 16.87 -0.77
C PRO A 133 3.47 15.53 -0.15
N PHE A 134 4.43 14.83 0.45
CA PHE A 134 4.17 13.52 1.06
C PHE A 134 3.66 13.66 2.48
N GLU A 135 3.95 14.80 3.09
CA GLU A 135 3.54 15.07 4.46
C GLU A 135 2.02 15.03 4.59
N ASP A 136 1.35 15.59 3.59
CA ASP A 136 -0.11 15.59 3.57
C ASP A 136 -0.63 14.20 3.22
N ALA A 137 0.23 13.39 2.63
CA ALA A 137 -0.16 12.06 2.21
C ALA A 137 -0.08 11.09 3.37
N SER A 138 1.02 11.12 4.10
CA SER A 138 1.22 10.24 5.25
C SER A 138 0.08 10.33 6.25
N PHE A 139 -0.43 11.53 6.43
CA PHE A 139 -1.52 11.79 7.38
C PHE A 139 -2.91 11.67 6.71
N ALA A 140 -2.93 11.33 5.42
CA ALA A 140 -4.19 11.30 4.66
C ALA A 140 -5.04 10.04 4.93
N LEU A 141 -4.39 8.88 5.05
CA LEU A 141 -5.12 7.61 5.27
C LEU A 141 -5.95 7.62 6.54
N ARG A 142 -6.94 6.75 6.58
CA ARG A 142 -7.81 6.59 7.74
C ARG A 142 -7.24 5.50 8.64
N THR A 143 -7.92 5.24 9.73
CA THR A 143 -7.46 4.24 10.68
C THR A 143 -7.65 2.81 10.12
N GLY A 144 -6.54 2.16 9.82
CA GLY A 144 -6.60 0.79 9.33
C GLY A 144 -6.76 0.70 7.82
N GLU A 145 -5.78 1.20 7.08
CA GLU A 145 -5.82 1.14 5.63
C GLU A 145 -4.50 0.68 5.06
N MET A 146 -4.56 0.07 3.88
CA MET A 146 -3.37 -0.41 3.21
C MET A 146 -3.31 0.14 1.80
N SER A 147 -2.17 0.63 1.42
CA SER A 147 -1.98 1.23 0.11
C SER A 147 -1.38 0.23 -0.88
N GLY A 148 -1.15 0.68 -2.11
CA GLY A 148 -0.59 -0.18 -3.13
C GLY A 148 0.88 0.07 -3.36
N PRO A 149 1.46 -0.49 -4.44
CA PRO A 149 2.87 -0.34 -4.76
C PRO A 149 3.17 1.01 -5.42
N VAL A 150 3.88 1.87 -4.71
CA VAL A 150 4.22 3.18 -5.22
C VAL A 150 5.66 3.20 -5.75
N PHE A 151 5.83 3.64 -7.00
CA PHE A 151 7.15 3.74 -7.61
C PHE A 151 7.87 4.99 -7.15
N THR A 152 8.71 4.85 -6.15
CA THR A 152 9.48 5.97 -5.65
C THR A 152 10.96 5.78 -5.95
N ASP A 153 11.77 6.77 -5.56
CA ASP A 153 13.22 6.71 -5.77
C ASP A 153 13.82 5.56 -4.98
N SER A 154 13.34 5.38 -3.76
CA SER A 154 13.82 4.32 -2.88
C SER A 154 13.51 2.94 -3.48
N GLY A 155 12.45 2.88 -4.27
CA GLY A 155 12.05 1.63 -4.89
C GLY A 155 10.56 1.46 -4.89
N ILE A 156 10.11 0.23 -4.99
CA ILE A 156 8.69 -0.08 -4.98
C ILE A 156 8.31 -0.53 -3.59
N HIS A 157 7.19 -0.05 -3.08
CA HIS A 157 6.80 -0.40 -1.72
C HIS A 157 5.31 -0.23 -1.49
N ILE A 158 4.78 -1.08 -0.63
CA ILE A 158 3.40 -0.99 -0.19
C ILE A 158 3.39 -0.52 1.25
N ILE A 159 2.35 0.19 1.65
CA ILE A 159 2.30 0.75 3.00
C ILE A 159 1.03 0.36 3.73
N LEU A 160 1.18 -0.11 4.96
CA LEU A 160 0.06 -0.48 5.81
C LEU A 160 -0.01 0.50 6.99
N ARG A 161 -1.13 1.21 7.10
CA ARG A 161 -1.27 2.25 8.13
C ARG A 161 -2.27 1.85 9.20
N THR A 162 -1.89 2.06 10.44
CA THR A 162 -2.77 1.78 11.56
C THR A 162 -3.25 3.10 12.21
N GLU A 163 -2.30 3.88 12.72
CA GLU A 163 -2.59 5.17 13.36
C GLU A 163 -1.39 6.09 13.25
C ACE B 1 -8.32 -4.84 -16.35
O ACE B 1 -9.40 -5.30 -16.74
CH3 ACE B 1 -8.18 -3.36 -16.10
H1 ACE B 1 -9.14 -2.96 -15.78
H2 ACE B 1 -7.88 -2.86 -17.00
H3 ACE B 1 -7.40 -3.21 -15.35
N VAL B 2 -7.25 -5.59 -16.14
CA VAL B 2 -6.93 -6.12 -14.82
C VAL B 2 -5.73 -5.40 -14.22
N LEU B 3 -5.88 -4.95 -13.00
CA LEU B 3 -4.80 -4.25 -12.32
C LEU B 3 -4.62 -4.76 -10.91
N TPO B 4 -5.72 -5.33 -10.36
CA TPO B 4 -5.81 -5.82 -8.98
CB TPO B 4 -5.06 -7.15 -8.76
CG2 TPO B 4 -5.97 -8.36 -8.87
OG1 TPO B 4 -3.99 -7.32 -9.68
P TPO B 4 -2.74 -8.24 -9.31
O1P TPO B 4 -2.77 -8.28 -7.71
O2P TPO B 4 -1.45 -7.84 -9.92
O3P TPO B 4 -3.26 -9.71 -9.70
C TPO B 4 -5.59 -4.71 -7.88
O TPO B 4 -6.58 -4.12 -7.45
H TPO B 4 -6.52 -5.41 -10.91
HA TPO B 4 -6.88 -6.04 -8.89
HB TPO B 4 -4.63 -7.15 -7.76
HG21 TPO B 4 -6.76 -8.29 -8.14
HG22 TPO B 4 -5.39 -9.26 -8.71
HG23 TPO B 4 -6.40 -8.39 -9.87
N PRO B 5 -4.34 -4.41 -7.38
CA PRO B 5 -4.14 -3.30 -6.42
C PRO B 5 -4.64 -1.97 -6.98
N PRO B 6 -5.13 -1.08 -6.10
CA PRO B 6 -5.69 0.23 -6.50
C PRO B 6 -4.61 1.29 -6.80
N ASP B 7 -3.58 0.90 -7.54
CA ASP B 7 -2.50 1.84 -7.88
C ASP B 7 -2.83 2.62 -9.16
N GLN B 8 -4.06 3.08 -9.27
CA GLN B 8 -4.50 3.84 -10.43
C GLN B 8 -4.59 5.35 -10.13
N GLU B 9 -5.56 5.74 -9.34
CA GLU B 9 -5.77 7.15 -9.01
C GLU B 9 -5.39 7.44 -7.57
N VAL B 10 -5.76 6.56 -6.67
CA VAL B 10 -5.46 6.76 -5.28
C VAL B 10 -4.03 6.30 -4.98
N ILE B 11 -3.08 7.05 -5.49
CA ILE B 11 -1.67 6.77 -5.25
C ILE B 11 -1.25 7.41 -3.95
N ARG B 12 -1.78 8.59 -3.71
CA ARG B 12 -1.51 9.33 -2.50
C ARG B 12 -2.22 8.72 -1.32
N ASN B 13 -1.47 7.98 -0.53
CA ASN B 13 -2.01 7.30 0.65
C ASN B 13 -1.16 7.62 1.85
N ILE B 14 0.15 7.60 1.63
CA ILE B 14 1.14 7.94 2.65
C ILE B 14 2.43 8.35 1.96
N ASP B 15 2.75 7.61 0.87
CA ASP B 15 3.95 7.87 0.07
C ASP B 15 5.19 7.70 0.93
N GLN B 16 5.12 6.69 1.79
CA GLN B 16 6.18 6.36 2.74
C GLN B 16 7.49 6.08 2.01
N SER B 17 8.28 7.11 1.87
CA SER B 17 9.58 7.01 1.23
C SER B 17 10.52 8.01 1.88
N GLU B 18 10.02 9.22 2.04
CA GLU B 18 10.76 10.29 2.66
C GLU B 18 9.92 10.85 3.82
N PHE B 19 9.12 9.97 4.40
CA PHE B 19 8.30 10.32 5.55
C PHE B 19 9.14 10.17 6.83
N GLU B 20 10.17 9.35 6.72
CA GLU B 20 11.13 9.13 7.79
C GLU B 20 12.49 9.61 7.33
N GLY B 21 13.56 9.04 7.88
CA GLY B 21 14.89 9.50 7.49
C GLY B 21 15.79 8.38 6.99
N PHE B 22 15.66 8.05 5.71
CA PHE B 22 16.52 7.01 5.11
C PHE B 22 16.51 7.10 3.58
N SEP B 23 17.63 6.73 2.97
CA SEP B 23 17.78 6.73 1.51
CB SEP B 23 16.78 5.79 0.83
OG SEP B 23 17.15 4.43 1.01
C SEP B 23 17.72 8.15 0.91
O SEP B 23 18.75 8.78 0.70
P SEP B 23 18.38 3.86 0.16
O1P SEP B 23 19.72 4.37 0.53
O2P SEP B 23 18.18 2.27 0.26
O3P SEP B 23 17.92 4.18 -1.35
H SEP B 23 18.38 6.43 3.52
HA SEP B 23 18.78 6.35 1.32
HB2 SEP B 23 16.73 6.01 -0.23
HB3 SEP B 23 15.80 5.95 1.28
N PHE B 24 16.52 8.64 0.67
CA PHE B 24 16.35 9.95 0.05
C PHE B 24 16.52 11.06 1.08
N NH2 B 25 17.66 11.71 1.05
HN1 NH2 B 25 18.32 11.46 0.36
HN2 NH2 B 25 17.81 12.43 1.71
N MET A 1 -32.65 -11.94 -7.30
CA MET A 1 -31.36 -11.23 -7.41
C MET A 1 -31.25 -10.22 -6.27
N ALA A 2 -30.02 -9.89 -5.90
CA ALA A 2 -29.81 -8.92 -4.85
C ALA A 2 -29.59 -7.54 -5.44
N ASP A 3 -29.81 -6.53 -4.63
CA ASP A 3 -29.65 -5.16 -5.09
C ASP A 3 -28.29 -4.64 -4.70
N GLU A 4 -27.70 -5.27 -3.71
CA GLU A 4 -26.39 -4.88 -3.21
C GLU A 4 -25.27 -5.42 -4.08
N GLU A 5 -25.59 -6.44 -4.88
CA GLU A 5 -24.60 -7.07 -5.72
C GLU A 5 -24.23 -6.20 -6.91
N LYS A 6 -25.09 -5.23 -7.22
CA LYS A 6 -24.82 -4.33 -8.31
C LYS A 6 -24.16 -3.06 -7.79
N LEU A 7 -23.56 -2.31 -8.70
CA LEU A 7 -22.84 -1.11 -8.35
C LEU A 7 -23.48 0.10 -8.99
N PRO A 8 -23.30 1.29 -8.39
CA PRO A 8 -23.82 2.55 -8.93
C PRO A 8 -23.06 2.97 -10.20
N PRO A 9 -23.67 3.86 -11.02
CA PRO A 9 -23.06 4.34 -12.27
C PRO A 9 -21.63 4.83 -12.06
N GLY A 10 -20.72 4.32 -12.86
CA GLY A 10 -19.34 4.70 -12.74
C GLY A 10 -18.48 3.55 -12.23
N TRP A 11 -19.10 2.60 -11.58
CA TRP A 11 -18.40 1.45 -11.05
C TRP A 11 -18.64 0.21 -11.90
N GLU A 12 -17.66 -0.66 -11.92
CA GLU A 12 -17.69 -1.87 -12.70
C GLU A 12 -17.01 -2.99 -11.90
N LYS A 13 -17.71 -4.09 -11.69
CA LYS A 13 -17.17 -5.20 -10.94
C LYS A 13 -16.27 -6.05 -11.82
N ARG A 14 -14.99 -6.05 -11.53
CA ARG A 14 -14.05 -6.78 -12.34
C ARG A 14 -13.38 -7.89 -11.53
N MET A 15 -12.77 -8.84 -12.22
CA MET A 15 -12.18 -10.00 -11.59
C MET A 15 -10.67 -10.06 -11.85
N SER A 16 -9.98 -10.76 -10.97
CA SER A 16 -8.56 -11.00 -11.10
C SER A 16 -8.31 -12.07 -12.15
N ARG A 17 -7.34 -11.83 -13.02
CA ARG A 17 -7.03 -12.73 -14.13
C ARG A 17 -6.65 -14.13 -13.66
N SER A 18 -7.48 -15.11 -14.01
CA SER A 18 -7.25 -16.52 -13.73
C SER A 18 -7.37 -16.87 -12.23
N SER A 19 -7.45 -15.86 -11.39
CA SER A 19 -7.54 -16.08 -9.95
C SER A 19 -9.00 -16.22 -9.51
N GLY A 20 -9.84 -15.33 -9.97
CA GLY A 20 -11.24 -15.39 -9.59
C GLY A 20 -11.60 -14.38 -8.54
N ARG A 21 -10.60 -13.70 -7.99
CA ARG A 21 -10.84 -12.66 -7.00
C ARG A 21 -11.62 -11.51 -7.61
N VAL A 22 -12.48 -10.91 -6.84
CA VAL A 22 -13.32 -9.83 -7.34
C VAL A 22 -12.94 -8.49 -6.73
N TYR A 23 -12.85 -7.46 -7.56
CA TYR A 23 -12.54 -6.13 -7.09
C TYR A 23 -13.48 -5.11 -7.75
N TYR A 24 -13.61 -3.96 -7.15
CA TYR A 24 -14.50 -2.94 -7.65
C TYR A 24 -13.71 -1.86 -8.38
N PHE A 25 -14.08 -1.61 -9.62
CA PHE A 25 -13.39 -0.64 -10.44
C PHE A 25 -14.25 0.56 -10.71
N ASN A 26 -13.66 1.72 -10.70
CA ASN A 26 -14.36 2.95 -10.99
C ASN A 26 -13.80 3.56 -12.25
N HIS A 27 -14.61 3.67 -13.29
CA HIS A 27 -14.14 4.20 -14.58
C HIS A 27 -14.31 5.71 -14.67
N ILE A 28 -14.68 6.33 -13.56
CA ILE A 28 -14.83 7.78 -13.53
C ILE A 28 -13.47 8.43 -13.34
N THR A 29 -12.73 7.95 -12.36
CA THR A 29 -11.40 8.44 -12.08
C THR A 29 -10.36 7.33 -12.30
N ASN A 30 -10.85 6.21 -12.82
CA ASN A 30 -10.03 5.01 -13.07
C ASN A 30 -9.34 4.56 -11.78
N ALA A 31 -10.15 4.24 -10.79
CA ALA A 31 -9.66 3.79 -9.50
C ALA A 31 -10.19 2.41 -9.21
N SER A 32 -9.54 1.70 -8.31
CA SER A 32 -9.96 0.36 -7.97
C SER A 32 -9.82 0.13 -6.47
N GLN A 33 -10.77 -0.59 -5.91
CA GLN A 33 -10.74 -0.91 -4.49
C GLN A 33 -11.46 -2.23 -4.24
N TRP A 34 -11.26 -2.77 -3.06
CA TRP A 34 -11.84 -4.07 -2.72
C TRP A 34 -13.01 -3.94 -1.77
N GLU A 35 -13.23 -2.75 -1.28
CA GLU A 35 -14.33 -2.50 -0.38
C GLU A 35 -15.44 -1.76 -1.12
N ARG A 36 -16.66 -1.91 -0.64
CA ARG A 36 -17.79 -1.24 -1.26
C ARG A 36 -17.93 0.18 -0.72
N PRO A 37 -17.79 1.19 -1.59
CA PRO A 37 -17.90 2.60 -1.20
C PRO A 37 -19.32 2.93 -0.75
N SER A 38 -20.26 2.18 -1.29
CA SER A 38 -21.65 2.34 -0.95
C SER A 38 -22.12 1.15 -0.11
N GLY A 39 -21.17 0.49 0.53
CA GLY A 39 -21.48 -0.66 1.32
C GLY A 39 -21.55 -0.34 2.79
N ASN A 40 -22.40 -1.07 3.50
CA ASN A 40 -22.57 -0.86 4.93
C ASN A 40 -21.60 -1.76 5.72
N SER A 41 -20.51 -2.14 5.06
CA SER A 41 -19.48 -2.98 5.67
C SER A 41 -18.96 -2.34 6.95
N SER A 42 -18.51 -1.10 6.83
CA SER A 42 -18.01 -0.35 7.96
C SER A 42 -18.25 1.14 7.76
N SER A 43 -18.40 1.87 8.84
CA SER A 43 -18.61 3.30 8.79
C SER A 43 -17.26 4.02 8.75
N GLY A 44 -17.07 4.85 7.74
CA GLY A 44 -15.82 5.57 7.60
C GLY A 44 -15.73 6.79 8.50
N GLY A 45 -15.55 6.54 9.79
CA GLY A 45 -15.45 7.62 10.73
C GLY A 45 -14.69 7.24 11.97
N LYS A 46 -13.43 6.86 11.81
CA LYS A 46 -12.60 6.48 12.96
C LYS A 46 -11.89 7.71 13.54
N ASN A 47 -11.80 8.76 12.75
CA ASN A 47 -11.20 10.01 13.19
C ASN A 47 -12.10 11.17 12.82
N GLY A 48 -12.14 12.19 13.65
CA GLY A 48 -12.98 13.33 13.39
C GLY A 48 -12.31 14.38 12.54
N GLN A 49 -12.32 15.60 13.04
CA GLN A 49 -11.77 16.74 12.30
C GLN A 49 -10.24 16.74 12.27
N GLY A 50 -9.69 16.54 11.09
CA GLY A 50 -8.25 16.62 10.91
C GLY A 50 -7.50 15.39 11.37
N GLU A 51 -6.50 15.01 10.59
CA GLU A 51 -5.65 13.89 10.92
C GLU A 51 -4.57 14.35 11.90
N PRO A 52 -3.95 13.41 12.65
CA PRO A 52 -2.88 13.75 13.58
C PRO A 52 -1.65 14.34 12.87
N ALA A 53 -0.75 14.93 13.65
CA ALA A 53 0.46 15.54 13.11
C ALA A 53 1.53 14.47 12.88
N ARG A 54 1.17 13.24 13.18
CA ARG A 54 2.05 12.10 13.01
C ARG A 54 1.22 10.88 12.63
N VAL A 55 1.77 9.99 11.85
CA VAL A 55 1.06 8.77 11.46
C VAL A 55 1.99 7.57 11.52
N ARG A 56 1.41 6.40 11.69
CA ARG A 56 2.17 5.17 11.72
C ARG A 56 1.75 4.28 10.58
N CYS A 57 2.67 3.47 10.09
CA CYS A 57 2.38 2.57 9.00
C CYS A 57 3.38 1.44 8.95
N SER A 58 3.11 0.48 8.12
CA SER A 58 4.02 -0.61 7.87
C SER A 58 4.25 -0.68 6.38
N HIS A 59 5.49 -0.75 5.97
CA HIS A 59 5.80 -0.73 4.55
C HIS A 59 6.77 -1.83 4.16
N LEU A 60 6.42 -2.53 3.09
CA LEU A 60 7.25 -3.59 2.55
C LEU A 60 8.04 -3.01 1.38
N LEU A 61 9.35 -2.96 1.54
CA LEU A 61 10.22 -2.39 0.52
C LEU A 61 10.79 -3.47 -0.38
N VAL A 62 10.70 -3.25 -1.69
CA VAL A 62 11.26 -4.13 -2.69
C VAL A 62 12.16 -3.32 -3.63
N LYS A 63 13.40 -3.77 -3.80
CA LYS A 63 14.33 -3.07 -4.66
C LYS A 63 14.41 -3.70 -6.03
N HIS A 64 15.25 -3.12 -6.88
CA HIS A 64 15.46 -3.60 -8.22
C HIS A 64 16.86 -3.26 -8.67
N SER A 65 17.27 -3.77 -9.81
CA SER A 65 18.65 -3.59 -10.30
C SER A 65 18.92 -2.11 -10.69
N GLN A 66 17.90 -1.27 -10.62
CA GLN A 66 18.04 0.12 -10.99
C GLN A 66 17.33 1.06 -9.99
N SER A 67 17.39 0.70 -8.71
CA SER A 67 16.83 1.55 -7.65
C SER A 67 17.90 2.51 -7.13
N ARG A 68 17.55 3.32 -6.12
CA ARG A 68 18.52 4.24 -5.52
C ARG A 68 19.69 3.45 -4.94
N ARG A 69 19.38 2.50 -4.09
CA ARG A 69 20.39 1.62 -3.53
C ARG A 69 20.20 0.22 -4.15
N PRO A 70 21.25 -0.35 -4.76
CA PRO A 70 21.17 -1.67 -5.39
C PRO A 70 21.57 -2.80 -4.43
N SER A 71 21.67 -2.47 -3.16
CA SER A 71 22.05 -3.44 -2.15
C SER A 71 21.30 -3.19 -0.85
N SER A 72 21.39 -4.14 0.07
CA SER A 72 20.77 -4.03 1.37
C SER A 72 21.42 -5.04 2.34
N TRP A 73 20.88 -5.13 3.55
CA TRP A 73 21.46 -5.99 4.59
C TRP A 73 21.39 -7.49 4.24
N ARG A 74 20.33 -7.89 3.54
CA ARG A 74 20.16 -9.32 3.23
C ARG A 74 20.55 -9.64 1.79
N GLN A 75 20.55 -8.64 0.92
CA GLN A 75 20.92 -8.85 -0.48
C GLN A 75 21.97 -7.83 -0.89
N GLU A 76 23.09 -8.30 -1.39
CA GLU A 76 24.17 -7.43 -1.80
C GLU A 76 24.32 -7.43 -3.32
N LYS A 77 23.48 -8.21 -3.99
CA LYS A 77 23.55 -8.35 -5.43
C LYS A 77 22.15 -8.24 -6.05
N ILE A 78 21.31 -7.42 -5.43
CA ILE A 78 19.91 -7.25 -5.85
C ILE A 78 19.81 -6.99 -7.35
N THR A 79 19.43 -8.03 -8.09
CA THR A 79 19.26 -7.92 -9.50
C THR A 79 17.85 -8.34 -9.89
N ARG A 80 16.91 -7.43 -9.70
CA ARG A 80 15.53 -7.68 -10.02
C ARG A 80 15.06 -6.67 -11.03
N THR A 81 14.25 -7.11 -11.98
CA THR A 81 13.72 -6.22 -12.98
C THR A 81 12.36 -5.67 -12.54
N LYS A 82 11.90 -4.61 -13.19
CA LYS A 82 10.63 -3.96 -12.83
C LYS A 82 9.44 -4.92 -12.98
N GLU A 83 9.48 -5.75 -14.01
CA GLU A 83 8.40 -6.72 -14.25
C GLU A 83 8.33 -7.75 -13.12
N GLU A 84 9.47 -8.07 -12.53
CA GLU A 84 9.52 -9.02 -11.44
C GLU A 84 9.03 -8.37 -10.15
N ALA A 85 9.57 -7.18 -9.86
CA ALA A 85 9.25 -6.45 -8.63
C ALA A 85 7.75 -6.25 -8.46
N LEU A 86 7.09 -5.72 -9.49
CA LEU A 86 5.64 -5.49 -9.41
C LEU A 86 4.88 -6.78 -9.28
N GLU A 87 5.30 -7.79 -10.02
CA GLU A 87 4.60 -9.07 -10.02
C GLU A 87 4.63 -9.71 -8.64
N LEU A 88 5.78 -9.66 -7.99
CA LEU A 88 5.92 -10.26 -6.68
C LEU A 88 5.22 -9.44 -5.60
N ILE A 89 5.29 -8.10 -5.72
CA ILE A 89 4.68 -7.23 -4.72
C ILE A 89 3.15 -7.27 -4.82
N ASN A 90 2.64 -7.35 -6.05
CA ASN A 90 1.20 -7.45 -6.26
C ASN A 90 0.70 -8.78 -5.75
N GLY A 91 1.56 -9.79 -5.81
CA GLY A 91 1.20 -11.09 -5.29
C GLY A 91 1.05 -11.07 -3.78
N TYR A 92 1.87 -10.24 -3.13
CA TYR A 92 1.83 -10.11 -1.68
C TYR A 92 0.53 -9.46 -1.22
N ILE A 93 0.17 -8.38 -1.90
CA ILE A 93 -1.05 -7.62 -1.57
C ILE A 93 -2.29 -8.53 -1.51
N GLN A 94 -2.44 -9.35 -2.53
CA GLN A 94 -3.58 -10.24 -2.62
C GLN A 94 -3.55 -11.34 -1.56
N LYS A 95 -2.35 -11.83 -1.24
CA LYS A 95 -2.19 -12.82 -0.16
C LYS A 95 -2.74 -12.26 1.13
N ILE A 96 -2.27 -11.08 1.46
CA ILE A 96 -2.71 -10.37 2.65
C ILE A 96 -4.23 -10.19 2.67
N LYS A 97 -4.80 -9.87 1.51
CA LYS A 97 -6.24 -9.69 1.38
C LYS A 97 -6.98 -11.00 1.46
N SER A 98 -6.30 -12.08 1.13
CA SER A 98 -6.90 -13.40 1.20
C SER A 98 -7.14 -13.81 2.66
N GLY A 99 -6.50 -13.08 3.59
CA GLY A 99 -6.71 -13.31 5.00
C GLY A 99 -5.83 -14.42 5.55
N GLU A 100 -5.40 -15.30 4.67
CA GLU A 100 -4.56 -16.43 5.06
C GLU A 100 -3.20 -15.96 5.54
N GLU A 101 -2.59 -15.07 4.78
CA GLU A 101 -1.29 -14.54 5.15
C GLU A 101 -1.41 -13.09 5.56
N ASP A 102 -0.72 -12.75 6.63
CA ASP A 102 -0.79 -11.41 7.20
C ASP A 102 0.33 -10.53 6.68
N PHE A 103 0.08 -9.22 6.60
CA PHE A 103 1.05 -8.24 6.14
C PHE A 103 2.34 -8.33 6.94
N GLU A 104 2.20 -8.41 8.26
CA GLU A 104 3.35 -8.43 9.15
C GLU A 104 4.19 -9.69 8.94
N SER A 105 3.53 -10.84 8.95
CA SER A 105 4.20 -12.12 8.77
C SER A 105 4.90 -12.19 7.41
N LEU A 106 4.22 -11.68 6.40
CA LEU A 106 4.74 -11.69 5.06
C LEU A 106 5.86 -10.67 4.91
N ALA A 107 5.69 -9.49 5.50
CA ALA A 107 6.68 -8.42 5.44
C ALA A 107 7.98 -8.86 6.10
N SER A 108 7.89 -9.40 7.31
CA SER A 108 9.06 -9.89 8.05
C SER A 108 9.88 -10.86 7.20
N GLN A 109 9.22 -11.53 6.28
CA GLN A 109 9.84 -12.53 5.44
C GLN A 109 10.41 -11.93 4.14
N PHE A 110 9.60 -11.15 3.44
CA PHE A 110 10.01 -10.65 2.11
C PHE A 110 10.42 -9.16 2.10
N SER A 111 10.72 -8.58 3.24
CA SER A 111 11.15 -7.18 3.26
C SER A 111 12.63 -7.05 2.90
N ASP A 112 12.91 -6.21 1.91
CA ASP A 112 14.27 -5.99 1.43
C ASP A 112 15.07 -5.07 2.35
N CYS A 113 14.46 -3.98 2.76
CA CYS A 113 15.15 -2.97 3.54
C CYS A 113 15.22 -3.36 5.03
N SER A 114 15.80 -2.47 5.83
CA SER A 114 15.98 -2.70 7.26
C SER A 114 14.65 -2.70 8.02
N SER A 115 13.56 -2.42 7.32
CA SER A 115 12.23 -2.42 7.90
C SER A 115 11.89 -3.79 8.48
N ALA A 116 12.66 -4.81 8.08
CA ALA A 116 12.48 -6.18 8.54
C ALA A 116 12.66 -6.30 10.04
N LYS A 117 13.39 -5.35 10.63
CA LYS A 117 13.66 -5.37 12.06
C LYS A 117 12.38 -5.23 12.87
N ALA A 118 11.45 -4.42 12.38
CA ALA A 118 10.18 -4.23 13.05
C ALA A 118 9.04 -4.79 12.20
N ARG A 119 9.38 -5.75 11.34
CA ARG A 119 8.39 -6.48 10.53
C ARG A 119 7.67 -5.57 9.53
N GLY A 120 8.36 -4.52 9.10
CA GLY A 120 7.76 -3.60 8.16
C GLY A 120 7.47 -2.27 8.80
N ASP A 121 7.31 -2.29 10.11
CA ASP A 121 7.02 -1.08 10.87
C ASP A 121 8.24 -0.19 10.98
N LEU A 122 8.00 1.09 11.01
CA LEU A 122 9.06 2.07 11.13
C LEU A 122 8.79 3.02 12.29
N GLY A 123 7.58 2.95 12.82
CA GLY A 123 7.19 3.81 13.89
C GLY A 123 6.23 4.87 13.43
N ALA A 124 6.03 5.88 14.23
CA ALA A 124 5.14 6.97 13.90
C ALA A 124 5.93 8.25 13.82
N PHE A 125 6.10 8.76 12.61
CA PHE A 125 6.86 9.98 12.41
C PHE A 125 5.95 11.18 12.28
N SER A 126 6.39 12.28 12.84
CA SER A 126 5.66 13.52 12.81
C SER A 126 6.12 14.40 11.65
N ARG A 127 5.38 15.45 11.41
CA ARG A 127 5.67 16.38 10.33
C ARG A 127 6.85 17.30 10.66
N GLY A 128 7.31 18.06 9.66
CA GLY A 128 8.44 18.97 9.86
C GLY A 128 9.76 18.38 9.42
N GLN A 129 9.79 17.08 9.26
CA GLN A 129 11.02 16.36 8.89
C GLN A 129 10.84 15.61 7.57
N MET A 130 9.79 15.95 6.85
CA MET A 130 9.50 15.32 5.58
C MET A 130 9.25 16.39 4.53
N GLN A 131 9.15 15.96 3.26
CA GLN A 131 8.89 16.88 2.17
C GLN A 131 7.55 17.58 2.40
N LYS A 132 7.55 18.89 2.32
CA LYS A 132 6.36 19.71 2.62
C LYS A 132 5.10 19.32 1.82
N PRO A 133 5.17 19.17 0.47
CA PRO A 133 4.00 18.78 -0.33
C PRO A 133 3.46 17.41 0.10
N PHE A 134 4.36 16.56 0.53
CA PHE A 134 4.01 15.20 0.94
C PHE A 134 3.65 15.13 2.41
N GLU A 135 4.02 16.15 3.16
CA GLU A 135 3.73 16.24 4.59
C GLU A 135 2.23 16.06 4.86
N ASP A 136 1.41 16.55 3.93
CA ASP A 136 -0.03 16.40 4.04
C ASP A 136 -0.50 15.12 3.36
N ALA A 137 0.37 14.56 2.53
CA ALA A 137 0.03 13.36 1.78
C ALA A 137 0.15 12.14 2.67
N SER A 138 1.14 12.16 3.54
CA SER A 138 1.36 11.07 4.48
C SER A 138 0.12 10.85 5.35
N PHE A 139 -0.53 11.94 5.71
CA PHE A 139 -1.72 11.91 6.54
C PHE A 139 -2.99 11.60 5.72
N ALA A 140 -2.84 11.38 4.42
CA ALA A 140 -3.98 11.16 3.55
C ALA A 140 -4.34 9.69 3.47
N LEU A 141 -3.58 8.86 4.16
CA LEU A 141 -3.85 7.44 4.18
C LEU A 141 -4.86 7.12 5.27
N ARG A 142 -5.88 6.37 4.92
CA ARG A 142 -6.93 6.04 5.86
C ARG A 142 -6.47 4.95 6.85
N THR A 143 -7.07 4.96 8.04
CA THR A 143 -6.71 4.02 9.09
C THR A 143 -7.24 2.61 8.81
N GLY A 144 -6.46 1.60 9.21
CA GLY A 144 -6.86 0.22 9.00
C GLY A 144 -7.03 -0.13 7.53
N GLU A 145 -6.23 0.49 6.68
CA GLU A 145 -6.32 0.25 5.25
C GLU A 145 -4.94 0.18 4.61
N MET A 146 -4.83 -0.65 3.60
CA MET A 146 -3.60 -0.82 2.88
C MET A 146 -3.71 -0.16 1.51
N SER A 147 -2.70 0.63 1.17
CA SER A 147 -2.67 1.32 -0.10
C SER A 147 -2.01 0.42 -1.16
N GLY A 148 -1.71 0.98 -2.31
CA GLY A 148 -1.11 0.22 -3.38
C GLY A 148 0.39 0.44 -3.49
N PRO A 149 1.02 -0.12 -4.54
CA PRO A 149 2.45 0.04 -4.77
C PRO A 149 2.77 1.39 -5.41
N VAL A 150 3.91 1.96 -5.03
CA VAL A 150 4.31 3.26 -5.56
C VAL A 150 5.81 3.27 -5.90
N PHE A 151 6.16 4.01 -6.95
CA PHE A 151 7.56 4.12 -7.41
C PHE A 151 8.22 5.39 -6.92
N THR A 152 8.92 5.31 -5.81
CA THR A 152 9.68 6.46 -5.32
C THR A 152 11.17 6.18 -5.40
N ASP A 153 11.98 7.13 -4.94
CA ASP A 153 13.45 6.95 -4.92
C ASP A 153 13.83 5.74 -4.08
N SER A 154 13.05 5.50 -3.04
CA SER A 154 13.28 4.41 -2.11
C SER A 154 13.12 3.04 -2.80
N GLY A 155 12.31 3.00 -3.84
CA GLY A 155 12.05 1.77 -4.55
C GLY A 155 10.57 1.48 -4.61
N ILE A 156 10.21 0.25 -4.94
CA ILE A 156 8.82 -0.12 -5.00
C ILE A 156 8.38 -0.65 -3.65
N HIS A 157 7.23 -0.23 -3.18
CA HIS A 157 6.77 -0.64 -1.88
C HIS A 157 5.28 -0.45 -1.72
N ILE A 158 4.70 -1.27 -0.84
CA ILE A 158 3.30 -1.17 -0.49
C ILE A 158 3.19 -0.68 0.95
N ILE A 159 2.12 0.02 1.28
CA ILE A 159 2.01 0.61 2.59
C ILE A 159 0.65 0.33 3.25
N LEU A 160 0.70 -0.08 4.50
CA LEU A 160 -0.49 -0.29 5.31
C LEU A 160 -0.43 0.70 6.47
N ARG A 161 -1.40 1.59 6.58
CA ARG A 161 -1.36 2.56 7.67
C ARG A 161 -1.76 1.92 8.98
N THR A 162 -0.94 2.11 9.98
CA THR A 162 -1.17 1.58 11.30
C THR A 162 -1.55 2.71 12.25
N GLU A 163 -2.28 3.67 11.69
CA GLU A 163 -2.80 4.83 12.41
C GLU A 163 -1.68 5.80 12.74
C ACE B 1 -6.36 -4.66 -17.21
O ACE B 1 -5.82 -3.77 -17.89
CH3 ACE B 1 -7.84 -4.94 -17.35
H1 ACE B 1 -8.16 -4.66 -18.34
H2 ACE B 1 -8.38 -4.34 -16.63
H3 ACE B 1 -8.01 -5.99 -17.14
N VAL B 2 -5.68 -5.42 -16.35
CA VAL B 2 -6.06 -5.52 -14.95
C VAL B 2 -4.85 -5.29 -14.04
N LEU B 3 -5.08 -4.59 -12.94
CA LEU B 3 -4.02 -4.35 -11.98
C LEU B 3 -4.17 -5.32 -10.82
N TPO B 4 -5.42 -5.38 -10.29
CA TPO B 4 -5.85 -6.22 -9.15
CB TPO B 4 -5.20 -7.61 -9.12
CG2 TPO B 4 -5.97 -8.59 -8.26
OG1 TPO B 4 -5.13 -8.17 -10.42
P TPO B 4 -4.22 -9.46 -10.70
O1P TPO B 4 -5.24 -10.42 -11.48
O2P TPO B 4 -3.55 -10.06 -9.51
O3P TPO B 4 -3.24 -8.97 -11.88
C TPO B 4 -5.80 -5.48 -7.77
O TPO B 4 -6.86 -5.25 -7.17
H TPO B 4 -6.09 -4.81 -10.69
HA TPO B 4 -6.91 -6.37 -9.33
HB TPO B 4 -4.19 -7.53 -8.72
HG21 TPO B 4 -5.99 -8.24 -7.24
HG22 TPO B 4 -5.49 -9.56 -8.30
HG23 TPO B 4 -6.97 -8.67 -8.64
N PRO B 5 -4.59 -5.11 -7.22
CA PRO B 5 -4.52 -4.35 -5.96
C PRO B 5 -5.27 -3.03 -6.03
N PRO B 6 -5.71 -2.52 -4.88
CA PRO B 6 -6.47 -1.28 -4.81
C PRO B 6 -5.56 -0.05 -4.93
N ASP B 7 -5.79 0.75 -5.97
CA ASP B 7 -4.98 1.93 -6.22
C ASP B 7 -5.78 3.19 -5.97
N GLN B 8 -6.88 3.04 -5.24
CA GLN B 8 -7.75 4.16 -4.92
C GLN B 8 -7.01 5.26 -4.15
N GLU B 9 -7.64 6.44 -4.06
CA GLU B 9 -7.07 7.60 -3.36
C GLU B 9 -5.91 8.21 -4.12
N VAL B 10 -5.69 7.72 -5.35
CA VAL B 10 -4.65 8.27 -6.25
C VAL B 10 -3.22 7.96 -5.74
N ILE B 11 -3.15 7.37 -4.55
CA ILE B 11 -1.88 7.01 -3.92
C ILE B 11 -1.10 8.27 -3.48
N ARG B 12 -1.83 9.37 -3.24
CA ARG B 12 -1.19 10.59 -2.71
C ARG B 12 -1.11 10.47 -1.19
N ASN B 13 -0.72 9.30 -0.75
CA ASN B 13 -0.69 8.98 0.66
C ASN B 13 0.76 8.77 1.08
N ILE B 14 0.99 7.82 1.97
CA ILE B 14 2.34 7.47 2.38
C ILE B 14 3.09 6.86 1.20
N ASP B 15 3.83 7.67 0.48
CA ASP B 15 4.58 7.18 -0.67
C ASP B 15 6.03 6.93 -0.28
N GLN B 16 6.38 7.36 0.93
CA GLN B 16 7.73 7.19 1.50
C GLN B 16 8.73 8.21 0.97
N SER B 17 8.24 9.32 0.43
CA SER B 17 9.14 10.36 -0.07
C SER B 17 9.72 11.18 1.10
N GLU B 18 10.67 10.56 1.79
CA GLU B 18 11.35 11.17 2.92
C GLU B 18 10.38 11.43 4.10
N PHE B 19 9.21 10.78 4.07
CA PHE B 19 8.24 10.91 5.17
C PHE B 19 8.91 10.57 6.52
N GLU B 20 9.84 9.62 6.47
CA GLU B 20 10.59 9.22 7.64
C GLU B 20 12.10 9.36 7.36
N GLY B 21 12.42 9.86 6.17
CA GLY B 21 13.82 10.02 5.76
C GLY B 21 14.42 8.75 5.16
N PHE B 22 13.66 7.67 5.23
CA PHE B 22 14.11 6.37 4.74
C PHE B 22 14.44 6.37 3.24
N SEP B 23 15.67 5.96 2.93
CA SEP B 23 16.21 5.85 1.57
CB SEP B 23 15.40 4.84 0.74
OG SEP B 23 15.50 3.52 1.29
C SEP B 23 16.28 7.20 0.85
O SEP B 23 16.41 7.24 -0.37
P SEP B 23 16.88 2.71 1.16
O1P SEP B 23 16.76 1.22 1.16
O2P SEP B 23 17.59 3.36 -0.12
O3P SEP B 23 17.76 3.32 2.36
H SEP B 23 16.27 5.71 3.69
HA SEP B 23 17.22 5.47 1.66
HB2 SEP B 23 15.77 4.82 -0.26
HB3 SEP B 23 14.36 5.14 0.75
N PHE B 24 16.24 8.29 1.60
CA PHE B 24 16.34 9.61 1.02
C PHE B 24 16.74 10.64 2.08
N NH2 B 25 15.77 11.17 2.79
HN1 NH2 B 25 14.85 10.91 2.58
HN2 NH2 B 25 16.02 11.82 3.49
N MET A 1 -35.15 -9.57 -9.21
CA MET A 1 -33.72 -9.88 -9.07
C MET A 1 -32.96 -8.65 -8.58
N ALA A 2 -32.04 -8.86 -7.66
CA ALA A 2 -31.26 -7.77 -7.11
C ALA A 2 -30.30 -7.18 -8.14
N ASP A 3 -30.51 -5.90 -8.44
CA ASP A 3 -29.70 -5.16 -9.42
C ASP A 3 -28.39 -4.69 -8.82
N GLU A 4 -28.15 -5.07 -7.58
CA GLU A 4 -26.96 -4.64 -6.83
C GLU A 4 -25.67 -5.22 -7.38
N GLU A 5 -25.79 -6.18 -8.30
CA GLU A 5 -24.61 -6.79 -8.88
C GLU A 5 -24.01 -5.84 -9.91
N LYS A 6 -24.82 -4.91 -10.40
CA LYS A 6 -24.35 -3.95 -11.38
C LYS A 6 -23.80 -2.72 -10.69
N LEU A 7 -22.93 -2.03 -11.37
CA LEU A 7 -22.26 -0.89 -10.79
C LEU A 7 -22.58 0.40 -11.55
N PRO A 8 -22.66 1.53 -10.83
CA PRO A 8 -22.93 2.84 -11.43
C PRO A 8 -21.82 3.27 -12.40
N PRO A 9 -22.13 4.22 -13.31
CA PRO A 9 -21.17 4.73 -14.29
C PRO A 9 -19.81 5.06 -13.68
N GLY A 10 -18.77 4.50 -14.25
CA GLY A 10 -17.44 4.72 -13.76
C GLY A 10 -16.86 3.48 -13.13
N TRP A 11 -17.73 2.60 -12.68
CA TRP A 11 -17.31 1.36 -12.04
C TRP A 11 -17.60 0.17 -12.94
N GLU A 12 -16.72 -0.80 -12.89
CA GLU A 12 -16.90 -2.04 -13.60
C GLU A 12 -16.39 -3.18 -12.73
N LYS A 13 -17.05 -4.30 -12.80
CA LYS A 13 -16.69 -5.43 -11.98
C LYS A 13 -15.77 -6.37 -12.73
N ARG A 14 -14.55 -6.52 -12.24
CA ARG A 14 -13.56 -7.34 -12.92
C ARG A 14 -13.15 -8.50 -12.03
N MET A 15 -12.63 -9.56 -12.63
CA MET A 15 -12.19 -10.71 -11.89
C MET A 15 -10.66 -10.83 -11.95
N SER A 16 -10.09 -11.31 -10.88
CA SER A 16 -8.66 -11.48 -10.74
C SER A 16 -8.15 -12.64 -11.60
N ARG A 17 -7.10 -12.37 -12.36
CA ARG A 17 -6.48 -13.35 -13.24
C ARG A 17 -5.87 -14.50 -12.45
N SER A 18 -6.24 -15.72 -12.81
CA SER A 18 -5.70 -16.94 -12.19
C SER A 18 -6.10 -17.04 -10.71
N SER A 19 -7.00 -16.18 -10.28
CA SER A 19 -7.43 -16.19 -8.89
C SER A 19 -8.93 -16.43 -8.78
N GLY A 20 -9.71 -15.80 -9.66
CA GLY A 20 -11.15 -16.01 -9.65
C GLY A 20 -11.85 -15.12 -8.66
N ARG A 21 -11.13 -14.14 -8.14
CA ARG A 21 -11.68 -13.22 -7.18
C ARG A 21 -12.35 -12.07 -7.91
N VAL A 22 -13.50 -11.68 -7.44
CA VAL A 22 -14.24 -10.62 -8.09
C VAL A 22 -14.03 -9.30 -7.35
N TYR A 23 -13.49 -8.30 -8.04
CA TYR A 23 -13.24 -7.00 -7.42
C TYR A 23 -13.94 -5.89 -8.18
N TYR A 24 -13.87 -4.69 -7.63
CA TYR A 24 -14.53 -3.54 -8.22
C TYR A 24 -13.50 -2.53 -8.72
N PHE A 25 -13.64 -2.12 -9.96
CA PHE A 25 -12.71 -1.19 -10.58
C PHE A 25 -13.41 0.11 -10.97
N ASN A 26 -12.76 1.21 -10.70
CA ASN A 26 -13.27 2.53 -11.05
C ASN A 26 -12.32 3.21 -12.02
N HIS A 27 -12.78 3.45 -13.23
CA HIS A 27 -11.92 4.06 -14.25
C HIS A 27 -11.99 5.58 -14.23
N ILE A 28 -12.76 6.12 -13.31
CA ILE A 28 -12.91 7.57 -13.21
C ILE A 28 -11.66 8.18 -12.60
N THR A 29 -11.23 7.62 -11.48
CA THR A 29 -10.03 8.09 -10.83
C THR A 29 -8.98 6.98 -10.78
N ASN A 30 -9.26 5.90 -11.52
CA ASN A 30 -8.37 4.73 -11.57
C ASN A 30 -8.20 4.13 -10.19
N ALA A 31 -9.29 3.66 -9.63
CA ALA A 31 -9.29 3.06 -8.32
C ALA A 31 -9.74 1.62 -8.41
N SER A 32 -9.41 0.84 -7.42
CA SER A 32 -9.79 -0.56 -7.39
C SER A 32 -9.86 -1.03 -5.95
N GLN A 33 -10.82 -1.87 -5.64
CA GLN A 33 -10.98 -2.37 -4.29
C GLN A 33 -11.88 -3.60 -4.27
N TRP A 34 -12.01 -4.19 -3.09
CA TRP A 34 -12.81 -5.40 -2.94
C TRP A 34 -14.19 -5.06 -2.38
N GLU A 35 -14.41 -3.79 -2.13
CA GLU A 35 -15.67 -3.33 -1.59
C GLU A 35 -16.49 -2.64 -2.67
N ARG A 36 -17.79 -2.70 -2.55
CA ARG A 36 -18.70 -2.09 -3.51
C ARG A 36 -18.58 -0.57 -3.49
N PRO A 37 -19.04 0.12 -4.57
CA PRO A 37 -19.07 1.57 -4.63
C PRO A 37 -19.73 2.15 -3.37
N SER A 38 -20.78 1.48 -2.92
CA SER A 38 -21.43 1.83 -1.68
C SER A 38 -20.89 0.97 -0.55
N GLY A 39 -19.90 1.48 0.16
CA GLY A 39 -19.32 0.75 1.26
C GLY A 39 -20.11 0.92 2.53
N ASN A 40 -21.38 0.55 2.47
CA ASN A 40 -22.28 0.72 3.60
C ASN A 40 -22.60 -0.60 4.25
N SER A 41 -21.83 -1.62 3.91
CA SER A 41 -22.01 -2.95 4.47
C SER A 41 -21.83 -2.92 5.98
N SER A 42 -20.61 -2.63 6.42
CA SER A 42 -20.29 -2.54 7.82
C SER A 42 -19.07 -1.66 8.00
N SER A 43 -19.20 -0.59 8.75
CA SER A 43 -18.11 0.30 8.99
C SER A 43 -17.46 -0.01 10.34
N GLY A 44 -16.25 -0.55 10.29
CA GLY A 44 -15.54 -0.88 11.50
C GLY A 44 -14.11 -0.40 11.42
N GLY A 45 -13.70 0.38 12.40
CA GLY A 45 -12.37 0.91 12.38
C GLY A 45 -11.81 1.11 13.77
N LYS A 46 -10.55 1.49 13.83
CA LYS A 46 -9.88 1.73 15.08
C LYS A 46 -9.69 3.21 15.30
N ASN A 47 -9.58 3.62 16.55
CA ASN A 47 -9.33 5.02 16.87
C ASN A 47 -7.94 5.15 17.47
N GLY A 48 -7.30 6.27 17.23
CA GLY A 48 -5.95 6.47 17.70
C GLY A 48 -5.88 7.32 18.95
N GLN A 49 -4.77 7.21 19.66
CA GLN A 49 -4.55 8.00 20.85
C GLN A 49 -3.87 9.32 20.51
N GLY A 50 -4.55 10.41 20.81
CA GLY A 50 -4.02 11.72 20.53
C GLY A 50 -4.48 12.24 19.19
N GLU A 51 -4.07 13.46 18.86
CA GLU A 51 -4.42 14.08 17.60
C GLU A 51 -3.45 13.64 16.51
N PRO A 52 -3.87 13.70 15.24
CA PRO A 52 -3.02 13.32 14.10
C PRO A 52 -1.86 14.30 13.84
N ALA A 53 -1.01 14.47 14.84
CA ALA A 53 0.17 15.31 14.71
C ALA A 53 1.35 14.45 14.33
N ARG A 54 1.19 13.16 14.58
CA ARG A 54 2.18 12.16 14.26
C ARG A 54 1.49 10.87 13.90
N VAL A 55 2.06 10.14 12.98
CA VAL A 55 1.48 8.89 12.56
C VAL A 55 2.50 7.78 12.62
N ARG A 56 2.02 6.57 12.64
CA ARG A 56 2.85 5.40 12.67
C ARG A 56 2.32 4.34 11.72
N CYS A 57 3.16 3.89 10.82
CA CYS A 57 2.77 2.90 9.87
C CYS A 57 3.90 1.92 9.59
N SER A 58 3.60 0.91 8.82
CA SER A 58 4.57 -0.07 8.41
C SER A 58 4.63 -0.10 6.89
N HIS A 59 5.81 -0.29 6.35
CA HIS A 59 5.98 -0.29 4.90
C HIS A 59 6.90 -1.41 4.45
N LEU A 60 6.74 -1.84 3.22
CA LEU A 60 7.60 -2.86 2.65
C LEU A 60 8.24 -2.29 1.40
N LEU A 61 9.48 -1.84 1.53
CA LEU A 61 10.19 -1.24 0.40
C LEU A 61 10.90 -2.31 -0.42
N VAL A 62 10.56 -2.35 -1.70
CA VAL A 62 11.17 -3.29 -2.63
C VAL A 62 12.00 -2.54 -3.66
N LYS A 63 13.23 -2.97 -3.83
CA LYS A 63 14.12 -2.34 -4.79
C LYS A 63 14.16 -3.13 -6.08
N HIS A 64 14.71 -2.52 -7.12
CA HIS A 64 14.82 -3.17 -8.42
C HIS A 64 16.12 -2.79 -9.09
N SER A 65 16.43 -3.45 -10.20
CA SER A 65 17.70 -3.26 -10.90
C SER A 65 18.02 -1.78 -11.20
N GLN A 66 17.16 -1.11 -11.95
CA GLN A 66 17.40 0.28 -12.34
C GLN A 66 16.93 1.30 -11.30
N SER A 67 16.93 0.93 -10.03
CA SER A 67 16.56 1.87 -8.98
C SER A 67 17.81 2.60 -8.47
N ARG A 68 17.65 3.42 -7.44
CA ARG A 68 18.79 4.13 -6.85
C ARG A 68 19.91 3.15 -6.50
N ARG A 69 19.53 2.10 -5.82
CA ARG A 69 20.46 1.12 -5.32
C ARG A 69 19.99 -0.31 -5.64
N PRO A 70 20.69 -1.01 -6.54
CA PRO A 70 20.38 -2.40 -6.88
C PRO A 70 20.92 -3.38 -5.85
N SER A 71 21.43 -2.85 -4.76
CA SER A 71 22.00 -3.65 -3.71
C SER A 71 21.17 -3.59 -2.43
N SER A 72 20.76 -4.74 -1.96
CA SER A 72 20.00 -4.87 -0.75
C SER A 72 20.80 -5.64 0.29
N TRP A 73 20.34 -5.65 1.52
CA TRP A 73 21.02 -6.39 2.58
C TRP A 73 20.84 -7.89 2.36
N ARG A 74 19.82 -8.26 1.62
CA ARG A 74 19.53 -9.65 1.34
C ARG A 74 20.06 -10.07 -0.04
N GLN A 75 20.08 -9.13 -0.97
CA GLN A 75 20.57 -9.40 -2.33
C GLN A 75 21.29 -8.19 -2.90
N GLU A 76 22.58 -8.33 -3.16
CA GLU A 76 23.35 -7.23 -3.72
C GLU A 76 23.35 -7.31 -5.25
N LYS A 77 22.80 -8.39 -5.77
CA LYS A 77 22.74 -8.63 -7.21
C LYS A 77 21.32 -8.50 -7.74
N ILE A 78 20.52 -7.63 -7.11
CA ILE A 78 19.12 -7.44 -7.49
C ILE A 78 18.99 -7.09 -8.97
N THR A 79 18.44 -8.02 -9.72
CA THR A 79 18.23 -7.82 -11.14
C THR A 79 16.74 -7.93 -11.47
N ARG A 80 15.91 -7.85 -10.43
CA ARG A 80 14.48 -7.92 -10.61
C ARG A 80 13.99 -6.70 -11.36
N THR A 81 13.13 -6.92 -12.32
CA THR A 81 12.57 -5.85 -13.10
C THR A 81 11.41 -5.19 -12.36
N LYS A 82 11.00 -4.03 -12.85
CA LYS A 82 9.90 -3.29 -12.24
C LYS A 82 8.58 -4.07 -12.29
N GLU A 83 8.43 -4.91 -13.31
CA GLU A 83 7.21 -5.72 -13.42
C GLU A 83 7.20 -6.80 -12.33
N GLU A 84 8.38 -7.34 -12.02
CA GLU A 84 8.50 -8.36 -10.99
C GLU A 84 8.18 -7.76 -9.64
N ALA A 85 8.71 -6.56 -9.39
CA ALA A 85 8.44 -5.84 -8.16
C ALA A 85 6.93 -5.69 -7.95
N LEU A 86 6.24 -5.34 -9.02
CA LEU A 86 4.79 -5.20 -8.97
C LEU A 86 4.13 -6.53 -8.70
N GLU A 87 4.57 -7.56 -9.41
CA GLU A 87 3.96 -8.87 -9.29
C GLU A 87 4.14 -9.46 -7.89
N LEU A 88 5.34 -9.35 -7.34
CA LEU A 88 5.58 -9.86 -6.00
C LEU A 88 4.80 -9.06 -4.96
N ILE A 89 4.73 -7.74 -5.17
CA ILE A 89 3.97 -6.86 -4.27
C ILE A 89 2.48 -7.21 -4.32
N ASN A 90 1.96 -7.33 -5.53
CA ASN A 90 0.55 -7.67 -5.72
C ASN A 90 0.25 -9.04 -5.14
N GLY A 91 1.19 -9.97 -5.31
CA GLY A 91 1.03 -11.30 -4.76
C GLY A 91 0.99 -11.31 -3.25
N TYR A 92 1.84 -10.49 -2.62
CA TYR A 92 1.86 -10.40 -1.17
C TYR A 92 0.53 -9.90 -0.64
N ILE A 93 0.03 -8.81 -1.23
CA ILE A 93 -1.24 -8.25 -0.82
C ILE A 93 -2.36 -9.25 -1.01
N GLN A 94 -2.26 -10.04 -2.08
CA GLN A 94 -3.27 -11.03 -2.40
C GLN A 94 -3.52 -12.01 -1.27
N LYS A 95 -2.48 -12.45 -0.62
CA LYS A 95 -2.63 -13.38 0.47
C LYS A 95 -3.04 -12.64 1.75
N ILE A 96 -2.52 -11.43 1.93
CA ILE A 96 -2.83 -10.61 3.10
C ILE A 96 -4.33 -10.23 3.14
N LYS A 97 -4.87 -9.76 2.01
CA LYS A 97 -6.28 -9.36 1.97
C LYS A 97 -7.23 -10.55 2.06
N SER A 98 -6.70 -11.72 1.80
CA SER A 98 -7.47 -12.95 1.87
C SER A 98 -7.44 -13.52 3.29
N GLY A 99 -6.57 -12.96 4.12
CA GLY A 99 -6.46 -13.41 5.50
C GLY A 99 -5.56 -14.62 5.64
N GLU A 100 -4.66 -14.81 4.68
CA GLU A 100 -3.74 -15.94 4.71
C GLU A 100 -2.55 -15.63 5.63
N GLU A 101 -1.99 -14.45 5.47
CA GLU A 101 -0.89 -13.99 6.30
C GLU A 101 -1.08 -12.53 6.65
N ASP A 102 -0.41 -12.08 7.69
CA ASP A 102 -0.52 -10.70 8.13
C ASP A 102 0.60 -9.87 7.55
N PHE A 103 0.34 -8.58 7.38
CA PHE A 103 1.32 -7.66 6.84
C PHE A 103 2.61 -7.69 7.67
N GLU A 104 2.47 -7.60 8.99
CA GLU A 104 3.62 -7.61 9.90
C GLU A 104 4.50 -8.84 9.69
N SER A 105 3.88 -10.01 9.71
CA SER A 105 4.58 -11.27 9.56
C SER A 105 5.29 -11.36 8.20
N LEU A 106 4.56 -10.99 7.16
CA LEU A 106 5.06 -11.07 5.81
C LEU A 106 6.16 -10.02 5.56
N ALA A 107 5.91 -8.79 6.00
CA ALA A 107 6.84 -7.70 5.81
C ALA A 107 8.18 -7.97 6.45
N SER A 108 8.17 -8.32 7.75
CA SER A 108 9.41 -8.57 8.49
C SER A 108 10.30 -9.60 7.78
N GLN A 109 9.68 -10.56 7.12
CA GLN A 109 10.40 -11.61 6.43
C GLN A 109 10.85 -11.17 5.03
N PHE A 110 9.93 -10.64 4.26
CA PHE A 110 10.21 -10.28 2.86
C PHE A 110 10.66 -8.84 2.70
N SER A 111 11.07 -8.19 3.78
CA SER A 111 11.57 -6.82 3.69
C SER A 111 12.86 -6.75 2.89
N ASP A 112 12.80 -6.08 1.75
CA ASP A 112 13.97 -5.87 0.93
C ASP A 112 14.75 -4.69 1.50
N CYS A 113 14.07 -3.94 2.37
CA CYS A 113 14.65 -2.78 3.02
C CYS A 113 15.11 -3.10 4.45
N SER A 114 15.71 -2.11 5.09
CA SER A 114 16.24 -2.26 6.44
C SER A 114 15.14 -2.38 7.51
N SER A 115 13.91 -2.01 7.13
CA SER A 115 12.76 -2.04 8.05
C SER A 115 12.43 -3.46 8.55
N ALA A 116 13.14 -4.46 8.04
CA ALA A 116 12.92 -5.86 8.39
C ALA A 116 12.91 -6.10 9.90
N LYS A 117 13.85 -5.46 10.60
CA LYS A 117 13.99 -5.62 12.04
C LYS A 117 12.74 -5.21 12.81
N ALA A 118 12.11 -4.14 12.37
CA ALA A 118 10.92 -3.64 13.05
C ALA A 118 9.64 -4.07 12.33
N ARG A 119 9.78 -5.09 11.49
CA ARG A 119 8.63 -5.70 10.78
C ARG A 119 8.01 -4.74 9.76
N GLY A 120 8.78 -3.76 9.33
CA GLY A 120 8.28 -2.80 8.38
C GLY A 120 7.86 -1.51 9.05
N ASP A 121 7.65 -1.58 10.36
CA ASP A 121 7.26 -0.41 11.14
C ASP A 121 8.42 0.55 11.30
N LEU A 122 8.15 1.82 11.08
CA LEU A 122 9.19 2.82 11.16
C LEU A 122 9.09 3.59 12.48
N GLY A 123 7.90 3.60 13.05
CA GLY A 123 7.68 4.32 14.27
C GLY A 123 6.73 5.48 14.06
N ALA A 124 6.59 6.32 15.06
CA ALA A 124 5.71 7.47 14.97
C ALA A 124 6.52 8.74 14.79
N PHE A 125 6.32 9.40 13.67
CA PHE A 125 7.05 10.63 13.36
C PHE A 125 6.09 11.78 13.12
N SER A 126 6.55 12.99 13.41
CA SER A 126 5.74 14.18 13.21
C SER A 126 6.19 14.93 11.94
N ARG A 127 5.33 15.80 11.44
CA ARG A 127 5.61 16.56 10.23
C ARG A 127 6.72 17.59 10.45
N GLY A 128 7.42 17.91 9.38
CA GLY A 128 8.53 18.85 9.46
C GLY A 128 9.82 18.23 8.94
N GLN A 129 10.00 16.97 9.25
CA GLN A 129 11.19 16.22 8.85
C GLN A 129 10.92 15.39 7.59
N MET A 130 9.83 15.72 6.93
CA MET A 130 9.38 14.98 5.76
C MET A 130 9.66 15.77 4.49
N GLN A 131 9.58 15.10 3.33
CA GLN A 131 9.71 15.80 2.06
C GLN A 131 8.48 16.67 1.84
N LYS A 132 8.63 17.72 1.05
CA LYS A 132 7.55 18.69 0.84
C LYS A 132 6.17 18.07 0.52
N PRO A 133 6.03 17.26 -0.57
CA PRO A 133 4.74 16.66 -0.92
C PRO A 133 4.35 15.50 0.01
N PHE A 134 5.32 14.95 0.71
CA PHE A 134 5.08 13.81 1.59
C PHE A 134 4.75 14.24 3.02
N GLU A 135 5.13 15.46 3.38
CA GLU A 135 4.88 15.99 4.72
C GLU A 135 3.39 16.02 5.03
N ASP A 136 2.60 16.25 4.01
CA ASP A 136 1.15 16.26 4.15
C ASP A 136 0.57 14.87 3.89
N ALA A 137 1.37 14.03 3.22
CA ALA A 137 0.95 12.69 2.80
C ALA A 137 0.79 11.73 3.97
N SER A 138 1.71 11.77 4.92
CA SER A 138 1.68 10.87 6.08
C SER A 138 0.32 10.85 6.79
N PHE A 139 -0.34 11.98 6.78
CA PHE A 139 -1.64 12.11 7.46
C PHE A 139 -2.83 11.79 6.54
N ALA A 140 -2.55 11.41 5.30
CA ALA A 140 -3.63 11.14 4.34
C ALA A 140 -4.41 9.86 4.65
N LEU A 141 -3.72 8.81 5.07
CA LEU A 141 -4.38 7.56 5.38
C LEU A 141 -4.95 7.55 6.78
N ARG A 142 -5.97 6.74 7.00
CA ARG A 142 -6.60 6.63 8.29
C ARG A 142 -6.19 5.35 9.01
N THR A 143 -6.65 5.21 10.23
CA THR A 143 -6.31 4.08 11.06
C THR A 143 -6.86 2.77 10.51
N GLY A 144 -5.97 1.81 10.29
CA GLY A 144 -6.37 0.51 9.80
C GLY A 144 -6.58 0.46 8.31
N GLU A 145 -5.80 1.23 7.57
CA GLU A 145 -5.91 1.22 6.12
C GLU A 145 -4.61 0.75 5.49
N MET A 146 -4.74 0.04 4.38
CA MET A 146 -3.59 -0.49 3.67
C MET A 146 -3.69 -0.11 2.20
N SER A 147 -2.65 0.50 1.67
CA SER A 147 -2.62 0.88 0.28
C SER A 147 -1.79 -0.11 -0.53
N GLY A 148 -2.03 -0.11 -1.85
CA GLY A 148 -1.33 -1.03 -2.71
C GLY A 148 0.03 -0.54 -3.16
N PRO A 149 0.45 -0.86 -4.39
CA PRO A 149 1.76 -0.47 -4.92
C PRO A 149 1.86 1.04 -5.13
N VAL A 150 2.60 1.70 -4.27
CA VAL A 150 2.79 3.13 -4.38
C VAL A 150 4.11 3.45 -5.07
N PHE A 151 4.04 4.25 -6.12
CA PHE A 151 5.23 4.61 -6.88
C PHE A 151 5.83 5.92 -6.38
N THR A 152 6.83 5.83 -5.52
CA THR A 152 7.51 7.01 -5.03
C THR A 152 8.93 7.05 -5.58
N ASP A 153 9.69 8.06 -5.19
CA ASP A 153 11.06 8.23 -5.67
C ASP A 153 11.95 7.04 -5.29
N SER A 154 11.72 6.46 -4.12
CA SER A 154 12.53 5.35 -3.65
C SER A 154 12.18 4.03 -4.35
N GLY A 155 11.06 3.99 -5.07
CA GLY A 155 10.70 2.80 -5.80
C GLY A 155 9.25 2.38 -5.60
N ILE A 156 8.95 1.11 -5.91
CA ILE A 156 7.61 0.55 -5.78
C ILE A 156 7.50 -0.15 -4.44
N HIS A 157 6.49 0.21 -3.65
CA HIS A 157 6.34 -0.37 -2.32
C HIS A 157 4.94 -0.19 -1.75
N ILE A 158 4.61 -0.99 -0.73
CA ILE A 158 3.29 -0.97 -0.09
C ILE A 158 3.35 -0.38 1.32
N ILE A 159 2.18 -0.16 1.92
CA ILE A 159 2.07 0.50 3.23
C ILE A 159 0.85 0.01 4.02
N LEU A 160 1.00 -0.01 5.34
CA LEU A 160 -0.06 -0.40 6.26
C LEU A 160 -0.05 0.58 7.45
N ARG A 161 -1.14 1.31 7.63
CA ARG A 161 -1.21 2.33 8.69
C ARG A 161 -1.98 1.82 9.90
N THR A 162 -1.38 1.92 11.06
CA THR A 162 -2.01 1.50 12.30
C THR A 162 -2.48 2.72 13.12
N GLU A 163 -1.57 3.66 13.39
CA GLU A 163 -1.89 4.86 14.14
C GLU A 163 -0.76 5.88 13.99
C ACE B 1 -6.28 -3.39 -16.10
O ACE B 1 -6.46 -3.32 -17.31
CH3 ACE B 1 -7.12 -2.57 -15.15
H1 ACE B 1 -7.97 -3.17 -14.83
H2 ACE B 1 -7.48 -1.69 -15.64
H3 ACE B 1 -6.50 -2.27 -14.31
N VAL B 2 -5.35 -4.19 -15.55
CA VAL B 2 -5.66 -5.05 -14.41
C VAL B 2 -4.48 -5.07 -13.43
N LEU B 3 -4.78 -4.84 -12.16
CA LEU B 3 -3.77 -4.88 -11.12
C LEU B 3 -4.21 -5.80 -10.00
N TPO B 4 -5.48 -5.61 -9.57
CA TPO B 4 -6.20 -6.41 -8.55
CB TPO B 4 -5.79 -7.89 -8.57
CG2 TPO B 4 -6.75 -8.76 -7.82
OG1 TPO B 4 -5.75 -8.37 -9.90
P TPO B 4 -4.70 -9.52 -10.28
O1P TPO B 4 -5.67 -10.70 -10.78
O2P TPO B 4 -3.71 -9.91 -9.25
O3P TPO B 4 -4.10 -8.99 -11.68
C TPO B 4 -6.21 -5.79 -7.10
O TPO B 4 -7.29 -5.59 -6.56
H TPO B 4 -5.98 -4.87 -9.96
HA TPO B 4 -7.22 -6.36 -8.87
HB TPO B 4 -4.81 -8.01 -8.13
HG21 TPO B 4 -6.82 -8.42 -6.79
HG22 TPO B 4 -6.40 -9.78 -7.84
HG23 TPO B 4 -7.73 -8.69 -8.29
N PRO B 5 -5.03 -5.51 -6.44
CA PRO B 5 -5.01 -4.92 -5.09
C PRO B 5 -5.65 -3.53 -5.02
N PRO B 6 -6.05 -3.08 -3.81
CA PRO B 6 -6.69 -1.78 -3.60
C PRO B 6 -5.74 -0.61 -3.92
N ASP B 7 -6.04 0.08 -4.98
CA ASP B 7 -5.27 1.24 -5.40
C ASP B 7 -6.19 2.43 -5.53
N GLN B 8 -5.93 3.46 -4.75
CA GLN B 8 -6.74 4.65 -4.75
C GLN B 8 -5.87 5.87 -5.05
N GLU B 9 -5.91 6.33 -6.30
CA GLU B 9 -5.10 7.47 -6.75
C GLU B 9 -5.27 8.71 -5.87
N VAL B 10 -6.46 8.90 -5.33
CA VAL B 10 -6.72 10.06 -4.50
C VAL B 10 -6.05 9.92 -3.14
N ILE B 11 -6.40 8.87 -2.41
CA ILE B 11 -5.83 8.66 -1.10
C ILE B 11 -5.13 7.32 -0.98
N ARG B 12 -3.81 7.35 -1.12
CA ARG B 12 -2.97 6.17 -0.92
C ARG B 12 -1.58 6.65 -0.50
N ASN B 13 -1.56 7.85 0.02
CA ASN B 13 -0.32 8.52 0.39
C ASN B 13 -0.10 8.43 1.89
N ILE B 14 1.15 8.35 2.31
CA ILE B 14 1.50 8.26 3.73
C ILE B 14 3.05 8.30 3.88
N ASP B 15 3.57 7.79 5.01
CA ASP B 15 5.01 7.73 5.29
C ASP B 15 5.70 6.71 4.38
N GLN B 16 5.54 6.86 3.11
CA GLN B 16 6.10 5.93 2.16
C GLN B 16 7.56 6.27 1.87
N SER B 17 8.41 6.09 2.89
CA SER B 17 9.87 6.31 2.80
C SER B 17 10.25 7.81 2.68
N GLU B 18 9.67 8.50 1.70
CA GLU B 18 9.99 9.89 1.43
C GLU B 18 9.40 10.86 2.48
N PHE B 19 9.05 10.34 3.62
CA PHE B 19 8.61 11.17 4.73
C PHE B 19 9.81 11.39 5.65
N GLU B 20 10.90 10.73 5.30
CA GLU B 20 12.15 10.80 6.03
C GLU B 20 13.30 10.98 5.05
N GLY B 21 14.52 10.99 5.57
CA GLY B 21 15.68 11.14 4.72
C GLY B 21 16.49 9.87 4.66
N PHE B 22 15.84 8.75 4.40
CA PHE B 22 16.53 7.48 4.32
C PHE B 22 16.12 6.72 3.06
N SEP B 23 17.06 5.97 2.51
CA SEP B 23 16.84 5.14 1.32
CB SEP B 23 15.61 4.23 1.51
OG SEP B 23 15.77 3.00 0.82
C SEP B 23 16.72 5.99 0.04
O SEP B 23 16.65 5.45 -1.08
P SEP B 23 17.08 2.13 1.10
O1P SEP B 23 17.57 2.10 2.48
O2P SEP B 23 16.70 0.71 0.44
O3P SEP B 23 18.12 2.72 0.02
H SEP B 23 17.96 5.98 2.91
HA SEP B 23 17.72 4.51 1.22
HB2 SEP B 23 14.73 4.73 1.13
HB3 SEP B 23 15.48 4.02 2.55
N PHE B 24 16.71 7.30 0.21
CA PHE B 24 16.63 8.22 -0.90
C PHE B 24 17.75 9.25 -0.81
N NH2 B 25 18.78 9.07 -1.60
HN1 NH2 B 25 18.77 8.30 -2.22
HN2 NH2 B 25 19.52 9.70 -1.56
N MET A 1 -31.65 -10.03 -10.02
CA MET A 1 -32.12 -9.96 -8.63
C MET A 1 -32.25 -8.51 -8.16
N ALA A 2 -31.13 -7.91 -7.79
CA ALA A 2 -31.13 -6.54 -7.30
C ALA A 2 -30.18 -5.65 -8.12
N ASP A 3 -29.93 -4.44 -7.62
CA ASP A 3 -29.06 -3.46 -8.30
C ASP A 3 -27.59 -3.83 -8.14
N GLU A 4 -27.34 -5.00 -7.60
CA GLU A 4 -25.99 -5.50 -7.37
C GLU A 4 -25.24 -5.71 -8.70
N GLU A 5 -25.97 -6.05 -9.74
CA GLU A 5 -25.37 -6.32 -11.04
C GLU A 5 -25.14 -5.04 -11.82
N LYS A 6 -26.02 -4.06 -11.65
CA LYS A 6 -25.91 -2.81 -12.37
C LYS A 6 -24.93 -1.89 -11.71
N LEU A 7 -24.21 -1.17 -12.52
CA LEU A 7 -23.14 -0.32 -12.04
C LEU A 7 -23.29 1.11 -12.52
N PRO A 8 -22.74 2.08 -11.76
CA PRO A 8 -22.75 3.49 -12.14
C PRO A 8 -21.79 3.75 -13.31
N PRO A 9 -22.08 4.78 -14.12
CA PRO A 9 -21.24 5.14 -15.26
C PRO A 9 -19.77 5.34 -14.88
N GLY A 10 -18.90 4.61 -15.53
CA GLY A 10 -17.48 4.72 -15.26
C GLY A 10 -16.96 3.58 -14.40
N TRP A 11 -17.87 2.90 -13.71
CA TRP A 11 -17.51 1.79 -12.85
C TRP A 11 -17.77 0.45 -13.52
N GLU A 12 -16.80 -0.42 -13.47
CA GLU A 12 -16.93 -1.74 -14.04
C GLU A 12 -16.51 -2.80 -13.03
N LYS A 13 -17.34 -3.79 -12.87
CA LYS A 13 -17.09 -4.88 -11.97
C LYS A 13 -16.18 -5.88 -12.63
N ARG A 14 -15.03 -6.11 -12.04
CA ARG A 14 -14.09 -7.04 -12.60
C ARG A 14 -13.63 -8.02 -11.53
N MET A 15 -13.35 -9.23 -11.93
CA MET A 15 -12.93 -10.27 -11.02
C MET A 15 -11.40 -10.40 -11.04
N SER A 16 -10.86 -11.11 -10.07
CA SER A 16 -9.44 -11.33 -9.98
C SER A 16 -8.97 -12.29 -11.07
N ARG A 17 -7.66 -12.34 -11.26
CA ARG A 17 -7.07 -13.18 -12.29
C ARG A 17 -7.03 -14.65 -11.88
N SER A 18 -7.97 -15.43 -12.44
CA SER A 18 -8.03 -16.88 -12.22
C SER A 18 -8.22 -17.21 -10.72
N SER A 19 -8.88 -16.34 -9.99
CA SER A 19 -9.08 -16.53 -8.56
C SER A 19 -10.57 -16.58 -8.20
N GLY A 20 -11.29 -15.49 -8.42
CA GLY A 20 -12.71 -15.48 -8.11
C GLY A 20 -13.14 -14.32 -7.25
N ARG A 21 -12.19 -13.49 -6.85
CA ARG A 21 -12.48 -12.34 -6.01
C ARG A 21 -13.07 -11.21 -6.85
N VAL A 22 -14.22 -10.72 -6.43
CA VAL A 22 -14.91 -9.66 -7.16
C VAL A 22 -14.63 -8.29 -6.54
N TYR A 23 -14.24 -7.33 -7.37
CA TYR A 23 -13.95 -5.98 -6.92
C TYR A 23 -14.57 -4.95 -7.87
N TYR A 24 -14.36 -3.68 -7.58
CA TYR A 24 -14.91 -2.59 -8.38
C TYR A 24 -13.79 -1.73 -8.94
N PHE A 25 -13.86 -1.45 -10.23
CA PHE A 25 -12.85 -0.64 -10.89
C PHE A 25 -13.48 0.55 -11.62
N ASN A 26 -12.89 1.70 -11.43
CA ASN A 26 -13.35 2.91 -12.09
C ASN A 26 -12.30 3.40 -13.06
N HIS A 27 -12.65 3.46 -14.32
CA HIS A 27 -11.69 3.85 -15.36
C HIS A 27 -11.71 5.36 -15.60
N ILE A 28 -12.39 6.10 -14.75
CA ILE A 28 -12.47 7.55 -14.88
C ILE A 28 -11.33 8.23 -14.12
N THR A 29 -11.12 7.81 -12.88
CA THR A 29 -10.07 8.37 -12.06
C THR A 29 -9.19 7.27 -11.45
N ASN A 30 -9.27 6.07 -12.04
CA ASN A 30 -8.51 4.90 -11.58
C ASN A 30 -8.85 4.57 -10.12
N ALA A 31 -10.10 4.77 -9.77
CA ALA A 31 -10.58 4.46 -8.44
C ALA A 31 -10.96 3.01 -8.39
N SER A 32 -10.13 2.22 -7.79
CA SER A 32 -10.34 0.80 -7.75
C SER A 32 -10.37 0.35 -6.31
N GLN A 33 -11.41 -0.40 -5.94
CA GLN A 33 -11.57 -0.77 -4.55
C GLN A 33 -12.48 -1.99 -4.40
N TRP A 34 -12.67 -2.39 -3.16
CA TRP A 34 -13.52 -3.52 -2.82
C TRP A 34 -14.83 -3.00 -2.22
N GLU A 35 -14.91 -1.70 -2.07
CA GLU A 35 -16.08 -1.06 -1.48
C GLU A 35 -17.14 -0.81 -2.55
N ARG A 36 -18.40 -0.86 -2.15
CA ARG A 36 -19.50 -0.65 -3.06
C ARG A 36 -19.74 0.85 -3.27
N PRO A 37 -19.69 1.33 -4.53
CA PRO A 37 -19.96 2.74 -4.86
C PRO A 37 -21.38 3.14 -4.45
N SER A 38 -22.27 2.16 -4.48
CA SER A 38 -23.64 2.36 -4.09
C SER A 38 -24.02 1.26 -3.10
N GLY A 39 -23.48 1.36 -1.90
CA GLY A 39 -23.72 0.34 -0.90
C GLY A 39 -24.36 0.89 0.35
N ASN A 40 -24.60 0.00 1.31
CA ASN A 40 -25.23 0.36 2.56
C ASN A 40 -24.23 0.26 3.71
N SER A 41 -22.94 0.33 3.36
CA SER A 41 -21.87 0.24 4.33
C SER A 41 -21.99 1.33 5.39
N SER A 42 -22.10 2.60 4.93
CA SER A 42 -22.25 3.78 5.79
C SER A 42 -21.12 3.91 6.84
N SER A 43 -21.19 4.93 7.66
CA SER A 43 -20.20 5.14 8.69
C SER A 43 -20.74 4.67 10.04
N GLY A 44 -20.17 3.58 10.53
CA GLY A 44 -20.60 3.05 11.81
C GLY A 44 -19.83 3.65 12.97
N GLY A 45 -18.85 4.47 12.66
CA GLY A 45 -18.06 5.08 13.70
C GLY A 45 -17.29 6.30 13.21
N LYS A 46 -16.64 6.96 14.14
CA LYS A 46 -15.84 8.14 13.86
C LYS A 46 -14.44 7.97 14.42
N ASN A 47 -13.63 9.02 14.32
CA ASN A 47 -12.26 8.96 14.82
C ASN A 47 -12.11 9.82 16.06
N GLY A 48 -10.89 9.94 16.56
CA GLY A 48 -10.63 10.76 17.71
C GLY A 48 -10.50 12.22 17.33
N GLN A 49 -10.85 13.10 18.26
CA GLN A 49 -10.80 14.53 18.01
C GLN A 49 -9.36 15.03 17.95
N GLY A 50 -9.10 15.90 17.00
CA GLY A 50 -7.77 16.44 16.84
C GLY A 50 -6.95 15.67 15.85
N GLU A 51 -5.85 16.25 15.41
CA GLU A 51 -4.95 15.59 14.48
C GLU A 51 -3.75 15.01 15.23
N PRO A 52 -3.44 13.73 15.00
CA PRO A 52 -2.29 13.09 15.62
C PRO A 52 -0.99 13.65 15.04
N ALA A 53 -0.14 14.17 15.92
CA ALA A 53 1.12 14.79 15.50
C ALA A 53 2.00 13.80 14.73
N ARG A 54 1.94 12.54 15.10
CA ARG A 54 2.75 11.53 14.47
C ARG A 54 1.98 10.23 14.24
N VAL A 55 2.35 9.51 13.19
CA VAL A 55 1.71 8.24 12.88
C VAL A 55 2.76 7.15 12.68
N ARG A 56 2.43 5.93 13.05
CA ARG A 56 3.35 4.81 12.93
C ARG A 56 2.87 3.85 11.86
N CYS A 57 3.74 3.53 10.93
CA CYS A 57 3.39 2.64 9.85
C CYS A 57 4.56 1.72 9.49
N SER A 58 4.24 0.57 8.95
CA SER A 58 5.22 -0.40 8.52
C SER A 58 5.19 -0.50 7.00
N HIS A 59 6.33 -0.62 6.37
CA HIS A 59 6.38 -0.68 4.93
C HIS A 59 7.24 -1.82 4.42
N LEU A 60 6.89 -2.32 3.26
CA LEU A 60 7.66 -3.34 2.61
C LEU A 60 8.31 -2.70 1.40
N LEU A 61 9.57 -2.34 1.52
CA LEU A 61 10.27 -1.66 0.45
C LEU A 61 10.86 -2.68 -0.52
N VAL A 62 10.42 -2.62 -1.77
CA VAL A 62 10.90 -3.50 -2.80
C VAL A 62 11.66 -2.70 -3.86
N LYS A 63 12.95 -2.94 -3.96
CA LYS A 63 13.75 -2.28 -4.96
C LYS A 63 13.94 -3.18 -6.16
N HIS A 64 14.23 -2.58 -7.28
CA HIS A 64 14.47 -3.31 -8.51
C HIS A 64 15.78 -2.89 -9.13
N SER A 65 16.16 -3.54 -10.22
CA SER A 65 17.43 -3.27 -10.90
C SER A 65 17.65 -1.77 -11.15
N GLN A 66 16.64 -1.11 -11.70
CA GLN A 66 16.76 0.32 -12.00
C GLN A 66 16.39 1.23 -10.81
N SER A 67 16.51 0.72 -9.59
CA SER A 67 16.26 1.54 -8.40
C SER A 67 17.53 2.26 -7.98
N ARG A 68 17.41 3.21 -7.06
CA ARG A 68 18.56 3.96 -6.56
C ARG A 68 19.59 3.03 -5.92
N ARG A 69 19.12 1.96 -5.31
CA ARG A 69 20.00 0.99 -4.69
C ARG A 69 19.71 -0.40 -5.24
N PRO A 70 20.61 -0.94 -6.06
CA PRO A 70 20.48 -2.30 -6.56
C PRO A 70 21.16 -3.28 -5.59
N SER A 71 21.53 -2.75 -4.43
CA SER A 71 22.21 -3.51 -3.41
C SER A 71 21.94 -2.90 -2.03
N SER A 72 21.48 -3.71 -1.10
CA SER A 72 21.24 -3.24 0.25
C SER A 72 21.83 -4.22 1.26
N TRP A 73 21.57 -3.98 2.55
CA TRP A 73 22.08 -4.85 3.61
C TRP A 73 21.39 -6.21 3.57
N ARG A 74 20.20 -6.22 2.98
CA ARG A 74 19.44 -7.44 2.84
C ARG A 74 19.93 -8.24 1.65
N GLN A 75 20.06 -7.59 0.51
CA GLN A 75 20.57 -8.23 -0.67
C GLN A 75 21.42 -7.27 -1.47
N GLU A 76 22.66 -7.61 -1.64
CA GLU A 76 23.58 -6.79 -2.40
C GLU A 76 23.64 -7.25 -3.85
N LYS A 77 22.70 -8.12 -4.21
CA LYS A 77 22.67 -8.67 -5.56
C LYS A 77 21.25 -8.58 -6.13
N ILE A 78 20.50 -7.56 -5.72
CA ILE A 78 19.12 -7.37 -6.18
C ILE A 78 19.07 -7.22 -7.70
N THR A 79 18.30 -8.09 -8.35
CA THR A 79 18.15 -8.03 -9.79
C THR A 79 16.74 -8.44 -10.20
N ARG A 80 15.76 -7.61 -9.88
CA ARG A 80 14.39 -7.86 -10.25
C ARG A 80 13.86 -6.71 -11.08
N THR A 81 12.87 -6.97 -11.89
CA THR A 81 12.28 -5.96 -12.73
C THR A 81 11.07 -5.30 -12.05
N LYS A 82 10.51 -4.28 -12.69
CA LYS A 82 9.36 -3.56 -12.13
C LYS A 82 8.11 -4.45 -12.11
N GLU A 83 7.91 -5.21 -13.17
CA GLU A 83 6.76 -6.10 -13.26
C GLU A 83 6.93 -7.26 -12.30
N GLU A 84 8.19 -7.58 -12.01
CA GLU A 84 8.51 -8.62 -11.05
C GLU A 84 8.05 -8.18 -9.67
N ALA A 85 8.38 -6.94 -9.33
CA ALA A 85 7.97 -6.34 -8.07
C ALA A 85 6.46 -6.33 -7.95
N LEU A 86 5.78 -5.87 -9.00
CA LEU A 86 4.32 -5.82 -9.01
C LEU A 86 3.74 -7.21 -8.81
N GLU A 87 4.38 -8.20 -9.40
CA GLU A 87 3.90 -9.57 -9.32
C GLU A 87 3.96 -10.07 -7.87
N LEU A 88 5.09 -9.88 -7.22
CA LEU A 88 5.26 -10.33 -5.85
C LEU A 88 4.44 -9.48 -4.88
N ILE A 89 4.42 -8.16 -5.10
CA ILE A 89 3.69 -7.24 -4.24
C ILE A 89 2.21 -7.56 -4.20
N ASN A 90 1.60 -7.68 -5.38
CA ASN A 90 0.17 -7.98 -5.47
C ASN A 90 -0.13 -9.35 -4.86
N GLY A 91 0.81 -10.27 -5.03
CA GLY A 91 0.65 -11.60 -4.47
C GLY A 91 0.70 -11.60 -2.95
N TYR A 92 1.59 -10.79 -2.38
CA TYR A 92 1.72 -10.70 -0.93
C TYR A 92 0.50 -10.08 -0.30
N ILE A 93 0.06 -8.95 -0.85
CA ILE A 93 -1.10 -8.23 -0.33
C ILE A 93 -2.30 -9.15 -0.17
N GLN A 94 -2.56 -9.95 -1.19
CA GLN A 94 -3.71 -10.83 -1.19
C GLN A 94 -3.56 -11.99 -0.19
N LYS A 95 -2.39 -12.59 -0.14
CA LYS A 95 -2.16 -13.72 0.77
C LYS A 95 -2.23 -13.26 2.23
N ILE A 96 -1.71 -12.07 2.49
CA ILE A 96 -1.75 -11.49 3.82
C ILE A 96 -3.19 -11.09 4.18
N LYS A 97 -3.88 -10.49 3.23
CA LYS A 97 -5.26 -10.04 3.42
C LYS A 97 -6.21 -11.23 3.59
N SER A 98 -5.82 -12.38 3.05
CA SER A 98 -6.62 -13.60 3.19
C SER A 98 -6.49 -14.18 4.60
N GLY A 99 -5.55 -13.63 5.37
CA GLY A 99 -5.33 -14.09 6.73
C GLY A 99 -4.54 -15.37 6.79
N GLU A 100 -3.70 -15.61 5.78
CA GLU A 100 -2.89 -16.81 5.76
C GLU A 100 -1.50 -16.53 6.33
N GLU A 101 -1.03 -15.30 6.17
CA GLU A 101 0.26 -14.89 6.70
C GLU A 101 0.20 -13.46 7.23
N ASP A 102 1.25 -13.06 7.92
CA ASP A 102 1.31 -11.73 8.53
C ASP A 102 2.17 -10.80 7.71
N PHE A 103 1.77 -9.55 7.63
CA PHE A 103 2.51 -8.54 6.90
C PHE A 103 3.86 -8.31 7.57
N GLU A 104 3.81 -8.19 8.89
CA GLU A 104 5.00 -7.95 9.69
C GLU A 104 6.10 -8.98 9.42
N SER A 105 5.76 -10.24 9.57
CA SER A 105 6.69 -11.32 9.38
C SER A 105 7.19 -11.40 7.93
N LEU A 106 6.25 -11.25 7.00
CA LEU A 106 6.56 -11.33 5.59
C LEU A 106 7.45 -10.15 5.17
N ALA A 107 7.14 -8.96 5.67
CA ALA A 107 7.92 -7.76 5.37
C ALA A 107 9.35 -7.93 5.80
N SER A 108 9.56 -8.41 7.02
CA SER A 108 10.90 -8.64 7.58
C SER A 108 11.80 -9.38 6.60
N GLN A 109 11.23 -10.31 5.87
CA GLN A 109 11.99 -11.15 4.97
C GLN A 109 12.15 -10.50 3.58
N PHE A 110 11.07 -9.97 3.02
CA PHE A 110 11.11 -9.47 1.66
C PHE A 110 11.52 -7.99 1.54
N SER A 111 11.64 -7.29 2.64
CA SER A 111 12.08 -5.90 2.60
C SER A 111 13.59 -5.84 2.48
N ASP A 112 14.08 -4.97 1.62
CA ASP A 112 15.51 -4.82 1.44
C ASP A 112 16.03 -3.65 2.26
N CYS A 113 15.11 -2.78 2.66
CA CYS A 113 15.43 -1.59 3.42
C CYS A 113 15.90 -1.93 4.84
N SER A 114 16.53 -0.96 5.49
CA SER A 114 17.01 -1.13 6.86
C SER A 114 15.83 -1.29 7.84
N SER A 115 14.64 -0.90 7.38
CA SER A 115 13.42 -1.00 8.18
C SER A 115 13.11 -2.46 8.53
N ALA A 116 13.77 -3.40 7.84
CA ALA A 116 13.58 -4.83 8.08
C ALA A 116 13.94 -5.20 9.52
N LYS A 117 14.72 -4.34 10.18
CA LYS A 117 15.11 -4.55 11.57
C LYS A 117 13.88 -4.50 12.48
N ALA A 118 12.91 -3.68 12.10
CA ALA A 118 11.70 -3.53 12.87
C ALA A 118 10.53 -4.17 12.14
N ARG A 119 10.85 -5.14 11.27
CA ARG A 119 9.85 -5.89 10.50
C ARG A 119 9.14 -5.00 9.50
N GLY A 120 9.77 -3.90 9.14
CA GLY A 120 9.19 -2.99 8.18
C GLY A 120 8.69 -1.72 8.83
N ASP A 121 8.56 -1.75 10.16
CA ASP A 121 8.07 -0.60 10.90
C ASP A 121 9.11 0.51 10.98
N LEU A 122 8.65 1.73 10.83
CA LEU A 122 9.51 2.90 10.90
C LEU A 122 9.39 3.55 12.25
N GLY A 123 8.17 3.68 12.72
CA GLY A 123 7.91 4.36 13.97
C GLY A 123 6.92 5.47 13.78
N ALA A 124 6.76 6.29 14.79
CA ALA A 124 5.82 7.39 14.73
C ALA A 124 6.56 8.71 14.61
N PHE A 125 6.64 9.22 13.40
CA PHE A 125 7.34 10.47 13.15
C PHE A 125 6.34 11.58 12.92
N SER A 126 6.69 12.77 13.35
CA SER A 126 5.83 13.93 13.23
C SER A 126 6.16 14.67 11.93
N ARG A 127 5.21 15.43 11.44
CA ARG A 127 5.41 16.17 10.21
C ARG A 127 6.33 17.37 10.43
N GLY A 128 6.74 18.01 9.35
CA GLY A 128 7.68 19.11 9.44
C GLY A 128 9.07 18.68 9.00
N GLN A 129 9.55 17.59 9.60
CA GLN A 129 10.86 17.06 9.26
C GLN A 129 10.78 16.14 8.06
N MET A 130 9.57 15.83 7.63
CA MET A 130 9.35 14.93 6.52
C MET A 130 9.02 15.71 5.26
N GLN A 131 8.85 14.99 4.16
CA GLN A 131 8.49 15.60 2.88
C GLN A 131 7.12 16.24 2.99
N LYS A 132 6.99 17.48 2.54
CA LYS A 132 5.74 18.23 2.64
C LYS A 132 4.55 17.46 2.01
N PRO A 133 4.66 17.02 0.72
CA PRO A 133 3.58 16.27 0.07
C PRO A 133 3.22 15.00 0.84
N PHE A 134 4.15 14.49 1.62
CA PHE A 134 3.93 13.27 2.37
C PHE A 134 3.30 13.57 3.74
N GLU A 135 3.41 14.80 4.20
CA GLU A 135 2.79 15.19 5.48
C GLU A 135 1.29 15.01 5.40
N ASP A 136 0.73 15.45 4.30
CA ASP A 136 -0.69 15.38 4.07
C ASP A 136 -1.09 13.99 3.56
N ALA A 137 -0.12 13.25 3.06
CA ALA A 137 -0.35 11.92 2.54
C ALA A 137 -0.29 10.85 3.63
N SER A 138 0.73 10.92 4.48
CA SER A 138 0.90 9.96 5.57
C SER A 138 -0.23 10.12 6.59
N PHE A 139 -0.76 11.30 6.68
CA PHE A 139 -1.86 11.59 7.60
C PHE A 139 -3.23 11.34 6.93
N ALA A 140 -3.21 10.87 5.68
CA ALA A 140 -4.44 10.67 4.91
C ALA A 140 -5.12 9.32 5.21
N LEU A 141 -4.34 8.26 5.34
CA LEU A 141 -4.92 6.93 5.56
C LEU A 141 -5.36 6.73 7.01
N ARG A 142 -6.19 5.73 7.21
CA ARG A 142 -6.72 5.42 8.52
C ARG A 142 -5.94 4.26 9.15
N THR A 143 -6.20 4.00 10.41
CA THR A 143 -5.55 2.92 11.12
C THR A 143 -6.09 1.57 10.64
N GLY A 144 -5.21 0.76 10.07
CA GLY A 144 -5.62 -0.52 9.55
C GLY A 144 -5.78 -0.49 8.04
N GLU A 145 -5.20 0.52 7.42
CA GLU A 145 -5.27 0.66 5.98
C GLU A 145 -3.92 0.36 5.36
N MET A 146 -3.94 -0.20 4.16
CA MET A 146 -2.73 -0.59 3.49
C MET A 146 -2.80 -0.20 2.01
N SER A 147 -1.84 0.59 1.58
CA SER A 147 -1.78 1.03 0.20
C SER A 147 -1.19 -0.08 -0.66
N GLY A 148 -1.68 -0.19 -1.89
CA GLY A 148 -1.21 -1.23 -2.78
C GLY A 148 0.10 -0.85 -3.47
N PRO A 149 0.14 -0.92 -4.81
CA PRO A 149 1.34 -0.59 -5.56
C PRO A 149 1.67 0.90 -5.54
N VAL A 150 2.49 1.30 -4.58
CA VAL A 150 2.89 2.69 -4.47
C VAL A 150 4.16 2.93 -5.26
N PHE A 151 4.10 3.88 -6.19
CA PHE A 151 5.22 4.21 -7.04
C PHE A 151 5.88 5.51 -6.61
N THR A 152 7.00 5.40 -5.92
CA THR A 152 7.76 6.57 -5.53
C THR A 152 9.06 6.60 -6.31
N ASP A 153 9.91 7.58 -6.04
CA ASP A 153 11.18 7.70 -6.75
C ASP A 153 12.04 6.43 -6.58
N SER A 154 12.04 5.88 -5.37
CA SER A 154 12.84 4.68 -5.07
C SER A 154 12.36 3.44 -5.85
N GLY A 155 11.05 3.28 -5.96
CA GLY A 155 10.52 2.13 -6.68
C GLY A 155 9.09 1.79 -6.28
N ILE A 156 8.77 0.51 -6.30
CA ILE A 156 7.42 0.02 -6.01
C ILE A 156 7.40 -0.68 -4.67
N HIS A 157 6.41 -0.38 -3.86
CA HIS A 157 6.32 -0.96 -2.52
C HIS A 157 4.93 -0.84 -1.94
N ILE A 158 4.73 -1.42 -0.76
CA ILE A 158 3.46 -1.36 -0.06
C ILE A 158 3.65 -0.85 1.36
N ILE A 159 2.61 -0.25 1.94
CA ILE A 159 2.69 0.31 3.29
C ILE A 159 1.42 0.00 4.07
N LEU A 160 1.59 -0.47 5.29
CA LEU A 160 0.50 -0.80 6.18
C LEU A 160 0.62 0.03 7.46
N ARG A 161 -0.42 0.81 7.77
CA ARG A 161 -0.41 1.64 8.98
C ARG A 161 -0.52 0.80 10.23
N THR A 162 0.40 1.02 11.15
CA THR A 162 0.44 0.29 12.37
C THR A 162 -0.45 0.95 13.43
N GLU A 163 -0.31 2.27 13.56
CA GLU A 163 -1.06 3.03 14.54
C GLU A 163 -0.97 4.53 14.25
C ACE B 1 -5.78 -7.41 -15.56
O ACE B 1 -4.86 -8.08 -16.02
CH3 ACE B 1 -7.12 -7.37 -16.26
H1 ACE B 1 -7.57 -6.40 -16.07
H2 ACE B 1 -7.75 -8.14 -15.87
H3 ACE B 1 -6.96 -7.54 -17.32
N VAL B 2 -5.67 -6.68 -14.45
CA VAL B 2 -6.42 -7.00 -13.24
C VAL B 2 -6.06 -5.99 -12.15
N LEU B 3 -6.82 -5.98 -11.06
CA LEU B 3 -6.56 -5.08 -9.96
C LEU B 3 -6.23 -5.83 -8.69
N TPO B 4 -7.30 -6.38 -8.07
CA TPO B 4 -7.25 -6.99 -6.74
CB TPO B 4 -6.70 -8.42 -6.71
CG2 TPO B 4 -7.80 -9.44 -6.80
OG1 TPO B 4 -5.76 -8.66 -7.78
P TPO B 4 -5.32 -10.16 -8.19
O1P TPO B 4 -3.79 -9.98 -8.65
O2P TPO B 4 -6.20 -10.85 -9.18
O3P TPO B 4 -5.16 -10.91 -6.76
C TPO B 4 -6.75 -6.01 -5.63
O TPO B 4 -7.58 -5.33 -5.04
H TPO B 4 -8.15 -6.37 -8.55
HA TPO B 4 -8.31 -7.06 -6.51
HB TPO B 4 -6.20 -8.59 -5.77
HG21 TPO B 4 -8.43 -9.37 -5.93
HG22 TPO B 4 -7.38 -10.43 -6.86
HG23 TPO B 4 -8.39 -9.25 -7.69
N PRO B 5 -5.42 -5.89 -5.31
CA PRO B 5 -4.99 -4.87 -4.36
C PRO B 5 -5.34 -3.46 -4.89
N PRO B 6 -5.97 -2.62 -4.04
CA PRO B 6 -6.42 -1.28 -4.44
C PRO B 6 -5.26 -0.35 -4.83
N ASP B 7 -5.51 0.51 -5.81
CA ASP B 7 -4.50 1.46 -6.28
C ASP B 7 -4.41 2.64 -5.32
N GLN B 8 -5.11 3.71 -5.67
CA GLN B 8 -5.14 4.94 -4.90
C GLN B 8 -6.08 5.91 -5.59
N GLU B 9 -6.04 7.17 -5.21
CA GLU B 9 -6.92 8.16 -5.81
C GLU B 9 -6.22 8.83 -6.99
N VAL B 10 -4.89 8.76 -6.96
CA VAL B 10 -4.06 9.40 -7.98
C VAL B 10 -2.57 9.23 -7.64
N ILE B 11 -2.23 9.58 -6.40
CA ILE B 11 -0.86 9.54 -5.91
C ILE B 11 -0.87 9.84 -4.40
N ARG B 12 -2.01 9.57 -3.76
CA ARG B 12 -2.18 9.81 -2.35
C ARG B 12 -2.07 8.50 -1.61
N ASN B 13 -1.05 8.40 -0.78
CA ASN B 13 -0.76 7.19 -0.05
C ASN B 13 -0.02 7.54 1.23
N ILE B 14 -0.04 6.62 2.18
CA ILE B 14 0.59 6.86 3.49
C ILE B 14 2.09 6.53 3.45
N ASP B 15 2.63 6.45 2.22
CA ASP B 15 4.00 5.98 1.97
C ASP B 15 4.98 6.26 3.09
N GLN B 16 5.18 5.27 3.91
CA GLN B 16 6.10 5.36 5.01
C GLN B 16 7.49 4.93 4.54
N SER B 17 7.78 5.22 3.28
CA SER B 17 9.05 4.88 2.68
C SER B 17 9.84 6.14 2.41
N GLU B 18 9.21 7.06 1.70
CA GLU B 18 9.87 8.30 1.37
C GLU B 18 9.24 9.49 2.07
N PHE B 19 8.35 9.22 3.03
CA PHE B 19 7.79 10.30 3.83
C PHE B 19 8.94 11.01 4.58
N GLU B 20 9.88 10.22 5.08
CA GLU B 20 11.02 10.74 5.82
C GLU B 20 12.30 10.50 5.00
N GLY B 21 13.31 11.31 5.24
CA GLY B 21 14.52 11.23 4.45
C GLY B 21 15.49 10.17 4.93
N PHE B 22 15.22 8.92 4.59
CA PHE B 22 16.14 7.84 4.91
C PHE B 22 16.46 7.01 3.66
N SEP B 23 16.15 7.57 2.49
CA SEP B 23 16.43 6.92 1.22
CB SEP B 23 15.28 6.00 0.79
OG SEP B 23 15.56 4.65 1.14
C SEP B 23 16.74 7.94 0.14
O SEP B 23 17.84 7.93 -0.40
P SEP B 23 16.52 3.78 0.17
O1P SEP B 23 16.10 3.66 -1.24
O2P SEP B 23 17.97 4.44 0.42
O3P SEP B 23 16.65 2.39 0.98
H SEP B 23 15.73 8.45 2.50
HA SEP B 23 17.30 6.31 1.37
HB2 SEP B 23 15.13 6.07 -0.27
HB3 SEP B 23 14.38 6.30 1.30
N PHE B 24 15.79 8.81 -0.18
CA PHE B 24 15.98 9.82 -1.24
C PHE B 24 17.15 10.76 -0.93
N NH2 B 25 17.11 11.40 0.22
HN1 NH2 B 25 16.34 11.26 0.81
HN2 NH2 B 25 17.85 12.02 0.43
N MET A 1 -35.05 -10.01 -9.20
CA MET A 1 -33.59 -10.08 -8.97
C MET A 1 -33.11 -8.81 -8.28
N ALA A 2 -31.99 -8.92 -7.56
CA ALA A 2 -31.42 -7.77 -6.87
C ALA A 2 -30.53 -6.98 -7.82
N ASP A 3 -30.61 -5.66 -7.76
CA ASP A 3 -29.83 -4.80 -8.65
C ASP A 3 -28.57 -4.29 -7.95
N GLU A 4 -28.30 -4.83 -6.78
CA GLU A 4 -27.14 -4.42 -5.99
C GLU A 4 -25.84 -4.99 -6.58
N GLU A 5 -25.97 -5.79 -7.63
CA GLU A 5 -24.82 -6.35 -8.30
C GLU A 5 -24.36 -5.42 -9.41
N LYS A 6 -25.20 -4.45 -9.72
CA LYS A 6 -24.89 -3.48 -10.76
C LYS A 6 -23.98 -2.41 -10.24
N LEU A 7 -22.90 -2.20 -10.96
CA LEU A 7 -21.91 -1.21 -10.56
C LEU A 7 -22.23 0.14 -11.17
N PRO A 8 -21.91 1.24 -10.47
CA PRO A 8 -22.13 2.60 -10.97
C PRO A 8 -21.30 2.88 -12.22
N PRO A 9 -21.82 3.69 -13.16
CA PRO A 9 -21.12 4.05 -14.39
C PRO A 9 -19.69 4.51 -14.14
N GLY A 10 -18.76 3.85 -14.79
CA GLY A 10 -17.37 4.14 -14.59
C GLY A 10 -16.66 2.99 -13.90
N TRP A 11 -17.42 2.27 -13.08
CA TRP A 11 -16.91 1.12 -12.38
C TRP A 11 -17.30 -0.15 -13.11
N GLU A 12 -16.31 -0.95 -13.43
CA GLU A 12 -16.55 -2.19 -14.13
C GLU A 12 -16.07 -3.35 -13.29
N LYS A 13 -16.60 -4.50 -13.57
CA LYS A 13 -16.23 -5.69 -12.85
C LYS A 13 -15.09 -6.39 -13.57
N ARG A 14 -13.94 -6.38 -12.93
CA ARG A 14 -12.74 -6.96 -13.52
C ARG A 14 -12.29 -8.17 -12.71
N MET A 15 -11.75 -9.15 -13.39
CA MET A 15 -11.31 -10.36 -12.76
C MET A 15 -9.80 -10.45 -12.83
N SER A 16 -9.21 -10.97 -11.77
CA SER A 16 -7.78 -11.16 -11.70
C SER A 16 -7.32 -12.17 -12.74
N ARG A 17 -6.04 -12.12 -13.11
CA ARG A 17 -5.51 -12.95 -14.18
C ARG A 17 -5.40 -14.44 -13.78
N SER A 18 -6.30 -15.24 -14.33
CA SER A 18 -6.31 -16.70 -14.18
C SER A 18 -6.38 -17.17 -12.71
N SER A 19 -6.73 -16.28 -11.79
CA SER A 19 -6.84 -16.67 -10.40
C SER A 19 -8.29 -16.87 -9.98
N GLY A 20 -9.20 -16.27 -10.73
CA GLY A 20 -10.62 -16.44 -10.47
C GLY A 20 -11.17 -15.44 -9.48
N ARG A 21 -10.36 -14.47 -9.10
CA ARG A 21 -10.80 -13.44 -8.17
C ARG A 21 -11.43 -12.29 -8.94
N VAL A 22 -12.46 -11.69 -8.37
CA VAL A 22 -13.18 -10.62 -9.03
C VAL A 22 -13.18 -9.35 -8.18
N TYR A 23 -12.86 -8.22 -8.81
CA TYR A 23 -12.87 -6.94 -8.13
C TYR A 23 -13.47 -5.86 -9.00
N TYR A 24 -13.57 -4.65 -8.49
CA TYR A 24 -14.16 -3.56 -9.23
C TYR A 24 -13.09 -2.59 -9.70
N PHE A 25 -13.11 -2.28 -10.98
CA PHE A 25 -12.14 -1.40 -11.58
C PHE A 25 -12.82 -0.15 -12.16
N ASN A 26 -12.31 1.00 -11.82
CA ASN A 26 -12.84 2.25 -12.31
C ASN A 26 -11.99 2.74 -13.46
N HIS A 27 -12.58 2.84 -14.63
CA HIS A 27 -11.82 3.26 -15.80
C HIS A 27 -11.85 4.77 -15.99
N ILE A 28 -12.61 5.45 -15.14
CA ILE A 28 -12.72 6.90 -15.21
C ILE A 28 -11.44 7.56 -14.70
N THR A 29 -11.11 7.27 -13.45
CA THR A 29 -9.92 7.83 -12.84
C THR A 29 -8.85 6.74 -12.65
N ASN A 30 -9.20 5.53 -13.10
CA ASN A 30 -8.31 4.36 -13.01
C ASN A 30 -8.08 3.97 -11.55
N ALA A 31 -9.16 3.62 -10.86
CA ALA A 31 -9.09 3.19 -9.47
C ALA A 31 -9.55 1.74 -9.38
N SER A 32 -9.45 1.13 -8.21
CA SER A 32 -9.83 -0.27 -8.04
C SER A 32 -10.12 -0.57 -6.59
N GLN A 33 -11.11 -1.42 -6.35
CA GLN A 33 -11.47 -1.82 -5.00
C GLN A 33 -12.16 -3.18 -5.03
N TRP A 34 -12.13 -3.87 -3.91
CA TRP A 34 -12.73 -5.20 -3.81
C TRP A 34 -14.04 -5.16 -3.06
N GLU A 35 -14.26 -4.09 -2.34
CA GLU A 35 -15.46 -3.93 -1.56
C GLU A 35 -16.37 -2.92 -2.24
N ARG A 36 -17.66 -3.02 -1.97
CA ARG A 36 -18.62 -2.09 -2.51
C ARG A 36 -18.34 -0.68 -2.00
N PRO A 37 -18.62 0.35 -2.80
CA PRO A 37 -18.37 1.75 -2.42
C PRO A 37 -19.18 2.19 -1.21
N SER A 38 -20.09 1.34 -0.77
CA SER A 38 -20.90 1.61 0.38
C SER A 38 -20.79 0.49 1.40
N GLY A 39 -19.79 0.60 2.28
CA GLY A 39 -19.61 -0.39 3.32
C GLY A 39 -20.58 -0.20 4.46
N ASN A 40 -21.83 -0.57 4.24
CA ASN A 40 -22.89 -0.40 5.22
C ASN A 40 -22.91 -1.51 6.24
N SER A 41 -22.17 -2.57 5.97
CA SER A 41 -22.10 -3.68 6.89
C SER A 41 -21.31 -3.28 8.14
N SER A 42 -20.23 -2.53 7.94
CA SER A 42 -19.42 -2.03 9.04
C SER A 42 -18.65 -0.79 8.63
N SER A 43 -19.08 0.36 9.11
CA SER A 43 -18.39 1.61 8.84
C SER A 43 -17.55 2.03 10.06
N GLY A 44 -16.23 1.95 9.94
CA GLY A 44 -15.38 2.35 11.05
C GLY A 44 -13.98 1.80 10.93
N GLY A 45 -13.22 1.91 12.01
CA GLY A 45 -11.84 1.43 12.03
C GLY A 45 -11.20 1.68 13.39
N LYS A 46 -9.91 1.97 13.39
CA LYS A 46 -9.22 2.27 14.65
C LYS A 46 -9.44 3.73 15.03
N ASN A 47 -9.36 4.02 16.31
CA ASN A 47 -9.58 5.37 16.79
C ASN A 47 -8.26 6.13 16.90
N GLY A 48 -8.26 7.35 16.43
CA GLY A 48 -7.08 8.18 16.54
C GLY A 48 -7.15 9.06 17.76
N GLN A 49 -6.03 9.19 18.45
CA GLN A 49 -6.00 9.97 19.65
C GLN A 49 -5.77 11.44 19.35
N GLY A 50 -6.83 12.23 19.55
CA GLY A 50 -6.77 13.65 19.31
C GLY A 50 -6.53 13.99 17.85
N GLU A 51 -5.78 15.04 17.61
CA GLU A 51 -5.44 15.44 16.26
C GLU A 51 -4.10 14.83 15.87
N PRO A 52 -3.98 14.36 14.63
CA PRO A 52 -2.77 13.71 14.15
C PRO A 52 -1.60 14.68 13.92
N ALA A 53 -0.78 14.86 14.95
CA ALA A 53 0.43 15.66 14.84
C ALA A 53 1.59 14.73 14.52
N ARG A 54 1.44 13.49 14.95
CA ARG A 54 2.39 12.43 14.68
C ARG A 54 1.62 11.16 14.34
N VAL A 55 2.21 10.32 13.53
CA VAL A 55 1.58 9.05 13.15
C VAL A 55 2.59 7.92 13.15
N ARG A 56 2.10 6.70 13.11
CA ARG A 56 2.95 5.53 13.06
C ARG A 56 2.38 4.50 12.09
N CYS A 57 3.21 4.04 11.19
CA CYS A 57 2.77 3.06 10.23
C CYS A 57 3.88 2.08 9.89
N SER A 58 3.53 1.07 9.13
CA SER A 58 4.45 0.06 8.69
C SER A 58 4.41 0.00 7.17
N HIS A 59 5.51 -0.39 6.56
CA HIS A 59 5.57 -0.43 5.11
C HIS A 59 6.48 -1.56 4.63
N LEU A 60 6.37 -1.88 3.36
CA LEU A 60 7.21 -2.89 2.76
C LEU A 60 7.86 -2.29 1.53
N LEU A 61 9.16 -2.02 1.61
CA LEU A 61 9.88 -1.42 0.50
C LEU A 61 10.58 -2.47 -0.32
N VAL A 62 10.28 -2.49 -1.61
CA VAL A 62 10.89 -3.42 -2.54
C VAL A 62 11.68 -2.64 -3.59
N LYS A 63 12.91 -3.05 -3.81
CA LYS A 63 13.75 -2.40 -4.80
C LYS A 63 13.71 -3.16 -6.10
N HIS A 64 14.17 -2.54 -7.15
CA HIS A 64 14.19 -3.15 -8.47
C HIS A 64 15.45 -2.80 -9.22
N SER A 65 15.67 -3.46 -10.34
CA SER A 65 16.88 -3.29 -11.14
C SER A 65 17.23 -1.82 -11.40
N GLN A 66 16.31 -1.10 -12.02
CA GLN A 66 16.55 0.31 -12.39
C GLN A 66 16.17 1.30 -11.26
N SER A 67 16.26 0.86 -10.01
CA SER A 67 15.97 1.76 -8.89
C SER A 67 17.25 2.47 -8.43
N ARG A 68 17.15 3.26 -7.37
CA ARG A 68 18.31 3.98 -6.80
C ARG A 68 19.47 3.00 -6.53
N ARG A 69 19.17 1.90 -5.88
CA ARG A 69 20.16 0.90 -5.55
C ARG A 69 19.62 -0.49 -5.88
N PRO A 70 20.24 -1.18 -6.85
CA PRO A 70 19.81 -2.53 -7.25
C PRO A 70 20.41 -3.61 -6.34
N SER A 71 20.64 -3.25 -5.09
CA SER A 71 21.22 -4.18 -4.15
C SER A 71 20.63 -3.98 -2.75
N SER A 72 20.27 -5.08 -2.12
CA SER A 72 19.73 -5.08 -0.77
C SER A 72 20.70 -5.76 0.18
N TRP A 73 20.46 -5.63 1.47
CA TRP A 73 21.30 -6.25 2.48
C TRP A 73 21.19 -7.78 2.39
N ARG A 74 20.04 -8.24 1.93
CA ARG A 74 19.78 -9.67 1.81
C ARG A 74 20.17 -10.20 0.42
N GLN A 75 19.86 -9.43 -0.61
CA GLN A 75 20.18 -9.81 -1.99
C GLN A 75 20.75 -8.61 -2.73
N GLU A 76 22.01 -8.67 -3.07
CA GLU A 76 22.67 -7.58 -3.75
C GLU A 76 22.51 -7.69 -5.27
N LYS A 77 22.02 -8.83 -5.72
CA LYS A 77 21.87 -9.09 -7.14
C LYS A 77 20.46 -8.78 -7.63
N ILE A 78 19.80 -7.81 -7.00
CA ILE A 78 18.43 -7.43 -7.37
C ILE A 78 18.33 -7.05 -8.85
N THR A 79 17.93 -7.98 -9.66
CA THR A 79 17.77 -7.75 -11.07
C THR A 79 16.29 -7.86 -11.44
N ARG A 80 15.44 -7.82 -10.42
CA ARG A 80 14.01 -7.91 -10.62
C ARG A 80 13.50 -6.67 -11.35
N THR A 81 12.76 -6.90 -12.39
CA THR A 81 12.20 -5.82 -13.18
C THR A 81 10.98 -5.23 -12.48
N LYS A 82 10.36 -4.24 -13.11
CA LYS A 82 9.19 -3.58 -12.52
C LYS A 82 8.00 -4.52 -12.45
N GLU A 83 7.82 -5.37 -13.47
CA GLU A 83 6.72 -6.32 -13.48
C GLU A 83 6.92 -7.39 -12.41
N GLU A 84 8.18 -7.76 -12.17
CA GLU A 84 8.52 -8.74 -11.16
C GLU A 84 8.25 -8.19 -9.76
N ALA A 85 8.72 -6.97 -9.52
CA ALA A 85 8.51 -6.29 -8.25
C ALA A 85 7.03 -6.14 -7.95
N LEU A 86 6.26 -5.77 -8.97
CA LEU A 86 4.82 -5.61 -8.82
C LEU A 86 4.15 -6.95 -8.55
N GLU A 87 4.55 -7.97 -9.29
CA GLU A 87 3.94 -9.28 -9.17
C GLU A 87 4.10 -9.85 -7.76
N LEU A 88 5.27 -9.65 -7.18
CA LEU A 88 5.53 -10.17 -5.86
C LEU A 88 4.80 -9.35 -4.79
N ILE A 89 4.78 -8.02 -4.95
CA ILE A 89 4.18 -7.14 -3.96
C ILE A 89 2.65 -7.18 -4.02
N ASN A 90 2.09 -7.28 -5.22
CA ASN A 90 0.65 -7.37 -5.38
C ASN A 90 0.14 -8.69 -4.85
N GLY A 91 0.97 -9.72 -5.00
CA GLY A 91 0.64 -11.03 -4.50
C GLY A 91 0.58 -11.04 -2.99
N TYR A 92 1.39 -10.19 -2.37
CA TYR A 92 1.41 -10.07 -0.93
C TYR A 92 0.12 -9.43 -0.45
N ILE A 93 -0.26 -8.30 -1.05
CA ILE A 93 -1.51 -7.63 -0.69
C ILE A 93 -2.68 -8.60 -0.78
N GLN A 94 -2.71 -9.35 -1.88
CA GLN A 94 -3.78 -10.30 -2.13
C GLN A 94 -3.95 -11.28 -0.97
N LYS A 95 -2.84 -11.77 -0.45
CA LYS A 95 -2.91 -12.72 0.65
C LYS A 95 -3.13 -12.01 1.99
N ILE A 96 -2.47 -10.87 2.17
CA ILE A 96 -2.60 -10.08 3.40
C ILE A 96 -4.05 -9.63 3.63
N LYS A 97 -4.66 -9.03 2.61
CA LYS A 97 -6.03 -8.53 2.74
C LYS A 97 -7.04 -9.66 2.91
N SER A 98 -6.62 -10.86 2.53
CA SER A 98 -7.47 -12.04 2.66
C SER A 98 -7.28 -12.71 4.01
N GLY A 99 -6.34 -12.20 4.80
CA GLY A 99 -6.09 -12.75 6.11
C GLY A 99 -5.21 -13.98 6.09
N GLU A 100 -4.50 -14.19 4.99
CA GLU A 100 -3.62 -15.35 4.88
C GLU A 100 -2.33 -15.12 5.66
N GLU A 101 -1.80 -13.91 5.57
CA GLU A 101 -0.61 -13.53 6.33
C GLU A 101 -0.77 -12.14 6.88
N ASP A 102 -0.01 -11.84 7.92
CA ASP A 102 -0.06 -10.54 8.54
C ASP A 102 0.89 -9.61 7.82
N PHE A 103 0.49 -8.37 7.62
CA PHE A 103 1.34 -7.39 6.96
C PHE A 103 2.66 -7.29 7.72
N GLU A 104 2.55 -7.21 9.04
CA GLU A 104 3.71 -7.10 9.92
C GLU A 104 4.66 -8.28 9.73
N SER A 105 4.11 -9.49 9.85
CA SER A 105 4.89 -10.70 9.73
C SER A 105 5.46 -10.87 8.33
N LEU A 106 4.66 -10.57 7.32
CA LEU A 106 5.09 -10.72 5.95
C LEU A 106 6.18 -9.71 5.62
N ALA A 107 6.01 -8.46 6.06
CA ALA A 107 7.02 -7.43 5.85
C ALA A 107 8.29 -7.78 6.62
N SER A 108 8.12 -8.36 7.80
CA SER A 108 9.24 -8.78 8.61
C SER A 108 10.06 -9.87 7.92
N GLN A 109 9.40 -10.66 7.09
CA GLN A 109 10.04 -11.77 6.40
C GLN A 109 10.60 -11.35 5.03
N PHE A 110 9.77 -10.72 4.22
CA PHE A 110 10.15 -10.35 2.85
C PHE A 110 10.62 -8.91 2.72
N SER A 111 11.05 -8.31 3.81
CA SER A 111 11.52 -6.93 3.77
C SER A 111 12.79 -6.83 2.93
N ASP A 112 12.68 -6.12 1.83
CA ASP A 112 13.80 -5.88 0.94
C ASP A 112 14.61 -4.70 1.46
N CYS A 113 13.99 -3.94 2.35
CA CYS A 113 14.60 -2.76 2.94
C CYS A 113 15.18 -3.05 4.32
N SER A 114 15.72 -2.01 4.95
CA SER A 114 16.34 -2.13 6.26
C SER A 114 15.27 -2.13 7.38
N SER A 115 14.01 -1.90 6.99
CA SER A 115 12.90 -1.87 7.94
C SER A 115 12.58 -3.28 8.48
N ALA A 116 13.32 -4.27 7.99
CA ALA A 116 13.13 -5.68 8.36
C ALA A 116 13.19 -5.90 9.87
N LYS A 117 14.09 -5.17 10.53
CA LYS A 117 14.28 -5.30 11.97
C LYS A 117 13.02 -4.91 12.74
N ALA A 118 12.32 -3.91 12.23
CA ALA A 118 11.13 -3.41 12.87
C ALA A 118 9.87 -3.96 12.20
N ARG A 119 10.04 -5.03 11.43
CA ARG A 119 8.92 -5.72 10.76
C ARG A 119 8.24 -4.81 9.73
N GLY A 120 8.94 -3.80 9.28
CA GLY A 120 8.37 -2.89 8.32
C GLY A 120 7.90 -1.60 8.96
N ASP A 121 7.76 -1.61 10.27
CA ASP A 121 7.33 -0.44 11.02
C ASP A 121 8.41 0.63 11.04
N LEU A 122 8.09 1.82 10.60
CA LEU A 122 9.07 2.88 10.55
C LEU A 122 9.17 3.58 11.89
N GLY A 123 8.05 3.70 12.57
CA GLY A 123 8.03 4.34 13.85
C GLY A 123 7.02 5.46 13.91
N ALA A 124 7.02 6.19 15.00
CA ALA A 124 6.08 7.28 15.18
C ALA A 124 6.80 8.61 15.09
N PHE A 125 6.55 9.35 14.02
CA PHE A 125 7.21 10.62 13.81
C PHE A 125 6.20 11.74 13.60
N SER A 126 6.63 12.95 13.88
CA SER A 126 5.78 14.12 13.74
C SER A 126 6.17 14.93 12.52
N ARG A 127 5.23 15.74 12.03
CA ARG A 127 5.48 16.56 10.84
C ARG A 127 6.62 17.55 11.08
N GLY A 128 7.26 17.95 9.99
CA GLY A 128 8.36 18.86 10.08
C GLY A 128 9.64 18.24 9.56
N GLN A 129 9.63 16.93 9.41
CA GLN A 129 10.81 16.20 8.95
C GLN A 129 10.55 15.43 7.65
N MET A 130 9.38 15.63 7.07
CA MET A 130 9.01 14.92 5.86
C MET A 130 9.25 15.78 4.63
N GLN A 131 9.31 15.16 3.45
CA GLN A 131 9.40 15.90 2.21
C GLN A 131 8.12 16.71 2.03
N LYS A 132 8.20 17.84 1.34
CA LYS A 132 7.05 18.77 1.20
C LYS A 132 5.71 18.06 0.86
N PRO A 133 5.63 17.28 -0.25
CA PRO A 133 4.38 16.61 -0.62
C PRO A 133 4.06 15.40 0.29
N PHE A 134 5.09 14.88 0.95
CA PHE A 134 4.95 13.71 1.80
C PHE A 134 4.59 14.07 3.24
N GLU A 135 4.84 15.31 3.62
CA GLU A 135 4.53 15.76 4.97
C GLU A 135 3.03 15.76 5.20
N ASP A 136 2.29 15.85 4.12
CA ASP A 136 0.83 15.79 4.17
C ASP A 136 0.37 14.34 4.01
N ALA A 137 1.24 13.55 3.42
CA ALA A 137 0.96 12.15 3.13
C ALA A 137 0.80 11.32 4.40
N SER A 138 1.74 11.47 5.33
CA SER A 138 1.72 10.72 6.60
C SER A 138 0.36 10.77 7.28
N PHE A 139 -0.26 11.93 7.22
CA PHE A 139 -1.55 12.13 7.88
C PHE A 139 -2.75 11.84 6.98
N ALA A 140 -2.50 11.41 5.75
CA ALA A 140 -3.58 11.14 4.80
C ALA A 140 -4.34 9.85 5.13
N LEU A 141 -3.60 8.82 5.53
CA LEU A 141 -4.24 7.56 5.89
C LEU A 141 -4.75 7.59 7.32
N ARG A 142 -5.95 7.09 7.51
CA ARG A 142 -6.57 7.05 8.81
C ARG A 142 -6.03 5.87 9.62
N THR A 143 -6.42 5.80 10.86
CA THR A 143 -5.96 4.77 11.76
C THR A 143 -6.47 3.39 11.31
N GLY A 144 -5.55 2.56 10.81
CA GLY A 144 -5.91 1.21 10.41
C GLY A 144 -6.22 1.08 8.92
N GLU A 145 -5.59 1.91 8.10
CA GLU A 145 -5.80 1.82 6.65
C GLU A 145 -4.58 1.28 5.94
N MET A 146 -4.81 0.57 4.86
CA MET A 146 -3.75 0.01 4.04
C MET A 146 -3.90 0.49 2.60
N SER A 147 -2.81 0.87 2.00
CA SER A 147 -2.81 1.29 0.61
C SER A 147 -2.10 0.27 -0.26
N GLY A 148 -2.28 0.37 -1.56
CA GLY A 148 -1.69 -0.58 -2.48
C GLY A 148 -0.27 -0.21 -2.90
N PRO A 149 0.15 -0.64 -4.10
CA PRO A 149 1.49 -0.35 -4.60
C PRO A 149 1.67 1.13 -4.94
N VAL A 150 2.53 1.79 -4.21
CA VAL A 150 2.80 3.20 -4.44
C VAL A 150 4.11 3.36 -5.21
N PHE A 151 4.08 4.14 -6.27
CA PHE A 151 5.26 4.37 -7.09
C PHE A 151 5.94 5.69 -6.74
N THR A 152 6.94 5.64 -5.90
CA THR A 152 7.70 6.83 -5.53
C THR A 152 9.11 6.74 -6.10
N ASP A 153 9.96 7.72 -5.79
CA ASP A 153 11.31 7.76 -6.32
C ASP A 153 12.15 6.58 -5.82
N SER A 154 12.00 6.26 -4.54
CA SER A 154 12.77 5.18 -3.92
C SER A 154 12.46 3.82 -4.54
N GLY A 155 11.21 3.61 -4.96
CA GLY A 155 10.85 2.35 -5.57
C GLY A 155 9.39 2.00 -5.38
N ILE A 156 9.07 0.73 -5.60
CA ILE A 156 7.71 0.23 -5.46
C ILE A 156 7.51 -0.29 -4.04
N HIS A 157 6.46 0.15 -3.38
CA HIS A 157 6.25 -0.22 -1.99
C HIS A 157 4.81 -0.03 -1.54
N ILE A 158 4.40 -0.85 -0.56
CA ILE A 158 3.05 -0.79 0.00
C ILE A 158 3.10 -0.26 1.44
N ILE A 159 1.94 0.09 2.00
CA ILE A 159 1.88 0.71 3.34
C ILE A 159 0.65 0.30 4.14
N LEU A 160 0.80 0.32 5.45
CA LEU A 160 -0.27 -0.02 6.39
C LEU A 160 -0.10 0.84 7.66
N ARG A 161 -1.07 1.67 7.97
CA ARG A 161 -0.99 2.48 9.18
C ARG A 161 -1.51 1.72 10.37
N THR A 162 -0.72 1.67 11.43
CA THR A 162 -1.13 1.00 12.64
C THR A 162 -1.80 2.00 13.59
N GLU A 163 -1.22 3.20 13.69
CA GLU A 163 -1.72 4.25 14.56
C GLU A 163 -0.77 5.44 14.52
C ACE B 1 -5.69 -3.99 -16.67
O ACE B 1 -6.09 -2.83 -16.60
CH3 ACE B 1 -6.30 -4.95 -17.68
H1 ACE B 1 -5.64 -5.81 -17.77
H2 ACE B 1 -6.38 -4.46 -18.63
H3 ACE B 1 -7.29 -5.23 -17.33
N VAL B 2 -4.74 -4.48 -15.87
CA VAL B 2 -5.05 -5.25 -14.67
C VAL B 2 -3.93 -5.11 -13.63
N LEU B 3 -4.29 -4.81 -12.40
CA LEU B 3 -3.31 -4.70 -11.33
C LEU B 3 -3.62 -5.71 -10.24
N TPO B 4 -4.94 -5.91 -10.02
CA TPO B 4 -5.52 -6.83 -9.03
CB TPO B 4 -4.78 -8.17 -8.91
CG2 TPO B 4 -5.63 -9.25 -8.29
OG1 TPO B 4 -4.38 -8.64 -10.20
P TPO B 4 -3.44 -9.94 -10.31
O1P TPO B 4 -4.39 -10.96 -11.12
O2P TPO B 4 -2.85 -10.44 -9.06
O3P TPO B 4 -2.38 -9.50 -11.46
C TPO B 4 -5.84 -6.16 -7.64
O TPO B 4 -7.01 -5.92 -7.35
H TPO B 4 -5.57 -5.42 -10.57
HA TPO B 4 -6.51 -7.05 -9.44
HB TPO B 4 -3.90 -8.04 -8.30
HG21 TPO B 4 -5.84 -8.99 -7.26
HG22 TPO B 4 -5.12 -10.19 -8.34
HG23 TPO B 4 -6.57 -9.30 -8.83
N PRO B 5 -4.83 -5.84 -6.76
CA PRO B 5 -5.10 -5.20 -5.45
C PRO B 5 -5.73 -3.80 -5.58
N PRO B 6 -6.38 -3.32 -4.50
CA PRO B 6 -7.02 -2.00 -4.49
C PRO B 6 -6.01 -0.85 -4.54
N ASP B 7 -6.24 0.08 -5.44
CA ASP B 7 -5.37 1.23 -5.59
C ASP B 7 -6.20 2.50 -5.67
N GLN B 8 -6.11 3.31 -4.63
CA GLN B 8 -6.86 4.55 -4.54
C GLN B 8 -6.04 5.72 -5.10
N GLU B 9 -6.60 6.41 -6.08
CA GLU B 9 -5.93 7.54 -6.72
C GLU B 9 -5.77 8.73 -5.78
N VAL B 10 -6.70 8.90 -4.86
CA VAL B 10 -6.66 10.05 -3.96
C VAL B 10 -5.82 9.78 -2.74
N ILE B 11 -6.29 8.90 -1.88
CA ILE B 11 -5.57 8.61 -0.66
C ILE B 11 -4.79 7.31 -0.78
N ARG B 12 -3.50 7.44 -1.04
CA ARG B 12 -2.62 6.29 -1.18
C ARG B 12 -1.27 6.61 -0.55
N ASN B 13 -1.20 7.71 0.17
CA ASN B 13 0.08 8.19 0.68
C ASN B 13 0.13 8.18 2.20
N ILE B 14 1.36 8.13 2.73
CA ILE B 14 1.63 8.14 4.17
C ILE B 14 3.17 8.17 4.36
N ASP B 15 3.68 7.70 5.52
CA ASP B 15 5.13 7.64 5.78
C ASP B 15 5.78 6.55 4.92
N GLN B 16 5.64 6.69 3.63
CA GLN B 16 6.16 5.72 2.71
C GLN B 16 7.56 6.08 2.22
N SER B 17 8.56 5.81 3.07
CA SER B 17 9.98 6.05 2.77
C SER B 17 10.31 7.55 2.62
N GLU B 18 9.78 8.19 1.59
CA GLU B 18 10.04 9.60 1.31
C GLU B 18 9.39 10.55 2.33
N PHE B 19 9.07 10.03 3.50
CA PHE B 19 8.59 10.85 4.58
C PHE B 19 9.80 11.32 5.40
N GLU B 20 10.97 10.83 5.00
CA GLU B 20 12.22 11.15 5.67
C GLU B 20 13.35 10.99 4.65
N GLY B 21 14.59 11.06 5.10
CA GLY B 21 15.72 10.88 4.20
C GLY B 21 16.08 9.42 4.00
N PHE B 22 15.28 8.56 4.62
CA PHE B 22 15.47 7.12 4.53
C PHE B 22 15.20 6.62 3.10
N SEP B 23 16.27 6.14 2.46
CA SEP B 23 16.23 5.63 1.08
CB SEP B 23 15.19 4.50 0.93
OG SEP B 23 15.55 3.35 1.70
C SEP B 23 15.99 6.74 0.05
O SEP B 23 15.77 6.47 -1.14
P SEP B 23 16.81 2.44 1.25
O1P SEP B 23 17.74 2.05 2.32
O2P SEP B 23 16.09 1.22 0.48
O3P SEP B 23 17.45 3.24 0.03
H SEP B 23 17.13 6.14 2.92
HA SEP B 23 17.21 5.22 0.88
HB2 SEP B 23 15.11 4.22 -0.11
HB3 SEP B 23 14.23 4.86 1.28
N PHE B 24 16.06 8.00 0.49
CA PHE B 24 15.89 9.15 -0.39
C PHE B 24 16.39 10.42 0.29
N NH2 B 25 17.63 10.77 0.03
HN1 NH2 B 25 18.15 10.22 -0.59
HN2 NH2 B 25 17.99 11.59 0.46
N MET A 1 -32.56 -11.16 -10.12
CA MET A 1 -32.49 -11.70 -8.74
C MET A 1 -32.48 -10.58 -7.72
N ALA A 2 -31.37 -9.87 -7.61
CA ALA A 2 -31.24 -8.80 -6.65
C ALA A 2 -30.26 -7.74 -7.15
N ASP A 3 -30.23 -6.61 -6.45
CA ASP A 3 -29.37 -5.48 -6.81
C ASP A 3 -27.91 -5.76 -6.43
N GLU A 4 -27.64 -6.98 -6.01
CA GLU A 4 -26.30 -7.40 -5.63
C GLU A 4 -25.28 -7.17 -6.75
N GLU A 5 -25.75 -7.30 -7.98
CA GLU A 5 -24.91 -7.14 -9.15
C GLU A 5 -24.83 -5.67 -9.57
N LYS A 6 -25.79 -4.88 -9.13
CA LYS A 6 -25.84 -3.49 -9.49
C LYS A 6 -24.88 -2.68 -8.66
N LEU A 7 -24.16 -1.83 -9.34
CA LEU A 7 -23.17 -0.98 -8.73
C LEU A 7 -23.47 0.47 -9.09
N PRO A 8 -23.08 1.42 -8.23
CA PRO A 8 -23.26 2.85 -8.51
C PRO A 8 -22.62 3.25 -9.85
N PRO A 9 -23.19 4.25 -10.54
CA PRO A 9 -22.69 4.72 -11.84
C PRO A 9 -21.19 5.00 -11.83
N GLY A 10 -20.47 4.29 -12.66
CA GLY A 10 -19.04 4.47 -12.74
C GLY A 10 -18.28 3.30 -12.20
N TRP A 11 -18.93 2.49 -11.39
CA TRP A 11 -18.31 1.31 -10.81
C TRP A 11 -18.70 0.06 -11.58
N GLU A 12 -17.70 -0.68 -12.02
CA GLU A 12 -17.92 -1.93 -12.74
C GLU A 12 -16.95 -2.96 -12.23
N LYS A 13 -17.36 -4.22 -12.25
CA LYS A 13 -16.48 -5.27 -11.81
C LYS A 13 -15.49 -5.63 -12.88
N ARG A 14 -14.33 -6.02 -12.45
CA ARG A 14 -13.24 -6.38 -13.34
C ARG A 14 -12.54 -7.62 -12.79
N MET A 15 -11.65 -8.21 -13.56
CA MET A 15 -11.00 -9.44 -13.17
C MET A 15 -9.50 -9.33 -13.35
N SER A 16 -8.77 -10.13 -12.61
CA SER A 16 -7.33 -10.18 -12.68
C SER A 16 -6.87 -10.93 -13.95
N ARG A 17 -5.61 -10.74 -14.33
CA ARG A 17 -5.05 -11.37 -15.52
C ARG A 17 -4.77 -12.85 -15.29
N SER A 18 -5.50 -13.71 -16.00
CA SER A 18 -5.36 -15.17 -15.91
C SER A 18 -5.33 -15.66 -14.46
N SER A 19 -6.28 -15.18 -13.67
CA SER A 19 -6.36 -15.54 -12.27
C SER A 19 -7.80 -15.85 -11.88
N GLY A 20 -8.72 -15.00 -12.29
CA GLY A 20 -10.12 -15.24 -11.99
C GLY A 20 -10.61 -14.50 -10.76
N ARG A 21 -9.85 -13.50 -10.33
CA ARG A 21 -10.24 -12.71 -9.18
C ARG A 21 -11.04 -11.51 -9.63
N VAL A 22 -12.22 -11.35 -9.08
CA VAL A 22 -13.09 -10.26 -9.46
C VAL A 22 -13.05 -9.14 -8.42
N TYR A 23 -12.81 -7.92 -8.88
CA TYR A 23 -12.78 -6.76 -8.02
C TYR A 23 -13.61 -5.63 -8.62
N TYR A 24 -13.70 -4.51 -7.92
CA TYR A 24 -14.50 -3.39 -8.39
C TYR A 24 -13.62 -2.26 -8.89
N PHE A 25 -13.93 -1.75 -10.07
CA PHE A 25 -13.17 -0.68 -10.68
C PHE A 25 -14.06 0.52 -10.98
N ASN A 26 -13.54 1.70 -10.74
CA ASN A 26 -14.27 2.93 -11.00
C ASN A 26 -13.59 3.68 -12.13
N HIS A 27 -14.28 3.82 -13.25
CA HIS A 27 -13.71 4.50 -14.41
C HIS A 27 -14.02 5.99 -14.41
N ILE A 28 -14.59 6.49 -13.32
CA ILE A 28 -14.90 7.90 -13.21
C ILE A 28 -13.67 8.66 -12.75
N THR A 29 -13.11 8.23 -11.65
CA THR A 29 -11.91 8.84 -11.11
C THR A 29 -10.74 7.86 -11.19
N ASN A 30 -10.99 6.71 -11.82
CA ASN A 30 -10.00 5.67 -11.98
C ASN A 30 -9.58 5.11 -10.61
N ALA A 31 -10.53 4.52 -9.90
CA ALA A 31 -10.29 3.95 -8.59
C ALA A 31 -10.57 2.45 -8.62
N SER A 32 -10.29 1.75 -7.54
CA SER A 32 -10.49 0.31 -7.49
C SER A 32 -10.57 -0.16 -6.05
N GLN A 33 -11.28 -1.25 -5.81
CA GLN A 33 -11.39 -1.82 -4.47
C GLN A 33 -12.05 -3.20 -4.53
N TRP A 34 -11.95 -3.94 -3.44
CA TRP A 34 -12.50 -5.29 -3.38
C TRP A 34 -13.78 -5.33 -2.55
N GLU A 35 -14.10 -4.20 -1.95
CA GLU A 35 -15.28 -4.12 -1.13
C GLU A 35 -16.37 -3.31 -1.85
N ARG A 36 -17.60 -3.46 -1.41
CA ARG A 36 -18.72 -2.75 -2.01
C ARG A 36 -18.58 -1.26 -1.78
N PRO A 37 -18.66 -0.46 -2.87
CA PRO A 37 -18.54 1.00 -2.79
C PRO A 37 -19.53 1.60 -1.80
N SER A 38 -19.01 2.04 -0.67
CA SER A 38 -19.82 2.63 0.38
C SER A 38 -19.00 3.65 1.17
N GLY A 39 -19.64 4.34 2.10
CA GLY A 39 -18.95 5.33 2.88
C GLY A 39 -18.72 4.88 4.31
N ASN A 40 -19.11 5.72 5.25
CA ASN A 40 -18.91 5.44 6.66
C ASN A 40 -20.21 5.11 7.37
N SER A 41 -21.14 4.50 6.65
CA SER A 41 -22.39 4.09 7.26
C SER A 41 -22.11 2.97 8.27
N SER A 42 -21.20 2.08 7.91
CA SER A 42 -20.78 1.01 8.80
C SER A 42 -19.74 1.53 9.81
N SER A 43 -19.70 0.93 10.98
CA SER A 43 -18.78 1.35 12.02
C SER A 43 -17.38 0.79 11.77
N GLY A 44 -16.45 1.68 11.43
CA GLY A 44 -15.09 1.25 11.15
C GLY A 44 -14.16 1.51 12.31
N GLY A 45 -14.28 2.67 12.92
CA GLY A 45 -13.43 3.04 14.03
C GLY A 45 -13.76 4.41 14.57
N LYS A 46 -12.91 4.93 15.43
CA LYS A 46 -13.13 6.25 16.00
C LYS A 46 -11.89 7.12 15.88
N ASN A 47 -11.96 8.10 15.01
CA ASN A 47 -10.86 9.03 14.79
C ASN A 47 -11.40 10.38 14.33
N GLY A 48 -11.34 11.37 15.21
CA GLY A 48 -11.86 12.68 14.89
C GLY A 48 -11.26 13.77 15.77
N GLN A 49 -11.87 13.98 16.93
CA GLN A 49 -11.38 14.96 17.88
C GLN A 49 -10.16 14.43 18.58
N GLY A 50 -9.03 15.04 18.30
CA GLY A 50 -7.79 14.58 18.84
C GLY A 50 -6.95 13.99 17.73
N GLU A 51 -6.72 14.79 16.71
CA GLU A 51 -5.95 14.38 15.54
C GLU A 51 -4.51 14.07 15.92
N PRO A 52 -4.01 12.90 15.53
CA PRO A 52 -2.63 12.53 15.78
C PRO A 52 -1.66 13.36 14.95
N ALA A 53 -0.84 14.17 15.63
CA ALA A 53 0.15 14.99 14.97
C ALA A 53 1.27 14.13 14.40
N ARG A 54 1.28 12.89 14.82
CA ARG A 54 2.25 11.91 14.37
C ARG A 54 1.56 10.57 14.21
N VAL A 55 1.74 9.93 13.07
CA VAL A 55 1.09 8.67 12.77
C VAL A 55 2.10 7.53 12.70
N ARG A 56 1.61 6.30 12.80
CA ARG A 56 2.46 5.13 12.77
C ARG A 56 1.90 4.09 11.82
N CYS A 57 2.77 3.49 11.03
CA CYS A 57 2.35 2.51 10.04
C CYS A 57 3.38 1.39 9.89
N SER A 58 3.05 0.44 9.04
CA SER A 58 3.92 -0.65 8.71
C SER A 58 4.08 -0.70 7.20
N HIS A 59 5.25 -1.08 6.70
CA HIS A 59 5.47 -1.09 5.27
C HIS A 59 6.41 -2.19 4.82
N LEU A 60 6.41 -2.43 3.53
CA LEU A 60 7.30 -3.38 2.92
C LEU A 60 8.07 -2.63 1.83
N LEU A 61 9.38 -2.83 1.78
CA LEU A 61 10.20 -2.14 0.80
C LEU A 61 10.87 -3.17 -0.11
N VAL A 62 10.62 -3.04 -1.40
CA VAL A 62 11.21 -3.92 -2.39
C VAL A 62 12.24 -3.17 -3.23
N LYS A 63 13.46 -3.66 -3.22
CA LYS A 63 14.52 -3.08 -4.01
C LYS A 63 14.66 -3.86 -5.29
N HIS A 64 14.91 -3.19 -6.39
CA HIS A 64 15.08 -3.88 -7.64
C HIS A 64 16.22 -3.29 -8.45
N SER A 65 16.60 -3.99 -9.52
CA SER A 65 17.77 -3.65 -10.32
C SER A 65 17.80 -2.18 -10.80
N GLN A 66 16.72 -1.72 -11.42
CA GLN A 66 16.67 -0.35 -11.96
C GLN A 66 16.31 0.69 -10.90
N SER A 67 16.48 0.35 -9.63
CA SER A 67 16.19 1.28 -8.56
C SER A 67 17.43 2.09 -8.19
N ARG A 68 17.25 2.99 -7.24
CA ARG A 68 18.33 3.82 -6.74
C ARG A 68 19.43 2.96 -6.12
N ARG A 69 19.00 1.90 -5.44
CA ARG A 69 19.93 1.00 -4.80
C ARG A 69 19.64 -0.43 -5.23
N PRO A 70 20.55 -1.05 -5.99
CA PRO A 70 20.42 -2.43 -6.41
C PRO A 70 21.05 -3.37 -5.39
N SER A 71 21.20 -2.88 -4.17
CA SER A 71 21.79 -3.65 -3.11
C SER A 71 21.13 -3.34 -1.76
N SER A 72 21.11 -4.30 -0.89
CA SER A 72 20.54 -4.17 0.44
C SER A 72 21.30 -5.05 1.40
N TRP A 73 20.85 -5.12 2.65
CA TRP A 73 21.50 -5.95 3.64
C TRP A 73 21.35 -7.43 3.29
N ARG A 74 20.47 -7.73 2.34
CA ARG A 74 20.23 -9.09 1.91
C ARG A 74 21.11 -9.46 0.70
N GLN A 75 21.00 -8.69 -0.37
CA GLN A 75 21.76 -8.99 -1.60
C GLN A 75 22.48 -7.75 -2.12
N GLU A 76 23.55 -7.96 -2.85
CA GLU A 76 24.32 -6.86 -3.44
C GLU A 76 24.15 -6.83 -4.95
N LYS A 77 23.52 -7.85 -5.48
CA LYS A 77 23.33 -8.02 -6.91
C LYS A 77 21.84 -8.23 -7.20
N ILE A 78 21.00 -7.56 -6.40
CA ILE A 78 19.54 -7.71 -6.48
C ILE A 78 19.04 -7.64 -7.92
N THR A 79 18.68 -8.78 -8.46
CA THR A 79 18.16 -8.85 -9.79
C THR A 79 16.66 -9.08 -9.76
N ARG A 80 15.93 -8.02 -9.50
CA ARG A 80 14.49 -8.07 -9.49
C ARG A 80 13.98 -7.14 -10.57
N THR A 81 13.17 -7.64 -11.46
CA THR A 81 12.64 -6.81 -12.52
C THR A 81 11.43 -6.01 -12.01
N LYS A 82 11.06 -4.96 -12.73
CA LYS A 82 9.95 -4.10 -12.31
C LYS A 82 8.63 -4.86 -12.28
N GLU A 83 8.42 -5.73 -13.26
CA GLU A 83 7.20 -6.51 -13.32
C GLU A 83 7.19 -7.61 -12.26
N GLU A 84 8.36 -8.18 -11.99
CA GLU A 84 8.51 -9.20 -10.96
C GLU A 84 8.25 -8.60 -9.58
N ALA A 85 8.82 -7.42 -9.36
CA ALA A 85 8.65 -6.71 -8.10
C ALA A 85 7.18 -6.43 -7.84
N LEU A 86 6.47 -6.03 -8.87
CA LEU A 86 5.04 -5.77 -8.76
C LEU A 86 4.28 -7.07 -8.55
N GLU A 87 4.73 -8.11 -9.23
CA GLU A 87 4.07 -9.41 -9.14
C GLU A 87 4.07 -9.92 -7.71
N LEU A 88 5.23 -9.83 -7.06
CA LEU A 88 5.37 -10.30 -5.70
C LEU A 88 4.68 -9.34 -4.70
N ILE A 89 4.77 -8.04 -4.94
CA ILE A 89 4.21 -7.06 -4.03
C ILE A 89 2.69 -7.05 -4.09
N ASN A 90 2.13 -7.24 -5.30
CA ASN A 90 0.67 -7.31 -5.46
C ASN A 90 0.14 -8.53 -4.75
N GLY A 91 0.95 -9.59 -4.75
CA GLY A 91 0.58 -10.80 -4.06
C GLY A 91 0.51 -10.58 -2.56
N TYR A 92 1.48 -9.84 -2.04
CA TYR A 92 1.51 -9.51 -0.61
C TYR A 92 0.25 -8.76 -0.22
N ILE A 93 -0.13 -7.79 -1.05
CA ILE A 93 -1.33 -6.99 -0.82
C ILE A 93 -2.55 -7.88 -0.64
N GLN A 94 -2.67 -8.88 -1.49
CA GLN A 94 -3.83 -9.77 -1.45
C GLN A 94 -3.76 -10.73 -0.27
N LYS A 95 -2.56 -11.14 0.10
CA LYS A 95 -2.37 -12.01 1.26
C LYS A 95 -2.86 -11.33 2.53
N ILE A 96 -2.31 -10.15 2.77
CA ILE A 96 -2.61 -9.37 3.96
C ILE A 96 -4.07 -8.89 3.97
N LYS A 97 -4.54 -8.41 2.81
CA LYS A 97 -5.91 -7.91 2.72
C LYS A 97 -6.93 -9.02 2.91
N SER A 98 -6.58 -10.22 2.49
CA SER A 98 -7.44 -11.37 2.69
C SER A 98 -7.44 -11.78 4.17
N GLY A 99 -6.26 -11.67 4.80
CA GLY A 99 -6.16 -11.97 6.21
C GLY A 99 -5.29 -13.18 6.50
N GLU A 100 -4.94 -13.93 5.46
CA GLU A 100 -4.13 -15.14 5.63
C GLU A 100 -2.77 -14.83 6.24
N GLU A 101 -2.16 -13.75 5.80
CA GLU A 101 -0.86 -13.36 6.31
C GLU A 101 -0.91 -11.96 6.86
N ASP A 102 -0.31 -11.77 8.02
CA ASP A 102 -0.31 -10.48 8.68
C ASP A 102 0.78 -9.61 8.13
N PHE A 103 0.50 -8.31 8.04
CA PHE A 103 1.43 -7.36 7.46
C PHE A 103 2.77 -7.39 8.20
N GLU A 104 2.71 -7.36 9.53
CA GLU A 104 3.93 -7.37 10.34
C GLU A 104 4.82 -8.58 10.01
N SER A 105 4.24 -9.78 10.13
CA SER A 105 4.97 -11.01 9.88
C SER A 105 5.47 -11.07 8.44
N LEU A 106 4.61 -10.74 7.50
CA LEU A 106 4.95 -10.80 6.11
C LEU A 106 6.04 -9.78 5.76
N ALA A 107 5.91 -8.56 6.28
CA ALA A 107 6.89 -7.51 6.03
C ALA A 107 8.25 -7.87 6.61
N SER A 108 8.25 -8.31 7.86
CA SER A 108 9.49 -8.71 8.54
C SER A 108 10.30 -9.73 7.71
N GLN A 109 9.59 -10.62 7.02
CA GLN A 109 10.24 -11.66 6.25
C GLN A 109 10.53 -11.23 4.80
N PHE A 110 9.53 -10.68 4.14
CA PHE A 110 9.62 -10.38 2.70
C PHE A 110 10.24 -9.01 2.39
N SER A 111 10.46 -8.17 3.39
CA SER A 111 11.08 -6.87 3.13
C SER A 111 12.55 -7.05 2.79
N ASP A 112 12.94 -6.46 1.68
CA ASP A 112 14.32 -6.55 1.22
C ASP A 112 15.16 -5.46 1.86
N CYS A 113 14.52 -4.34 2.18
CA CYS A 113 15.20 -3.21 2.78
C CYS A 113 15.33 -3.40 4.30
N SER A 114 15.83 -2.38 4.98
CA SER A 114 16.03 -2.42 6.42
C SER A 114 14.71 -2.54 7.18
N SER A 115 13.59 -2.23 6.51
CA SER A 115 12.26 -2.32 7.13
C SER A 115 12.01 -3.70 7.75
N ALA A 116 12.67 -4.71 7.21
CA ALA A 116 12.52 -6.09 7.68
C ALA A 116 12.95 -6.22 9.14
N LYS A 117 13.93 -5.42 9.54
CA LYS A 117 14.47 -5.48 10.90
C LYS A 117 13.51 -4.86 11.91
N ALA A 118 12.50 -4.17 11.42
CA ALA A 118 11.51 -3.55 12.29
C ALA A 118 10.14 -4.09 11.99
N ARG A 119 10.10 -5.21 11.26
CA ARG A 119 8.85 -5.87 10.85
C ARG A 119 7.97 -4.94 10.01
N GLY A 120 8.58 -3.94 9.40
CA GLY A 120 7.86 -3.01 8.58
C GLY A 120 7.44 -1.77 9.32
N ASP A 121 7.48 -1.81 10.64
CA ASP A 121 7.08 -0.67 11.47
C ASP A 121 8.05 0.49 11.32
N LEU A 122 7.52 1.64 10.94
CA LEU A 122 8.32 2.84 10.75
C LEU A 122 8.38 3.65 12.02
N GLY A 123 7.50 3.31 12.94
CA GLY A 123 7.38 4.10 14.13
C GLY A 123 6.42 5.22 13.91
N ALA A 124 6.45 6.21 14.75
CA ALA A 124 5.55 7.33 14.63
C ALA A 124 6.28 8.58 14.21
N PHE A 125 5.91 9.12 13.06
CA PHE A 125 6.55 10.33 12.54
C PHE A 125 5.53 11.44 12.35
N SER A 126 5.99 12.68 12.50
CA SER A 126 5.15 13.84 12.34
C SER A 126 5.41 14.50 10.98
N ARG A 127 4.57 15.46 10.60
CA ARG A 127 4.71 16.16 9.33
C ARG A 127 5.67 17.34 9.46
N GLY A 128 6.26 17.74 8.35
CA GLY A 128 7.20 18.85 8.37
C GLY A 128 8.64 18.40 8.26
N GLN A 129 8.86 17.10 8.26
CA GLN A 129 10.21 16.53 8.19
C GLN A 129 10.42 15.78 6.87
N MET A 130 9.53 15.98 5.93
CA MET A 130 9.58 15.25 4.68
C MET A 130 9.20 16.16 3.53
N GLN A 131 9.17 15.61 2.30
CA GLN A 131 8.77 16.39 1.15
C GLN A 131 7.36 16.93 1.37
N LYS A 132 7.13 18.18 1.01
CA LYS A 132 5.84 18.83 1.21
C LYS A 132 4.65 18.01 0.63
N PRO A 133 4.76 17.49 -0.63
CA PRO A 133 3.69 16.67 -1.21
C PRO A 133 3.48 15.35 -0.44
N PHE A 134 4.53 14.88 0.23
CA PHE A 134 4.46 13.60 0.94
C PHE A 134 3.88 13.74 2.34
N GLU A 135 4.14 14.85 3.02
CA GLU A 135 3.57 15.06 4.35
C GLU A 135 2.07 15.30 4.26
N ASP A 136 1.65 15.71 3.09
CA ASP A 136 0.24 15.92 2.81
C ASP A 136 -0.40 14.60 2.40
N ALA A 137 0.43 13.68 1.95
CA ALA A 137 -0.04 12.39 1.49
C ALA A 137 -0.08 11.39 2.64
N SER A 138 0.97 11.41 3.44
CA SER A 138 1.12 10.51 4.57
C SER A 138 -0.09 10.57 5.50
N PHE A 139 -0.44 11.76 5.93
CA PHE A 139 -1.56 11.96 6.85
C PHE A 139 -2.92 11.73 6.19
N ALA A 140 -2.92 11.36 4.91
CA ALA A 140 -4.17 11.12 4.20
C ALA A 140 -4.58 9.66 4.32
N LEU A 141 -3.74 8.87 4.98
CA LEU A 141 -4.03 7.46 5.18
C LEU A 141 -4.80 7.27 6.47
N ARG A 142 -5.92 6.57 6.39
CA ARG A 142 -6.75 6.34 7.56
C ARG A 142 -6.32 5.04 8.25
N THR A 143 -6.88 4.80 9.41
CA THR A 143 -6.55 3.63 10.20
C THR A 143 -7.21 2.38 9.62
N GLY A 144 -6.40 1.33 9.43
CA GLY A 144 -6.93 0.07 8.93
C GLY A 144 -6.97 0.01 7.42
N GLU A 145 -6.31 0.95 6.76
CA GLU A 145 -6.29 0.97 5.31
C GLU A 145 -4.93 0.59 4.77
N MET A 146 -4.93 -0.28 3.79
CA MET A 146 -3.73 -0.72 3.15
C MET A 146 -3.60 -0.06 1.79
N SER A 147 -2.50 0.60 1.56
CA SER A 147 -2.27 1.27 0.30
C SER A 147 -1.61 0.30 -0.70
N GLY A 148 -1.26 0.79 -1.86
CA GLY A 148 -0.70 -0.07 -2.88
C GLY A 148 0.77 0.17 -3.11
N PRO A 149 1.32 -0.35 -4.22
CA PRO A 149 2.72 -0.22 -4.55
C PRO A 149 3.05 1.14 -5.17
N VAL A 150 3.66 1.99 -4.38
CA VAL A 150 4.02 3.32 -4.85
C VAL A 150 5.42 3.30 -5.47
N PHE A 151 5.52 3.80 -6.70
CA PHE A 151 6.78 3.83 -7.43
C PHE A 151 7.59 5.07 -7.06
N THR A 152 8.52 4.91 -6.15
CA THR A 152 9.37 6.01 -5.74
C THR A 152 10.81 5.77 -6.18
N ASP A 153 11.69 6.72 -5.86
CA ASP A 153 13.11 6.58 -6.19
C ASP A 153 13.74 5.57 -5.26
N SER A 154 13.22 5.52 -4.03
CA SER A 154 13.69 4.59 -3.02
C SER A 154 13.35 3.14 -3.38
N GLY A 155 12.40 2.97 -4.30
CA GLY A 155 11.98 1.65 -4.72
C GLY A 155 10.48 1.52 -4.73
N ILE A 156 10.00 0.28 -4.71
CA ILE A 156 8.57 0.03 -4.67
C ILE A 156 8.18 -0.34 -3.24
N HIS A 157 7.04 0.16 -2.78
CA HIS A 157 6.62 -0.10 -1.41
C HIS A 157 5.12 -0.02 -1.21
N ILE A 158 4.62 -0.87 -0.30
CA ILE A 158 3.21 -0.87 0.09
C ILE A 158 3.12 -0.47 1.56
N ILE A 159 1.96 0.06 1.98
CA ILE A 159 1.83 0.57 3.35
C ILE A 159 0.51 0.18 4.01
N LEU A 160 0.52 0.16 5.33
CA LEU A 160 -0.65 -0.12 6.15
C LEU A 160 -0.58 0.71 7.43
N ARG A 161 -1.57 1.57 7.65
CA ARG A 161 -1.59 2.38 8.85
C ARG A 161 -2.28 1.65 9.99
N THR A 162 -1.61 1.54 11.12
CA THR A 162 -2.14 0.86 12.27
C THR A 162 -2.70 1.85 13.30
N GLU A 163 -2.12 3.04 13.37
CA GLU A 163 -2.57 4.04 14.32
C GLU A 163 -2.25 5.45 13.80
C ACE B 1 -6.78 -3.22 -16.98
O ACE B 1 -7.31 -2.12 -16.83
CH3 ACE B 1 -7.33 -4.21 -17.98
H1 ACE B 1 -7.57 -3.68 -18.90
H2 ACE B 1 -8.23 -4.66 -17.60
H3 ACE B 1 -6.59 -4.98 -18.14
N VAL B 2 -5.72 -3.61 -16.27
CA VAL B 2 -5.82 -4.47 -15.11
C VAL B 2 -4.72 -4.13 -14.10
N LEU B 3 -5.05 -4.24 -12.83
CA LEU B 3 -4.07 -4.00 -11.78
C LEU B 3 -4.16 -5.08 -10.73
N TPO B 4 -5.40 -5.30 -10.24
CA TPO B 4 -5.77 -6.29 -9.20
CB TPO B 4 -4.93 -7.59 -9.26
CG2 TPO B 4 -5.53 -8.69 -8.42
OG1 TPO B 4 -4.87 -8.05 -10.60
P TPO B 4 -3.61 -8.90 -11.11
O1P TPO B 4 -3.90 -10.37 -10.55
O2P TPO B 4 -2.26 -8.34 -10.84
O3P TPO B 4 -3.97 -9.07 -12.67
C TPO B 4 -5.87 -5.68 -7.77
O TPO B 4 -6.95 -5.74 -7.18
H TPO B 4 -6.13 -4.75 -10.60
HA TPO B 4 -6.79 -6.55 -9.46
HB TPO B 4 -3.93 -7.38 -8.90
HG21 TPO B 4 -5.60 -8.39 -7.39
HG22 TPO B 4 -4.93 -9.58 -8.51
HG23 TPO B 4 -6.54 -8.89 -8.80
N PRO B 5 -4.79 -5.08 -7.17
CA PRO B 5 -4.89 -4.41 -5.86
C PRO B 5 -5.92 -3.26 -5.86
N PRO B 6 -6.33 -2.79 -4.67
CA PRO B 6 -7.33 -1.74 -4.54
C PRO B 6 -6.74 -0.32 -4.45
N ASP B 7 -5.63 -0.09 -5.13
CA ASP B 7 -5.00 1.21 -5.10
C ASP B 7 -5.01 1.87 -6.47
N GLN B 8 -5.73 2.97 -6.59
CA GLN B 8 -5.79 3.74 -7.83
C GLN B 8 -6.13 5.19 -7.52
N GLU B 9 -5.32 6.11 -8.05
CA GLU B 9 -5.52 7.57 -7.87
C GLU B 9 -5.22 8.03 -6.44
N VAL B 10 -5.86 7.41 -5.47
CA VAL B 10 -5.70 7.78 -4.06
C VAL B 10 -4.39 7.23 -3.46
N ILE B 11 -3.37 7.09 -4.31
CA ILE B 11 -2.08 6.57 -3.89
C ILE B 11 -1.29 7.55 -3.02
N ARG B 12 -1.85 8.73 -2.81
CA ARG B 12 -1.22 9.71 -1.95
C ARG B 12 -1.44 9.34 -0.48
N ASN B 13 -0.59 8.46 0.02
CA ASN B 13 -0.65 7.96 1.39
C ASN B 13 0.73 8.04 2.02
N ILE B 14 0.93 7.32 3.14
CA ILE B 14 2.22 7.25 3.82
C ILE B 14 3.32 6.84 2.84
N ASP B 15 4.13 7.79 2.41
CA ASP B 15 5.17 7.45 1.50
C ASP B 15 6.51 7.37 2.19
N GLN B 16 6.90 6.16 2.47
CA GLN B 16 8.16 5.85 3.12
C GLN B 16 9.36 6.13 2.22
N SER B 17 9.61 7.39 2.00
CA SER B 17 10.77 7.83 1.29
C SER B 17 11.38 8.94 2.13
N GLU B 18 10.67 10.04 2.23
CA GLU B 18 11.06 11.13 3.10
C GLU B 18 10.34 11.03 4.43
N PHE B 19 9.17 10.37 4.43
CA PHE B 19 8.43 10.14 5.66
C PHE B 19 9.28 9.34 6.65
N GLU B 20 9.95 8.28 6.15
CA GLU B 20 10.84 7.48 6.99
C GLU B 20 12.25 8.11 6.93
N GLY B 21 12.60 8.64 5.77
CA GLY B 21 13.88 9.30 5.61
C GLY B 21 14.99 8.36 5.19
N PHE B 22 14.97 7.91 3.94
CA PHE B 22 16.00 7.01 3.42
C PHE B 22 15.92 6.92 1.91
N SEP B 23 17.08 6.76 1.27
CA SEP B 23 17.19 6.65 -0.18
CB SEP B 23 16.37 5.47 -0.69
OG SEP B 23 17.04 4.24 -0.45
C SEP B 23 16.80 7.93 -0.90
O SEP B 23 16.21 7.89 -1.97
P SEP B 23 18.35 3.90 -1.30
O1P SEP B 23 19.40 4.94 -1.39
O2P SEP B 23 18.81 2.52 -0.66
O3P SEP B 23 17.71 3.40 -2.69
H SEP B 23 17.91 6.72 1.81
HA SEP B 23 18.23 6.46 -0.40
HB2 SEP B 23 16.21 5.57 -1.76
HB3 SEP B 23 15.42 5.45 -0.19
N PHE B 24 17.16 9.06 -0.30
CA PHE B 24 16.93 10.38 -0.89
C PHE B 24 17.46 11.46 0.03
N NH2 B 25 16.70 11.81 1.04
HN1 NH2 B 25 15.81 11.37 1.12
HN2 NH2 B 25 17.02 12.48 1.67
N MET A 1 -30.60 -7.45 -5.17
CA MET A 1 -31.32 -6.92 -6.33
C MET A 1 -31.54 -5.42 -6.15
N ALA A 2 -30.58 -4.65 -6.61
CA ALA A 2 -30.59 -3.20 -6.51
C ALA A 2 -29.33 -2.66 -7.15
N ASP A 3 -28.97 -1.42 -6.83
CA ASP A 3 -27.74 -0.83 -7.34
C ASP A 3 -26.62 -1.05 -6.36
N GLU A 4 -26.83 -2.05 -5.50
CA GLU A 4 -25.91 -2.40 -4.44
C GLU A 4 -24.54 -2.86 -4.99
N GLU A 5 -24.56 -3.78 -5.93
CA GLU A 5 -23.33 -4.29 -6.51
C GLU A 5 -22.93 -3.50 -7.75
N LYS A 6 -23.72 -2.50 -8.08
CA LYS A 6 -23.44 -1.64 -9.22
C LYS A 6 -22.50 -0.53 -8.83
N LEU A 7 -21.86 0.04 -9.82
CA LEU A 7 -20.84 1.03 -9.59
C LEU A 7 -21.11 2.32 -10.36
N PRO A 8 -20.48 3.44 -9.95
CA PRO A 8 -20.61 4.72 -10.64
C PRO A 8 -19.63 4.78 -11.84
N PRO A 9 -19.86 5.74 -12.77
CA PRO A 9 -18.99 5.91 -13.95
C PRO A 9 -17.51 6.00 -13.56
N GLY A 10 -16.68 5.26 -14.27
CA GLY A 10 -15.27 5.23 -13.99
C GLY A 10 -14.87 3.96 -13.27
N TRP A 11 -15.81 3.39 -12.53
CA TRP A 11 -15.61 2.17 -11.79
C TRP A 11 -16.21 0.99 -12.54
N GLU A 12 -15.52 -0.12 -12.52
CA GLU A 12 -15.98 -1.32 -13.15
C GLU A 12 -15.65 -2.51 -12.25
N LYS A 13 -16.50 -3.49 -12.26
CA LYS A 13 -16.35 -4.63 -11.40
C LYS A 13 -15.46 -5.69 -12.05
N ARG A 14 -14.33 -5.95 -11.42
CA ARG A 14 -13.35 -6.87 -11.97
C ARG A 14 -13.08 -8.01 -10.98
N MET A 15 -12.88 -9.21 -11.50
CA MET A 15 -12.60 -10.36 -10.67
C MET A 15 -11.16 -10.81 -10.85
N SER A 16 -10.53 -11.18 -9.75
CA SER A 16 -9.17 -11.66 -9.78
C SER A 16 -9.12 -13.03 -10.47
N ARG A 17 -8.12 -13.20 -11.31
CA ARG A 17 -7.97 -14.41 -12.11
C ARG A 17 -7.40 -15.53 -11.26
N SER A 18 -7.98 -16.72 -11.39
CA SER A 18 -7.55 -17.90 -10.64
C SER A 18 -7.67 -17.67 -9.14
N SER A 19 -8.57 -16.78 -8.75
CA SER A 19 -8.77 -16.46 -7.36
C SER A 19 -10.27 -16.31 -7.05
N GLY A 20 -11.00 -15.67 -7.96
CA GLY A 20 -12.43 -15.51 -7.77
C GLY A 20 -12.78 -14.30 -6.94
N ARG A 21 -11.76 -13.56 -6.53
CA ARG A 21 -11.96 -12.36 -5.74
C ARG A 21 -12.56 -11.25 -6.58
N VAL A 22 -13.77 -10.87 -6.28
CA VAL A 22 -14.44 -9.82 -7.00
C VAL A 22 -14.19 -8.47 -6.33
N TYR A 23 -13.59 -7.55 -7.07
CA TYR A 23 -13.29 -6.23 -6.53
C TYR A 23 -13.77 -5.13 -7.47
N TYR A 24 -13.64 -3.91 -7.02
CA TYR A 24 -14.06 -2.76 -7.81
C TYR A 24 -12.84 -2.03 -8.32
N PHE A 25 -12.79 -1.81 -9.63
CA PHE A 25 -11.66 -1.17 -10.26
C PHE A 25 -12.04 0.14 -10.92
N ASN A 26 -11.23 1.14 -10.69
CA ASN A 26 -11.42 2.45 -11.28
C ASN A 26 -10.36 2.65 -12.33
N HIS A 27 -10.76 2.75 -13.57
CA HIS A 27 -9.80 2.86 -14.66
C HIS A 27 -9.48 4.32 -14.96
N ILE A 28 -10.02 5.23 -14.17
CA ILE A 28 -9.79 6.65 -14.36
C ILE A 28 -8.42 7.03 -13.81
N THR A 29 -8.22 6.73 -12.54
CA THR A 29 -6.96 7.03 -11.88
C THR A 29 -6.21 5.73 -11.56
N ASN A 30 -6.78 4.62 -12.03
CA ASN A 30 -6.25 3.28 -11.78
C ASN A 30 -6.29 2.96 -10.29
N ALA A 31 -7.49 2.93 -9.76
CA ALA A 31 -7.68 2.64 -8.35
C ALA A 31 -8.51 1.38 -8.20
N SER A 32 -8.52 0.81 -7.00
CA SER A 32 -9.28 -0.39 -6.74
C SER A 32 -9.49 -0.58 -5.26
N GLN A 33 -10.56 -1.27 -4.89
CA GLN A 33 -10.85 -1.51 -3.49
C GLN A 33 -11.84 -2.66 -3.33
N TRP A 34 -11.99 -3.13 -2.10
CA TRP A 34 -12.88 -4.24 -1.82
C TRP A 34 -14.15 -3.77 -1.14
N GLU A 35 -14.14 -2.54 -0.69
CA GLU A 35 -15.32 -1.97 -0.06
C GLU A 35 -16.29 -1.49 -1.12
N ARG A 36 -17.57 -1.45 -0.76
CA ARG A 36 -18.62 -1.03 -1.67
C ARG A 36 -18.37 0.41 -2.14
N PRO A 37 -18.89 0.79 -3.33
CA PRO A 37 -18.73 2.15 -3.88
C PRO A 37 -19.20 3.19 -2.88
N SER A 38 -20.19 2.83 -2.11
CA SER A 38 -20.69 3.65 -1.04
C SER A 38 -20.77 2.81 0.22
N GLY A 39 -19.87 3.06 1.15
CA GLY A 39 -19.82 2.28 2.36
C GLY A 39 -20.84 2.71 3.38
N ASN A 40 -22.11 2.56 3.04
CA ASN A 40 -23.20 2.94 3.93
C ASN A 40 -23.45 1.82 4.93
N SER A 41 -23.28 0.59 4.49
CA SER A 41 -23.49 -0.56 5.35
C SER A 41 -22.22 -0.87 6.15
N SER A 42 -21.19 -0.09 5.92
CA SER A 42 -19.92 -0.26 6.60
C SER A 42 -19.92 0.52 7.91
N SER A 43 -19.91 -0.19 9.02
CA SER A 43 -19.92 0.43 10.31
C SER A 43 -18.52 0.89 10.69
N GLY A 44 -18.44 2.01 11.39
CA GLY A 44 -17.16 2.52 11.83
C GLY A 44 -16.72 1.84 13.12
N GLY A 45 -15.57 2.23 13.63
CA GLY A 45 -15.07 1.61 14.83
C GLY A 45 -14.91 2.58 15.96
N LYS A 46 -13.72 2.66 16.51
CA LYS A 46 -13.45 3.52 17.65
C LYS A 46 -12.67 4.76 17.22
N ASN A 47 -13.28 5.91 17.42
CA ASN A 47 -12.64 7.19 17.13
C ASN A 47 -12.57 8.01 18.40
N GLY A 48 -11.94 9.17 18.32
CA GLY A 48 -11.82 10.01 19.48
C GLY A 48 -11.69 11.47 19.13
N GLN A 49 -11.84 12.32 20.12
CA GLN A 49 -11.74 13.77 19.95
C GLN A 49 -10.31 14.17 19.61
N GLY A 50 -10.10 14.61 18.39
CA GLY A 50 -8.78 15.05 17.99
C GLY A 50 -7.83 13.91 17.72
N GLU A 51 -7.68 13.54 16.45
CA GLU A 51 -6.77 12.49 16.06
C GLU A 51 -5.33 12.90 16.37
N PRO A 52 -4.45 11.93 16.68
CA PRO A 52 -3.03 12.20 16.98
C PRO A 52 -2.33 12.96 15.87
N ALA A 53 -1.29 13.69 16.22
CA ALA A 53 -0.53 14.48 15.25
C ALA A 53 0.52 13.62 14.55
N ARG A 54 0.41 12.32 14.74
CA ARG A 54 1.34 11.37 14.15
C ARG A 54 0.63 10.08 13.79
N VAL A 55 1.15 9.40 12.79
CA VAL A 55 0.58 8.13 12.35
C VAL A 55 1.62 7.04 12.41
N ARG A 56 1.18 5.80 12.53
CA ARG A 56 2.07 4.67 12.56
C ARG A 56 1.72 3.71 11.46
N CYS A 57 2.64 3.48 10.57
CA CYS A 57 2.39 2.63 9.44
C CYS A 57 3.50 1.62 9.24
N SER A 58 3.24 0.66 8.39
CA SER A 58 4.20 -0.34 8.03
C SER A 58 4.47 -0.24 6.53
N HIS A 59 5.74 -0.25 6.15
CA HIS A 59 6.11 -0.10 4.76
C HIS A 59 6.91 -1.28 4.27
N LEU A 60 6.51 -1.83 3.14
CA LEU A 60 7.25 -2.90 2.51
C LEU A 60 7.93 -2.34 1.27
N LEU A 61 9.24 -2.27 1.30
CA LEU A 61 10.01 -1.71 0.20
C LEU A 61 10.70 -2.82 -0.57
N VAL A 62 10.44 -2.86 -1.87
CA VAL A 62 11.06 -3.82 -2.77
C VAL A 62 11.89 -3.06 -3.81
N LYS A 63 13.09 -3.53 -4.07
CA LYS A 63 13.95 -2.89 -5.03
C LYS A 63 13.89 -3.59 -6.38
N HIS A 64 14.58 -3.03 -7.34
CA HIS A 64 14.65 -3.59 -8.68
C HIS A 64 15.83 -2.97 -9.42
N SER A 65 16.20 -3.58 -10.53
CA SER A 65 17.36 -3.17 -11.31
C SER A 65 17.38 -1.65 -11.63
N GLN A 66 16.32 -1.14 -12.24
CA GLN A 66 16.29 0.27 -12.65
C GLN A 66 15.73 1.21 -11.57
N SER A 67 15.98 0.88 -10.30
CA SER A 67 15.56 1.76 -9.21
C SER A 67 16.69 2.74 -8.89
N ARG A 68 16.46 3.63 -7.92
CA ARG A 68 17.51 4.59 -7.53
C ARG A 68 18.77 3.85 -7.09
N ARG A 69 18.62 2.89 -6.20
CA ARG A 69 19.72 2.06 -5.77
C ARG A 69 19.32 0.59 -5.85
N PRO A 70 19.78 -0.12 -6.89
CA PRO A 70 19.45 -1.54 -7.13
C PRO A 70 20.18 -2.50 -6.17
N SER A 71 20.47 -2.01 -4.99
CA SER A 71 21.12 -2.82 -3.99
C SER A 71 20.63 -2.39 -2.61
N SER A 72 20.76 -3.27 -1.65
CA SER A 72 20.36 -2.98 -0.30
C SER A 72 21.18 -3.82 0.66
N TRP A 73 21.05 -3.51 1.94
CA TRP A 73 21.71 -4.26 3.00
C TRP A 73 21.09 -5.66 3.10
N ARG A 74 19.94 -5.81 2.48
CA ARG A 74 19.21 -7.05 2.45
C ARG A 74 19.64 -7.87 1.25
N GLN A 75 19.57 -7.26 0.09
CA GLN A 75 19.96 -7.91 -1.15
C GLN A 75 20.94 -7.02 -1.91
N GLU A 76 22.14 -7.52 -2.09
CA GLU A 76 23.22 -6.75 -2.73
C GLU A 76 23.35 -7.06 -4.22
N LYS A 77 22.40 -7.78 -4.76
CA LYS A 77 22.46 -8.19 -6.17
C LYS A 77 21.13 -8.01 -6.86
N ILE A 78 20.34 -7.06 -6.40
CA ILE A 78 19.01 -6.84 -6.91
C ILE A 78 19.01 -6.42 -8.38
N THR A 79 18.70 -7.36 -9.24
CA THR A 79 18.64 -7.11 -10.66
C THR A 79 17.25 -7.46 -11.19
N ARG A 80 16.31 -7.61 -10.25
CA ARG A 80 14.92 -7.93 -10.56
C ARG A 80 14.30 -6.88 -11.46
N THR A 81 13.49 -7.32 -12.39
CA THR A 81 12.81 -6.43 -13.29
C THR A 81 11.53 -5.90 -12.62
N LYS A 82 10.92 -4.88 -13.20
CA LYS A 82 9.73 -4.28 -12.64
C LYS A 82 8.57 -5.27 -12.54
N GLU A 83 8.49 -6.19 -13.51
CA GLU A 83 7.41 -7.17 -13.53
C GLU A 83 7.52 -8.16 -12.36
N GLU A 84 8.74 -8.61 -12.05
CA GLU A 84 8.93 -9.54 -10.92
C GLU A 84 8.51 -8.88 -9.63
N ALA A 85 8.99 -7.66 -9.42
CA ALA A 85 8.67 -6.90 -8.22
C ALA A 85 7.17 -6.70 -8.08
N LEU A 86 6.52 -6.38 -9.19
CA LEU A 86 5.08 -6.18 -9.18
C LEU A 86 4.34 -7.49 -8.94
N GLU A 87 4.84 -8.56 -9.53
CA GLU A 87 4.20 -9.85 -9.38
C GLU A 87 4.24 -10.30 -7.93
N LEU A 88 5.41 -10.21 -7.32
CA LEU A 88 5.58 -10.64 -5.95
C LEU A 88 4.80 -9.75 -5.00
N ILE A 89 4.84 -8.44 -5.22
CA ILE A 89 4.19 -7.49 -4.35
C ILE A 89 2.66 -7.61 -4.44
N ASN A 90 2.15 -7.81 -5.66
CA ASN A 90 0.72 -7.98 -5.87
C ASN A 90 0.27 -9.30 -5.27
N GLY A 91 1.13 -10.31 -5.36
CA GLY A 91 0.83 -11.60 -4.80
C GLY A 91 0.79 -11.55 -3.29
N TYR A 92 1.70 -10.78 -2.70
CA TYR A 92 1.75 -10.62 -1.26
C TYR A 92 0.48 -9.97 -0.75
N ILE A 93 0.04 -8.92 -1.43
CA ILE A 93 -1.18 -8.19 -1.05
C ILE A 93 -2.38 -9.15 -0.98
N GLN A 94 -2.45 -10.08 -1.92
CA GLN A 94 -3.57 -11.02 -1.97
C GLN A 94 -3.51 -12.04 -0.85
N LYS A 95 -2.29 -12.43 -0.46
CA LYS A 95 -2.11 -13.36 0.66
C LYS A 95 -2.60 -12.70 1.94
N ILE A 96 -2.15 -11.47 2.15
CA ILE A 96 -2.55 -10.68 3.30
C ILE A 96 -4.06 -10.43 3.26
N LYS A 97 -4.58 -10.22 2.05
CA LYS A 97 -6.00 -9.98 1.83
C LYS A 97 -6.84 -11.14 2.35
N SER A 98 -6.38 -12.34 2.11
CA SER A 98 -7.08 -13.53 2.55
C SER A 98 -6.76 -13.87 4.01
N GLY A 99 -5.95 -13.03 4.65
CA GLY A 99 -5.57 -13.25 6.04
C GLY A 99 -4.69 -14.48 6.20
N GLU A 100 -4.13 -14.92 5.09
CA GLU A 100 -3.30 -16.11 5.07
C GLU A 100 -1.89 -15.77 5.57
N GLU A 101 -1.34 -14.72 5.04
CA GLU A 101 -0.04 -14.26 5.45
C GLU A 101 -0.18 -12.85 6.00
N ASP A 102 0.65 -12.50 6.97
CA ASP A 102 0.54 -11.20 7.62
C ASP A 102 1.55 -10.23 7.07
N PHE A 103 1.12 -8.99 6.89
CA PHE A 103 1.97 -7.94 6.36
C PHE A 103 3.22 -7.80 7.22
N GLU A 104 3.03 -7.82 8.52
CA GLU A 104 4.12 -7.70 9.48
C GLU A 104 5.19 -8.78 9.25
N SER A 105 4.77 -10.03 9.29
CA SER A 105 5.68 -11.15 9.13
C SER A 105 6.28 -11.18 7.71
N LEU A 106 5.45 -10.84 6.73
CA LEU A 106 5.87 -10.85 5.35
C LEU A 106 6.90 -9.75 5.10
N ALA A 107 6.63 -8.56 5.61
CA ALA A 107 7.55 -7.42 5.45
C ALA A 107 8.91 -7.73 6.02
N SER A 108 8.94 -8.28 7.25
CA SER A 108 10.19 -8.66 7.92
C SER A 108 11.03 -9.60 7.04
N GLN A 109 10.38 -10.27 6.14
CA GLN A 109 11.03 -11.24 5.29
C GLN A 109 11.57 -10.64 4.00
N PHE A 110 10.72 -10.00 3.22
CA PHE A 110 11.12 -9.56 1.88
C PHE A 110 11.35 -8.04 1.77
N SER A 111 11.56 -7.35 2.87
CA SER A 111 11.82 -5.92 2.81
C SER A 111 13.27 -5.63 2.45
N ASP A 112 13.48 -4.72 1.51
CA ASP A 112 14.83 -4.27 1.13
C ASP A 112 15.22 -3.06 1.97
N CYS A 113 14.29 -2.63 2.81
CA CYS A 113 14.49 -1.46 3.64
C CYS A 113 14.95 -1.84 5.05
N SER A 114 15.25 -0.82 5.86
CA SER A 114 15.71 -1.03 7.23
C SER A 114 14.53 -1.40 8.12
N SER A 115 13.33 -1.27 7.58
CA SER A 115 12.10 -1.55 8.30
C SER A 115 12.03 -3.02 8.75
N ALA A 116 12.90 -3.86 8.19
CA ALA A 116 12.95 -5.29 8.53
C ALA A 116 13.19 -5.49 10.02
N LYS A 117 13.88 -4.54 10.64
CA LYS A 117 14.19 -4.61 12.08
C LYS A 117 12.96 -4.33 12.93
N ALA A 118 11.92 -3.82 12.31
CA ALA A 118 10.69 -3.51 13.01
C ALA A 118 9.49 -4.10 12.28
N ARG A 119 9.78 -5.12 11.45
CA ARG A 119 8.75 -5.87 10.72
C ARG A 119 7.98 -5.00 9.72
N GLY A 120 8.61 -3.95 9.26
CA GLY A 120 7.97 -3.06 8.30
C GLY A 120 7.44 -1.81 8.95
N ASP A 121 7.13 -1.90 10.23
CA ASP A 121 6.61 -0.77 10.99
C ASP A 121 7.67 0.30 11.17
N LEU A 122 7.36 1.51 10.75
CA LEU A 122 8.31 2.62 10.85
C LEU A 122 8.21 3.26 12.23
N GLY A 123 7.06 3.12 12.84
CA GLY A 123 6.84 3.75 14.11
C GLY A 123 5.89 4.91 13.96
N ALA A 124 5.90 5.81 14.91
CA ALA A 124 5.01 6.95 14.88
C ALA A 124 5.76 8.22 14.53
N PHE A 125 5.49 8.76 13.35
CA PHE A 125 6.14 9.99 12.90
C PHE A 125 5.09 11.07 12.67
N SER A 126 5.47 12.31 12.93
CA SER A 126 4.56 13.43 12.77
C SER A 126 4.77 14.12 11.43
N ARG A 127 3.76 14.84 10.98
CA ARG A 127 3.82 15.53 9.71
C ARG A 127 4.79 16.72 9.79
N GLY A 128 5.32 17.12 8.65
CA GLY A 128 6.26 18.23 8.60
C GLY A 128 7.62 17.81 8.09
N GLN A 129 8.08 16.65 8.56
CA GLN A 129 9.37 16.11 8.11
C GLN A 129 9.22 15.41 6.77
N MET A 130 7.98 15.27 6.36
CA MET A 130 7.64 14.56 5.13
C MET A 130 7.61 15.54 3.97
N GLN A 131 7.57 15.02 2.74
CA GLN A 131 7.44 15.85 1.56
C GLN A 131 6.12 16.61 1.64
N LYS A 132 6.06 17.78 1.03
CA LYS A 132 4.87 18.63 1.11
C LYS A 132 3.55 17.91 0.72
N PRO A 133 3.48 17.21 -0.44
CA PRO A 133 2.27 16.50 -0.84
C PRO A 133 1.99 15.29 0.04
N PHE A 134 3.04 14.76 0.64
CA PHE A 134 2.94 13.56 1.46
C PHE A 134 2.67 13.89 2.92
N GLU A 135 2.92 15.14 3.30
CA GLU A 135 2.68 15.63 4.65
C GLU A 135 1.23 15.32 5.08
N ASP A 136 0.31 15.53 4.15
CA ASP A 136 -1.11 15.26 4.40
C ASP A 136 -1.46 13.83 4.02
N ALA A 137 -0.61 13.22 3.19
CA ALA A 137 -0.87 11.88 2.67
C ALA A 137 -0.68 10.80 3.72
N SER A 138 0.15 11.08 4.72
CA SER A 138 0.40 10.14 5.79
C SER A 138 -0.89 9.86 6.58
N PHE A 139 -1.70 10.88 6.68
CA PHE A 139 -2.99 10.80 7.39
C PHE A 139 -4.14 10.40 6.45
N ALA A 140 -3.82 10.18 5.18
CA ALA A 140 -4.84 9.86 4.17
C ALA A 140 -5.52 8.52 4.40
N LEU A 141 -4.80 7.55 4.96
CA LEU A 141 -5.37 6.23 5.19
C LEU A 141 -5.70 6.02 6.64
N ARG A 142 -6.75 5.27 6.90
CA ARG A 142 -7.18 4.96 8.24
C ARG A 142 -6.62 3.61 8.69
N THR A 143 -6.94 3.22 9.90
CA THR A 143 -6.47 1.96 10.45
C THR A 143 -7.07 0.77 9.72
N GLY A 144 -6.23 0.01 9.05
CA GLY A 144 -6.70 -1.17 8.34
C GLY A 144 -6.81 -0.95 6.84
N GLU A 145 -6.21 0.11 6.34
CA GLU A 145 -6.24 0.38 4.92
C GLU A 145 -4.90 0.13 4.29
N MET A 146 -4.90 -0.69 3.27
CA MET A 146 -3.69 -1.05 2.58
C MET A 146 -3.75 -0.56 1.14
N SER A 147 -2.72 0.14 0.72
CA SER A 147 -2.63 0.67 -0.62
C SER A 147 -1.93 -0.35 -1.53
N GLY A 148 -1.75 0.03 -2.78
CA GLY A 148 -1.14 -0.87 -3.73
C GLY A 148 0.30 -0.52 -4.03
N PRO A 149 0.88 -1.10 -5.08
CA PRO A 149 2.25 -0.85 -5.46
C PRO A 149 2.41 0.47 -6.22
N VAL A 150 2.85 1.48 -5.53
CA VAL A 150 3.05 2.79 -6.14
C VAL A 150 4.53 2.96 -6.53
N PHE A 151 4.77 3.62 -7.66
CA PHE A 151 6.11 3.78 -8.18
C PHE A 151 6.68 5.16 -7.88
N THR A 152 7.41 5.29 -6.80
CA THR A 152 8.08 6.53 -6.50
C THR A 152 9.59 6.33 -6.63
N ASP A 153 10.40 7.36 -6.37
CA ASP A 153 11.85 7.24 -6.57
C ASP A 153 12.46 6.12 -5.73
N SER A 154 11.91 5.90 -4.55
CA SER A 154 12.40 4.88 -3.63
C SER A 154 12.27 3.46 -4.24
N GLY A 155 11.33 3.28 -5.14
CA GLY A 155 11.14 1.98 -5.76
C GLY A 155 9.71 1.50 -5.68
N ILE A 156 9.52 0.21 -5.90
CA ILE A 156 8.19 -0.38 -5.85
C ILE A 156 7.89 -0.80 -4.42
N HIS A 157 6.78 -0.33 -3.89
CA HIS A 157 6.45 -0.57 -2.50
C HIS A 157 4.96 -0.50 -2.24
N ILE A 158 4.55 -0.88 -1.03
CA ILE A 158 3.13 -0.88 -0.67
C ILE A 158 2.92 -0.21 0.69
N ILE A 159 1.75 0.38 0.87
CA ILE A 159 1.47 1.13 2.08
C ILE A 159 0.39 0.46 2.92
N LEU A 160 0.63 0.38 4.23
CA LEU A 160 -0.32 -0.20 5.16
C LEU A 160 -0.22 0.55 6.50
N ARG A 161 -1.34 1.08 6.98
CA ARG A 161 -1.35 1.80 8.25
C ARG A 161 -1.91 0.91 9.37
N THR A 162 -1.24 0.92 10.51
CA THR A 162 -1.66 0.11 11.63
C THR A 162 -2.34 0.96 12.72
N GLU A 163 -1.86 2.19 12.93
CA GLU A 163 -2.43 3.07 13.95
C GLU A 163 -1.95 4.51 13.76
C ACE B 1 -5.31 -2.13 -16.27
O ACE B 1 -6.37 -2.25 -16.88
CH3 ACE B 1 -4.64 -0.79 -16.13
H1 ACE B 1 -5.13 -0.09 -16.79
H2 ACE B 1 -3.61 -0.87 -16.39
H3 ACE B 1 -4.72 -0.47 -15.09
N VAL B 2 -4.71 -3.17 -15.68
CA VAL B 2 -5.17 -3.71 -14.41
C VAL B 2 -3.98 -4.22 -13.60
N LEU B 3 -4.19 -4.46 -12.31
CA LEU B 3 -3.12 -4.93 -11.44
C LEU B 3 -3.59 -6.07 -10.54
N TPO B 4 -4.91 -6.05 -10.19
CA TPO B 4 -5.59 -7.03 -9.30
CB TPO B 4 -4.95 -8.44 -9.32
CG2 TPO B 4 -5.66 -9.44 -8.42
OG1 TPO B 4 -4.88 -8.96 -10.67
P TPO B 4 -6.10 -9.81 -11.33
O1P TPO B 4 -7.34 -8.80 -11.29
O2P TPO B 4 -6.34 -11.18 -10.78
O3P TPO B 4 -5.71 -9.78 -12.89
C TPO B 4 -5.82 -6.50 -7.83
O TPO B 4 -6.95 -6.40 -7.39
H TPO B 4 -5.47 -5.33 -10.55
HA TPO B 4 -6.59 -7.11 -9.71
HB TPO B 4 -3.94 -8.36 -8.99
HG21 TPO B 4 -5.67 -9.07 -7.41
HG22 TPO B 4 -5.13 -10.39 -8.46
HG23 TPO B 4 -6.67 -9.59 -8.77
N PRO B 5 -4.74 -6.15 -7.04
CA PRO B 5 -4.90 -5.62 -5.67
C PRO B 5 -5.43 -4.17 -5.65
N PRO B 6 -5.70 -3.61 -4.45
CA PRO B 6 -6.22 -2.24 -4.30
C PRO B 6 -5.17 -1.18 -4.46
N ASP B 7 -5.22 -0.49 -5.57
CA ASP B 7 -4.34 0.62 -5.83
C ASP B 7 -5.08 1.90 -5.56
N GLN B 8 -4.46 2.80 -4.87
CA GLN B 8 -5.10 4.06 -4.55
C GLN B 8 -4.08 5.20 -4.39
N GLU B 9 -3.35 5.49 -5.47
CA GLU B 9 -2.37 6.58 -5.44
C GLU B 9 -3.07 7.95 -5.44
N VAL B 10 -4.40 7.90 -5.42
CA VAL B 10 -5.26 9.08 -5.44
C VAL B 10 -4.79 10.14 -4.45
N ILE B 11 -4.57 9.75 -3.21
CA ILE B 11 -4.14 10.68 -2.18
C ILE B 11 -2.67 10.46 -1.82
N ARG B 12 -1.98 9.69 -2.67
CA ARG B 12 -0.54 9.36 -2.48
C ARG B 12 -0.33 8.38 -1.32
N ASN B 13 -1.03 8.63 -0.21
CA ASN B 13 -0.98 7.77 0.97
C ASN B 13 0.37 7.88 1.68
N ILE B 14 0.60 7.01 2.65
CA ILE B 14 1.84 7.02 3.41
C ILE B 14 2.95 6.35 2.62
N ASP B 15 3.41 7.02 1.58
CA ASP B 15 4.43 6.47 0.69
C ASP B 15 5.80 6.35 1.37
N GLN B 16 6.68 5.58 0.75
CA GLN B 16 8.00 5.29 1.28
C GLN B 16 9.05 6.26 0.74
N SER B 17 8.63 7.28 0.03
CA SER B 17 9.57 8.27 -0.48
C SER B 17 10.08 9.14 0.66
N GLU B 18 9.16 9.65 1.48
CA GLU B 18 9.55 10.45 2.61
C GLU B 18 8.37 10.74 3.55
N PHE B 19 8.08 9.80 4.41
CA PHE B 19 7.16 10.01 5.51
C PHE B 19 7.96 9.85 6.79
N GLU B 20 8.89 8.91 6.71
CA GLU B 20 9.85 8.64 7.75
C GLU B 20 11.21 9.18 7.33
N GLY B 21 11.48 9.08 6.02
CA GLY B 21 12.70 9.63 5.46
C GLY B 21 13.83 8.62 5.32
N PHE B 22 13.87 7.92 4.18
CA PHE B 22 14.94 6.98 3.89
C PHE B 22 15.08 6.79 2.39
N SEP B 23 16.30 6.49 1.94
CA SEP B 23 16.63 6.35 0.52
CB SEP B 23 15.78 5.25 -0.16
OG SEP B 23 16.38 3.97 0.02
C SEP B 23 16.49 7.68 -0.24
O SEP B 23 17.48 8.39 -0.42
P SEP B 23 17.66 3.57 -0.86
O1P SEP B 23 18.81 4.49 -0.80
O2P SEP B 23 17.95 2.05 -0.40
O3P SEP B 23 17.03 3.36 -2.31
H SEP B 23 17.02 6.35 2.60
HA SEP B 23 17.67 6.06 0.47
HB2 SEP B 23 15.70 5.45 -1.22
HB3 SEP B 23 14.80 5.23 0.29
N PHE B 24 15.28 8.03 -0.63
CA PHE B 24 15.04 9.23 -1.39
C PHE B 24 15.04 10.47 -0.50
N NH2 B 25 16.14 11.18 -0.46
HN1 NH2 B 25 16.90 10.89 -1.03
HN2 NH2 B 25 16.18 11.97 0.12
N MET A 1 -34.23 -10.22 -7.09
CA MET A 1 -32.84 -10.53 -6.71
C MET A 1 -32.25 -9.36 -5.92
N ALA A 2 -31.33 -9.65 -5.01
CA ALA A 2 -30.68 -8.65 -4.17
C ALA A 2 -30.13 -7.49 -5.00
N ASP A 3 -30.51 -6.27 -4.62
CA ASP A 3 -30.12 -5.06 -5.35
C ASP A 3 -28.66 -4.67 -5.08
N GLU A 4 -27.97 -5.50 -4.31
CA GLU A 4 -26.57 -5.24 -3.98
C GLU A 4 -25.67 -5.81 -5.07
N GLU A 5 -26.29 -6.45 -6.06
CA GLU A 5 -25.56 -7.01 -7.17
C GLU A 5 -25.07 -5.92 -8.11
N LYS A 6 -25.81 -4.83 -8.14
CA LYS A 6 -25.51 -3.74 -9.05
C LYS A 6 -24.56 -2.74 -8.45
N LEU A 7 -23.90 -2.03 -9.33
CA LEU A 7 -22.94 -1.01 -8.94
C LEU A 7 -23.38 0.32 -9.53
N PRO A 8 -23.00 1.44 -8.90
CA PRO A 8 -23.31 2.77 -9.41
C PRO A 8 -22.69 2.99 -10.78
N PRO A 9 -23.38 3.74 -11.67
CA PRO A 9 -22.89 4.03 -13.01
C PRO A 9 -21.46 4.57 -12.99
N GLY A 10 -20.57 3.92 -13.73
CA GLY A 10 -19.19 4.33 -13.74
C GLY A 10 -18.31 3.31 -13.07
N TRP A 11 -18.93 2.40 -12.33
CA TRP A 11 -18.22 1.34 -11.65
C TRP A 11 -18.41 0.02 -12.36
N GLU A 12 -17.32 -0.69 -12.56
CA GLU A 12 -17.35 -1.96 -13.24
C GLU A 12 -16.78 -3.06 -12.37
N LYS A 13 -17.50 -4.15 -12.28
CA LYS A 13 -17.08 -5.31 -11.52
C LYS A 13 -16.22 -6.19 -12.40
N ARG A 14 -14.93 -6.24 -12.11
CA ARG A 14 -14.00 -6.99 -12.95
C ARG A 14 -13.19 -7.97 -12.11
N MET A 15 -12.62 -8.98 -12.76
CA MET A 15 -11.89 -10.02 -12.06
C MET A 15 -10.40 -9.99 -12.39
N SER A 16 -9.60 -10.29 -11.39
CA SER A 16 -8.16 -10.35 -11.51
C SER A 16 -7.73 -11.41 -12.52
N ARG A 17 -6.60 -11.13 -13.19
CA ARG A 17 -6.01 -12.00 -14.20
C ARG A 17 -5.88 -13.46 -13.74
N SER A 18 -6.86 -14.28 -14.13
CA SER A 18 -6.92 -15.73 -13.82
C SER A 18 -6.73 -16.03 -12.32
N SER A 19 -6.97 -15.05 -11.48
CA SER A 19 -6.79 -15.22 -10.04
C SER A 19 -8.12 -15.56 -9.37
N GLY A 20 -9.22 -15.19 -10.03
CA GLY A 20 -10.54 -15.48 -9.50
C GLY A 20 -10.98 -14.49 -8.47
N ARG A 21 -10.23 -13.41 -8.35
CA ARG A 21 -10.51 -12.38 -7.38
C ARG A 21 -11.21 -11.22 -8.06
N VAL A 22 -12.44 -10.95 -7.68
CA VAL A 22 -13.22 -9.89 -8.30
C VAL A 22 -13.14 -8.59 -7.50
N TYR A 23 -12.97 -7.47 -8.19
CA TYR A 23 -12.86 -6.17 -7.54
C TYR A 23 -13.74 -5.15 -8.27
N TYR A 24 -13.74 -3.92 -7.77
CA TYR A 24 -14.56 -2.86 -8.35
C TYR A 24 -13.67 -1.78 -8.94
N PHE A 25 -13.87 -1.49 -10.22
CA PHE A 25 -13.08 -0.49 -10.93
C PHE A 25 -13.93 0.72 -11.33
N ASN A 26 -13.42 1.90 -11.10
CA ASN A 26 -14.11 3.13 -11.48
C ASN A 26 -13.36 3.81 -12.60
N HIS A 27 -13.97 3.87 -13.77
CA HIS A 27 -13.32 4.46 -14.94
C HIS A 27 -13.60 5.95 -15.05
N ILE A 28 -14.21 6.51 -14.04
CA ILE A 28 -14.51 7.93 -14.03
C ILE A 28 -13.30 8.72 -13.53
N THR A 29 -12.82 8.35 -12.35
CA THR A 29 -11.64 8.98 -11.79
C THR A 29 -10.45 8.03 -11.92
N ASN A 30 -10.70 6.87 -12.53
CA ASN A 30 -9.71 5.83 -12.72
C ASN A 30 -9.20 5.32 -11.37
N ALA A 31 -10.13 4.81 -10.58
CA ALA A 31 -9.81 4.27 -9.26
C ALA A 31 -10.21 2.81 -9.19
N SER A 32 -9.88 2.16 -8.09
CA SER A 32 -10.18 0.76 -7.90
C SER A 32 -10.15 0.42 -6.43
N GLN A 33 -10.98 -0.50 -6.02
CA GLN A 33 -11.00 -0.91 -4.64
C GLN A 33 -11.56 -2.31 -4.51
N TRP A 34 -11.26 -2.95 -3.40
CA TRP A 34 -11.71 -4.30 -3.15
C TRP A 34 -12.82 -4.33 -2.14
N GLU A 35 -13.17 -3.17 -1.64
CA GLU A 35 -14.25 -3.06 -0.68
C GLU A 35 -15.46 -2.47 -1.39
N ARG A 36 -16.63 -2.76 -0.88
CA ARG A 36 -17.85 -2.28 -1.49
C ARG A 36 -18.07 -0.81 -1.16
N PRO A 37 -18.34 0.03 -2.19
CA PRO A 37 -18.59 1.47 -2.00
C PRO A 37 -19.75 1.73 -1.04
N SER A 38 -20.67 0.77 -0.96
CA SER A 38 -21.82 0.88 -0.09
C SER A 38 -21.53 0.24 1.28
N GLY A 39 -20.25 0.15 1.63
CA GLY A 39 -19.85 -0.43 2.89
C GLY A 39 -20.29 0.44 4.06
N ASN A 40 -21.35 0.01 4.73
CA ASN A 40 -21.91 0.77 5.85
C ASN A 40 -21.15 0.49 7.14
N SER A 41 -20.08 -0.28 7.04
CA SER A 41 -19.27 -0.64 8.20
C SER A 41 -18.71 0.59 8.90
N SER A 42 -18.39 1.63 8.10
CA SER A 42 -17.84 2.88 8.64
C SER A 42 -16.44 2.65 9.23
N SER A 43 -15.84 3.70 9.76
CA SER A 43 -14.53 3.58 10.38
C SER A 43 -14.63 2.78 11.68
N GLY A 44 -13.76 1.80 11.84
CA GLY A 44 -13.80 0.97 13.02
C GLY A 44 -12.49 1.00 13.79
N GLY A 45 -12.19 2.12 14.41
CA GLY A 45 -10.98 2.24 15.18
C GLY A 45 -11.23 2.88 16.53
N LYS A 46 -10.32 2.68 17.45
CA LYS A 46 -10.44 3.24 18.79
C LYS A 46 -10.14 4.74 18.78
N ASN A 47 -11.08 5.52 19.24
CA ASN A 47 -10.93 6.96 19.29
C ASN A 47 -10.28 7.38 20.59
N GLY A 48 -9.30 8.24 20.52
CA GLY A 48 -8.59 8.66 21.71
C GLY A 48 -8.03 10.06 21.57
N GLN A 49 -7.30 10.50 22.57
CA GLN A 49 -6.72 11.83 22.59
C GLN A 49 -5.58 11.94 21.58
N GLY A 50 -5.39 13.13 21.04
CA GLY A 50 -4.32 13.34 20.09
C GLY A 50 -4.85 13.59 18.69
N GLU A 51 -4.12 14.43 17.96
CA GLU A 51 -4.51 14.80 16.61
C GLU A 51 -3.86 13.85 15.59
N PRO A 52 -4.47 13.70 14.40
CA PRO A 52 -3.92 12.86 13.32
C PRO A 52 -2.70 13.49 12.65
N ALA A 53 -1.91 14.21 13.43
CA ALA A 53 -0.70 14.84 12.93
C ALA A 53 0.47 13.88 13.05
N ARG A 54 0.17 12.70 13.57
CA ARG A 54 1.14 11.64 13.72
C ARG A 54 0.49 10.30 13.40
N VAL A 55 1.18 9.48 12.64
CA VAL A 55 0.64 8.18 12.26
C VAL A 55 1.69 7.10 12.40
N ARG A 56 1.23 5.87 12.52
CA ARG A 56 2.10 4.73 12.59
C ARG A 56 1.71 3.74 11.53
N CYS A 57 2.66 3.37 10.71
CA CYS A 57 2.37 2.49 9.61
C CYS A 57 3.48 1.48 9.40
N SER A 58 3.17 0.46 8.63
CA SER A 58 4.12 -0.55 8.27
C SER A 58 4.26 -0.56 6.76
N HIS A 59 5.47 -0.63 6.26
CA HIS A 59 5.69 -0.59 4.82
C HIS A 59 6.62 -1.71 4.37
N LEU A 60 6.31 -2.29 3.24
CA LEU A 60 7.15 -3.31 2.66
C LEU A 60 7.87 -2.69 1.46
N LEU A 61 9.19 -2.58 1.57
CA LEU A 61 9.99 -1.96 0.52
C LEU A 61 10.63 -3.03 -0.37
N VAL A 62 10.33 -2.96 -1.65
CA VAL A 62 10.85 -3.89 -2.62
C VAL A 62 11.83 -3.19 -3.56
N LYS A 63 13.05 -3.70 -3.61
CA LYS A 63 14.07 -3.13 -4.47
C LYS A 63 14.16 -3.93 -5.76
N HIS A 64 14.89 -3.39 -6.71
CA HIS A 64 15.04 -4.03 -8.01
C HIS A 64 16.26 -3.47 -8.75
N SER A 65 16.61 -4.09 -9.86
CA SER A 65 17.80 -3.72 -10.64
C SER A 65 17.86 -2.20 -10.92
N GLN A 66 16.73 -1.61 -11.30
CA GLN A 66 16.68 -0.18 -11.60
C GLN A 66 16.13 0.66 -10.44
N SER A 67 16.32 0.21 -9.21
CA SER A 67 15.92 1.01 -8.04
C SER A 67 17.09 1.90 -7.63
N ARG A 68 17.04 2.48 -6.44
CA ARG A 68 18.13 3.32 -5.99
C ARG A 68 19.38 2.46 -5.75
N ARG A 69 19.22 1.43 -4.94
CA ARG A 69 20.33 0.53 -4.63
C ARG A 69 19.88 -0.91 -4.82
N PRO A 70 20.37 -1.58 -5.89
CA PRO A 70 20.01 -2.98 -6.17
C PRO A 70 20.80 -3.98 -5.31
N SER A 71 21.34 -3.49 -4.20
CA SER A 71 22.11 -4.32 -3.31
C SER A 71 22.16 -3.70 -1.91
N SER A 72 21.84 -4.49 -0.90
CA SER A 72 21.90 -4.02 0.48
C SER A 72 22.19 -5.16 1.47
N TRP A 73 22.12 -4.84 2.76
CA TRP A 73 22.46 -5.74 3.88
C TRP A 73 21.84 -7.15 3.79
N ARG A 74 20.69 -7.29 3.16
CA ARG A 74 20.10 -8.61 3.03
C ARG A 74 20.44 -9.21 1.69
N GLN A 75 20.03 -8.56 0.63
CA GLN A 75 20.29 -9.08 -0.70
C GLN A 75 21.10 -8.09 -1.52
N GLU A 76 22.16 -8.59 -2.10
CA GLU A 76 23.01 -7.79 -2.96
C GLU A 76 22.83 -8.22 -4.40
N LYS A 77 22.11 -9.31 -4.58
CA LYS A 77 21.88 -9.88 -5.89
C LYS A 77 20.48 -9.50 -6.40
N ILE A 78 19.97 -8.36 -5.94
CA ILE A 78 18.66 -7.89 -6.37
C ILE A 78 18.73 -7.44 -7.83
N THR A 79 18.49 -8.37 -8.74
CA THR A 79 18.61 -8.07 -10.16
C THR A 79 17.25 -8.13 -10.86
N ARG A 80 16.21 -8.41 -10.11
CA ARG A 80 14.87 -8.47 -10.67
C ARG A 80 14.43 -7.10 -11.15
N THR A 81 13.57 -7.07 -12.13
CA THR A 81 13.12 -5.83 -12.71
C THR A 81 11.92 -5.25 -11.93
N LYS A 82 11.29 -4.21 -12.47
CA LYS A 82 10.21 -3.52 -11.77
C LYS A 82 8.86 -4.22 -11.97
N GLU A 83 8.72 -4.91 -13.09
CA GLU A 83 7.51 -5.65 -13.36
C GLU A 83 7.40 -6.88 -12.48
N GLU A 84 8.52 -7.60 -12.28
CA GLU A 84 8.53 -8.73 -11.37
C GLU A 84 8.25 -8.26 -9.96
N ALA A 85 8.78 -7.07 -9.64
CA ALA A 85 8.60 -6.47 -8.34
C ALA A 85 7.13 -6.27 -8.03
N LEU A 86 6.38 -5.78 -9.03
CA LEU A 86 4.94 -5.59 -8.87
C LEU A 86 4.27 -6.92 -8.63
N GLU A 87 4.56 -7.86 -9.48
CA GLU A 87 3.91 -9.16 -9.44
C GLU A 87 4.12 -9.89 -8.10
N LEU A 88 5.18 -9.54 -7.39
CA LEU A 88 5.42 -10.15 -6.08
C LEU A 88 4.79 -9.33 -4.96
N ILE A 89 4.92 -7.99 -5.03
CA ILE A 89 4.39 -7.12 -3.99
C ILE A 89 2.85 -7.06 -4.05
N ASN A 90 2.34 -7.11 -5.27
CA ASN A 90 0.90 -7.13 -5.51
C ASN A 90 0.34 -8.43 -5.01
N GLY A 91 1.10 -9.49 -5.23
CA GLY A 91 0.69 -10.80 -4.78
C GLY A 91 0.56 -10.84 -3.28
N TYR A 92 1.43 -10.10 -2.60
CA TYR A 92 1.40 -10.04 -1.15
C TYR A 92 0.09 -9.43 -0.66
N ILE A 93 -0.24 -8.25 -1.20
CA ILE A 93 -1.46 -7.53 -0.78
C ILE A 93 -2.72 -8.41 -0.89
N GLN A 94 -2.91 -9.01 -2.04
CA GLN A 94 -4.08 -9.85 -2.29
C GLN A 94 -4.14 -11.02 -1.30
N LYS A 95 -3.00 -11.59 -0.98
CA LYS A 95 -2.92 -12.67 0.02
C LYS A 95 -3.32 -12.15 1.38
N ILE A 96 -2.61 -11.13 1.82
CA ILE A 96 -2.79 -10.52 3.13
C ILE A 96 -4.25 -10.10 3.38
N LYS A 97 -4.84 -9.38 2.44
CA LYS A 97 -6.20 -8.88 2.61
C LYS A 97 -7.23 -10.02 2.65
N SER A 98 -6.89 -11.16 2.05
CA SER A 98 -7.80 -12.30 2.02
C SER A 98 -7.61 -13.17 3.26
N GLY A 99 -6.68 -12.77 4.11
CA GLY A 99 -6.40 -13.52 5.31
C GLY A 99 -5.60 -14.76 5.04
N GLU A 100 -4.82 -14.73 3.98
CA GLU A 100 -3.99 -15.87 3.62
C GLU A 100 -2.66 -15.80 4.36
N GLU A 101 -2.03 -14.64 4.28
CA GLU A 101 -0.76 -14.41 4.96
C GLU A 101 -0.80 -13.09 5.71
N ASP A 102 0.02 -12.97 6.73
CA ASP A 102 0.05 -11.77 7.56
C ASP A 102 1.03 -10.76 7.01
N PHE A 103 0.64 -9.49 7.04
CA PHE A 103 1.47 -8.41 6.54
C PHE A 103 2.76 -8.33 7.31
N GLU A 104 2.64 -8.28 8.62
CA GLU A 104 3.81 -8.16 9.51
C GLU A 104 4.82 -9.29 9.27
N SER A 105 4.33 -10.52 9.34
CA SER A 105 5.17 -11.69 9.19
C SER A 105 5.83 -11.73 7.80
N LEU A 106 5.06 -11.37 6.79
CA LEU A 106 5.53 -11.39 5.43
C LEU A 106 6.49 -10.22 5.14
N ALA A 107 6.15 -9.05 5.66
CA ALA A 107 6.96 -7.85 5.46
C ALA A 107 8.35 -8.03 6.01
N SER A 108 8.44 -8.40 7.29
CA SER A 108 9.73 -8.60 7.95
C SER A 108 10.61 -9.60 7.17
N GLN A 109 9.99 -10.51 6.46
CA GLN A 109 10.68 -11.53 5.72
C GLN A 109 11.27 -10.99 4.41
N PHE A 110 10.48 -10.24 3.67
CA PHE A 110 10.91 -9.76 2.34
C PHE A 110 11.41 -8.31 2.33
N SER A 111 11.52 -7.69 3.49
CA SER A 111 11.98 -6.31 3.55
C SER A 111 13.50 -6.23 3.57
N ASP A 112 14.06 -5.63 2.52
CA ASP A 112 15.50 -5.44 2.42
C ASP A 112 15.87 -4.03 2.88
N CYS A 113 14.88 -3.31 3.40
CA CYS A 113 15.06 -1.96 3.86
C CYS A 113 15.41 -1.95 5.36
N SER A 114 15.70 -0.76 5.90
CA SER A 114 16.08 -0.61 7.30
C SER A 114 14.97 -1.05 8.25
N SER A 115 13.72 -0.87 7.83
CA SER A 115 12.56 -1.19 8.64
C SER A 115 12.34 -2.71 8.79
N ALA A 116 13.20 -3.50 8.16
CA ALA A 116 13.10 -4.96 8.25
C ALA A 116 13.24 -5.43 9.69
N LYS A 117 13.97 -4.64 10.46
CA LYS A 117 14.22 -4.94 11.86
C LYS A 117 12.97 -4.72 12.69
N ALA A 118 12.05 -3.93 12.15
CA ALA A 118 10.82 -3.60 12.84
C ALA A 118 9.61 -4.17 12.11
N ARG A 119 9.84 -5.21 11.29
CA ARG A 119 8.78 -5.89 10.54
C ARG A 119 8.09 -4.96 9.54
N GLY A 120 8.73 -3.85 9.21
CA GLY A 120 8.15 -2.92 8.28
C GLY A 120 7.60 -1.70 8.97
N ASP A 121 7.40 -1.80 10.28
CA ASP A 121 6.86 -0.69 11.08
C ASP A 121 7.89 0.43 11.19
N LEU A 122 7.47 1.62 10.81
CA LEU A 122 8.35 2.77 10.90
C LEU A 122 8.26 3.37 12.29
N GLY A 123 7.07 3.37 12.83
CA GLY A 123 6.83 3.97 14.10
C GLY A 123 5.78 5.04 14.01
N ALA A 124 5.63 5.81 15.05
CA ALA A 124 4.64 6.88 15.09
C ALA A 124 5.33 8.22 15.03
N PHE A 125 5.33 8.83 13.86
CA PHE A 125 6.00 10.10 13.67
C PHE A 125 5.01 11.18 13.31
N SER A 126 5.33 12.41 13.67
CA SER A 126 4.49 13.53 13.39
C SER A 126 4.91 14.21 12.09
N ARG A 127 4.07 15.08 11.59
CA ARG A 127 4.34 15.79 10.35
C ARG A 127 5.44 16.85 10.56
N GLY A 128 6.10 17.23 9.47
CA GLY A 128 7.17 18.19 9.54
C GLY A 128 8.54 17.55 9.42
N GLN A 129 8.57 16.24 9.17
CA GLN A 129 9.83 15.51 9.06
C GLN A 129 9.94 14.84 7.69
N MET A 130 9.12 15.28 6.76
CA MET A 130 9.07 14.63 5.46
C MET A 130 9.03 15.63 4.31
N GLN A 131 9.03 15.09 3.07
CA GLN A 131 8.96 15.92 1.85
C GLN A 131 7.72 16.80 1.89
N LYS A 132 7.81 17.96 1.26
CA LYS A 132 6.70 18.91 1.22
C LYS A 132 5.41 18.26 0.67
N PRO A 133 5.44 17.62 -0.53
CA PRO A 133 4.25 16.95 -1.10
C PRO A 133 3.77 15.75 -0.27
N PHE A 134 4.72 14.98 0.26
CA PHE A 134 4.37 13.78 1.03
C PHE A 134 3.86 14.13 2.42
N GLU A 135 4.18 15.35 2.87
CA GLU A 135 3.67 15.89 4.12
C GLU A 135 2.15 15.79 4.12
N ASP A 136 1.57 16.00 2.95
CA ASP A 136 0.14 15.95 2.76
C ASP A 136 -0.34 14.54 2.37
N ALA A 137 0.57 13.72 1.87
CA ALA A 137 0.20 12.41 1.33
C ALA A 137 0.17 11.34 2.40
N SER A 138 1.20 11.31 3.20
CA SER A 138 1.36 10.30 4.23
C SER A 138 0.17 10.27 5.20
N PHE A 139 -0.17 11.42 5.72
CA PHE A 139 -1.23 11.54 6.73
C PHE A 139 -2.65 11.48 6.12
N ALA A 140 -2.72 11.31 4.81
CA ALA A 140 -4.00 11.28 4.11
C ALA A 140 -4.73 9.94 4.29
N LEU A 141 -3.99 8.87 4.56
CA LEU A 141 -4.60 7.54 4.74
C LEU A 141 -5.36 7.45 6.06
N ARG A 142 -6.52 6.83 6.03
CA ARG A 142 -7.35 6.67 7.22
C ARG A 142 -6.84 5.51 8.07
N THR A 143 -7.36 5.42 9.27
CA THR A 143 -6.96 4.38 10.20
C THR A 143 -7.48 3.01 9.73
N GLY A 144 -6.56 2.15 9.31
CA GLY A 144 -6.94 0.82 8.89
C GLY A 144 -6.99 0.69 7.38
N GLU A 145 -6.29 1.56 6.68
CA GLU A 145 -6.25 1.50 5.22
C GLU A 145 -4.90 1.07 4.71
N MET A 146 -4.91 0.26 3.67
CA MET A 146 -3.70 -0.21 3.03
C MET A 146 -3.81 0.04 1.53
N SER A 147 -2.81 0.68 0.98
CA SER A 147 -2.82 1.02 -0.42
C SER A 147 -2.03 0.00 -1.23
N GLY A 148 -1.80 0.32 -2.50
CA GLY A 148 -1.10 -0.58 -3.38
C GLY A 148 0.37 -0.24 -3.48
N PRO A 149 1.03 -0.67 -4.57
CA PRO A 149 2.44 -0.43 -4.78
C PRO A 149 2.72 0.95 -5.38
N VAL A 150 3.14 1.88 -4.54
CA VAL A 150 3.45 3.22 -4.99
C VAL A 150 4.93 3.32 -5.41
N PHE A 151 5.19 4.02 -6.50
CA PHE A 151 6.53 4.12 -7.07
C PHE A 151 7.20 5.44 -6.72
N THR A 152 8.24 5.38 -5.90
CA THR A 152 9.05 6.56 -5.64
C THR A 152 10.42 6.38 -6.26
N ASP A 153 11.30 7.35 -6.08
CA ASP A 153 12.64 7.26 -6.67
C ASP A 153 13.44 6.11 -6.07
N SER A 154 13.22 5.83 -4.79
CA SER A 154 13.96 4.78 -4.11
C SER A 154 13.52 3.38 -4.56
N GLY A 155 12.21 3.16 -4.71
CA GLY A 155 11.74 1.85 -5.12
C GLY A 155 10.24 1.68 -4.94
N ILE A 156 9.77 0.45 -5.10
CA ILE A 156 8.34 0.15 -4.97
C ILE A 156 8.05 -0.31 -3.55
N HIS A 157 6.89 0.07 -3.03
CA HIS A 157 6.55 -0.27 -1.65
C HIS A 157 5.05 -0.17 -1.40
N ILE A 158 4.58 -0.94 -0.44
CA ILE A 158 3.19 -0.92 -0.02
C ILE A 158 3.10 -0.47 1.43
N ILE A 159 2.04 0.24 1.77
CA ILE A 159 1.91 0.81 3.11
C ILE A 159 0.57 0.44 3.77
N LEU A 160 0.65 0.01 5.03
CA LEU A 160 -0.51 -0.29 5.83
C LEU A 160 -0.58 0.71 6.99
N ARG A 161 -1.55 1.61 6.95
CA ARG A 161 -1.71 2.60 8.00
C ARG A 161 -2.56 2.01 9.13
N THR A 162 -1.91 1.62 10.22
CA THR A 162 -2.60 0.95 11.30
C THR A 162 -3.14 1.93 12.37
N GLU A 163 -2.42 3.01 12.63
CA GLU A 163 -2.84 3.98 13.63
C GLU A 163 -2.20 5.33 13.36
C ACE B 1 -3.63 -6.68 -16.34
O ACE B 1 -3.26 -7.75 -16.81
CH3 ACE B 1 -4.47 -5.72 -17.15
H1 ACE B 1 -5.50 -5.86 -16.89
H2 ACE B 1 -4.34 -5.93 -18.20
H3 ACE B 1 -4.13 -4.71 -16.95
N VAL B 2 -3.32 -6.29 -15.09
CA VAL B 2 -4.26 -5.58 -14.23
C VAL B 2 -3.53 -4.98 -13.03
N LEU B 3 -4.03 -3.85 -12.54
CA LEU B 3 -3.43 -3.17 -11.39
C LEU B 3 -3.62 -3.96 -10.11
N TPO B 4 -4.78 -4.63 -10.02
CA TPO B 4 -5.23 -5.39 -8.86
CB TPO B 4 -4.62 -6.80 -8.79
CG2 TPO B 4 -5.58 -7.87 -9.26
OG1 TPO B 4 -3.42 -6.89 -9.58
P TPO B 4 -2.47 -8.18 -9.48
O1P TPO B 4 -2.88 -8.85 -8.09
O2P TPO B 4 -1.01 -7.95 -9.70
O3P TPO B 4 -3.15 -9.20 -10.55
C TPO B 4 -5.24 -4.57 -7.52
O TPO B 4 -6.30 -4.02 -7.19
H TPO B 4 -5.36 -4.61 -10.80
HA TPO B 4 -6.29 -5.53 -9.07
HB TPO B 4 -4.36 -7.02 -7.75
HG21 TPO B 4 -5.15 -8.85 -9.10
HG22 TPO B 4 -5.78 -7.74 -10.32
HG23 TPO B 4 -6.52 -7.79 -8.73
N PRO B 5 -4.14 -4.50 -6.69
CA PRO B 5 -4.12 -3.62 -5.51
C PRO B 5 -4.49 -2.16 -5.85
N PRO B 6 -5.13 -1.44 -4.93
CA PRO B 6 -5.58 -0.07 -5.17
C PRO B 6 -4.45 0.97 -5.14
N ASP B 7 -3.94 1.30 -6.32
CA ASP B 7 -2.91 2.33 -6.45
C ASP B 7 -3.47 3.54 -7.19
N GLN B 8 -4.29 3.26 -8.21
CA GLN B 8 -4.90 4.30 -9.02
C GLN B 8 -5.81 5.20 -8.22
N GLU B 9 -5.46 6.49 -8.19
CA GLU B 9 -6.22 7.53 -7.48
C GLU B 9 -6.15 7.33 -5.98
N VAL B 10 -5.19 6.58 -5.56
CA VAL B 10 -4.97 6.35 -4.15
C VAL B 10 -3.50 6.70 -3.85
N ILE B 11 -2.95 7.61 -4.67
CA ILE B 11 -1.53 7.98 -4.58
C ILE B 11 -1.25 8.95 -3.42
N ARG B 12 -1.79 8.62 -2.26
CA ARG B 12 -1.52 9.38 -1.03
C ARG B 12 -1.15 8.39 0.06
N ASN B 13 0.13 8.04 0.14
CA ASN B 13 0.55 7.01 1.09
C ASN B 13 1.73 7.49 1.94
N ILE B 14 2.14 6.64 2.88
CA ILE B 14 3.30 6.87 3.70
C ILE B 14 4.52 6.46 2.88
N ASP B 15 5.69 6.93 3.25
CA ASP B 15 6.89 6.54 2.54
C ASP B 15 8.03 6.30 3.52
N GLN B 16 9.21 6.05 3.01
CA GLN B 16 10.38 5.80 3.83
C GLN B 16 11.49 6.77 3.47
N SER B 17 11.51 7.19 2.24
CA SER B 17 12.48 8.11 1.74
C SER B 17 11.90 9.50 1.76
N GLU B 18 10.67 9.60 1.29
CA GLU B 18 9.98 10.85 1.23
C GLU B 18 9.35 11.18 2.58
N PHE B 19 9.06 10.13 3.35
CA PHE B 19 8.56 10.28 4.70
C PHE B 19 9.71 9.92 5.66
N GLU B 20 10.07 10.87 6.52
CA GLU B 20 11.23 10.76 7.42
C GLU B 20 12.52 10.97 6.63
N GLY B 21 12.98 9.95 5.91
CA GLY B 21 14.15 10.15 5.08
C GLY B 21 15.22 9.08 5.18
N PHE B 22 14.83 7.82 5.12
CA PHE B 22 15.81 6.75 5.07
C PHE B 22 15.74 6.06 3.71
N SEP B 23 16.91 5.71 3.16
CA SEP B 23 16.99 5.22 1.78
CB SEP B 23 16.07 4.00 1.54
OG SEP B 23 16.71 2.80 1.93
C SEP B 23 16.67 6.36 0.80
O SEP B 23 16.28 6.13 -0.35
P SEP B 23 17.23 1.81 0.79
O1P SEP B 23 16.23 1.32 -0.16
O2P SEP B 23 18.46 2.63 0.14
O3P SEP B 23 18.02 0.68 1.63
H SEP B 23 17.72 5.77 3.69
HA SEP B 23 18.02 4.92 1.62
HB2 SEP B 23 15.81 3.95 0.50
HB3 SEP B 23 15.17 4.13 2.14
N PHE B 24 16.88 7.59 1.28
CA PHE B 24 16.65 8.79 0.52
C PHE B 24 17.93 9.22 -0.17
N NH2 B 25 18.01 9.00 -1.47
HN1 NH2 B 25 17.24 8.58 -1.91
HN2 NH2 B 25 18.82 9.25 -1.93
N MET A 1 -31.92 -9.50 -8.32
CA MET A 1 -33.04 -8.54 -8.43
C MET A 1 -32.93 -7.45 -7.35
N ALA A 2 -31.76 -6.83 -7.27
CA ALA A 2 -31.52 -5.76 -6.32
C ALA A 2 -30.56 -4.74 -6.92
N ASP A 3 -30.28 -3.68 -6.19
CA ASP A 3 -29.38 -2.64 -6.67
C ASP A 3 -27.95 -2.88 -6.20
N GLU A 4 -27.78 -3.89 -5.37
CA GLU A 4 -26.47 -4.23 -4.84
C GLU A 4 -25.63 -4.95 -5.90
N GLU A 5 -26.32 -5.59 -6.84
CA GLU A 5 -25.65 -6.31 -7.91
C GLU A 5 -25.22 -5.34 -9.00
N LYS A 6 -25.76 -4.14 -8.93
CA LYS A 6 -25.44 -3.12 -9.89
C LYS A 6 -24.43 -2.17 -9.33
N LEU A 7 -23.54 -1.76 -10.17
CA LEU A 7 -22.47 -0.88 -9.77
C LEU A 7 -22.68 0.51 -10.30
N PRO A 8 -22.27 1.54 -9.54
CA PRO A 8 -22.40 2.93 -9.95
C PRO A 8 -21.60 3.23 -11.24
N PRO A 9 -22.05 4.25 -12.02
CA PRO A 9 -21.40 4.64 -13.27
C PRO A 9 -19.89 4.80 -13.13
N GLY A 10 -19.15 4.06 -13.94
CA GLY A 10 -17.72 4.12 -13.91
C GLY A 10 -17.10 2.88 -13.30
N TRP A 11 -17.85 2.22 -12.44
CA TRP A 11 -17.39 1.03 -11.77
C TRP A 11 -17.90 -0.22 -12.47
N GLU A 12 -16.99 -1.12 -12.79
CA GLU A 12 -17.32 -2.35 -13.44
C GLU A 12 -16.71 -3.50 -12.68
N LYS A 13 -17.42 -4.59 -12.57
CA LYS A 13 -16.94 -5.73 -11.82
C LYS A 13 -15.91 -6.52 -12.62
N ARG A 14 -14.71 -6.59 -12.09
CA ARG A 14 -13.64 -7.32 -12.71
C ARG A 14 -13.26 -8.48 -11.82
N MET A 15 -12.62 -9.48 -12.38
CA MET A 15 -12.23 -10.63 -11.62
C MET A 15 -10.75 -10.90 -11.80
N SER A 16 -10.09 -11.20 -10.71
CA SER A 16 -8.67 -11.47 -10.73
C SER A 16 -8.37 -12.72 -11.51
N ARG A 17 -7.61 -12.56 -12.57
CA ARG A 17 -7.27 -13.65 -13.44
C ARG A 17 -6.19 -14.53 -12.83
N SER A 18 -5.28 -13.92 -12.11
CA SER A 18 -4.18 -14.64 -11.49
C SER A 18 -4.49 -15.00 -10.03
N SER A 19 -5.71 -14.75 -9.59
CA SER A 19 -6.08 -15.02 -8.20
C SER A 19 -7.46 -15.68 -8.08
N GLY A 20 -8.43 -15.20 -8.86
CA GLY A 20 -9.77 -15.77 -8.79
C GLY A 20 -10.72 -14.93 -7.95
N ARG A 21 -10.20 -13.84 -7.39
CA ARG A 21 -10.99 -12.95 -6.56
C ARG A 21 -11.84 -12.01 -7.42
N VAL A 22 -12.82 -11.35 -6.82
CA VAL A 22 -13.72 -10.46 -7.56
C VAL A 22 -13.70 -9.06 -6.93
N TYR A 23 -13.54 -8.03 -7.75
CA TYR A 23 -13.48 -6.67 -7.24
C TYR A 23 -14.21 -5.70 -8.15
N TYR A 24 -14.32 -4.46 -7.70
CA TYR A 24 -14.96 -3.42 -8.48
C TYR A 24 -13.90 -2.48 -9.04
N PHE A 25 -13.88 -2.35 -10.35
CA PHE A 25 -12.87 -1.55 -11.01
C PHE A 25 -13.48 -0.30 -11.63
N ASN A 26 -12.90 0.84 -11.33
CA ASN A 26 -13.34 2.10 -11.88
C ASN A 26 -12.48 2.44 -13.06
N HIS A 27 -13.05 2.37 -14.23
CA HIS A 27 -12.30 2.61 -15.46
C HIS A 27 -12.32 4.09 -15.85
N ILE A 28 -12.83 4.93 -14.96
CA ILE A 28 -12.88 6.36 -15.22
C ILE A 28 -11.57 7.01 -14.82
N THR A 29 -11.17 6.81 -13.57
CA THR A 29 -9.92 7.37 -13.07
C THR A 29 -8.95 6.23 -12.75
N ASN A 30 -9.35 5.02 -13.12
CA ASN A 30 -8.58 3.81 -12.84
C ASN A 30 -8.46 3.58 -11.33
N ALA A 31 -9.60 3.42 -10.70
CA ALA A 31 -9.66 3.16 -9.27
C ALA A 31 -10.14 1.74 -9.04
N SER A 32 -10.08 1.26 -7.82
CA SER A 32 -10.46 -0.12 -7.52
C SER A 32 -10.75 -0.28 -6.05
N GLN A 33 -11.69 -1.15 -5.73
CA GLN A 33 -12.00 -1.41 -4.36
C GLN A 33 -12.54 -2.82 -4.20
N TRP A 34 -12.32 -3.39 -3.05
CA TRP A 34 -12.74 -4.74 -2.78
C TRP A 34 -13.94 -4.75 -1.86
N GLU A 35 -14.21 -3.59 -1.27
CA GLU A 35 -15.35 -3.44 -0.42
C GLU A 35 -16.40 -2.59 -1.13
N ARG A 36 -17.65 -2.77 -0.76
CA ARG A 36 -18.72 -2.02 -1.37
C ARG A 36 -18.81 -0.61 -0.80
N PRO A 37 -19.30 0.36 -1.60
CA PRO A 37 -19.46 1.76 -1.15
C PRO A 37 -20.45 1.89 0.00
N SER A 38 -21.22 0.84 0.21
CA SER A 38 -22.19 0.82 1.28
C SER A 38 -21.90 -0.35 2.22
N GLY A 39 -21.11 -0.08 3.25
CA GLY A 39 -20.79 -1.10 4.22
C GLY A 39 -21.89 -1.25 5.25
N ASN A 40 -23.04 -1.69 4.79
CA ASN A 40 -24.23 -1.81 5.64
C ASN A 40 -24.21 -3.09 6.47
N SER A 41 -23.13 -3.85 6.36
CA SER A 41 -22.97 -5.08 7.11
C SER A 41 -23.06 -4.81 8.62
N SER A 42 -22.44 -3.72 9.05
CA SER A 42 -22.45 -3.32 10.43
C SER A 42 -22.07 -1.85 10.54
N SER A 43 -22.14 -1.30 11.73
CA SER A 43 -21.74 0.07 11.94
C SER A 43 -20.34 0.10 12.54
N GLY A 44 -19.38 0.54 11.75
CA GLY A 44 -18.02 0.58 12.22
C GLY A 44 -17.35 1.90 11.97
N GLY A 45 -17.51 2.82 12.90
CA GLY A 45 -16.90 4.11 12.76
C GLY A 45 -17.20 5.02 13.93
N LYS A 46 -16.20 5.30 14.73
CA LYS A 46 -16.35 6.21 15.85
C LYS A 46 -15.81 7.57 15.42
N ASN A 47 -16.44 8.64 15.85
CA ASN A 47 -16.04 9.96 15.41
C ASN A 47 -14.95 10.53 16.30
N GLY A 48 -13.72 10.48 15.79
CA GLY A 48 -12.60 11.00 16.53
C GLY A 48 -12.23 12.39 16.08
N GLN A 49 -12.52 13.37 16.90
CA GLN A 49 -12.21 14.75 16.58
C GLN A 49 -10.77 15.06 16.97
N GLY A 50 -9.94 15.31 15.99
CA GLY A 50 -8.55 15.63 16.25
C GLY A 50 -7.61 14.53 15.83
N GLU A 51 -6.78 14.83 14.86
CA GLU A 51 -5.81 13.88 14.37
C GLU A 51 -4.43 14.20 14.96
N PRO A 52 -3.61 13.16 15.17
CA PRO A 52 -2.27 13.34 15.76
C PRO A 52 -1.28 14.06 14.84
N ALA A 53 -0.20 14.55 15.43
CA ALA A 53 0.84 15.24 14.69
C ALA A 53 1.88 14.24 14.16
N ARG A 54 1.77 13.01 14.65
CA ARG A 54 2.63 11.93 14.20
C ARG A 54 1.78 10.76 13.76
N VAL A 55 2.34 9.93 12.90
CA VAL A 55 1.65 8.73 12.45
C VAL A 55 2.62 7.56 12.39
N ARG A 56 2.10 6.37 12.64
CA ARG A 56 2.91 5.17 12.58
C ARG A 56 2.35 4.24 11.53
N CYS A 57 3.16 3.90 10.57
CA CYS A 57 2.74 3.04 9.49
C CYS A 57 3.77 1.95 9.26
N SER A 58 3.43 1.02 8.42
CA SER A 58 4.31 -0.05 8.05
C SER A 58 4.43 -0.07 6.53
N HIS A 59 5.60 -0.42 6.03
CA HIS A 59 5.82 -0.44 4.60
C HIS A 59 6.63 -1.63 4.15
N LEU A 60 6.25 -2.19 3.04
CA LEU A 60 7.02 -3.25 2.43
C LEU A 60 7.83 -2.61 1.32
N LEU A 61 9.08 -2.34 1.60
CA LEU A 61 9.93 -1.63 0.68
C LEU A 61 10.63 -2.61 -0.26
N VAL A 62 10.23 -2.58 -1.52
CA VAL A 62 10.85 -3.40 -2.53
C VAL A 62 11.76 -2.55 -3.39
N LYS A 63 13.03 -2.87 -3.42
CA LYS A 63 13.97 -2.13 -4.22
C LYS A 63 14.19 -2.87 -5.51
N HIS A 64 14.72 -2.19 -6.50
CA HIS A 64 14.88 -2.79 -7.81
C HIS A 64 16.18 -2.37 -8.46
N SER A 65 16.45 -2.91 -9.64
CA SER A 65 17.69 -2.68 -10.37
C SER A 65 18.05 -1.19 -10.51
N GLN A 66 17.09 -0.37 -10.94
CA GLN A 66 17.34 1.06 -11.11
C GLN A 66 17.02 1.87 -9.85
N SER A 67 17.19 1.26 -8.69
CA SER A 67 16.99 1.94 -7.42
C SER A 67 18.33 2.53 -6.95
N ARG A 68 18.35 3.13 -5.77
CA ARG A 68 19.59 3.70 -5.23
C ARG A 68 20.44 2.60 -4.63
N ARG A 69 19.80 1.50 -4.27
CA ARG A 69 20.50 0.37 -3.69
C ARG A 69 20.25 -0.89 -4.50
N PRO A 70 21.21 -1.29 -5.34
CA PRO A 70 21.12 -2.51 -6.14
C PRO A 70 21.50 -3.74 -5.31
N SER A 71 21.71 -3.52 -4.03
CA SER A 71 22.06 -4.57 -3.10
C SER A 71 21.63 -4.17 -1.69
N SER A 72 21.22 -5.14 -0.90
CA SER A 72 20.79 -4.88 0.46
C SER A 72 21.19 -6.03 1.37
N TRP A 73 20.95 -5.87 2.66
CA TRP A 73 21.20 -6.91 3.63
C TRP A 73 20.28 -8.11 3.40
N ARG A 74 19.22 -7.87 2.64
CA ARG A 74 18.28 -8.92 2.30
C ARG A 74 18.80 -9.67 1.09
N GLN A 75 18.99 -8.95 0.00
CA GLN A 75 19.51 -9.52 -1.23
C GLN A 75 20.59 -8.64 -1.79
N GLU A 76 21.76 -9.19 -2.00
CA GLU A 76 22.88 -8.44 -2.53
C GLU A 76 22.90 -8.54 -4.05
N LYS A 77 21.82 -9.06 -4.59
CA LYS A 77 21.67 -9.25 -6.02
C LYS A 77 20.38 -8.61 -6.51
N ILE A 78 19.99 -7.50 -5.88
CA ILE A 78 18.76 -6.78 -6.28
C ILE A 78 18.88 -6.30 -7.73
N THR A 79 18.46 -7.13 -8.65
CA THR A 79 18.48 -6.78 -10.05
C THR A 79 17.11 -7.02 -10.67
N ARG A 80 16.09 -7.06 -9.82
CA ARG A 80 14.75 -7.28 -10.29
C ARG A 80 14.21 -6.04 -10.98
N THR A 81 13.41 -6.26 -11.98
CA THR A 81 12.82 -5.19 -12.74
C THR A 81 11.54 -4.68 -12.06
N LYS A 82 11.00 -3.57 -12.56
CA LYS A 82 9.78 -2.99 -11.98
C LYS A 82 8.61 -3.95 -12.12
N GLU A 83 8.59 -4.70 -13.21
CA GLU A 83 7.52 -5.66 -13.46
C GLU A 83 7.56 -6.80 -12.44
N GLU A 84 8.77 -7.16 -12.00
CA GLU A 84 8.93 -8.21 -11.01
C GLU A 84 8.53 -7.69 -9.65
N ALA A 85 9.05 -6.52 -9.28
CA ALA A 85 8.72 -5.89 -8.01
C ALA A 85 7.22 -5.77 -7.85
N LEU A 86 6.54 -5.34 -8.90
CA LEU A 86 5.09 -5.24 -8.88
C LEU A 86 4.45 -6.61 -8.78
N GLU A 87 4.94 -7.54 -9.57
CA GLU A 87 4.39 -8.89 -9.61
C GLU A 87 4.36 -9.52 -8.21
N LEU A 88 5.47 -9.42 -7.51
CA LEU A 88 5.58 -9.98 -6.19
C LEU A 88 4.76 -9.20 -5.16
N ILE A 89 4.84 -7.87 -5.22
CA ILE A 89 4.14 -7.03 -4.25
C ILE A 89 2.63 -7.16 -4.40
N ASN A 90 2.16 -7.29 -5.65
CA ASN A 90 0.74 -7.45 -5.93
C ASN A 90 0.24 -8.76 -5.37
N GLY A 91 1.10 -9.76 -5.40
CA GLY A 91 0.75 -11.06 -4.88
C GLY A 91 0.58 -11.05 -3.38
N TYR A 92 1.33 -10.16 -2.72
CA TYR A 92 1.27 -10.04 -1.28
C TYR A 92 0.00 -9.32 -0.85
N ILE A 93 -0.37 -8.29 -1.62
CA ILE A 93 -1.57 -7.51 -1.33
C ILE A 93 -2.81 -8.41 -1.27
N GLN A 94 -2.87 -9.37 -2.18
CA GLN A 94 -4.01 -10.28 -2.25
C GLN A 94 -4.05 -11.24 -1.04
N LYS A 95 -2.87 -11.57 -0.52
CA LYS A 95 -2.77 -12.45 0.64
C LYS A 95 -3.30 -11.74 1.88
N ILE A 96 -2.81 -10.53 2.07
CA ILE A 96 -3.25 -9.69 3.19
C ILE A 96 -4.72 -9.30 3.01
N LYS A 97 -5.13 -9.19 1.74
CA LYS A 97 -6.52 -8.91 1.39
C LYS A 97 -7.43 -10.01 1.92
N SER A 98 -6.97 -11.23 1.75
CA SER A 98 -7.71 -12.39 2.21
C SER A 98 -7.48 -12.62 3.71
N GLY A 99 -6.52 -11.89 4.27
CA GLY A 99 -6.20 -11.99 5.67
C GLY A 99 -5.54 -13.31 6.02
N GLU A 100 -4.97 -13.96 5.03
CA GLU A 100 -4.33 -15.26 5.24
C GLU A 100 -2.89 -15.10 5.69
N GLU A 101 -2.14 -14.27 5.00
CA GLU A 101 -0.77 -14.02 5.40
C GLU A 101 -0.64 -12.62 5.94
N ASP A 102 -0.02 -12.53 7.10
CA ASP A 102 0.11 -11.27 7.82
C ASP A 102 1.17 -10.39 7.20
N PHE A 103 0.87 -9.10 7.13
CA PHE A 103 1.79 -8.11 6.61
C PHE A 103 3.13 -8.18 7.33
N GLU A 104 3.07 -8.34 8.65
CA GLU A 104 4.26 -8.38 9.51
C GLU A 104 5.32 -9.38 9.04
N SER A 105 5.01 -10.67 9.17
CA SER A 105 5.96 -11.72 8.83
C SER A 105 6.34 -11.69 7.35
N LEU A 106 5.39 -11.31 6.51
CA LEU A 106 5.61 -11.27 5.08
C LEU A 106 6.53 -10.09 4.72
N ALA A 107 6.32 -8.95 5.38
CA ALA A 107 7.14 -7.78 5.15
C ALA A 107 8.56 -8.03 5.61
N SER A 108 8.71 -8.53 6.85
CA SER A 108 10.05 -8.87 7.40
C SER A 108 10.90 -9.65 6.40
N GLN A 109 10.25 -10.46 5.59
CA GLN A 109 10.93 -11.30 4.63
C GLN A 109 11.31 -10.55 3.34
N PHE A 110 10.36 -9.81 2.79
CA PHE A 110 10.59 -9.19 1.48
C PHE A 110 10.93 -7.68 1.53
N SER A 111 11.15 -7.11 2.70
CA SER A 111 11.50 -5.70 2.77
C SER A 111 13.01 -5.49 2.72
N ASP A 112 13.46 -4.73 1.73
CA ASP A 112 14.90 -4.47 1.52
C ASP A 112 15.43 -3.40 2.47
N CYS A 113 14.57 -2.82 3.28
CA CYS A 113 14.98 -1.78 4.21
C CYS A 113 15.15 -2.31 5.63
N SER A 114 15.59 -1.43 6.54
CA SER A 114 15.82 -1.78 7.93
C SER A 114 14.51 -2.14 8.63
N SER A 115 13.40 -1.72 8.03
CA SER A 115 12.07 -1.99 8.56
C SER A 115 11.76 -3.50 8.58
N ALA A 116 12.61 -4.31 7.93
CA ALA A 116 12.43 -5.76 7.89
C ALA A 116 12.39 -6.35 9.29
N LYS A 117 13.30 -5.88 10.13
CA LYS A 117 13.41 -6.36 11.50
C LYS A 117 12.21 -5.93 12.34
N ALA A 118 11.52 -4.91 11.88
CA ALA A 118 10.36 -4.39 12.59
C ALA A 118 9.07 -4.83 11.91
N ARG A 119 9.19 -5.83 11.04
CA ARG A 119 8.03 -6.45 10.35
C ARG A 119 7.35 -5.47 9.40
N GLY A 120 8.11 -4.50 8.93
CA GLY A 120 7.56 -3.52 8.02
C GLY A 120 7.40 -2.17 8.66
N ASP A 121 7.27 -2.17 9.97
CA ASP A 121 7.12 -0.93 10.74
C ASP A 121 8.39 -0.10 10.72
N LEU A 122 8.23 1.20 10.63
CA LEU A 122 9.37 2.10 10.62
C LEU A 122 9.35 3.02 11.84
N GLY A 123 8.28 2.92 12.62
CA GLY A 123 8.14 3.75 13.79
C GLY A 123 7.11 4.84 13.57
N ALA A 124 7.15 5.86 14.40
CA ALA A 124 6.23 6.97 14.30
C ALA A 124 6.96 8.23 13.92
N PHE A 125 6.51 8.88 12.88
CA PHE A 125 7.16 10.08 12.41
C PHE A 125 6.19 11.26 12.37
N SER A 126 6.66 12.40 12.83
CA SER A 126 5.87 13.60 12.85
C SER A 126 6.23 14.51 11.67
N ARG A 127 5.32 15.42 11.36
CA ARG A 127 5.50 16.37 10.26
C ARG A 127 6.72 17.28 10.49
N GLY A 128 7.19 17.91 9.41
CA GLY A 128 8.32 18.80 9.50
C GLY A 128 9.61 18.23 8.94
N GLN A 129 9.75 16.92 9.03
CA GLN A 129 10.98 16.26 8.59
C GLN A 129 10.76 15.42 7.33
N MET A 130 9.68 15.68 6.64
CA MET A 130 9.35 14.91 5.45
C MET A 130 9.02 15.85 4.30
N GLN A 131 8.93 15.31 3.08
CA GLN A 131 8.60 16.11 1.91
C GLN A 131 7.25 16.81 2.10
N LYS A 132 7.20 18.10 1.80
CA LYS A 132 6.00 18.93 2.02
C LYS A 132 4.72 18.31 1.39
N PRO A 133 4.72 17.99 0.07
CA PRO A 133 3.53 17.41 -0.58
C PRO A 133 3.12 16.07 0.03
N PHE A 134 4.10 15.23 0.31
CA PHE A 134 3.83 13.91 0.86
C PHE A 134 3.53 13.96 2.34
N GLU A 135 3.93 15.04 2.99
CA GLU A 135 3.63 15.22 4.40
C GLU A 135 2.14 15.20 4.62
N ASP A 136 1.45 16.07 3.90
CA ASP A 136 0.01 16.18 3.98
C ASP A 136 -0.67 14.90 3.47
N ALA A 137 0.07 14.12 2.71
CA ALA A 137 -0.46 12.90 2.12
C ALA A 137 -0.33 11.73 3.09
N SER A 138 0.73 11.74 3.89
CA SER A 138 0.97 10.68 4.85
C SER A 138 -0.13 10.67 5.93
N PHE A 139 -0.64 11.84 6.24
CA PHE A 139 -1.71 11.97 7.22
C PHE A 139 -3.10 11.71 6.59
N ALA A 140 -3.12 11.40 5.30
CA ALA A 140 -4.39 11.18 4.58
C ALA A 140 -5.05 9.85 4.97
N LEU A 141 -4.24 8.81 5.16
CA LEU A 141 -4.77 7.50 5.56
C LEU A 141 -5.06 7.46 7.03
N ARG A 142 -6.01 6.64 7.41
CA ARG A 142 -6.36 6.46 8.79
C ARG A 142 -5.98 5.05 9.26
N THR A 143 -6.27 4.77 10.52
CA THR A 143 -5.92 3.49 11.10
C THR A 143 -6.70 2.33 10.47
N GLY A 144 -5.97 1.34 9.97
CA GLY A 144 -6.61 0.17 9.41
C GLY A 144 -6.78 0.22 7.90
N GLU A 145 -6.11 1.17 7.26
CA GLU A 145 -6.23 1.30 5.82
C GLU A 145 -4.95 0.87 5.12
N MET A 146 -5.10 0.17 4.01
CA MET A 146 -3.98 -0.33 3.24
C MET A 146 -4.12 0.10 1.78
N SER A 147 -3.12 0.80 1.29
CA SER A 147 -3.11 1.26 -0.08
C SER A 147 -2.35 0.28 -0.98
N GLY A 148 -2.42 0.50 -2.29
CA GLY A 148 -1.76 -0.38 -3.22
C GLY A 148 -0.29 -0.04 -3.40
N PRO A 149 0.33 -0.51 -4.49
CA PRO A 149 1.74 -0.26 -4.76
C PRO A 149 1.99 1.13 -5.35
N VAL A 150 2.68 1.97 -4.60
CA VAL A 150 2.98 3.31 -5.05
C VAL A 150 4.45 3.43 -5.47
N PHE A 151 4.68 4.13 -6.57
CA PHE A 151 6.02 4.29 -7.12
C PHE A 151 6.66 5.59 -6.66
N THR A 152 7.71 5.49 -5.89
CA THR A 152 8.46 6.66 -5.49
C THR A 152 9.83 6.66 -6.14
N ASP A 153 10.62 7.67 -5.86
CA ASP A 153 11.97 7.81 -6.39
C ASP A 153 12.88 6.67 -5.90
N SER A 154 12.58 6.17 -4.72
CA SER A 154 13.39 5.13 -4.12
C SER A 154 13.01 3.74 -4.62
N GLY A 155 11.72 3.44 -4.64
CA GLY A 155 11.29 2.13 -5.07
C GLY A 155 9.79 1.94 -5.01
N ILE A 156 9.36 0.71 -5.13
CA ILE A 156 7.94 0.39 -5.11
C ILE A 156 7.58 -0.18 -3.76
N HIS A 157 6.45 0.23 -3.22
CA HIS A 157 6.04 -0.22 -1.90
C HIS A 157 4.55 -0.02 -1.69
N ILE A 158 4.00 -0.82 -0.81
CA ILE A 158 2.60 -0.70 -0.43
C ILE A 158 2.50 0.04 0.91
N ILE A 159 1.31 0.51 1.23
CA ILE A 159 1.12 1.30 2.45
C ILE A 159 0.12 0.64 3.38
N LEU A 160 0.51 0.48 4.64
CA LEU A 160 -0.35 -0.09 5.65
C LEU A 160 -0.19 0.71 6.95
N ARG A 161 -1.24 1.42 7.36
CA ARG A 161 -1.17 2.23 8.57
C ARG A 161 -1.78 1.51 9.75
N THR A 162 -1.03 1.44 10.85
CA THR A 162 -1.50 0.77 12.05
C THR A 162 -2.03 1.77 13.09
N GLU A 163 -1.34 2.92 13.23
CA GLU A 163 -1.73 3.91 14.23
C GLU A 163 -1.40 5.31 13.76
C ACE B 1 -3.25 -4.95 -18.22
O ACE B 1 -3.50 -5.73 -19.13
CH3 ACE B 1 -3.01 -3.49 -18.49
H1 ACE B 1 -3.95 -2.99 -18.62
H2 ACE B 1 -2.42 -3.38 -19.40
H3 ACE B 1 -2.44 -3.07 -17.67
N VAL B 2 -3.19 -5.32 -16.95
CA VAL B 2 -4.20 -4.95 -15.98
C VAL B 2 -3.57 -4.84 -14.58
N LEU B 3 -4.34 -4.39 -13.60
CA LEU B 3 -3.82 -4.19 -12.26
C LEU B 3 -4.05 -5.42 -11.35
N TPO B 4 -5.32 -5.62 -10.94
CA TPO B 4 -5.76 -6.65 -9.98
CB TPO B 4 -4.99 -8.00 -10.09
CG2 TPO B 4 -5.34 -9.00 -9.00
OG1 TPO B 4 -5.22 -8.62 -11.36
P TPO B 4 -6.67 -8.57 -12.06
O1P TPO B 4 -6.73 -9.98 -12.86
O2P TPO B 4 -6.97 -7.38 -12.88
O3P TPO B 4 -7.68 -8.84 -10.85
C TPO B 4 -5.86 -6.08 -8.52
O TPO B 4 -6.96 -6.01 -7.98
H TPO B 4 -6.00 -5.05 -11.32
HA TPO B 4 -6.79 -6.84 -10.27
HB TPO B 4 -3.93 -7.80 -10.03
HG21 TPO B 4 -5.16 -8.56 -8.03
HG22 TPO B 4 -4.74 -9.89 -9.12
HG23 TPO B 4 -6.39 -9.26 -9.09
N PRO B 5 -4.73 -5.64 -7.85
CA PRO B 5 -4.82 -4.96 -6.56
C PRO B 5 -5.30 -3.51 -6.72
N PRO B 6 -5.42 -2.73 -5.63
CA PRO B 6 -5.90 -1.34 -5.70
C PRO B 6 -4.87 -0.34 -6.29
N ASP B 7 -4.46 -0.58 -7.54
CA ASP B 7 -3.57 0.37 -8.24
C ASP B 7 -4.36 1.60 -8.64
N GLN B 8 -4.33 2.61 -7.80
CA GLN B 8 -5.11 3.82 -8.04
C GLN B 8 -4.23 5.03 -7.89
N GLU B 9 -4.68 6.15 -8.42
CA GLU B 9 -3.95 7.39 -8.29
C GLU B 9 -4.24 8.03 -6.93
N VAL B 10 -5.30 7.56 -6.29
CA VAL B 10 -5.75 8.11 -5.00
C VAL B 10 -4.94 7.52 -3.84
N ILE B 11 -3.99 6.64 -4.15
CA ILE B 11 -3.17 6.01 -3.11
C ILE B 11 -1.95 6.85 -2.77
N ARG B 12 -2.01 8.10 -3.19
CA ARG B 12 -0.97 9.07 -2.89
C ARG B 12 -1.03 9.45 -1.41
N ASN B 13 -0.52 8.57 -0.58
CA ASN B 13 -0.60 8.74 0.86
C ASN B 13 0.78 8.84 1.49
N ILE B 14 1.11 7.92 2.38
CA ILE B 14 2.40 7.93 3.05
C ILE B 14 3.50 7.68 2.03
N ASP B 15 4.48 8.59 2.00
CA ASP B 15 5.60 8.50 1.07
C ASP B 15 6.30 7.15 1.17
N GLN B 16 6.58 6.73 2.41
CA GLN B 16 7.22 5.45 2.71
C GLN B 16 8.68 5.40 2.25
N SER B 17 9.21 6.55 1.88
CA SER B 17 10.61 6.65 1.50
C SER B 17 11.23 7.83 2.25
N GLU B 18 10.68 9.02 2.04
CA GLU B 18 11.16 10.19 2.71
C GLU B 18 10.08 10.82 3.61
N PHE B 19 9.09 10.02 4.01
CA PHE B 19 8.14 10.46 5.02
C PHE B 19 8.82 10.26 6.36
N GLU B 20 9.58 9.19 6.39
CA GLU B 20 10.42 8.85 7.51
C GLU B 20 11.79 9.48 7.31
N GLY B 21 12.28 9.44 6.06
CA GLY B 21 13.51 10.13 5.72
C GLY B 21 14.73 9.25 5.50
N PHE B 22 14.69 8.38 4.50
CA PHE B 22 15.86 7.56 4.17
C PHE B 22 15.78 7.04 2.73
N SEP B 23 16.95 6.70 2.18
CA SEP B 23 17.09 6.15 0.82
CB SEP B 23 16.22 4.90 0.63
OG SEP B 23 16.74 3.81 1.40
C SEP B 23 16.86 7.18 -0.29
O SEP B 23 16.83 6.83 -1.47
P SEP B 23 18.16 3.17 1.00
O1P SEP B 23 18.24 1.68 1.04
O2P SEP B 23 18.52 3.84 -0.42
O3P SEP B 23 19.18 3.94 1.97
H SEP B 23 17.78 6.83 2.71
HA SEP B 23 18.12 5.84 0.75
HB2 SEP B 23 16.21 4.63 -0.42
HB3 SEP B 23 15.22 5.11 0.96
N PHE B 24 16.73 8.45 0.08
CA PHE B 24 16.62 9.50 -0.92
C PHE B 24 17.93 10.26 -1.02
N NH2 B 25 18.74 9.88 -1.98
HN1 NH2 B 25 18.45 9.15 -2.58
HN2 NH2 B 25 19.61 10.34 -2.06
N MET A 1 -33.35 -10.10 -9.44
CA MET A 1 -32.51 -9.25 -10.29
C MET A 1 -33.16 -7.91 -10.53
N ALA A 2 -32.36 -6.86 -10.57
CA ALA A 2 -32.85 -5.52 -10.85
C ALA A 2 -31.70 -4.64 -11.33
N ASP A 3 -31.31 -3.67 -10.53
CA ASP A 3 -30.19 -2.81 -10.86
C ASP A 3 -29.11 -2.88 -9.79
N GLU A 4 -29.35 -3.72 -8.79
CA GLU A 4 -28.44 -3.88 -7.67
C GLU A 4 -27.18 -4.64 -8.06
N GLU A 5 -27.33 -5.61 -8.94
CA GLU A 5 -26.20 -6.41 -9.40
C GLU A 5 -25.51 -5.75 -10.59
N LYS A 6 -26.12 -4.69 -11.09
CA LYS A 6 -25.55 -3.94 -12.20
C LYS A 6 -24.60 -2.87 -11.67
N LEU A 7 -23.51 -2.68 -12.37
CA LEU A 7 -22.49 -1.74 -11.94
C LEU A 7 -22.72 -0.36 -12.53
N PRO A 8 -22.33 0.70 -11.77
CA PRO A 8 -22.47 2.07 -12.23
C PRO A 8 -21.42 2.42 -13.28
N PRO A 9 -21.68 3.45 -14.12
CA PRO A 9 -20.74 3.89 -15.15
C PRO A 9 -19.38 4.24 -14.56
N GLY A 10 -18.34 3.62 -15.08
CA GLY A 10 -17.01 3.87 -14.58
C GLY A 10 -16.47 2.66 -13.84
N TRP A 11 -17.38 1.80 -13.40
CA TRP A 11 -17.02 0.58 -12.70
C TRP A 11 -17.22 -0.62 -13.60
N GLU A 12 -16.29 -1.55 -13.52
CA GLU A 12 -16.37 -2.78 -14.29
C GLU A 12 -15.99 -3.95 -13.41
N LYS A 13 -16.54 -5.10 -13.68
CA LYS A 13 -16.24 -6.28 -12.92
C LYS A 13 -14.94 -6.91 -13.43
N ARG A 14 -13.92 -6.91 -12.59
CA ARG A 14 -12.61 -7.40 -12.96
C ARG A 14 -12.28 -8.68 -12.20
N MET A 15 -11.47 -9.54 -12.79
CA MET A 15 -11.10 -10.78 -12.16
C MET A 15 -9.59 -10.89 -12.04
N SER A 16 -9.14 -11.39 -10.90
CA SER A 16 -7.73 -11.55 -10.61
C SER A 16 -7.08 -12.59 -11.52
N ARG A 17 -5.89 -12.26 -12.01
CA ARG A 17 -5.14 -13.13 -12.90
C ARG A 17 -4.47 -14.24 -12.12
N SER A 18 -3.82 -13.86 -11.03
CA SER A 18 -3.06 -14.78 -10.21
C SER A 18 -3.93 -15.86 -9.56
N SER A 19 -5.20 -15.57 -9.32
CA SER A 19 -6.07 -16.51 -8.64
C SER A 19 -7.37 -16.76 -9.41
N GLY A 20 -8.08 -15.69 -9.71
CA GLY A 20 -9.36 -15.83 -10.37
C GLY A 20 -10.48 -15.28 -9.51
N ARG A 21 -10.11 -14.46 -8.54
CA ARG A 21 -11.07 -13.84 -7.65
C ARG A 21 -11.73 -12.66 -8.35
N VAL A 22 -13.00 -12.45 -8.08
CA VAL A 22 -13.76 -11.40 -8.76
C VAL A 22 -13.94 -10.16 -7.88
N TYR A 23 -13.62 -9.00 -8.44
CA TYR A 23 -13.78 -7.73 -7.73
C TYR A 23 -14.26 -6.64 -8.69
N TYR A 24 -14.43 -5.44 -8.19
CA TYR A 24 -14.92 -4.33 -9.00
C TYR A 24 -13.81 -3.30 -9.20
N PHE A 25 -13.64 -2.85 -10.44
CA PHE A 25 -12.61 -1.89 -10.77
C PHE A 25 -13.22 -0.62 -11.36
N ASN A 26 -12.69 0.52 -10.96
CA ASN A 26 -13.14 1.80 -11.46
C ASN A 26 -12.04 2.40 -12.31
N HIS A 27 -12.32 2.65 -13.56
CA HIS A 27 -11.31 3.16 -14.48
C HIS A 27 -11.29 4.70 -14.50
N ILE A 28 -12.21 5.31 -13.76
CA ILE A 28 -12.30 6.76 -13.71
C ILE A 28 -11.18 7.33 -12.84
N THR A 29 -11.10 6.86 -11.61
CA THR A 29 -10.06 7.30 -10.69
C THR A 29 -9.09 6.15 -10.41
N ASN A 30 -9.27 5.06 -11.16
CA ASN A 30 -8.45 3.86 -11.03
C ASN A 30 -8.60 3.25 -9.63
N ALA A 31 -9.82 3.27 -9.12
CA ALA A 31 -10.12 2.69 -7.83
C ALA A 31 -10.55 1.25 -7.99
N SER A 32 -10.77 0.56 -6.89
CA SER A 32 -11.17 -0.83 -6.92
C SER A 32 -11.76 -1.20 -5.58
N GLN A 33 -12.54 -2.25 -5.55
CA GLN A 33 -13.13 -2.72 -4.32
C GLN A 33 -13.57 -4.15 -4.45
N TRP A 34 -13.48 -4.88 -3.37
CA TRP A 34 -13.86 -6.27 -3.35
C TRP A 34 -15.24 -6.43 -2.73
N GLU A 35 -15.72 -5.34 -2.17
CA GLU A 35 -17.05 -5.27 -1.62
C GLU A 35 -17.96 -4.61 -2.63
N ARG A 36 -19.24 -4.90 -2.57
CA ARG A 36 -20.19 -4.36 -3.52
C ARG A 36 -20.48 -2.89 -3.20
N PRO A 37 -20.74 -2.07 -4.24
CA PRO A 37 -21.05 -0.63 -4.08
C PRO A 37 -22.31 -0.41 -3.24
N SER A 38 -23.13 -1.45 -3.13
CA SER A 38 -24.34 -1.40 -2.35
C SER A 38 -24.07 -1.87 -0.92
N GLY A 39 -22.80 -2.12 -0.62
CA GLY A 39 -22.41 -2.58 0.70
C GLY A 39 -22.55 -1.52 1.76
N ASN A 40 -22.54 -1.94 3.00
CA ASN A 40 -22.70 -1.04 4.13
C ASN A 40 -21.41 -0.89 4.91
N SER A 41 -20.27 -0.99 4.20
CA SER A 41 -18.93 -0.91 4.79
C SER A 41 -18.84 0.18 5.88
N SER A 42 -19.19 1.42 5.51
CA SER A 42 -19.24 2.54 6.45
C SER A 42 -17.84 2.96 6.96
N SER A 43 -17.74 4.19 7.40
CA SER A 43 -16.51 4.73 7.93
C SER A 43 -16.58 4.72 9.46
N GLY A 44 -15.74 3.93 10.10
CA GLY A 44 -15.76 3.85 11.54
C GLY A 44 -14.43 4.26 12.18
N GLY A 45 -14.32 5.53 12.49
CA GLY A 45 -13.13 6.03 13.14
C GLY A 45 -13.46 6.85 14.36
N LYS A 46 -12.45 7.26 15.10
CA LYS A 46 -12.67 8.06 16.29
C LYS A 46 -12.53 9.54 15.98
N ASN A 47 -12.88 10.38 16.92
CA ASN A 47 -12.77 11.82 16.75
C ASN A 47 -12.47 12.49 18.08
N GLY A 48 -11.74 13.58 18.04
CA GLY A 48 -11.39 14.28 19.25
C GLY A 48 -10.51 15.47 18.98
N GLN A 49 -10.05 16.12 20.04
CA GLN A 49 -9.21 17.29 19.92
C GLN A 49 -7.73 16.90 19.87
N GLY A 50 -6.91 17.77 19.29
CA GLY A 50 -5.50 17.52 19.22
C GLY A 50 -5.09 16.85 17.93
N GLU A 51 -4.09 17.40 17.29
CA GLU A 51 -3.56 16.86 16.05
C GLU A 51 -2.33 16.01 16.33
N PRO A 52 -2.30 14.76 15.84
CA PRO A 52 -1.15 13.87 16.00
C PRO A 52 0.08 14.45 15.27
N ALA A 53 1.02 14.98 16.04
CA ALA A 53 2.21 15.61 15.48
C ALA A 53 3.18 14.55 14.99
N ARG A 54 3.07 13.37 15.53
CA ARG A 54 3.91 12.26 15.14
C ARG A 54 3.07 11.02 14.91
N VAL A 55 3.27 10.39 13.77
CA VAL A 55 2.48 9.22 13.42
C VAL A 55 3.37 8.00 13.24
N ARG A 56 2.76 6.82 13.30
CA ARG A 56 3.48 5.58 13.14
C ARG A 56 2.86 4.76 12.02
N CYS A 57 3.71 4.25 11.15
CA CYS A 57 3.25 3.47 10.01
C CYS A 57 4.27 2.37 9.69
N SER A 58 3.84 1.38 8.95
CA SER A 58 4.68 0.28 8.56
C SER A 58 4.59 0.05 7.05
N HIS A 59 5.69 -0.30 6.43
CA HIS A 59 5.69 -0.49 4.98
C HIS A 59 6.51 -1.71 4.55
N LEU A 60 6.30 -2.11 3.32
CA LEU A 60 7.04 -3.20 2.73
C LEU A 60 7.78 -2.64 1.52
N LEU A 61 9.10 -2.70 1.54
CA LEU A 61 9.91 -2.12 0.48
C LEU A 61 10.42 -3.19 -0.48
N VAL A 62 10.18 -2.97 -1.77
CA VAL A 62 10.65 -3.84 -2.83
C VAL A 62 11.33 -3.01 -3.92
N LYS A 63 12.58 -3.29 -4.19
CA LYS A 63 13.29 -2.58 -5.24
C LYS A 63 13.32 -3.43 -6.51
N HIS A 64 13.90 -2.88 -7.55
CA HIS A 64 13.99 -3.59 -8.81
C HIS A 64 15.19 -3.10 -9.62
N SER A 65 15.45 -3.73 -10.75
CA SER A 65 16.64 -3.45 -11.57
C SER A 65 16.62 -2.04 -12.18
N GLN A 66 15.56 -1.30 -11.94
CA GLN A 66 15.44 0.05 -12.50
C GLN A 66 15.59 1.12 -11.42
N SER A 67 16.00 0.71 -10.25
CA SER A 67 16.21 1.64 -9.16
C SER A 67 17.66 2.13 -9.18
N ARG A 68 17.93 3.26 -8.51
CA ARG A 68 19.27 3.82 -8.49
C ARG A 68 20.25 2.87 -7.82
N ARG A 69 19.78 2.15 -6.82
CA ARG A 69 20.60 1.20 -6.12
C ARG A 69 19.86 -0.13 -5.99
N PRO A 70 20.15 -1.09 -6.89
CA PRO A 70 19.53 -2.41 -6.88
C PRO A 70 20.28 -3.37 -5.96
N SER A 71 20.80 -2.84 -4.87
CA SER A 71 21.54 -3.61 -3.91
C SER A 71 21.17 -3.20 -2.49
N SER A 72 20.45 -4.06 -1.80
CA SER A 72 20.05 -3.82 -0.43
C SER A 72 20.84 -4.73 0.48
N TRP A 73 20.60 -4.65 1.78
CA TRP A 73 21.29 -5.50 2.73
C TRP A 73 20.72 -6.93 2.64
N ARG A 74 19.57 -7.06 2.01
CA ARG A 74 18.91 -8.35 1.82
C ARG A 74 19.31 -8.93 0.48
N GLN A 75 19.22 -8.11 -0.54
CA GLN A 75 19.50 -8.53 -1.90
C GLN A 75 20.43 -7.56 -2.58
N GLU A 76 21.69 -7.93 -2.73
CA GLU A 76 22.66 -7.05 -3.36
C GLU A 76 22.68 -7.23 -4.87
N LYS A 77 21.79 -8.07 -5.37
CA LYS A 77 21.73 -8.38 -6.79
C LYS A 77 20.31 -8.28 -7.33
N ILE A 78 19.52 -7.38 -6.76
CA ILE A 78 18.11 -7.20 -7.15
C ILE A 78 17.97 -6.95 -8.65
N THR A 79 17.64 -7.99 -9.38
CA THR A 79 17.46 -7.87 -10.79
C THR A 79 16.05 -8.31 -11.18
N ARG A 80 15.08 -7.49 -10.82
CA ARG A 80 13.69 -7.75 -11.13
C ARG A 80 13.15 -6.63 -11.98
N THR A 81 12.20 -6.94 -12.85
CA THR A 81 11.62 -5.93 -13.71
C THR A 81 10.56 -5.10 -12.98
N LYS A 82 9.98 -4.15 -13.70
CA LYS A 82 8.97 -3.26 -13.14
C LYS A 82 7.64 -3.98 -12.86
N GLU A 83 7.27 -4.90 -13.75
CA GLU A 83 6.00 -5.61 -13.61
C GLU A 83 6.07 -6.67 -12.52
N GLU A 84 7.24 -7.27 -12.35
CA GLU A 84 7.44 -8.28 -11.32
C GLU A 84 7.22 -7.68 -9.96
N ALA A 85 7.91 -6.58 -9.70
CA ALA A 85 7.85 -5.89 -8.42
C ALA A 85 6.41 -5.56 -8.05
N LEU A 86 5.64 -5.10 -9.03
CA LEU A 86 4.25 -4.77 -8.80
C LEU A 86 3.41 -6.00 -8.52
N GLU A 87 3.56 -7.02 -9.34
CA GLU A 87 2.75 -8.21 -9.19
C GLU A 87 3.04 -8.93 -7.88
N LEU A 88 4.30 -8.98 -7.49
CA LEU A 88 4.68 -9.65 -6.26
C LEU A 88 4.21 -8.86 -5.04
N ILE A 89 4.29 -7.53 -5.10
CA ILE A 89 3.88 -6.69 -3.99
C ILE A 89 2.35 -6.64 -3.87
N ASN A 90 1.67 -6.61 -5.02
CA ASN A 90 0.21 -6.61 -5.03
C ASN A 90 -0.28 -7.96 -4.55
N GLY A 91 0.52 -8.98 -4.84
CA GLY A 91 0.20 -10.31 -4.38
C GLY A 91 0.29 -10.40 -2.88
N TYR A 92 1.19 -9.63 -2.29
CA TYR A 92 1.32 -9.58 -0.84
C TYR A 92 0.09 -8.95 -0.24
N ILE A 93 -0.37 -7.85 -0.85
CA ILE A 93 -1.57 -7.17 -0.40
C ILE A 93 -2.76 -8.12 -0.41
N GLN A 94 -2.82 -8.97 -1.43
CA GLN A 94 -3.91 -9.93 -1.56
C GLN A 94 -3.86 -11.02 -0.49
N LYS A 95 -2.66 -11.45 -0.13
CA LYS A 95 -2.51 -12.40 0.96
C LYS A 95 -3.10 -11.81 2.21
N ILE A 96 -2.69 -10.60 2.50
CA ILE A 96 -3.18 -9.85 3.65
C ILE A 96 -4.69 -9.61 3.54
N LYS A 97 -5.13 -9.26 2.34
CA LYS A 97 -6.53 -8.96 2.07
C LYS A 97 -7.42 -10.16 2.37
N SER A 98 -7.04 -11.31 1.85
CA SER A 98 -7.82 -12.53 2.03
C SER A 98 -7.63 -13.11 3.43
N GLY A 99 -6.59 -12.68 4.12
CA GLY A 99 -6.32 -13.19 5.45
C GLY A 99 -5.43 -14.41 5.43
N GLU A 100 -4.71 -14.57 4.32
CA GLU A 100 -3.80 -15.70 4.15
C GLU A 100 -2.54 -15.46 4.97
N GLU A 101 -1.98 -14.27 4.82
CA GLU A 101 -0.78 -13.89 5.55
C GLU A 101 -0.91 -12.45 5.98
N ASP A 102 -0.67 -12.18 7.24
CA ASP A 102 -0.80 -10.83 7.78
C ASP A 102 0.40 -10.00 7.40
N PHE A 103 0.22 -8.68 7.42
CA PHE A 103 1.27 -7.75 7.01
C PHE A 103 2.54 -7.91 7.85
N GLU A 104 2.36 -8.01 9.16
CA GLU A 104 3.47 -8.08 10.11
C GLU A 104 4.54 -9.11 9.72
N SER A 105 4.20 -10.39 9.82
CA SER A 105 5.16 -11.46 9.56
C SER A 105 5.55 -11.53 8.08
N LEU A 106 4.63 -11.14 7.21
CA LEU A 106 4.87 -11.16 5.78
C LEU A 106 5.92 -10.11 5.41
N ALA A 107 5.74 -8.90 5.93
CA ALA A 107 6.68 -7.81 5.67
C ALA A 107 8.05 -8.18 6.19
N SER A 108 8.11 -8.71 7.41
CA SER A 108 9.36 -9.13 8.03
C SER A 108 10.17 -10.04 7.09
N GLN A 109 9.47 -10.86 6.34
CA GLN A 109 10.08 -11.83 5.46
C GLN A 109 10.46 -11.23 4.11
N PHE A 110 9.56 -10.48 3.49
CA PHE A 110 9.79 -9.95 2.15
C PHE A 110 10.31 -8.52 2.12
N SER A 111 10.74 -8.00 3.26
CA SER A 111 11.25 -6.64 3.29
C SER A 111 12.69 -6.56 2.81
N ASP A 112 12.86 -5.95 1.66
CA ASP A 112 14.18 -5.77 1.05
C ASP A 112 14.96 -4.68 1.81
N CYS A 113 14.21 -3.77 2.41
CA CYS A 113 14.79 -2.66 3.16
C CYS A 113 15.27 -3.12 4.55
N SER A 114 16.02 -2.25 5.22
CA SER A 114 16.54 -2.55 6.55
C SER A 114 15.40 -2.60 7.58
N SER A 115 14.22 -2.09 7.18
CA SER A 115 13.02 -2.09 8.03
C SER A 115 12.63 -3.51 8.47
N ALA A 116 13.28 -4.51 7.88
CA ALA A 116 13.04 -5.92 8.18
C ALA A 116 13.18 -6.20 9.69
N LYS A 117 14.11 -5.50 10.33
CA LYS A 117 14.38 -5.68 11.75
C LYS A 117 13.14 -5.33 12.58
N ALA A 118 12.40 -4.34 12.12
CA ALA A 118 11.21 -3.91 12.83
C ALA A 118 9.94 -4.34 12.10
N ARG A 119 10.08 -5.35 11.23
CA ARG A 119 8.94 -5.96 10.51
C ARG A 119 8.26 -4.97 9.57
N GLY A 120 8.99 -3.94 9.17
CA GLY A 120 8.44 -2.97 8.26
C GLY A 120 8.06 -1.67 8.95
N ASP A 121 8.00 -1.72 10.27
CA ASP A 121 7.63 -0.54 11.07
C ASP A 121 8.78 0.44 11.17
N LEU A 122 8.48 1.71 10.94
CA LEU A 122 9.47 2.77 11.04
C LEU A 122 9.38 3.46 12.39
N GLY A 123 8.32 3.19 13.12
CA GLY A 123 8.11 3.84 14.37
C GLY A 123 7.34 5.13 14.20
N ALA A 124 7.42 6.01 15.16
CA ALA A 124 6.70 7.25 15.10
C ALA A 124 7.62 8.41 14.74
N PHE A 125 7.24 9.19 13.76
CA PHE A 125 8.01 10.35 13.33
C PHE A 125 7.10 11.56 13.18
N SER A 126 7.65 12.73 13.38
CA SER A 126 6.91 13.97 13.27
C SER A 126 7.12 14.61 11.90
N ARG A 127 6.27 15.55 11.54
CA ARG A 127 6.39 16.22 10.26
C ARG A 127 7.50 17.27 10.31
N GLY A 128 8.01 17.61 9.14
CA GLY A 128 9.12 18.54 9.06
C GLY A 128 10.32 17.89 8.44
N GLN A 129 10.54 16.64 8.79
CA GLN A 129 11.64 15.85 8.25
C GLN A 129 11.17 15.10 7.00
N MET A 130 9.99 15.45 6.56
CA MET A 130 9.38 14.81 5.40
C MET A 130 9.42 15.77 4.24
N GLN A 131 9.14 15.26 3.04
CA GLN A 131 9.03 16.12 1.87
C GLN A 131 7.86 17.08 2.08
N LYS A 132 7.86 18.20 1.39
CA LYS A 132 6.81 19.20 1.59
C LYS A 132 5.38 18.63 1.41
N PRO A 133 5.08 17.92 0.29
CA PRO A 133 3.73 17.34 0.09
C PRO A 133 3.49 16.12 0.99
N PHE A 134 4.55 15.59 1.56
CA PHE A 134 4.45 14.39 2.39
C PHE A 134 4.00 14.71 3.81
N GLU A 135 4.21 15.95 4.25
CA GLU A 135 3.72 16.35 5.57
C GLU A 135 2.21 16.22 5.63
N ASP A 136 1.57 16.55 4.53
CA ASP A 136 0.12 16.48 4.42
C ASP A 136 -0.32 15.06 4.12
N ALA A 137 0.60 14.24 3.62
CA ALA A 137 0.26 12.89 3.21
C ALA A 137 0.20 11.96 4.41
N SER A 138 1.26 11.95 5.21
CA SER A 138 1.34 11.12 6.39
C SER A 138 0.24 11.48 7.39
N PHE A 139 -0.09 12.75 7.44
CA PHE A 139 -1.12 13.26 8.35
C PHE A 139 -2.52 13.15 7.75
N ALA A 140 -2.63 12.64 6.54
CA ALA A 140 -3.92 12.53 5.87
C ALA A 140 -4.60 11.19 6.14
N LEU A 141 -3.82 10.12 6.13
CA LEU A 141 -4.37 8.79 6.36
C LEU A 141 -4.92 8.64 7.77
N ARG A 142 -5.84 7.71 7.93
CA ARG A 142 -6.45 7.46 9.22
C ARG A 142 -5.86 6.22 9.86
N THR A 143 -6.34 5.88 11.03
CA THR A 143 -5.86 4.73 11.76
C THR A 143 -6.47 3.43 11.21
N GLY A 144 -5.62 2.48 10.88
CA GLY A 144 -6.09 1.21 10.40
C GLY A 144 -6.36 1.19 8.90
N GLU A 145 -5.62 2.00 8.15
CA GLU A 145 -5.78 2.05 6.71
C GLU A 145 -4.55 1.47 6.01
N MET A 146 -4.78 0.80 4.90
CA MET A 146 -3.71 0.19 4.16
C MET A 146 -3.82 0.57 2.68
N SER A 147 -2.84 1.31 2.19
CA SER A 147 -2.83 1.74 0.82
C SER A 147 -2.01 0.75 -0.02
N GLY A 148 -1.64 1.14 -1.22
CA GLY A 148 -0.98 0.21 -2.11
C GLY A 148 0.43 0.60 -2.50
N PRO A 149 0.91 0.07 -3.64
CA PRO A 149 2.27 0.30 -4.13
C PRO A 149 2.49 1.74 -4.60
N VAL A 150 3.36 2.42 -3.89
CA VAL A 150 3.70 3.80 -4.22
C VAL A 150 4.98 3.84 -5.06
N PHE A 151 4.89 4.50 -6.22
CA PHE A 151 6.02 4.62 -7.13
C PHE A 151 6.94 5.77 -6.75
N THR A 152 7.96 5.47 -5.97
CA THR A 152 8.92 6.46 -5.54
C THR A 152 10.29 6.20 -6.16
N ASP A 153 11.26 7.05 -5.84
CA ASP A 153 12.64 6.87 -6.31
C ASP A 153 13.33 5.78 -5.52
N SER A 154 12.84 5.56 -4.31
CA SER A 154 13.37 4.53 -3.43
C SER A 154 12.94 3.14 -3.91
N GLY A 155 11.97 3.11 -4.80
CA GLY A 155 11.47 1.87 -5.30
C GLY A 155 9.99 1.76 -5.13
N ILE A 156 9.51 0.54 -5.00
CA ILE A 156 8.10 0.30 -4.83
C ILE A 156 7.82 -0.20 -3.42
N HIS A 157 6.84 0.39 -2.78
CA HIS A 157 6.48 0.01 -1.43
C HIS A 157 5.02 0.27 -1.15
N ILE A 158 4.43 -0.55 -0.30
CA ILE A 158 3.03 -0.41 0.07
C ILE A 158 2.90 0.33 1.39
N ILE A 159 1.67 0.56 1.83
CA ILE A 159 1.42 1.32 3.03
C ILE A 159 0.52 0.58 4.00
N LEU A 160 0.93 0.48 5.25
CA LEU A 160 0.11 -0.09 6.30
C LEU A 160 0.21 0.84 7.51
N ARG A 161 -0.79 1.68 7.67
CA ARG A 161 -0.76 2.69 8.71
C ARG A 161 -1.45 2.19 9.97
N THR A 162 -0.71 2.16 11.06
CA THR A 162 -1.25 1.71 12.32
C THR A 162 -1.81 2.88 13.14
N GLU A 163 -0.95 3.86 13.46
CA GLU A 163 -1.36 5.00 14.26
C GLU A 163 -0.23 6.01 14.35
C ACE B 1 -4.90 -2.12 -15.40
O ACE B 1 -4.87 -2.19 -16.63
CH3 ACE B 1 -5.78 -1.12 -14.70
H1 ACE B 1 -5.85 -0.23 -15.33
H2 ACE B 1 -5.34 -0.84 -13.76
H3 ACE B 1 -6.75 -1.56 -14.53
N VAL B 2 -4.17 -2.93 -14.62
CA VAL B 2 -4.78 -3.71 -13.55
C VAL B 2 -3.79 -3.84 -12.38
N LEU B 3 -4.31 -3.98 -11.17
CA LEU B 3 -3.46 -4.08 -9.99
C LEU B 3 -3.86 -5.25 -9.09
N TPO B 4 -5.20 -5.48 -9.00
CA TPO B 4 -5.84 -6.58 -8.20
CB TPO B 4 -4.94 -7.82 -8.01
CG2 TPO B 4 -5.68 -9.02 -7.43
OG1 TPO B 4 -4.33 -8.24 -9.23
P TPO B 4 -5.21 -8.76 -10.47
O1P TPO B 4 -4.33 -8.31 -11.73
O2P TPO B 4 -6.64 -8.35 -10.51
O3P TPO B 4 -4.95 -10.35 -10.43
C TPO B 4 -6.46 -6.10 -6.84
O TPO B 4 -7.66 -6.29 -6.62
H TPO B 4 -5.80 -4.88 -9.47
HA TPO B 4 -6.69 -6.87 -8.81
HB TPO B 4 -4.14 -7.57 -7.32
HG21 TPO B 4 -6.50 -9.29 -8.09
HG22 TPO B 4 -6.08 -8.75 -6.45
HG23 TPO B 4 -5.00 -9.84 -7.32
N PRO B 5 -5.69 -5.47 -5.91
CA PRO B 5 -6.22 -5.03 -4.63
C PRO B 5 -6.94 -3.68 -4.71
N PRO B 6 -7.77 -3.35 -3.71
CA PRO B 6 -8.46 -2.09 -3.65
C PRO B 6 -7.62 -1.02 -3.00
N ASP B 7 -6.73 -0.46 -3.76
CA ASP B 7 -5.86 0.56 -3.29
C ASP B 7 -5.49 1.51 -4.42
N GLN B 8 -5.47 2.78 -4.11
CA GLN B 8 -5.02 3.80 -5.05
C GLN B 8 -4.99 5.16 -4.37
N GLU B 9 -6.17 5.78 -4.22
CA GLU B 9 -6.32 7.08 -3.55
C GLU B 9 -5.45 8.15 -4.22
N VAL B 10 -5.18 7.95 -5.52
CA VAL B 10 -4.28 8.82 -6.27
C VAL B 10 -2.97 9.01 -5.51
N ILE B 11 -2.14 7.95 -5.54
CA ILE B 11 -0.84 7.90 -4.84
C ILE B 11 -0.88 8.65 -3.49
N ARG B 12 -1.34 7.95 -2.45
CA ARG B 12 -1.55 8.56 -1.13
C ARG B 12 -0.26 9.13 -0.54
N ASN B 13 0.79 8.28 -0.45
CA ASN B 13 2.11 8.70 0.09
C ASN B 13 2.06 8.83 1.61
N ILE B 14 3.17 8.46 2.28
CA ILE B 14 3.28 8.59 3.75
C ILE B 14 4.68 8.14 4.26
N ASP B 15 4.77 6.94 4.84
CA ASP B 15 5.99 6.46 5.49
C ASP B 15 6.92 5.77 4.52
N GLN B 16 6.67 5.95 3.26
CA GLN B 16 7.41 5.27 2.20
C GLN B 16 8.93 5.38 2.38
N SER B 17 9.45 6.58 2.30
CA SER B 17 10.89 6.84 2.51
C SER B 17 11.09 8.33 2.71
N GLU B 18 10.33 9.08 1.95
CA GLU B 18 10.35 10.51 1.90
C GLU B 18 10.00 11.16 3.25
N PHE B 19 9.25 10.46 4.08
CA PHE B 19 8.81 11.00 5.35
C PHE B 19 9.90 10.85 6.43
N GLU B 20 10.87 9.99 6.16
CA GLU B 20 11.93 9.73 7.11
C GLU B 20 13.21 10.41 6.67
N GLY B 21 13.66 10.08 5.46
CA GLY B 21 14.87 10.70 4.96
C GLY B 21 15.90 9.70 4.49
N PHE B 22 15.46 8.50 4.13
CA PHE B 22 16.37 7.49 3.62
C PHE B 22 16.07 7.18 2.16
N SEP B 23 17.14 7.06 1.37
CA SEP B 23 17.05 6.86 -0.09
CB SEP B 23 16.17 5.64 -0.45
OG SEP B 23 16.82 4.42 -0.07
C SEP B 23 16.56 8.12 -0.80
O SEP B 23 17.26 8.70 -1.62
P SEP B 23 17.83 3.69 -1.10
O1P SEP B 23 18.37 2.39 -0.65
O2P SEP B 23 16.97 3.64 -2.46
O3P SEP B 23 18.90 4.83 -1.42
H SEP B 23 18.03 7.13 1.77
HA SEP B 23 18.06 6.67 -0.43
HB2 SEP B 23 15.99 5.62 -1.51
HB3 SEP B 23 15.24 5.72 0.08
N PHE B 24 15.38 8.59 -0.45
CA PHE B 24 14.85 9.80 -1.02
C PHE B 24 14.02 10.56 0.02
N NH2 B 25 14.69 11.31 0.88
HN1 NH2 B 25 15.66 11.34 0.80
HN2 NH2 B 25 14.17 11.80 1.55
N MET A 1 -33.26 -6.84 -9.14
CA MET A 1 -32.32 -5.71 -9.09
C MET A 1 -32.57 -4.75 -10.24
N ALA A 2 -32.30 -3.49 -10.01
CA ALA A 2 -32.42 -2.47 -11.04
C ALA A 2 -31.05 -2.13 -11.60
N ASP A 3 -30.85 -0.89 -12.04
CA ASP A 3 -29.54 -0.45 -12.58
C ASP A 3 -28.55 -0.28 -11.44
N GLU A 4 -28.99 -0.65 -10.24
CA GLU A 4 -28.19 -0.59 -9.02
C GLU A 4 -26.91 -1.41 -9.15
N GLU A 5 -26.98 -2.50 -9.88
CA GLU A 5 -25.84 -3.38 -10.02
C GLU A 5 -24.86 -2.89 -11.07
N LYS A 6 -25.24 -1.88 -11.82
CA LYS A 6 -24.35 -1.26 -12.78
C LYS A 6 -23.50 -0.21 -12.09
N LEU A 7 -22.44 0.21 -12.73
CA LEU A 7 -21.49 1.10 -12.09
C LEU A 7 -21.30 2.40 -12.88
N PRO A 8 -20.85 3.47 -12.20
CA PRO A 8 -20.56 4.76 -12.84
C PRO A 8 -19.39 4.66 -13.84
N PRO A 9 -19.21 5.68 -14.70
CA PRO A 9 -18.13 5.71 -15.70
C PRO A 9 -16.76 5.36 -15.10
N GLY A 10 -16.02 4.51 -15.82
CA GLY A 10 -14.72 4.11 -15.34
C GLY A 10 -14.74 2.78 -14.63
N TRP A 11 -15.76 2.59 -13.80
CA TRP A 11 -15.90 1.38 -13.01
C TRP A 11 -16.69 0.31 -13.74
N GLU A 12 -16.22 -0.92 -13.65
CA GLU A 12 -16.90 -2.06 -14.21
C GLU A 12 -16.81 -3.21 -13.24
N LYS A 13 -17.72 -4.12 -13.36
CA LYS A 13 -17.84 -5.22 -12.45
C LYS A 13 -17.04 -6.43 -12.93
N ARG A 14 -16.02 -6.79 -12.18
CA ARG A 14 -15.17 -7.90 -12.52
C ARG A 14 -15.31 -9.00 -11.47
N MET A 15 -14.84 -10.18 -11.77
CA MET A 15 -14.92 -11.29 -10.85
C MET A 15 -13.57 -11.99 -10.75
N SER A 16 -13.16 -12.31 -9.54
CA SER A 16 -11.92 -13.00 -9.30
C SER A 16 -11.93 -14.36 -9.98
N ARG A 17 -11.01 -14.56 -10.91
CA ARG A 17 -10.96 -15.77 -11.71
C ARG A 17 -10.46 -16.98 -10.91
N SER A 18 -9.82 -16.72 -9.79
CA SER A 18 -9.29 -17.79 -8.96
C SER A 18 -10.07 -17.93 -7.66
N SER A 19 -11.27 -17.39 -7.63
CA SER A 19 -12.10 -17.44 -6.44
C SER A 19 -13.59 -17.48 -6.80
N GLY A 20 -14.04 -16.52 -7.57
CA GLY A 20 -15.44 -16.43 -7.91
C GLY A 20 -16.10 -15.24 -7.27
N ARG A 21 -15.33 -14.51 -6.47
CA ARG A 21 -15.82 -13.31 -5.79
C ARG A 21 -15.94 -12.15 -6.78
N VAL A 22 -16.96 -11.32 -6.58
CA VAL A 22 -17.21 -10.18 -7.45
C VAL A 22 -16.70 -8.89 -6.80
N TYR A 23 -16.07 -8.04 -7.59
CA TYR A 23 -15.54 -6.79 -7.10
C TYR A 23 -15.68 -5.71 -8.17
N TYR A 24 -15.54 -4.46 -7.76
CA TYR A 24 -15.66 -3.34 -8.67
C TYR A 24 -14.29 -2.89 -9.12
N PHE A 25 -14.06 -2.87 -10.42
CA PHE A 25 -12.77 -2.51 -10.99
C PHE A 25 -12.87 -1.31 -11.93
N ASN A 26 -12.00 -0.35 -11.73
CA ASN A 26 -11.95 0.82 -12.60
C ASN A 26 -10.70 0.72 -13.46
N HIS A 27 -10.88 0.69 -14.77
CA HIS A 27 -9.75 0.51 -15.68
C HIS A 27 -9.06 1.84 -15.98
N ILE A 28 -9.77 2.93 -15.73
CA ILE A 28 -9.25 4.27 -15.98
C ILE A 28 -8.13 4.58 -14.99
N THR A 29 -8.46 4.53 -13.72
CA THR A 29 -7.52 4.81 -12.66
C THR A 29 -6.86 3.51 -12.17
N ASN A 30 -7.33 2.39 -12.74
CA ASN A 30 -6.88 1.05 -12.35
C ASN A 30 -7.06 0.85 -10.84
N ALA A 31 -8.30 0.96 -10.42
CA ALA A 31 -8.65 0.84 -9.01
C ALA A 31 -9.62 -0.30 -8.81
N SER A 32 -9.87 -0.68 -7.58
CA SER A 32 -10.77 -1.76 -7.26
C SER A 32 -11.24 -1.64 -5.83
N GLN A 33 -12.47 -2.04 -5.59
CA GLN A 33 -13.04 -1.98 -4.27
C GLN A 33 -14.23 -2.91 -4.15
N TRP A 34 -14.53 -3.30 -2.94
CA TRP A 34 -15.63 -4.21 -2.68
C TRP A 34 -16.80 -3.45 -2.08
N GLU A 35 -16.53 -2.22 -1.70
CA GLU A 35 -17.53 -1.36 -1.13
C GLU A 35 -18.27 -0.63 -2.24
N ARG A 36 -19.50 -0.22 -1.97
CA ARG A 36 -20.30 0.49 -2.96
C ARG A 36 -19.67 1.84 -3.29
N PRO A 37 -19.24 2.03 -4.56
CA PRO A 37 -18.62 3.28 -4.99
C PRO A 37 -19.54 4.48 -4.78
N SER A 38 -20.76 4.36 -5.27
CA SER A 38 -21.73 5.41 -5.13
C SER A 38 -22.52 5.24 -3.85
N GLY A 39 -21.99 5.77 -2.76
CA GLY A 39 -22.66 5.69 -1.49
C GLY A 39 -23.65 6.81 -1.32
N ASN A 40 -24.82 6.64 -1.91
CA ASN A 40 -25.87 7.66 -1.86
C ASN A 40 -26.38 7.83 -0.43
N SER A 41 -26.45 6.73 0.29
CA SER A 41 -26.92 6.76 1.67
C SER A 41 -25.75 6.98 2.63
N SER A 42 -24.56 6.57 2.21
CA SER A 42 -23.36 6.75 3.01
C SER A 42 -23.09 8.24 3.24
N SER A 43 -22.76 8.59 4.47
CA SER A 43 -22.53 9.97 4.83
C SER A 43 -21.08 10.38 4.62
N GLY A 44 -20.85 11.69 4.61
CA GLY A 44 -19.49 12.19 4.47
C GLY A 44 -18.78 12.20 5.80
N GLY A 45 -17.62 12.84 5.86
CA GLY A 45 -16.88 12.85 7.09
C GLY A 45 -15.91 14.01 7.19
N LYS A 46 -16.22 14.96 8.04
CA LYS A 46 -15.33 16.09 8.29
C LYS A 46 -14.77 15.96 9.69
N ASN A 47 -15.16 14.90 10.36
CA ASN A 47 -14.74 14.62 11.71
C ASN A 47 -13.47 13.78 11.72
N GLY A 48 -13.11 13.29 12.88
CA GLY A 48 -11.91 12.50 13.01
C GLY A 48 -10.73 13.35 13.37
N GLN A 49 -11.00 14.43 14.07
CA GLN A 49 -9.96 15.35 14.49
C GLN A 49 -9.42 14.96 15.85
N GLY A 50 -8.29 15.54 16.20
CA GLY A 50 -7.68 15.23 17.47
C GLY A 50 -6.70 14.10 17.35
N GLU A 51 -6.29 13.81 16.13
CA GLU A 51 -5.34 12.74 15.87
C GLU A 51 -3.96 13.12 16.39
N PRO A 52 -3.13 12.12 16.71
CA PRO A 52 -1.77 12.33 17.25
C PRO A 52 -0.88 13.14 16.30
N ALA A 53 0.18 13.71 16.84
CA ALA A 53 1.13 14.49 16.07
C ALA A 53 2.10 13.59 15.31
N ARG A 54 1.93 12.30 15.48
CA ARG A 54 2.78 11.32 14.84
C ARG A 54 2.01 10.03 14.60
N VAL A 55 2.46 9.23 13.66
CA VAL A 55 1.83 7.95 13.39
C VAL A 55 2.87 6.85 13.33
N ARG A 56 2.41 5.62 13.39
CA ARG A 56 3.28 4.47 13.30
C ARG A 56 2.78 3.55 12.20
N CYS A 57 3.64 3.21 11.28
CA CYS A 57 3.26 2.36 10.19
C CYS A 57 4.37 1.38 9.84
N SER A 58 4.06 0.44 8.99
CA SER A 58 5.02 -0.53 8.52
C SER A 58 5.07 -0.49 7.00
N HIS A 59 6.21 -0.80 6.42
CA HIS A 59 6.34 -0.75 4.98
C HIS A 59 7.23 -1.86 4.44
N LEU A 60 6.89 -2.33 3.27
CA LEU A 60 7.69 -3.31 2.58
C LEU A 60 8.29 -2.64 1.37
N LEU A 61 9.59 -2.52 1.33
CA LEU A 61 10.27 -1.84 0.23
C LEU A 61 11.00 -2.85 -0.64
N VAL A 62 10.65 -2.86 -1.91
CA VAL A 62 11.28 -3.71 -2.90
C VAL A 62 11.99 -2.84 -3.91
N LYS A 63 13.25 -3.13 -4.19
CA LYS A 63 13.99 -2.34 -5.14
C LYS A 63 14.02 -2.99 -6.51
N HIS A 64 14.62 -2.29 -7.46
CA HIS A 64 14.68 -2.78 -8.82
C HIS A 64 15.78 -2.07 -9.60
N SER A 65 16.03 -2.53 -10.81
CA SER A 65 17.10 -2.02 -11.67
C SER A 65 17.08 -0.48 -11.82
N GLN A 66 15.99 0.06 -12.35
CA GLN A 66 15.93 1.50 -12.63
C GLN A 66 15.44 2.33 -11.42
N SER A 67 15.80 1.92 -10.22
CA SER A 67 15.46 2.69 -9.03
C SER A 67 16.60 3.68 -8.74
N ARG A 68 16.46 4.46 -7.67
CA ARG A 68 17.53 5.39 -7.29
C ARG A 68 18.82 4.61 -7.01
N ARG A 69 18.71 3.62 -6.15
CA ARG A 69 19.84 2.81 -5.80
C ARG A 69 19.49 1.32 -5.95
N PRO A 70 20.03 0.67 -6.98
CA PRO A 70 19.78 -0.77 -7.24
C PRO A 70 20.57 -1.67 -6.29
N SER A 71 20.69 -1.23 -5.06
CA SER A 71 21.42 -1.95 -4.05
C SER A 71 20.74 -1.75 -2.69
N SER A 72 20.73 -2.80 -1.89
CA SER A 72 20.13 -2.76 -0.58
C SER A 72 21.01 -3.51 0.41
N TRP A 73 20.54 -3.64 1.63
CA TRP A 73 21.29 -4.38 2.64
C TRP A 73 21.23 -5.87 2.33
N ARG A 74 20.29 -6.23 1.46
CA ARG A 74 20.12 -7.60 1.02
C ARG A 74 21.20 -7.94 0.01
N GLN A 75 21.21 -7.20 -1.09
CA GLN A 75 22.17 -7.41 -2.17
C GLN A 75 22.55 -6.08 -2.80
N GLU A 76 23.77 -5.98 -3.25
CA GLU A 76 24.26 -4.76 -3.89
C GLU A 76 24.22 -4.90 -5.40
N LYS A 77 23.59 -5.96 -5.86
CA LYS A 77 23.50 -6.26 -7.27
C LYS A 77 22.04 -6.44 -7.69
N ILE A 78 21.13 -5.75 -7.03
CA ILE A 78 19.70 -5.87 -7.31
C ILE A 78 19.38 -5.57 -8.76
N THR A 79 19.12 -6.61 -9.52
CA THR A 79 18.76 -6.49 -10.90
C THR A 79 17.37 -7.07 -11.11
N ARG A 80 16.36 -6.31 -10.72
CA ARG A 80 14.99 -6.76 -10.85
C ARG A 80 14.20 -5.81 -11.71
N THR A 81 13.28 -6.35 -12.47
CA THR A 81 12.45 -5.54 -13.34
C THR A 81 11.20 -5.08 -12.58
N LYS A 82 10.62 -3.95 -12.99
CA LYS A 82 9.46 -3.39 -12.31
C LYS A 82 8.27 -4.35 -12.33
N GLU A 83 8.13 -5.10 -13.43
CA GLU A 83 7.05 -6.07 -13.55
C GLU A 83 7.20 -7.18 -12.51
N GLU A 84 8.45 -7.51 -12.20
CA GLU A 84 8.75 -8.54 -11.22
C GLU A 84 8.40 -8.03 -9.83
N ALA A 85 8.86 -6.81 -9.54
CA ALA A 85 8.61 -6.18 -8.24
C ALA A 85 7.12 -6.09 -7.95
N LEU A 86 6.35 -5.60 -8.92
CA LEU A 86 4.91 -5.48 -8.76
C LEU A 86 4.26 -6.84 -8.57
N GLU A 87 4.71 -7.81 -9.35
CA GLU A 87 4.14 -9.15 -9.31
C GLU A 87 4.31 -9.79 -7.94
N LEU A 88 5.46 -9.56 -7.31
CA LEU A 88 5.73 -10.14 -6.01
C LEU A 88 5.11 -9.31 -4.89
N ILE A 89 5.19 -7.98 -4.99
CA ILE A 89 4.69 -7.12 -3.93
C ILE A 89 3.16 -7.18 -3.84
N ASN A 90 2.48 -7.23 -4.99
CA ASN A 90 1.03 -7.33 -5.00
C ASN A 90 0.63 -8.70 -4.54
N GLY A 91 1.45 -9.69 -4.90
CA GLY A 91 1.20 -11.06 -4.49
C GLY A 91 1.16 -11.17 -2.99
N TYR A 92 2.05 -10.42 -2.33
CA TYR A 92 2.10 -10.40 -0.89
C TYR A 92 0.86 -9.70 -0.33
N ILE A 93 0.44 -8.64 -1.00
CA ILE A 93 -0.76 -7.90 -0.60
C ILE A 93 -1.97 -8.83 -0.54
N GLN A 94 -2.15 -9.65 -1.57
CA GLN A 94 -3.26 -10.60 -1.61
C GLN A 94 -3.25 -11.52 -0.40
N LYS A 95 -2.06 -11.97 0.00
CA LYS A 95 -1.90 -12.87 1.15
C LYS A 95 -2.34 -12.17 2.43
N ILE A 96 -1.83 -10.98 2.63
CA ILE A 96 -2.13 -10.17 3.82
C ILE A 96 -3.61 -9.78 3.83
N LYS A 97 -4.13 -9.44 2.65
CA LYS A 97 -5.52 -9.02 2.48
C LYS A 97 -6.47 -10.15 2.84
N SER A 98 -6.07 -11.37 2.55
CA SER A 98 -6.89 -12.54 2.82
C SER A 98 -6.67 -13.04 4.26
N GLY A 99 -5.80 -12.35 4.99
CA GLY A 99 -5.51 -12.72 6.37
C GLY A 99 -4.79 -14.05 6.45
N GLU A 100 -3.86 -14.28 5.54
CA GLU A 100 -3.13 -15.53 5.52
C GLU A 100 -1.70 -15.32 6.02
N GLU A 101 -1.04 -14.29 5.51
CA GLU A 101 0.31 -13.96 5.93
C GLU A 101 0.32 -12.55 6.50
N ASP A 102 1.14 -12.34 7.51
CA ASP A 102 1.18 -11.05 8.18
C ASP A 102 2.24 -10.15 7.59
N PHE A 103 1.89 -8.87 7.49
CA PHE A 103 2.75 -7.86 6.93
C PHE A 103 4.10 -7.82 7.64
N GLU A 104 4.06 -7.76 8.97
CA GLU A 104 5.28 -7.68 9.78
C GLU A 104 6.26 -8.81 9.49
N SER A 105 5.80 -10.03 9.67
CA SER A 105 6.64 -11.22 9.49
C SER A 105 7.17 -11.31 8.05
N LEU A 106 6.33 -10.96 7.10
CA LEU A 106 6.68 -11.04 5.71
C LEU A 106 7.65 -9.91 5.31
N ALA A 107 7.38 -8.70 5.81
CA ALA A 107 8.22 -7.53 5.51
C ALA A 107 9.63 -7.70 6.03
N SER A 108 9.75 -8.13 7.28
CA SER A 108 11.06 -8.33 7.91
C SER A 108 11.94 -9.25 7.06
N GLN A 109 11.31 -10.15 6.34
CA GLN A 109 12.04 -11.13 5.55
C GLN A 109 12.32 -10.64 4.11
N PHE A 110 11.32 -10.07 3.45
CA PHE A 110 11.46 -9.70 2.03
C PHE A 110 11.62 -8.20 1.75
N SER A 111 12.05 -7.40 2.72
CA SER A 111 12.21 -5.97 2.44
C SER A 111 13.68 -5.58 2.21
N ASP A 112 13.91 -4.78 1.17
CA ASP A 112 15.25 -4.28 0.83
C ASP A 112 15.66 -3.13 1.73
N CYS A 113 14.69 -2.59 2.43
CA CYS A 113 14.94 -1.46 3.31
C CYS A 113 15.51 -1.92 4.64
N SER A 114 16.30 -1.06 5.26
CA SER A 114 16.92 -1.35 6.55
C SER A 114 15.84 -1.53 7.63
N SER A 115 14.61 -1.12 7.32
CA SER A 115 13.48 -1.26 8.23
C SER A 115 13.18 -2.73 8.52
N ALA A 116 13.80 -3.63 7.75
CA ALA A 116 13.62 -5.07 7.94
C ALA A 116 14.02 -5.49 9.35
N LYS A 117 14.96 -4.75 9.93
CA LYS A 117 15.43 -5.01 11.30
C LYS A 117 14.29 -4.83 12.29
N ALA A 118 13.42 -3.88 12.00
CA ALA A 118 12.27 -3.60 12.85
C ALA A 118 11.03 -4.26 12.27
N ARG A 119 11.25 -5.17 11.32
CA ARG A 119 10.19 -5.97 10.71
C ARG A 119 9.24 -5.12 9.86
N GLY A 120 9.77 -4.03 9.31
CA GLY A 120 8.98 -3.18 8.44
C GLY A 120 8.48 -1.96 9.15
N ASP A 121 8.44 -2.03 10.47
CA ASP A 121 7.95 -0.92 11.29
C ASP A 121 8.91 0.26 11.25
N LEU A 122 8.37 1.43 10.99
CA LEU A 122 9.16 2.66 10.95
C LEU A 122 9.26 3.25 12.34
N GLY A 123 8.24 2.99 13.14
CA GLY A 123 8.17 3.54 14.45
C GLY A 123 7.27 4.75 14.48
N ALA A 124 7.59 5.69 15.33
CA ALA A 124 6.80 6.88 15.48
C ALA A 124 7.47 8.06 14.80
N PHE A 125 6.81 8.63 13.81
CA PHE A 125 7.34 9.78 13.10
C PHE A 125 6.31 10.89 13.04
N SER A 126 6.77 12.11 13.24
CA SER A 126 5.88 13.25 13.27
C SER A 126 5.89 13.99 11.92
N ARG A 127 4.89 14.82 11.72
CA ARG A 127 4.75 15.56 10.48
C ARG A 127 5.74 16.72 10.38
N GLY A 128 5.81 17.33 9.20
CA GLY A 128 6.70 18.45 8.99
C GLY A 128 8.01 18.07 8.32
N GLN A 129 8.53 16.90 8.64
CA GLN A 129 9.82 16.46 8.13
C GLN A 129 9.68 15.73 6.78
N MET A 130 8.49 15.76 6.23
CA MET A 130 8.21 14.99 5.01
C MET A 130 7.80 15.90 3.86
N GLN A 131 7.51 15.29 2.70
CA GLN A 131 7.11 16.02 1.50
C GLN A 131 5.87 16.87 1.75
N LYS A 132 5.73 17.96 0.98
CA LYS A 132 4.62 18.90 1.16
C LYS A 132 3.23 18.23 1.08
N PRO A 133 2.87 17.54 -0.05
CA PRO A 133 1.55 16.90 -0.20
C PRO A 133 1.37 15.72 0.75
N PHE A 134 2.47 15.09 1.10
CA PHE A 134 2.44 13.91 1.96
C PHE A 134 2.48 14.27 3.44
N GLU A 135 2.86 15.51 3.71
CA GLU A 135 2.90 16.05 5.07
C GLU A 135 1.57 15.77 5.79
N ASP A 136 0.48 15.89 5.06
CA ASP A 136 -0.86 15.59 5.58
C ASP A 136 -1.23 14.13 5.31
N ALA A 137 -0.53 13.50 4.38
CA ALA A 137 -0.88 12.16 3.94
C ALA A 137 -0.34 11.09 4.86
N SER A 138 0.52 11.49 5.79
CA SER A 138 1.08 10.56 6.74
C SER A 138 -0.01 10.04 7.69
N PHE A 139 -0.89 10.95 8.07
CA PHE A 139 -2.02 10.63 8.97
C PHE A 139 -3.26 10.20 8.18
N ALA A 140 -3.15 10.16 6.86
CA ALA A 140 -4.31 9.90 6.00
C ALA A 140 -4.97 8.53 6.24
N LEU A 141 -4.17 7.50 6.47
CA LEU A 141 -4.73 6.15 6.64
C LEU A 141 -5.20 5.88 8.05
N ARG A 142 -6.19 5.01 8.16
CA ARG A 142 -6.72 4.61 9.45
C ARG A 142 -5.97 3.37 9.96
N THR A 143 -6.19 3.05 11.22
CA THR A 143 -5.55 1.90 11.84
C THR A 143 -6.01 0.58 11.20
N GLY A 144 -5.10 -0.06 10.47
CA GLY A 144 -5.43 -1.33 9.85
C GLY A 144 -5.63 -1.24 8.35
N GLU A 145 -5.39 -0.07 7.77
CA GLU A 145 -5.57 0.09 6.34
C GLU A 145 -4.23 0.22 5.62
N MET A 146 -4.19 -0.24 4.40
CA MET A 146 -2.97 -0.27 3.63
C MET A 146 -3.08 0.61 2.39
N SER A 147 -2.07 1.45 2.21
CA SER A 147 -1.98 2.40 1.09
C SER A 147 -1.80 1.69 -0.24
N GLY A 148 -1.16 0.53 -0.22
CA GLY A 148 -0.90 -0.20 -1.43
C GLY A 148 0.49 0.06 -1.98
N PRO A 149 0.80 -0.43 -3.18
CA PRO A 149 2.11 -0.25 -3.80
C PRO A 149 2.24 1.07 -4.53
N VAL A 150 3.20 1.88 -4.12
CA VAL A 150 3.43 3.16 -4.77
C VAL A 150 4.83 3.22 -5.38
N PHE A 151 4.91 3.84 -6.56
CA PHE A 151 6.17 3.96 -7.28
C PHE A 151 6.93 5.17 -6.80
N THR A 152 7.92 4.95 -5.95
CA THR A 152 8.74 6.02 -5.44
C THR A 152 10.17 5.92 -5.97
N ASP A 153 10.99 6.91 -5.67
CA ASP A 153 12.40 6.92 -6.09
C ASP A 153 13.17 5.82 -5.39
N SER A 154 12.78 5.53 -4.16
CA SER A 154 13.43 4.51 -3.35
C SER A 154 13.06 3.10 -3.86
N GLY A 155 12.12 3.05 -4.80
CA GLY A 155 11.66 1.80 -5.32
C GLY A 155 10.17 1.65 -5.16
N ILE A 156 9.69 0.44 -5.06
CA ILE A 156 8.27 0.20 -4.89
C ILE A 156 8.02 -0.29 -3.49
N HIS A 157 7.17 0.41 -2.76
CA HIS A 157 6.89 0.03 -1.39
C HIS A 157 5.43 0.14 -1.06
N ILE A 158 4.96 -0.80 -0.25
CA ILE A 158 3.59 -0.79 0.23
C ILE A 158 3.56 -0.29 1.66
N ILE A 159 2.57 0.54 1.98
CA ILE A 159 2.48 1.12 3.32
C ILE A 159 1.27 0.61 4.07
N LEU A 160 1.50 0.09 5.25
CA LEU A 160 0.43 -0.37 6.11
C LEU A 160 0.42 0.49 7.36
N ARG A 161 -0.66 1.27 7.54
CA ARG A 161 -0.75 2.15 8.69
C ARG A 161 -1.24 1.40 9.90
N THR A 162 -0.38 1.29 10.88
CA THR A 162 -0.70 0.60 12.09
C THR A 162 -1.39 1.54 13.08
N GLU A 163 -0.61 2.43 13.67
CA GLU A 163 -1.12 3.35 14.69
C GLU A 163 -0.29 4.63 14.68
C ACE B 1 -6.15 -5.10 -14.70
O ACE B 1 -6.80 -4.95 -15.72
CH3 ACE B 1 -4.63 -5.02 -14.72
H1 ACE B 1 -4.34 -4.02 -15.05
H2 ACE B 1 -4.24 -5.74 -15.41
H3 ACE B 1 -4.26 -5.24 -13.72
N VAL B 2 -6.71 -5.34 -13.50
CA VAL B 2 -6.74 -6.67 -12.89
C VAL B 2 -5.78 -6.77 -11.71
N LEU B 3 -6.31 -7.20 -10.59
CA LEU B 3 -5.58 -7.30 -9.34
C LEU B 3 -6.47 -7.96 -8.30
N TPO B 4 -7.76 -7.54 -8.32
CA TPO B 4 -8.85 -8.05 -7.46
CB TPO B 4 -8.77 -9.58 -7.19
CG2 TPO B 4 -9.65 -10.04 -6.04
OG1 TPO B 4 -9.18 -10.34 -8.34
P TPO B 4 -8.14 -10.70 -9.52
O1P TPO B 4 -8.96 -11.82 -10.35
O2P TPO B 4 -6.77 -11.08 -9.10
O3P TPO B 4 -8.25 -9.42 -10.50
C TPO B 4 -9.10 -7.18 -6.18
O TPO B 4 -10.12 -6.50 -6.12
H TPO B 4 -7.99 -6.84 -8.95
HA TPO B 4 -9.73 -7.88 -8.06
HB TPO B 4 -7.75 -9.85 -6.95
HG21 TPO B 4 -10.69 -9.81 -6.27
HG22 TPO B 4 -9.36 -9.52 -5.13
HG23 TPO B 4 -9.54 -11.10 -5.90
N PRO B 5 -8.21 -7.16 -5.16
CA PRO B 5 -8.40 -6.30 -3.99
C PRO B 5 -7.93 -4.87 -4.28
N PRO B 6 -8.00 -3.95 -3.30
CA PRO B 6 -7.54 -2.58 -3.48
C PRO B 6 -6.01 -2.46 -3.34
N ASP B 7 -5.29 -3.21 -4.16
CA ASP B 7 -3.84 -3.18 -4.12
C ASP B 7 -3.24 -2.39 -5.27
N GLN B 8 -3.38 -1.07 -5.20
CA GLN B 8 -2.85 -0.20 -6.22
C GLN B 8 -2.70 1.22 -5.68
N GLU B 9 -2.75 2.20 -6.57
CA GLU B 9 -2.68 3.60 -6.22
C GLU B 9 -3.93 4.03 -5.45
N VAL B 10 -3.99 3.67 -4.16
CA VAL B 10 -5.11 4.04 -3.32
C VAL B 10 -4.94 5.48 -2.86
N ILE B 11 -4.95 6.39 -3.82
CA ILE B 11 -4.81 7.84 -3.58
C ILE B 11 -3.36 8.21 -3.19
N ARG B 12 -2.60 7.20 -2.70
CA ARG B 12 -1.21 7.35 -2.26
C ARG B 12 -1.15 8.00 -0.89
N ASN B 13 -1.19 7.19 0.13
CA ASN B 13 -1.11 7.68 1.49
C ASN B 13 0.21 7.28 2.12
N ILE B 14 0.81 8.20 2.87
CA ILE B 14 2.14 8.01 3.46
C ILE B 14 3.19 7.83 2.36
N ASP B 15 3.99 8.88 2.12
CA ASP B 15 5.02 8.83 1.10
C ASP B 15 6.01 7.70 1.40
N GLN B 16 6.32 7.53 2.68
CA GLN B 16 7.22 6.49 3.14
C GLN B 16 8.62 6.69 2.54
N SER B 17 8.92 7.93 2.24
CA SER B 17 10.20 8.31 1.70
C SER B 17 10.83 9.35 2.62
N GLU B 18 10.14 10.48 2.78
CA GLU B 18 10.58 11.54 3.64
C GLU B 18 9.82 11.52 4.95
N PHE B 19 8.69 10.78 4.99
CA PHE B 19 7.96 10.59 6.25
C PHE B 19 8.95 10.05 7.29
N GLU B 20 9.91 9.26 6.83
CA GLU B 20 11.02 8.84 7.66
C GLU B 20 12.28 9.61 7.24
N GLY B 21 12.66 9.44 5.97
CA GLY B 21 13.82 10.14 5.44
C GLY B 21 14.93 9.20 5.01
N PHE B 22 14.84 8.65 3.81
CA PHE B 22 15.86 7.74 3.29
C PHE B 22 15.67 7.47 1.80
N SEP B 23 16.81 7.28 1.09
CA SEP B 23 16.83 7.00 -0.34
CB SEP B 23 16.14 5.67 -0.65
OG SEP B 23 16.92 4.58 -0.20
C SEP B 23 16.22 8.14 -1.17
O SEP B 23 15.61 7.90 -2.21
P SEP B 23 18.07 4.00 -1.14
O1P SEP B 23 17.65 3.39 -2.41
O2P SEP B 23 19.12 5.23 -1.25
O3P SEP B 23 18.85 3.01 -0.14
H SEP B 23 17.67 7.32 1.57
HA SEP B 23 17.87 6.92 -0.63
HB2 SEP B 23 15.97 5.57 -1.71
HB3 SEP B 23 15.19 5.64 -0.13
N PHE B 24 16.40 9.37 -0.71
CA PHE B 24 15.94 10.55 -1.42
C PHE B 24 16.47 11.80 -0.76
N NH2 B 25 17.52 12.37 -1.33
HN1 NH2 B 25 17.86 11.96 -2.16
HN2 NH2 B 25 17.89 13.17 -0.91
#